data_6AMW
#
_entry.id   6AMW
#
_entity_poly.entity_id   1
_entity_poly.type   'polypeptide(L)'
_entity_poly.pdbx_seq_one_letter_code
;MGQQPGKVLGDQRRPSLPALHFIKGAGKRESSRHGGPHCNVFVEHEALQRPVASDFEPQGLSEAARWNSKENLLAGPSEN
DPNLFVALYDFVASGDNTLSITKGEKLRVLGYNHNGEWAEAQTKNGQGWVPSNYITPVNSLEKHSWYHGPVSRNAAEYLL
SSGINGSFLVRESESSPGQRSISLRYEGRVYHYRINTASDGKLYVSSESRFNTLAELVHHHSTVADGLITTLHYPAPKRN
KPTVYGVSPNYDKWE
;
_entity_poly.pdbx_strand_id   A
#
# COMPACT_ATOMS: atom_id res chain seq x y z
N MET A 1 18.08 -0.27 25.33
CA MET A 1 16.65 -0.33 25.69
C MET A 1 15.81 -0.68 24.44
N GLY A 2 14.47 -0.70 24.59
CA GLY A 2 13.56 -0.99 23.48
C GLY A 2 13.58 -2.45 23.04
N GLN A 3 13.70 -3.37 24.01
CA GLN A 3 13.76 -4.82 23.75
C GLN A 3 12.34 -5.41 23.63
N GLN A 4 12.09 -6.16 22.54
CA GLN A 4 10.82 -6.93 22.33
C GLN A 4 11.04 -8.08 21.30
N PRO A 5 11.84 -9.14 21.66
CA PRO A 5 12.04 -10.33 20.79
C PRO A 5 10.80 -11.26 20.79
N GLY A 6 9.87 -11.01 21.72
CA GLY A 6 8.61 -11.74 21.81
C GLY A 6 7.70 -11.51 20.61
N LYS A 7 6.91 -12.54 20.26
CA LYS A 7 6.08 -12.54 19.06
C LYS A 7 4.81 -11.69 19.27
N VAL A 8 4.96 -10.36 19.09
CA VAL A 8 3.84 -9.42 19.12
C VAL A 8 3.10 -9.45 17.76
N LEU A 9 1.91 -8.79 17.68
CA LEU A 9 1.04 -8.81 16.50
C LEU A 9 0.53 -10.24 16.19
N GLY A 10 -0.66 -10.56 16.73
CA GLY A 10 -1.33 -11.84 16.50
C GLY A 10 -2.52 -11.68 15.57
N ASP A 11 -3.06 -12.82 15.08
CA ASP A 11 -4.22 -12.83 14.16
C ASP A 11 -5.53 -12.58 14.95
N GLN A 12 -5.96 -11.31 15.00
CA GLN A 12 -7.13 -10.89 15.78
C GLN A 12 -7.60 -9.49 15.35
N ARG A 13 -8.91 -9.22 15.55
CA ARG A 13 -9.48 -7.86 15.44
C ARG A 13 -8.89 -6.97 16.56
N ARG A 14 -8.65 -5.69 16.25
CA ARG A 14 -7.86 -4.79 17.12
C ARG A 14 -6.50 -5.45 17.47
N PRO A 15 -5.54 -5.56 16.49
CA PRO A 15 -4.19 -6.07 16.76
C PRO A 15 -3.39 -5.09 17.64
N SER A 16 -2.24 -5.53 18.15
CA SER A 16 -1.44 -4.71 19.05
C SER A 16 -0.85 -3.49 18.33
N LEU A 17 -0.36 -2.53 19.13
CA LEU A 17 0.25 -1.30 18.63
C LEU A 17 1.77 -1.40 18.84
N PRO A 18 2.60 -1.11 17.79
CA PRO A 18 4.07 -1.03 17.96
C PRO A 18 4.45 0.16 18.84
N ALA A 19 5.69 0.18 19.32
CA ALA A 19 6.17 1.24 20.20
C ALA A 19 6.54 2.50 19.39
N LEU A 20 6.34 3.69 19.97
CA LEU A 20 6.72 4.95 19.34
C LEU A 20 8.19 5.24 19.66
N HIS A 21 9.06 4.80 18.72
CA HIS A 21 10.51 5.06 18.78
C HIS A 21 10.84 6.27 17.90
N PHE A 22 10.29 6.22 16.68
CA PHE A 22 10.52 7.23 15.65
C PHE A 22 9.33 8.17 15.57
N ILE A 23 9.58 9.43 15.95
CA ILE A 23 8.59 10.52 15.88
C ILE A 23 9.14 11.51 14.88
N LYS A 24 8.37 11.76 13.81
CA LYS A 24 8.78 12.66 12.73
C LYS A 24 8.94 14.10 13.26
N GLY A 25 7.92 14.54 14.03
CA GLY A 25 7.85 15.90 14.56
C GLY A 25 6.79 16.70 13.85
N ALA A 26 6.79 16.66 12.51
CA ALA A 26 5.81 17.38 11.67
C ALA A 26 5.37 16.50 10.52
N GLY A 27 6.34 16.08 9.68
CA GLY A 27 6.06 15.28 8.49
C GLY A 27 5.85 16.14 7.26
N LYS A 28 5.15 15.59 6.28
CA LYS A 28 4.82 16.31 5.03
C LYS A 28 3.51 17.11 5.22
N ARG A 29 2.94 17.58 4.10
CA ARG A 29 1.60 18.21 4.06
C ARG A 29 1.18 18.45 2.60
N GLU A 30 -0.16 18.64 2.39
CA GLU A 30 -0.78 18.85 1.07
C GLU A 30 -0.57 17.64 0.13
N SER A 31 -1.41 16.61 0.33
CA SER A 31 -1.40 15.38 -0.46
C SER A 31 -2.38 15.50 -1.65
N SER A 32 -3.67 15.70 -1.31
CA SER A 32 -4.78 15.82 -2.28
C SER A 32 -6.09 16.07 -1.51
N ARG A 33 -6.93 16.99 -2.02
CA ARG A 33 -8.26 17.26 -1.44
C ARG A 33 -9.34 16.54 -2.26
N HIS A 34 -9.57 15.25 -1.92
CA HIS A 34 -10.56 14.38 -2.57
C HIS A 34 -10.92 13.21 -1.64
N GLY A 35 -12.17 12.70 -1.77
CA GLY A 35 -12.62 11.53 -1.01
C GLY A 35 -13.13 10.44 -1.94
N GLY A 36 -14.46 10.23 -1.96
CA GLY A 36 -15.09 9.21 -2.81
C GLY A 36 -16.41 8.71 -2.22
N PRO A 37 -17.29 8.05 -3.03
CA PRO A 37 -18.57 7.49 -2.52
C PRO A 37 -18.34 6.19 -1.72
N HIS A 38 -19.18 5.97 -0.70
CA HIS A 38 -19.08 4.78 0.17
C HIS A 38 -20.08 3.70 -0.31
N CYS A 39 -20.11 3.52 -1.64
CA CYS A 39 -20.80 2.41 -2.29
C CYS A 39 -19.85 1.20 -2.28
N ASN A 40 -20.35 0.01 -1.91
CA ASN A 40 -19.52 -1.22 -1.83
C ASN A 40 -19.23 -1.78 -3.24
N VAL A 41 -20.08 -1.45 -4.23
CA VAL A 41 -19.92 -1.89 -5.64
C VAL A 41 -19.63 -0.66 -6.53
N PHE A 42 -18.40 -0.60 -7.09
CA PHE A 42 -17.96 0.46 -8.02
C PHE A 42 -16.57 0.11 -8.61
N VAL A 43 -16.38 0.41 -9.90
CA VAL A 43 -15.12 0.13 -10.62
C VAL A 43 -14.32 1.44 -10.86
N GLU A 44 -13.12 1.31 -11.47
CA GLU A 44 -12.21 2.45 -11.74
C GLU A 44 -12.52 3.09 -13.10
N HIS A 45 -12.04 4.34 -13.28
CA HIS A 45 -12.22 5.09 -14.53
C HIS A 45 -10.89 5.15 -15.30
N GLU A 46 -9.82 5.55 -14.60
CA GLU A 46 -8.46 5.67 -15.16
C GLU A 46 -7.47 4.88 -14.29
N ALA A 47 -6.16 5.09 -14.53
CA ALA A 47 -5.09 4.54 -13.70
C ALA A 47 -5.13 5.15 -12.29
N LEU A 48 -4.69 4.37 -11.30
CA LEU A 48 -4.70 4.79 -9.88
C LEU A 48 -3.29 5.31 -9.54
N GLN A 49 -3.19 6.57 -9.08
CA GLN A 49 -1.90 7.30 -9.04
C GLN A 49 -0.94 6.81 -7.93
N ARG A 50 0.11 6.11 -8.37
CA ARG A 50 1.39 5.98 -7.66
C ARG A 50 2.51 6.33 -8.65
N PRO A 51 2.90 7.64 -8.73
CA PRO A 51 4.04 8.09 -9.55
C PRO A 51 5.38 7.87 -8.80
N VAL A 52 6.31 8.85 -8.92
CA VAL A 52 7.60 8.85 -8.20
C VAL A 52 7.34 8.71 -6.68
N ALA A 53 7.83 7.60 -6.09
CA ALA A 53 7.49 7.11 -4.73
C ALA A 53 7.67 8.17 -3.63
N SER A 54 6.56 8.47 -2.92
CA SER A 54 6.55 9.38 -1.78
C SER A 54 7.13 8.67 -0.53
N ASP A 55 6.96 7.34 -0.48
CA ASP A 55 7.46 6.49 0.61
C ASP A 55 8.97 6.17 0.37
N PHE A 56 9.82 6.81 1.18
CA PHE A 56 11.30 6.67 1.13
C PHE A 56 11.80 6.25 2.53
N GLU A 57 13.15 6.19 2.72
CA GLU A 57 13.80 5.78 4.00
C GLU A 57 13.59 4.25 4.22
N PRO A 58 14.32 3.40 3.44
CA PRO A 58 14.14 1.92 3.44
C PRO A 58 15.11 1.15 4.36
N GLN A 59 14.59 0.11 5.07
CA GLN A 59 15.39 -0.85 5.86
C GLN A 59 14.88 -2.27 5.60
N GLY A 60 15.71 -3.12 4.96
CA GLY A 60 15.37 -4.53 4.72
C GLY A 60 15.50 -5.37 5.99
N LEU A 61 14.51 -5.25 6.87
CA LEU A 61 14.49 -5.93 8.17
C LEU A 61 14.22 -7.43 8.00
N SER A 62 14.88 -8.25 8.84
CA SER A 62 14.69 -9.70 8.84
C SER A 62 13.25 -10.07 9.30
N GLU A 63 12.34 -10.25 8.31
CA GLU A 63 10.95 -10.68 8.56
C GLU A 63 10.95 -12.17 8.97
N ALA A 64 10.26 -12.48 10.07
CA ALA A 64 10.35 -13.80 10.74
C ALA A 64 9.36 -14.82 10.12
N ALA A 65 8.12 -14.86 10.66
CA ALA A 65 7.11 -15.84 10.24
C ALA A 65 5.74 -15.45 10.80
N ARG A 66 5.12 -14.42 10.19
CA ARG A 66 3.76 -13.99 10.56
C ARG A 66 2.74 -14.93 9.89
N TRP A 67 2.63 -16.15 10.47
CA TRP A 67 1.76 -17.21 9.95
C TRP A 67 0.30 -16.89 10.26
N ASN A 68 -0.39 -16.32 9.26
CA ASN A 68 -1.83 -16.03 9.28
C ASN A 68 -2.23 -15.52 7.88
N SER A 69 -3.51 -15.68 7.54
CA SER A 69 -4.06 -15.20 6.27
C SER A 69 -5.54 -14.83 6.44
N LYS A 70 -5.81 -13.58 6.88
CA LYS A 70 -7.17 -12.99 6.78
C LYS A 70 -7.33 -12.38 5.38
N GLU A 71 -8.58 -12.11 4.99
CA GLU A 71 -8.86 -11.64 3.63
C GLU A 71 -8.56 -10.14 3.47
N ASN A 72 -7.98 -9.80 2.31
CA ASN A 72 -7.68 -8.41 1.91
C ASN A 72 -9.00 -7.64 1.75
N LEU A 73 -9.27 -6.70 2.68
CA LEU A 73 -10.51 -5.91 2.68
C LEU A 73 -10.40 -4.71 1.72
N LEU A 74 -10.27 -5.03 0.42
CA LEU A 74 -10.19 -4.04 -0.67
C LEU A 74 -11.62 -3.67 -1.08
N ALA A 75 -12.05 -2.44 -0.74
CA ALA A 75 -13.41 -1.94 -1.05
C ALA A 75 -13.54 -1.58 -2.54
N GLY A 76 -12.67 -0.66 -2.99
CA GLY A 76 -12.67 -0.21 -4.38
C GLY A 76 -11.90 1.11 -4.56
N PRO A 77 -11.79 1.64 -5.81
CA PRO A 77 -10.85 2.71 -6.16
C PRO A 77 -11.48 4.13 -6.12
N SER A 78 -10.88 5.03 -6.92
CA SER A 78 -11.44 6.35 -7.23
C SER A 78 -11.20 6.58 -8.75
N GLU A 79 -11.38 7.82 -9.26
CA GLU A 79 -11.41 8.08 -10.71
C GLU A 79 -10.00 8.01 -11.33
N ASN A 80 -9.09 8.79 -10.76
CA ASN A 80 -7.71 8.97 -11.27
C ASN A 80 -6.81 9.51 -10.14
N ASP A 81 -7.20 9.21 -8.90
CA ASP A 81 -6.69 9.87 -7.70
C ASP A 81 -5.53 9.06 -7.06
N PRO A 82 -4.65 9.70 -6.22
CA PRO A 82 -3.55 9.01 -5.48
C PRO A 82 -4.07 7.85 -4.59
N ASN A 83 -3.16 6.91 -4.26
CA ASN A 83 -3.50 5.69 -3.50
C ASN A 83 -4.17 6.02 -2.15
N LEU A 84 -5.50 6.00 -2.18
CA LEU A 84 -6.35 6.22 -1.01
C LEU A 84 -6.45 4.92 -0.21
N PHE A 85 -6.33 5.04 1.10
CA PHE A 85 -6.46 3.95 2.07
C PHE A 85 -7.81 4.09 2.80
N VAL A 86 -8.11 3.11 3.66
CA VAL A 86 -9.27 3.16 4.57
C VAL A 86 -8.88 2.48 5.90
N ALA A 87 -9.37 3.03 7.02
CA ALA A 87 -9.19 2.43 8.34
C ALA A 87 -10.15 1.22 8.50
N LEU A 88 -9.58 0.04 8.76
CA LEU A 88 -10.34 -1.18 9.06
C LEU A 88 -10.76 -1.23 10.53
N TYR A 89 -10.05 -0.47 11.38
CA TYR A 89 -10.31 -0.41 12.82
C TYR A 89 -10.25 1.04 13.29
N ASP A 90 -10.90 1.31 14.43
CA ASP A 90 -10.81 2.61 15.11
C ASP A 90 -9.46 2.73 15.84
N PHE A 91 -8.92 3.94 15.87
CA PHE A 91 -7.67 4.27 16.56
C PHE A 91 -7.71 5.74 16.96
N VAL A 92 -7.78 6.02 18.27
CA VAL A 92 -7.78 7.40 18.79
C VAL A 92 -6.32 7.89 18.89
N ALA A 93 -6.07 9.16 18.51
CA ALA A 93 -4.73 9.77 18.56
C ALA A 93 -4.22 9.81 20.01
N SER A 94 -3.13 9.08 20.27
CA SER A 94 -2.51 8.98 21.60
C SER A 94 -1.66 10.24 21.90
N GLY A 95 -1.44 11.06 20.86
CA GLY A 95 -0.72 12.31 20.97
C GLY A 95 -0.69 13.05 19.65
N ASP A 96 0.07 14.16 19.58
CA ASP A 96 0.28 14.94 18.34
C ASP A 96 1.07 14.11 17.30
N ASN A 97 1.86 13.14 17.79
CA ASN A 97 2.66 12.24 16.94
C ASN A 97 1.79 11.23 16.16
N THR A 98 0.58 10.96 16.65
CA THR A 98 -0.35 9.99 16.04
C THR A 98 -1.60 10.69 15.48
N LEU A 99 -2.27 10.03 14.53
CA LEU A 99 -3.51 10.54 13.89
C LEU A 99 -4.72 9.71 14.33
N SER A 100 -5.79 10.40 14.77
CA SER A 100 -7.07 9.75 15.09
C SER A 100 -7.77 9.35 13.78
N ILE A 101 -8.02 8.05 13.63
CA ILE A 101 -8.78 7.49 12.50
C ILE A 101 -9.90 6.61 13.06
N THR A 102 -10.93 6.36 12.24
CA THR A 102 -12.08 5.50 12.62
C THR A 102 -12.41 4.56 11.46
N LYS A 103 -12.90 3.34 11.77
CA LYS A 103 -13.28 2.34 10.75
C LYS A 103 -14.31 2.92 9.73
N GLY A 104 -13.95 2.86 8.43
CA GLY A 104 -14.80 3.40 7.36
C GLY A 104 -14.30 4.74 6.80
N GLU A 105 -13.30 5.33 7.49
CA GLU A 105 -12.71 6.63 7.10
C GLU A 105 -11.62 6.42 6.05
N LYS A 106 -11.67 7.22 4.97
CA LYS A 106 -10.72 7.17 3.85
C LYS A 106 -9.45 7.99 4.19
N LEU A 107 -8.30 7.29 4.29
CA LEU A 107 -7.03 7.87 4.82
C LEU A 107 -6.08 8.18 3.65
N ARG A 108 -5.26 9.25 3.75
CA ARG A 108 -4.22 9.55 2.74
C ARG A 108 -2.84 9.27 3.36
N VAL A 109 -2.14 8.19 2.92
CA VAL A 109 -0.85 7.80 3.52
C VAL A 109 0.32 8.38 2.70
N LEU A 110 1.10 9.24 3.37
CA LEU A 110 2.27 9.94 2.81
C LEU A 110 3.49 9.00 2.72
N GLY A 111 3.55 8.01 3.63
CA GLY A 111 4.62 7.01 3.63
C GLY A 111 4.64 6.16 4.89
N TYR A 112 5.57 5.20 4.95
CA TYR A 112 5.79 4.33 6.12
C TYR A 112 7.12 4.74 6.82
N ASN A 113 7.36 4.22 8.03
CA ASN A 113 8.67 4.35 8.73
C ASN A 113 9.62 3.22 8.28
N HIS A 114 10.95 3.48 8.31
CA HIS A 114 11.98 2.50 7.86
C HIS A 114 11.92 1.17 8.63
N ASN A 115 11.52 1.24 9.90
CA ASN A 115 11.49 0.08 10.80
C ASN A 115 10.09 -0.61 10.73
N GLY A 116 9.22 -0.11 9.83
CA GLY A 116 7.84 -0.58 9.73
C GLY A 116 7.09 -0.33 11.02
N GLU A 117 7.50 0.76 11.69
CA GLU A 117 7.01 1.13 12.99
C GLU A 117 5.53 1.55 12.85
N TRP A 118 5.33 2.69 12.21
CA TRP A 118 3.98 3.25 11.93
C TRP A 118 3.95 3.75 10.47
N ALA A 119 2.79 4.26 10.04
CA ALA A 119 2.58 4.78 8.68
C ALA A 119 2.06 6.22 8.76
N GLU A 120 2.83 7.18 8.22
CA GLU A 120 2.47 8.61 8.24
C GLU A 120 1.27 8.85 7.32
N ALA A 121 0.11 9.14 7.94
CA ALA A 121 -1.16 9.37 7.23
C ALA A 121 -1.66 10.80 7.48
N GLN A 122 -2.66 11.20 6.69
CA GLN A 122 -3.25 12.55 6.73
C GLN A 122 -4.74 12.43 6.34
N THR A 123 -5.64 13.00 7.18
CA THR A 123 -7.10 12.97 6.95
C THR A 123 -7.74 14.32 7.31
N LYS A 124 -9.09 14.37 7.25
CA LYS A 124 -9.88 15.51 7.76
C LYS A 124 -9.56 15.80 9.24
N ASN A 125 -9.17 14.75 9.99
CA ASN A 125 -8.85 14.83 11.42
C ASN A 125 -7.47 15.49 11.66
N GLY A 126 -6.66 15.63 10.58
CA GLY A 126 -5.33 16.27 10.68
C GLY A 126 -4.25 15.43 9.99
N GLN A 127 -3.13 15.20 10.70
CA GLN A 127 -2.01 14.39 10.19
C GLN A 127 -1.26 13.72 11.37
N GLY A 128 -0.74 12.50 11.15
CA GLY A 128 0.07 11.80 12.14
C GLY A 128 0.27 10.33 11.79
N TRP A 129 1.04 9.64 12.62
CA TRP A 129 1.39 8.23 12.42
C TRP A 129 0.22 7.31 12.90
N VAL A 130 -0.17 6.35 12.04
CA VAL A 130 -1.23 5.35 12.32
C VAL A 130 -0.66 3.93 12.15
N PRO A 131 -1.20 2.90 12.88
CA PRO A 131 -0.70 1.52 12.77
C PRO A 131 -1.18 0.85 11.47
N SER A 132 -0.23 0.21 10.75
CA SER A 132 -0.51 -0.50 9.47
C SER A 132 -1.51 -1.67 9.67
N ASN A 133 -1.60 -2.15 10.92
CA ASN A 133 -2.51 -3.22 11.34
C ASN A 133 -3.99 -2.77 11.28
N TYR A 134 -4.21 -1.44 11.39
CA TYR A 134 -5.57 -0.84 11.47
C TYR A 134 -6.02 -0.23 10.13
N ILE A 135 -5.18 -0.36 9.07
CA ILE A 135 -5.45 0.29 7.76
C ILE A 135 -5.29 -0.73 6.62
N THR A 136 -5.85 -0.40 5.44
CA THR A 136 -5.62 -1.15 4.19
C THR A 136 -5.76 -0.19 3.00
N PRO A 137 -5.01 -0.39 1.87
CA PRO A 137 -5.21 0.41 0.64
C PRO A 137 -6.50 -0.02 -0.11
N VAL A 138 -7.14 0.92 -0.85
CA VAL A 138 -8.35 0.63 -1.67
C VAL A 138 -8.20 1.21 -3.10
N ASN A 139 -7.72 2.46 -3.20
CA ASN A 139 -7.46 3.16 -4.49
C ASN A 139 -5.98 3.00 -4.92
N SER A 140 -5.32 2.02 -4.30
CA SER A 140 -3.97 1.62 -4.68
C SER A 140 -3.98 0.79 -5.96
N LEU A 141 -2.78 0.58 -6.52
CA LEU A 141 -2.55 -0.32 -7.66
C LEU A 141 -2.93 -1.79 -7.30
N GLU A 142 -3.05 -2.08 -5.98
CA GLU A 142 -3.34 -3.44 -5.42
C GLU A 142 -4.68 -4.01 -5.89
N LYS A 143 -5.63 -3.12 -6.22
CA LYS A 143 -6.95 -3.51 -6.73
C LYS A 143 -6.84 -4.14 -8.14
N HIS A 144 -5.70 -3.90 -8.82
CA HIS A 144 -5.32 -4.62 -10.06
C HIS A 144 -4.69 -5.97 -9.69
N SER A 145 -4.95 -7.00 -10.51
CA SER A 145 -4.45 -8.37 -10.24
C SER A 145 -2.91 -8.47 -10.28
N TRP A 146 -2.22 -7.48 -10.91
CA TRP A 146 -0.75 -7.48 -10.99
C TRP A 146 -0.09 -7.01 -9.68
N TYR A 147 -0.68 -6.02 -8.99
CA TYR A 147 -0.10 -5.49 -7.74
C TYR A 147 -0.86 -6.06 -6.55
N HIS A 148 -0.15 -6.46 -5.49
CA HIS A 148 -0.77 -7.04 -4.27
C HIS A 148 -0.28 -6.34 -2.99
N GLY A 149 0.21 -5.09 -3.15
CA GLY A 149 0.50 -4.20 -2.01
C GLY A 149 1.60 -4.70 -1.05
N PRO A 150 1.59 -4.24 0.24
CA PRO A 150 2.60 -4.65 1.25
C PRO A 150 2.30 -6.06 1.78
N VAL A 151 3.08 -7.07 1.33
CA VAL A 151 2.87 -8.48 1.76
C VAL A 151 4.17 -9.18 2.17
N SER A 152 4.01 -10.28 2.93
CA SER A 152 5.11 -11.18 3.32
C SER A 152 5.62 -11.98 2.11
N ARG A 153 6.84 -12.53 2.24
CA ARG A 153 7.44 -13.43 1.21
C ARG A 153 6.60 -14.72 1.09
N ASN A 154 6.02 -15.14 2.24
CA ASN A 154 5.13 -16.31 2.34
C ASN A 154 3.84 -16.09 1.54
N ALA A 155 3.19 -14.92 1.75
CA ALA A 155 1.90 -14.58 1.12
C ALA A 155 2.06 -14.42 -0.40
N ALA A 156 3.16 -13.73 -0.76
CA ALA A 156 3.56 -13.53 -2.16
C ALA A 156 3.75 -14.88 -2.88
N GLU A 157 4.67 -15.69 -2.36
CA GLU A 157 5.05 -16.97 -2.99
C GLU A 157 3.90 -17.99 -2.92
N TYR A 158 2.97 -17.79 -1.96
CA TYR A 158 1.73 -18.59 -1.86
C TYR A 158 0.85 -18.33 -3.08
N LEU A 159 0.51 -17.04 -3.31
CA LEU A 159 -0.35 -16.65 -4.45
C LEU A 159 0.30 -17.00 -5.80
N LEU A 160 1.64 -16.86 -5.85
CA LEU A 160 2.43 -17.17 -7.06
C LEU A 160 2.52 -18.69 -7.32
N SER A 161 2.41 -19.50 -6.26
CA SER A 161 2.40 -20.98 -6.35
C SER A 161 1.09 -21.49 -7.00
N SER A 162 0.07 -20.61 -7.06
CA SER A 162 -1.18 -20.87 -7.81
C SER A 162 -1.01 -20.52 -9.31
N GLY A 163 0.04 -19.72 -9.61
CA GLY A 163 0.35 -19.30 -10.98
C GLY A 163 1.07 -20.38 -11.80
N ILE A 164 1.39 -20.04 -13.05
CA ILE A 164 2.08 -20.91 -14.03
C ILE A 164 3.22 -20.12 -14.74
N ASN A 165 3.76 -20.67 -15.84
CA ASN A 165 4.89 -20.04 -16.57
C ASN A 165 4.53 -18.62 -17.07
N GLY A 166 5.38 -17.63 -16.78
CA GLY A 166 5.12 -16.24 -17.16
C GLY A 166 4.21 -15.53 -16.17
N SER A 167 3.93 -16.19 -14.99
CA SER A 167 3.11 -15.56 -13.95
C SER A 167 3.95 -14.62 -13.11
N PHE A 168 3.39 -13.47 -12.71
CA PHE A 168 4.12 -12.50 -11.87
C PHE A 168 3.25 -11.94 -10.74
N LEU A 169 3.95 -11.38 -9.75
CA LEU A 169 3.36 -10.54 -8.71
C LEU A 169 4.26 -9.34 -8.51
N VAL A 170 3.66 -8.16 -8.48
CA VAL A 170 4.35 -6.92 -8.12
C VAL A 170 3.82 -6.54 -6.74
N ARG A 171 4.72 -6.25 -5.81
CA ARG A 171 4.38 -6.04 -4.38
C ARG A 171 5.43 -5.17 -3.70
N GLU A 172 5.09 -4.62 -2.53
CA GLU A 172 6.04 -3.88 -1.68
C GLU A 172 6.19 -4.59 -0.32
N SER A 173 7.26 -4.20 0.40
CA SER A 173 7.57 -4.70 1.75
C SER A 173 6.71 -3.97 2.79
N GLU A 174 6.36 -4.70 3.86
CA GLU A 174 5.48 -4.24 4.94
C GLU A 174 6.25 -3.34 5.91
N SER A 175 7.47 -3.77 6.24
CA SER A 175 8.33 -3.14 7.25
C SER A 175 9.39 -2.22 6.61
N SER A 176 9.27 -1.97 5.28
CA SER A 176 10.27 -1.16 4.55
C SER A 176 9.59 -0.38 3.40
N PRO A 177 9.47 0.99 3.54
CA PRO A 177 8.96 1.86 2.46
C PRO A 177 10.01 2.05 1.34
N GLY A 178 9.55 1.94 0.08
CA GLY A 178 10.42 2.07 -1.09
C GLY A 178 11.01 0.75 -1.57
N GLN A 179 11.15 -0.24 -0.66
CA GLN A 179 11.59 -1.58 -1.05
C GLN A 179 10.41 -2.36 -1.60
N ARG A 180 10.51 -2.72 -2.89
CA ARG A 180 9.45 -3.44 -3.63
C ARG A 180 10.10 -4.64 -4.32
N SER A 181 9.30 -5.65 -4.63
CA SER A 181 9.78 -6.89 -5.26
C SER A 181 8.77 -7.36 -6.32
N ILE A 182 9.29 -7.94 -7.42
CA ILE A 182 8.48 -8.70 -8.38
C ILE A 182 8.85 -10.19 -8.23
N SER A 183 7.85 -11.04 -8.37
CA SER A 183 7.96 -12.48 -8.16
C SER A 183 7.48 -13.20 -9.43
N LEU A 184 8.38 -13.87 -10.17
CA LEU A 184 8.04 -14.62 -11.40
C LEU A 184 7.99 -16.12 -11.13
N ARG A 185 7.04 -16.79 -11.81
CA ARG A 185 6.99 -18.23 -11.91
C ARG A 185 7.02 -18.58 -13.39
N TYR A 186 7.96 -19.48 -13.74
CA TYR A 186 8.31 -19.85 -15.10
C TYR A 186 8.86 -21.29 -15.08
N GLU A 187 8.23 -22.17 -15.88
CA GLU A 187 8.49 -23.65 -15.90
C GLU A 187 8.14 -24.32 -14.54
N GLY A 188 7.33 -23.64 -13.73
CA GLY A 188 7.02 -24.07 -12.37
C GLY A 188 8.03 -23.58 -11.34
N ARG A 189 9.03 -22.81 -11.79
CA ARG A 189 10.13 -22.33 -10.93
C ARG A 189 9.81 -20.90 -10.46
N VAL A 190 9.84 -20.72 -9.13
CA VAL A 190 9.56 -19.45 -8.48
C VAL A 190 10.89 -18.75 -8.13
N TYR A 191 11.09 -17.56 -8.71
CA TYR A 191 12.26 -16.73 -8.46
C TYR A 191 11.83 -15.25 -8.35
N HIS A 192 12.46 -14.53 -7.40
CA HIS A 192 12.06 -13.17 -7.01
C HIS A 192 13.23 -12.21 -7.27
N TYR A 193 12.93 -10.96 -7.64
CA TYR A 193 13.95 -9.92 -7.86
C TYR A 193 13.46 -8.56 -7.31
N ARG A 194 14.43 -7.74 -6.88
CA ARG A 194 14.18 -6.50 -6.16
C ARG A 194 14.01 -5.31 -7.12
N ILE A 195 12.94 -4.51 -6.89
CA ILE A 195 12.80 -3.18 -7.49
C ILE A 195 13.62 -2.19 -6.66
N ASN A 196 14.67 -1.65 -7.27
CA ASN A 196 15.52 -0.64 -6.65
C ASN A 196 14.89 0.74 -6.83
N THR A 197 14.83 1.51 -5.73
CA THR A 197 14.23 2.85 -5.71
C THR A 197 15.33 3.89 -5.50
N ALA A 198 15.51 4.77 -6.50
CA ALA A 198 16.47 5.87 -6.49
C ALA A 198 16.07 6.97 -5.46
N SER A 199 16.92 8.02 -5.35
CA SER A 199 16.82 9.06 -4.30
C SER A 199 15.47 9.80 -4.32
N ASP A 200 14.97 10.12 -5.53
CA ASP A 200 13.74 10.93 -5.71
C ASP A 200 12.49 10.06 -5.51
N GLY A 201 12.68 8.74 -5.64
CA GLY A 201 11.57 7.77 -5.58
C GLY A 201 11.32 7.06 -6.91
N LYS A 202 12.19 7.29 -7.92
CA LYS A 202 12.08 6.59 -9.22
C LYS A 202 12.38 5.09 -9.04
N LEU A 203 11.64 4.27 -9.77
CA LEU A 203 11.71 2.80 -9.66
C LEU A 203 12.51 2.25 -10.84
N TYR A 204 13.26 1.15 -10.60
CA TYR A 204 13.97 0.41 -11.67
C TYR A 204 14.44 -0.95 -11.16
N VAL A 205 14.33 -1.97 -12.01
CA VAL A 205 14.87 -3.31 -11.74
C VAL A 205 16.24 -3.48 -12.42
N SER A 206 16.37 -2.92 -13.63
CA SER A 206 17.57 -3.05 -14.47
C SER A 206 18.32 -1.71 -14.55
N SER A 207 19.63 -1.81 -14.80
CA SER A 207 20.54 -0.66 -15.00
C SER A 207 20.23 0.06 -16.33
N GLU A 208 19.58 -0.67 -17.27
CA GLU A 208 19.28 -0.18 -18.63
C GLU A 208 17.97 0.65 -18.65
N SER A 209 17.24 0.69 -17.51
CA SER A 209 15.87 1.23 -17.46
C SER A 209 15.64 2.11 -16.23
N ARG A 210 14.77 3.13 -16.39
CA ARG A 210 14.35 4.05 -15.30
C ARG A 210 12.85 4.34 -15.47
N PHE A 211 12.09 4.28 -14.36
CA PHE A 211 10.61 4.45 -14.40
C PHE A 211 10.18 5.52 -13.39
N ASN A 212 9.33 6.45 -13.83
CA ASN A 212 8.71 7.46 -12.97
C ASN A 212 7.47 6.88 -12.28
N THR A 213 6.83 5.85 -12.89
CA THR A 213 5.65 5.17 -12.32
C THR A 213 5.84 3.64 -12.29
N LEU A 214 5.20 2.99 -11.31
CA LEU A 214 5.19 1.52 -11.20
C LEU A 214 4.36 0.91 -12.32
N ALA A 215 3.37 1.68 -12.81
CA ALA A 215 2.55 1.31 -13.97
C ALA A 215 3.43 1.10 -15.23
N GLU A 216 4.38 2.03 -15.46
CA GLU A 216 5.33 1.96 -16.59
C GLU A 216 6.42 0.92 -16.33
N LEU A 217 6.78 0.69 -15.05
CA LEU A 217 7.69 -0.41 -14.67
C LEU A 217 7.13 -1.76 -15.13
N VAL A 218 5.87 -2.01 -14.76
CA VAL A 218 5.18 -3.27 -15.05
C VAL A 218 4.90 -3.43 -16.55
N HIS A 219 4.44 -2.35 -17.20
CA HIS A 219 4.18 -2.32 -18.66
C HIS A 219 5.46 -2.69 -19.46
N HIS A 220 6.54 -1.96 -19.17
CA HIS A 220 7.84 -2.16 -19.81
C HIS A 220 8.28 -3.62 -19.61
N HIS A 221 8.30 -4.05 -18.34
CA HIS A 221 8.71 -5.42 -17.98
C HIS A 221 7.70 -6.48 -18.46
N SER A 222 6.48 -6.07 -18.81
CA SER A 222 5.49 -6.96 -19.42
C SER A 222 5.85 -7.25 -20.87
N THR A 223 6.49 -6.26 -21.55
CA THR A 223 6.88 -6.42 -22.97
C THR A 223 8.40 -6.61 -23.28
N VAL A 224 9.34 -6.39 -22.31
CA VAL A 224 10.80 -6.28 -22.66
C VAL A 224 11.72 -7.49 -22.31
N ALA A 225 12.90 -7.38 -22.90
CA ALA A 225 14.03 -8.33 -22.96
C ALA A 225 15.03 -8.18 -21.79
N ASP A 226 14.78 -7.22 -20.90
CA ASP A 226 15.70 -6.24 -20.27
C ASP A 226 16.57 -6.85 -19.10
N GLY A 227 16.59 -8.18 -19.00
CA GLY A 227 17.15 -8.92 -17.89
C GLY A 227 16.08 -9.78 -17.23
N LEU A 228 15.00 -9.96 -17.96
CA LEU A 228 13.89 -10.83 -17.64
C LEU A 228 14.12 -12.23 -18.23
N ILE A 229 14.10 -13.25 -17.34
CA ILE A 229 14.09 -14.66 -17.74
C ILE A 229 12.80 -14.96 -18.54
N THR A 230 11.69 -14.36 -18.09
CA THR A 230 10.43 -14.28 -18.86
C THR A 230 9.84 -12.88 -18.66
N THR A 231 9.21 -12.33 -19.73
CA THR A 231 8.44 -11.09 -19.63
C THR A 231 7.21 -11.32 -18.71
N LEU A 232 6.74 -10.28 -18.02
CA LEU A 232 5.54 -10.36 -17.17
C LEU A 232 4.33 -10.65 -18.08
N HIS A 233 3.88 -11.93 -18.16
CA HIS A 233 2.88 -12.36 -19.16
C HIS A 233 1.47 -12.19 -18.58
N TYR A 234 1.26 -12.78 -17.40
CA TYR A 234 -0.02 -12.69 -16.65
C TYR A 234 0.22 -12.82 -15.15
N PRO A 235 -0.55 -12.11 -14.28
CA PRO A 235 -0.32 -12.14 -12.83
C PRO A 235 -0.99 -13.33 -12.12
N ALA A 236 -0.47 -13.67 -10.93
CA ALA A 236 -1.07 -14.65 -10.03
C ALA A 236 -2.32 -14.04 -9.38
N PRO A 237 -3.51 -14.73 -9.45
CA PRO A 237 -4.80 -14.11 -9.09
C PRO A 237 -5.01 -13.88 -7.58
N LYS A 238 -6.10 -13.16 -7.27
CA LYS A 238 -6.59 -12.94 -5.90
C LYS A 238 -7.37 -14.20 -5.43
N ARG A 239 -7.43 -14.46 -4.10
CA ARG A 239 -8.10 -15.67 -3.52
C ARG A 239 -9.52 -15.88 -4.10
N ASN A 240 -10.27 -14.77 -4.16
CA ASN A 240 -11.56 -14.70 -4.87
C ASN A 240 -11.27 -14.35 -6.33
N LYS A 241 -11.76 -15.19 -7.24
CA LYS A 241 -11.57 -15.02 -8.69
C LYS A 241 -12.36 -13.77 -9.18
N PRO A 242 -11.65 -12.72 -9.71
CA PRO A 242 -12.31 -11.53 -10.31
C PRO A 242 -12.58 -11.70 -11.83
N THR A 243 -13.42 -10.83 -12.40
CA THR A 243 -13.75 -10.86 -13.84
C THR A 243 -13.46 -9.49 -14.49
N VAL A 244 -12.26 -9.37 -15.06
CA VAL A 244 -11.84 -8.23 -15.90
C VAL A 244 -11.37 -8.77 -17.26
N TYR A 245 -11.59 -8.01 -18.34
CA TYR A 245 -11.17 -8.39 -19.70
C TYR A 245 -10.79 -7.15 -20.52
N GLY A 246 -10.37 -7.37 -21.78
CA GLY A 246 -9.99 -6.29 -22.68
C GLY A 246 -9.20 -6.83 -23.87
N VAL A 247 -9.42 -6.25 -25.06
CA VAL A 247 -8.72 -6.61 -26.29
C VAL A 247 -8.19 -5.33 -26.94
N SER A 248 -9.13 -4.48 -27.41
CA SER A 248 -8.82 -3.22 -28.14
C SER A 248 -7.98 -3.54 -29.40
N PRO A 249 -8.63 -3.99 -30.53
CA PRO A 249 -7.92 -4.46 -31.76
C PRO A 249 -7.03 -3.37 -32.40
N ASN A 250 -5.80 -3.75 -32.76
CA ASN A 250 -4.78 -2.85 -33.34
C ASN A 250 -5.12 -2.52 -34.80
N TYR A 251 -5.47 -1.25 -35.05
CA TYR A 251 -5.60 -0.67 -36.39
C TYR A 251 -4.37 0.19 -36.65
N ASP A 252 -3.47 -0.32 -37.50
CA ASP A 252 -2.18 0.32 -37.81
C ASP A 252 -2.32 1.68 -38.50
N LYS A 253 -1.34 2.56 -38.29
CA LYS A 253 -1.27 3.89 -38.91
C LYS A 253 0.19 4.35 -38.91
N TRP A 254 0.74 4.57 -40.11
CA TRP A 254 2.11 5.06 -40.28
C TRP A 254 2.09 6.59 -40.21
N GLU A 255 1.67 7.24 -41.31
CA GLU A 255 1.53 8.71 -41.42
C GLU A 255 0.28 9.01 -42.28
N MET A 1 17.34 -4.34 23.95
CA MET A 1 16.66 -3.03 23.87
C MET A 1 15.18 -3.21 23.53
N GLY A 2 14.37 -2.17 23.81
CA GLY A 2 12.93 -2.20 23.56
C GLY A 2 12.16 -2.93 24.66
N GLN A 3 11.00 -3.50 24.30
CA GLN A 3 10.14 -4.24 25.23
C GLN A 3 9.38 -5.34 24.47
N GLN A 4 9.35 -6.56 25.06
CA GLN A 4 8.63 -7.70 24.49
C GLN A 4 7.11 -7.49 24.65
N PRO A 5 6.30 -7.54 23.53
CA PRO A 5 4.81 -7.47 23.60
C PRO A 5 4.16 -8.65 24.39
N GLY A 6 4.96 -9.71 24.61
CA GLY A 6 4.50 -10.90 25.33
C GLY A 6 4.04 -11.98 24.36
N LYS A 7 2.76 -12.36 24.44
CA LYS A 7 2.14 -13.37 23.56
C LYS A 7 0.85 -12.80 22.97
N VAL A 8 0.64 -13.05 21.66
CA VAL A 8 -0.59 -12.68 20.94
C VAL A 8 -0.96 -13.84 19.98
N LEU A 9 -2.25 -13.97 19.63
CA LEU A 9 -2.73 -15.01 18.66
C LEU A 9 -2.25 -14.70 17.23
N GLY A 10 -1.70 -13.49 17.04
CA GLY A 10 -1.14 -13.06 15.76
C GLY A 10 -2.11 -12.18 15.00
N ASP A 11 -1.88 -12.02 13.69
CA ASP A 11 -2.75 -11.26 12.80
C ASP A 11 -4.04 -12.09 12.50
N GLN A 12 -5.07 -11.86 13.34
CA GLN A 12 -6.40 -12.48 13.25
C GLN A 12 -7.48 -11.47 13.71
N ARG A 13 -7.66 -10.40 12.90
CA ARG A 13 -8.55 -9.25 13.23
C ARG A 13 -8.03 -8.48 14.46
N ARG A 14 -7.84 -7.16 14.30
CA ARG A 14 -7.18 -6.30 15.30
C ARG A 14 -5.74 -6.81 15.60
N PRO A 15 -4.80 -6.75 14.60
CA PRO A 15 -3.37 -7.13 14.83
C PRO A 15 -2.71 -6.25 15.91
N SER A 16 -1.58 -6.71 16.47
CA SER A 16 -0.93 -6.03 17.61
C SER A 16 -0.34 -4.66 17.21
N LEU A 17 0.03 -3.86 18.22
CA LEU A 17 0.56 -2.51 18.02
C LEU A 17 2.08 -2.51 18.27
N PRO A 18 2.91 -1.96 17.33
CA PRO A 18 4.37 -1.78 17.56
C PRO A 18 4.65 -0.61 18.54
N ALA A 19 5.92 -0.47 18.95
CA ALA A 19 6.34 0.60 19.89
C ALA A 19 6.64 1.92 19.13
N LEU A 20 6.39 3.06 19.80
CA LEU A 20 6.62 4.40 19.24
C LEU A 20 8.09 4.79 19.46
N HIS A 21 8.96 4.56 18.45
CA HIS A 21 10.40 4.87 18.56
C HIS A 21 10.72 6.23 17.92
N PHE A 22 10.29 6.38 16.64
CA PHE A 22 10.53 7.61 15.86
C PHE A 22 9.22 8.39 15.72
N ILE A 23 9.12 9.53 16.42
CA ILE A 23 7.96 10.43 16.35
C ILE A 23 8.42 11.84 15.97
N LYS A 24 8.01 12.30 14.78
CA LYS A 24 8.18 13.70 14.37
C LYS A 24 6.88 14.46 14.71
N GLY A 25 6.68 14.65 16.04
CA GLY A 25 5.49 15.36 16.57
C GLY A 25 5.46 16.84 16.19
N ALA A 26 6.63 17.37 15.78
CA ALA A 26 6.78 18.76 15.30
C ALA A 26 6.80 18.82 13.75
N GLY A 27 6.95 17.64 13.10
CA GLY A 27 7.06 17.54 11.62
C GLY A 27 5.70 17.47 10.93
N LYS A 28 4.84 18.44 11.26
CA LYS A 28 3.45 18.53 10.75
C LYS A 28 3.30 19.74 9.81
N ARG A 29 4.42 20.19 9.24
CA ARG A 29 4.46 21.30 8.27
C ARG A 29 4.28 20.75 6.83
N GLU A 30 4.37 19.41 6.73
CA GLU A 30 4.11 18.65 5.50
C GLU A 30 2.58 18.45 5.31
N SER A 31 1.82 18.74 6.37
CA SER A 31 0.37 18.54 6.45
C SER A 31 -0.38 19.66 5.71
N SER A 32 -1.45 19.28 4.99
CA SER A 32 -2.42 20.22 4.40
C SER A 32 -3.64 20.26 5.33
N ARG A 33 -4.01 21.48 5.79
CA ARG A 33 -4.87 21.72 6.98
C ARG A 33 -4.05 21.43 8.25
N HIS A 34 -3.51 22.50 8.84
CA HIS A 34 -2.72 22.43 10.07
C HIS A 34 -2.82 23.77 10.83
N GLY A 35 -2.98 23.68 12.16
CA GLY A 35 -3.07 24.84 13.04
C GLY A 35 -2.56 24.50 14.43
N GLY A 36 -3.21 23.51 15.06
CA GLY A 36 -2.83 23.03 16.40
C GLY A 36 -3.19 24.03 17.50
N PRO A 37 -2.19 24.67 18.19
CA PRO A 37 -2.45 25.70 19.23
C PRO A 37 -3.08 26.99 18.64
N HIS A 38 -4.12 27.52 19.32
CA HIS A 38 -4.79 28.77 18.95
C HIS A 38 -5.03 29.61 20.22
N CYS A 39 -4.37 30.77 20.29
CA CYS A 39 -4.55 31.76 21.36
C CYS A 39 -5.76 32.67 21.06
N ASN A 40 -6.05 33.59 21.98
CA ASN A 40 -7.09 34.61 21.80
C ASN A 40 -6.72 35.56 20.65
N VAL A 41 -7.37 35.38 19.49
CA VAL A 41 -7.22 36.25 18.32
C VAL A 41 -8.62 36.71 17.88
N PHE A 42 -8.85 38.03 17.78
CA PHE A 42 -10.12 38.58 17.27
C PHE A 42 -10.24 38.29 15.76
N VAL A 43 -10.84 37.15 15.46
CA VAL A 43 -11.12 36.68 14.10
C VAL A 43 -12.52 36.04 14.11
N GLU A 44 -13.44 36.59 13.31
CA GLU A 44 -14.86 36.22 13.31
C GLU A 44 -15.05 34.76 12.87
N HIS A 45 -14.41 34.37 11.74
CA HIS A 45 -14.38 32.99 11.23
C HIS A 45 -13.02 32.73 10.56
N GLU A 46 -12.44 31.54 10.80
CA GLU A 46 -11.13 31.13 10.24
C GLU A 46 -11.33 30.06 9.15
N ALA A 47 -10.40 30.00 8.20
CA ALA A 47 -10.30 28.92 7.20
C ALA A 47 -8.84 28.44 7.18
N LEU A 48 -8.46 27.71 8.24
CA LEU A 48 -7.06 27.31 8.48
C LEU A 48 -6.62 26.21 7.51
N GLN A 49 -5.55 26.52 6.77
CA GLN A 49 -4.93 25.62 5.80
C GLN A 49 -3.42 25.85 5.84
N ARG A 50 -3.01 27.09 5.49
CA ARG A 50 -1.61 27.53 5.38
C ARG A 50 -0.84 26.66 4.33
N PRO A 51 -0.55 27.22 3.10
CA PRO A 51 0.08 26.46 1.98
C PRO A 51 1.35 25.69 2.41
N VAL A 52 1.35 24.35 2.19
CA VAL A 52 2.50 23.49 2.51
C VAL A 52 3.75 23.98 1.75
N ALA A 53 4.79 24.38 2.50
CA ALA A 53 6.05 24.89 1.94
C ALA A 53 6.74 23.79 1.12
N SER A 54 6.89 22.61 1.74
CA SER A 54 7.43 21.39 1.14
C SER A 54 7.40 20.25 2.16
N ASP A 55 7.46 19.02 1.67
CA ASP A 55 7.60 17.83 2.52
C ASP A 55 9.05 17.70 2.99
N PHE A 56 9.21 17.34 4.28
CA PHE A 56 10.51 16.95 4.85
C PHE A 56 10.88 15.53 4.40
N GLU A 57 9.91 14.83 3.75
CA GLU A 57 10.17 13.59 2.99
C GLU A 57 10.57 12.43 3.93
N PRO A 58 9.59 11.81 4.67
CA PRO A 58 9.88 10.73 5.65
C PRO A 58 10.60 9.53 4.99
N GLN A 59 11.94 9.51 5.11
CA GLN A 59 12.79 8.43 4.56
C GLN A 59 12.59 7.13 5.34
N GLY A 60 12.83 5.98 4.68
CA GLY A 60 12.59 4.66 5.27
C GLY A 60 13.71 3.67 4.99
N LEU A 61 13.94 2.76 5.96
CA LEU A 61 14.93 1.67 5.85
C LEU A 61 14.21 0.32 5.75
N SER A 62 14.98 -0.78 5.81
CA SER A 62 14.45 -2.16 5.83
C SER A 62 14.62 -2.74 7.25
N GLU A 63 13.53 -3.30 7.82
CA GLU A 63 13.57 -4.00 9.13
C GLU A 63 14.29 -5.36 9.01
N ALA A 64 14.75 -5.88 10.15
CA ALA A 64 15.37 -7.21 10.26
C ALA A 64 14.58 -8.07 11.26
N ALA A 65 14.59 -9.41 11.04
CA ALA A 65 13.86 -10.40 11.88
C ALA A 65 12.33 -10.21 11.79
N ARG A 66 11.88 -9.64 10.66
CA ARG A 66 10.47 -9.24 10.42
C ARG A 66 9.55 -10.48 10.36
N TRP A 67 8.88 -10.79 11.49
CA TRP A 67 7.92 -11.92 11.60
C TRP A 67 6.51 -11.37 11.93
N ASN A 68 5.47 -12.17 11.61
CA ASN A 68 4.04 -11.78 11.72
C ASN A 68 3.73 -10.59 10.79
N SER A 69 3.57 -10.91 9.50
CA SER A 69 3.42 -9.91 8.43
C SER A 69 2.46 -10.46 7.35
N LYS A 70 1.16 -10.23 7.57
CA LYS A 70 0.08 -10.76 6.72
C LYS A 70 -1.26 -10.10 7.11
N GLU A 71 -1.97 -9.52 6.13
CA GLU A 71 -3.29 -8.90 6.34
C GLU A 71 -4.01 -8.77 4.98
N ASN A 72 -5.35 -8.85 5.00
CA ASN A 72 -6.18 -8.76 3.79
C ASN A 72 -6.38 -7.28 3.40
N LEU A 73 -5.53 -6.80 2.47
CA LEU A 73 -5.62 -5.43 1.93
C LEU A 73 -6.85 -5.30 1.01
N LEU A 74 -7.55 -4.16 1.10
CA LEU A 74 -8.78 -3.90 0.34
C LEU A 74 -8.66 -2.56 -0.42
N ALA A 75 -8.11 -2.62 -1.64
CA ALA A 75 -8.05 -1.46 -2.55
C ALA A 75 -9.29 -1.42 -3.46
N GLY A 76 -9.86 -0.22 -3.66
CA GLY A 76 -11.06 -0.05 -4.48
C GLY A 76 -11.32 1.42 -4.84
N PRO A 77 -11.98 2.21 -3.93
CA PRO A 77 -12.33 3.64 -4.20
C PRO A 77 -11.08 4.52 -4.47
N SER A 78 -11.08 5.18 -5.65
CA SER A 78 -9.96 6.05 -6.10
C SER A 78 -10.53 7.23 -6.89
N GLU A 79 -10.18 8.46 -6.48
CA GLU A 79 -10.75 9.68 -7.04
C GLU A 79 -9.80 10.32 -8.08
N ASN A 80 -8.74 10.98 -7.59
CA ASN A 80 -7.82 11.81 -8.41
C ASN A 80 -6.59 12.26 -7.60
N ASP A 81 -6.49 11.76 -6.36
CA ASP A 81 -5.46 12.13 -5.36
C ASP A 81 -4.16 11.31 -5.58
N PRO A 82 -3.03 11.60 -4.84
CA PRO A 82 -1.81 10.75 -4.91
C PRO A 82 -2.00 9.35 -4.20
N ASN A 83 -2.24 9.35 -2.87
CA ASN A 83 -2.28 8.12 -2.04
C ASN A 83 -3.37 8.22 -0.97
N LEU A 84 -4.53 7.60 -1.24
CA LEU A 84 -5.64 7.49 -0.28
C LEU A 84 -5.66 6.07 0.31
N PHE A 85 -5.88 6.03 1.62
CA PHE A 85 -5.96 4.82 2.44
C PHE A 85 -7.35 4.75 3.09
N VAL A 86 -7.62 3.66 3.82
CA VAL A 86 -8.81 3.55 4.68
C VAL A 86 -8.46 2.73 5.92
N ALA A 87 -9.04 3.10 7.07
CA ALA A 87 -8.95 2.33 8.31
C ALA A 87 -9.85 1.10 8.21
N LEU A 88 -9.24 -0.09 8.19
CA LEU A 88 -9.95 -1.39 8.29
C LEU A 88 -10.32 -1.68 9.74
N TYR A 89 -9.61 -1.01 10.67
CA TYR A 89 -9.83 -1.16 12.11
C TYR A 89 -9.82 0.21 12.79
N ASP A 90 -10.56 0.32 13.90
CA ASP A 90 -10.58 1.52 14.74
C ASP A 90 -9.24 1.68 15.49
N PHE A 91 -8.78 2.92 15.62
CA PHE A 91 -7.57 3.23 16.41
C PHE A 91 -7.81 4.51 17.22
N VAL A 92 -7.81 4.36 18.55
CA VAL A 92 -7.94 5.47 19.49
C VAL A 92 -6.57 6.15 19.63
N ALA A 93 -6.54 7.48 19.58
CA ALA A 93 -5.28 8.24 19.72
C ALA A 93 -4.73 8.08 21.16
N SER A 94 -3.54 7.47 21.27
CA SER A 94 -2.85 7.25 22.56
C SER A 94 -2.31 8.58 23.11
N GLY A 95 -2.09 9.53 22.19
CA GLY A 95 -1.62 10.85 22.54
C GLY A 95 -1.85 11.85 21.43
N ASP A 96 -1.28 13.04 21.63
CA ASP A 96 -1.39 14.18 20.68
C ASP A 96 -0.65 13.86 19.37
N ASN A 97 0.39 13.01 19.47
CA ASN A 97 1.25 12.59 18.34
C ASN A 97 0.57 11.57 17.39
N THR A 98 -0.52 10.94 17.87
CA THR A 98 -1.26 9.91 17.11
C THR A 98 -2.64 10.45 16.68
N LEU A 99 -3.24 9.82 15.63
CA LEU A 99 -4.53 10.25 15.06
C LEU A 99 -5.62 9.24 15.43
N SER A 100 -6.75 9.76 15.94
CA SER A 100 -7.94 8.94 16.20
C SER A 100 -8.68 8.70 14.88
N ILE A 101 -8.70 7.42 14.46
CA ILE A 101 -9.38 6.97 13.24
C ILE A 101 -10.42 5.89 13.62
N THR A 102 -11.36 5.64 12.72
CA THR A 102 -12.38 4.59 12.90
C THR A 102 -12.54 3.81 11.57
N LYS A 103 -12.93 2.53 11.68
CA LYS A 103 -13.18 1.67 10.51
C LYS A 103 -14.18 2.33 9.53
N GLY A 104 -13.72 2.61 8.31
CA GLY A 104 -14.53 3.30 7.30
C GLY A 104 -13.96 4.66 6.89
N GLU A 105 -13.23 5.30 7.82
CA GLU A 105 -12.61 6.62 7.59
C GLU A 105 -11.43 6.50 6.62
N LYS A 106 -11.48 7.25 5.51
CA LYS A 106 -10.44 7.25 4.48
C LYS A 106 -9.31 8.23 4.87
N LEU A 107 -8.07 7.70 4.93
CA LEU A 107 -6.91 8.39 5.52
C LEU A 107 -5.98 8.90 4.42
N ARG A 108 -5.51 10.15 4.53
CA ARG A 108 -4.43 10.65 3.66
C ARG A 108 -3.11 10.46 4.41
N VAL A 109 -2.27 9.49 4.00
CA VAL A 109 -1.02 9.17 4.69
C VAL A 109 0.14 9.88 3.99
N LEU A 110 0.92 10.69 4.74
CA LEU A 110 2.09 11.42 4.18
C LEU A 110 3.21 10.42 3.85
N GLY A 111 3.33 9.41 4.72
CA GLY A 111 4.31 8.35 4.56
C GLY A 111 4.36 7.45 5.79
N TYR A 112 5.21 6.44 5.72
CA TYR A 112 5.44 5.50 6.83
C TYR A 112 6.66 5.97 7.63
N ASN A 113 6.91 5.27 8.75
CA ASN A 113 8.02 5.59 9.66
C ASN A 113 9.36 5.20 9.01
N HIS A 114 10.45 5.80 9.51
CA HIS A 114 11.83 5.51 9.10
C HIS A 114 12.19 4.02 9.32
N ASN A 115 11.48 3.36 10.26
CA ASN A 115 11.61 1.91 10.50
C ASN A 115 10.53 1.12 9.74
N GLY A 116 9.41 1.79 9.40
CA GLY A 116 8.24 1.12 8.78
C GLY A 116 7.24 0.56 9.80
N GLU A 117 7.58 0.76 11.10
CA GLU A 117 6.75 0.34 12.27
C GLU A 117 5.32 0.97 12.23
N TRP A 118 5.28 2.31 12.08
CA TRP A 118 4.02 3.10 12.08
C TRP A 118 3.85 3.82 10.73
N ALA A 119 2.73 4.54 10.57
CA ALA A 119 2.41 5.29 9.33
C ALA A 119 1.61 6.55 9.69
N GLU A 120 2.11 7.73 9.27
CA GLU A 120 1.52 9.02 9.68
C GLU A 120 0.34 9.38 8.75
N ALA A 121 -0.89 9.24 9.29
CA ALA A 121 -2.13 9.45 8.55
C ALA A 121 -2.75 10.79 8.93
N GLN A 122 -3.52 11.36 8.01
CA GLN A 122 -4.06 12.73 8.11
C GLN A 122 -5.48 12.78 7.55
N THR A 123 -6.45 13.25 8.36
CA THR A 123 -7.86 13.37 7.97
C THR A 123 -8.41 14.75 8.38
N LYS A 124 -9.75 14.85 8.31
CA LYS A 124 -10.52 16.00 8.83
C LYS A 124 -10.28 16.20 10.35
N ASN A 125 -9.83 15.11 11.01
CA ASN A 125 -9.52 15.05 12.44
C ASN A 125 -8.07 15.53 12.73
N GLY A 126 -7.37 16.03 11.70
CA GLY A 126 -5.99 16.49 11.86
C GLY A 126 -5.01 15.45 11.36
N GLN A 127 -4.00 15.11 12.17
CA GLN A 127 -2.94 14.17 11.77
C GLN A 127 -2.35 13.41 12.98
N GLY A 128 -1.67 12.28 12.69
CA GLY A 128 -0.89 11.55 13.68
C GLY A 128 -0.50 10.16 13.22
N TRP A 129 0.37 9.51 14.01
CA TRP A 129 0.89 8.18 13.70
C TRP A 129 -0.13 7.08 14.06
N VAL A 130 -0.58 6.34 13.04
CA VAL A 130 -1.47 5.18 13.19
C VAL A 130 -0.72 3.92 12.68
N PRO A 131 -1.09 2.68 13.16
CA PRO A 131 -0.42 1.46 12.70
C PRO A 131 -0.85 1.07 11.27
N SER A 132 0.13 0.79 10.40
CA SER A 132 -0.13 0.35 9.00
C SER A 132 -0.89 -1.00 8.95
N ASN A 133 -0.90 -1.70 10.10
CA ASN A 133 -1.61 -2.97 10.28
C ASN A 133 -3.15 -2.76 10.28
N TYR A 134 -3.57 -1.53 10.65
CA TYR A 134 -5.00 -1.15 10.76
C TYR A 134 -5.52 -0.47 9.49
N ILE A 135 -4.66 -0.23 8.48
CA ILE A 135 -5.02 0.58 7.29
C ILE A 135 -4.67 -0.16 5.98
N THR A 136 -5.29 0.27 4.86
CA THR A 136 -4.98 -0.27 3.51
C THR A 136 -5.12 0.84 2.45
N PRO A 137 -4.19 0.93 1.44
CA PRO A 137 -4.29 1.93 0.36
C PRO A 137 -5.40 1.57 -0.66
N VAL A 138 -6.43 2.44 -0.75
CA VAL A 138 -7.57 2.23 -1.67
C VAL A 138 -7.31 2.87 -3.05
N ASN A 139 -6.44 3.90 -3.07
CA ASN A 139 -5.96 4.55 -4.31
C ASN A 139 -4.62 3.92 -4.76
N SER A 140 -4.34 2.72 -4.23
CA SER A 140 -3.22 1.87 -4.68
C SER A 140 -3.45 1.42 -6.14
N LEU A 141 -2.37 0.96 -6.78
CA LEU A 141 -2.42 0.35 -8.15
C LEU A 141 -3.05 -1.08 -8.05
N GLU A 142 -3.17 -1.56 -6.80
CA GLU A 142 -3.62 -2.91 -6.38
C GLU A 142 -4.94 -3.39 -7.03
N LYS A 143 -5.85 -2.47 -7.42
CA LYS A 143 -7.13 -2.85 -8.10
C LYS A 143 -6.84 -3.57 -9.42
N HIS A 144 -5.71 -3.20 -10.05
CA HIS A 144 -5.13 -3.98 -11.14
C HIS A 144 -4.36 -5.15 -10.53
N SER A 145 -4.74 -6.37 -10.94
CA SER A 145 -4.29 -7.62 -10.31
C SER A 145 -2.76 -7.84 -10.35
N TRP A 146 -2.03 -6.99 -11.13
CA TRP A 146 -0.56 -7.05 -11.16
C TRP A 146 0.06 -6.53 -9.85
N TYR A 147 -0.49 -5.43 -9.30
CA TYR A 147 0.00 -4.86 -8.03
C TYR A 147 -0.85 -5.35 -6.85
N HIS A 148 -0.23 -5.52 -5.67
CA HIS A 148 -0.95 -5.90 -4.43
C HIS A 148 -0.28 -5.25 -3.19
N GLY A 149 -0.26 -3.90 -3.16
CA GLY A 149 0.03 -3.12 -1.93
C GLY A 149 1.37 -3.39 -1.23
N PRO A 150 1.55 -2.91 0.04
CA PRO A 150 2.67 -3.30 0.93
C PRO A 150 2.43 -4.68 1.60
N VAL A 151 3.09 -5.74 1.08
CA VAL A 151 2.99 -7.13 1.58
C VAL A 151 4.39 -7.81 1.58
N SER A 152 4.56 -8.84 2.46
CA SER A 152 5.82 -9.59 2.63
C SER A 152 5.94 -10.82 1.68
N ARG A 153 7.16 -11.43 1.71
CA ARG A 153 7.56 -12.53 0.79
C ARG A 153 6.70 -13.79 0.96
N ASN A 154 6.27 -14.08 2.20
CA ASN A 154 5.46 -15.28 2.51
C ASN A 154 4.13 -15.25 1.74
N ALA A 155 3.35 -14.18 1.96
CA ALA A 155 2.02 -14.00 1.31
C ALA A 155 2.18 -13.80 -0.21
N ALA A 156 3.31 -13.17 -0.62
CA ALA A 156 3.68 -13.02 -2.04
C ALA A 156 3.77 -14.39 -2.74
N GLU A 157 4.63 -15.24 -2.19
CA GLU A 157 4.90 -16.58 -2.74
C GLU A 157 3.70 -17.52 -2.51
N TYR A 158 2.88 -17.20 -1.48
CA TYR A 158 1.64 -17.92 -1.16
C TYR A 158 0.62 -17.78 -2.31
N LEU A 159 0.37 -16.52 -2.74
CA LEU A 159 -0.55 -16.25 -3.88
C LEU A 159 0.04 -16.74 -5.21
N LEU A 160 1.35 -16.51 -5.38
CA LEU A 160 2.10 -16.86 -6.61
C LEU A 160 2.20 -18.40 -6.82
N SER A 161 2.06 -19.15 -5.72
CA SER A 161 2.09 -20.63 -5.72
C SER A 161 1.00 -21.23 -6.64
N SER A 162 -0.13 -20.50 -6.78
CA SER A 162 -1.28 -20.93 -7.59
C SER A 162 -1.15 -20.48 -9.07
N GLY A 163 0.04 -19.95 -9.44
CA GLY A 163 0.29 -19.45 -10.80
C GLY A 163 1.08 -20.43 -11.67
N ILE A 164 0.84 -20.39 -12.99
CA ILE A 164 1.55 -21.21 -13.98
C ILE A 164 2.70 -20.39 -14.62
N ASN A 165 3.26 -20.89 -15.74
CA ASN A 165 4.41 -20.26 -16.43
C ASN A 165 4.18 -18.76 -16.72
N GLY A 166 5.06 -17.90 -16.14
CA GLY A 166 5.00 -16.46 -16.38
C GLY A 166 4.04 -15.71 -15.47
N SER A 167 3.58 -16.38 -14.39
CA SER A 167 2.73 -15.72 -13.38
C SER A 167 3.57 -14.72 -12.59
N PHE A 168 3.03 -13.52 -12.29
CA PHE A 168 3.78 -12.51 -11.50
C PHE A 168 2.92 -11.78 -10.48
N LEU A 169 3.60 -11.26 -9.44
CA LEU A 169 3.02 -10.34 -8.45
C LEU A 169 4.02 -9.19 -8.24
N VAL A 170 3.49 -7.97 -8.23
CA VAL A 170 4.26 -6.76 -7.91
C VAL A 170 3.70 -6.19 -6.61
N ARG A 171 4.57 -5.95 -5.62
CA ARG A 171 4.17 -5.43 -4.30
C ARG A 171 5.38 -4.81 -3.60
N GLU A 172 5.12 -3.80 -2.75
CA GLU A 172 6.16 -3.14 -1.95
C GLU A 172 6.23 -3.78 -0.57
N SER A 173 7.31 -3.55 0.18
CA SER A 173 7.50 -4.18 1.50
C SER A 173 6.84 -3.35 2.62
N GLU A 174 6.23 -4.05 3.59
CA GLU A 174 5.63 -3.45 4.81
C GLU A 174 6.72 -2.76 5.64
N SER A 175 7.90 -3.41 5.67
CA SER A 175 9.07 -2.98 6.45
C SER A 175 9.93 -1.95 5.71
N SER A 176 9.65 -1.74 4.42
CA SER A 176 10.47 -0.88 3.54
C SER A 176 9.53 -0.04 2.63
N PRO A 177 9.08 1.18 3.09
CA PRO A 177 8.18 2.06 2.30
C PRO A 177 8.84 2.55 1.00
N GLY A 178 8.18 2.29 -0.14
CA GLY A 178 8.65 2.72 -1.46
C GLY A 178 9.54 1.69 -2.16
N GLN A 179 10.15 0.78 -1.37
CA GLN A 179 10.97 -0.32 -1.91
C GLN A 179 10.06 -1.46 -2.33
N ARG A 180 10.08 -1.77 -3.64
CA ARG A 180 9.14 -2.70 -4.28
C ARG A 180 9.85 -3.98 -4.72
N SER A 181 9.07 -5.00 -5.11
CA SER A 181 9.59 -6.30 -5.55
C SER A 181 8.59 -6.95 -6.54
N ILE A 182 9.14 -7.75 -7.48
CA ILE A 182 8.33 -8.63 -8.35
C ILE A 182 8.70 -10.09 -8.06
N SER A 183 7.67 -10.93 -8.06
CA SER A 183 7.75 -12.35 -7.80
C SER A 183 7.25 -13.09 -9.06
N LEU A 184 8.16 -13.79 -9.77
CA LEU A 184 7.84 -14.56 -11.01
C LEU A 184 7.86 -16.06 -10.74
N ARG A 185 6.88 -16.78 -11.30
CA ARG A 185 6.84 -18.24 -11.31
C ARG A 185 6.65 -18.72 -12.76
N TYR A 186 7.57 -19.60 -13.20
CA TYR A 186 7.57 -20.19 -14.55
C TYR A 186 7.93 -21.68 -14.41
N GLU A 187 7.28 -22.56 -15.19
CA GLU A 187 7.57 -24.02 -15.23
C GLU A 187 7.54 -24.70 -13.83
N GLY A 188 6.82 -24.09 -12.86
CA GLY A 188 6.70 -24.62 -11.49
C GLY A 188 7.69 -23.96 -10.50
N ARG A 189 8.66 -23.20 -11.02
CA ARG A 189 9.76 -22.61 -10.24
C ARG A 189 9.52 -21.13 -9.94
N VAL A 190 9.60 -20.77 -8.65
CA VAL A 190 9.47 -19.39 -8.15
C VAL A 190 10.86 -18.75 -7.99
N TYR A 191 10.95 -17.45 -8.31
CA TYR A 191 12.07 -16.57 -7.94
C TYR A 191 11.54 -15.15 -7.70
N HIS A 192 12.27 -14.38 -6.87
CA HIS A 192 11.89 -13.01 -6.48
C HIS A 192 13.08 -12.07 -6.74
N TYR A 193 12.79 -10.83 -7.18
CA TYR A 193 13.82 -9.81 -7.37
C TYR A 193 13.28 -8.43 -6.95
N ARG A 194 14.20 -7.57 -6.51
CA ARG A 194 13.87 -6.20 -6.06
C ARG A 194 13.67 -5.26 -7.26
N ILE A 195 12.75 -4.31 -7.08
CA ILE A 195 12.66 -3.12 -7.89
C ILE A 195 13.52 -2.06 -7.20
N ASN A 196 14.70 -1.82 -7.79
CA ASN A 196 15.69 -0.89 -7.25
C ASN A 196 15.16 0.54 -7.44
N THR A 197 15.15 1.31 -6.35
CA THR A 197 14.64 2.68 -6.34
C THR A 197 15.83 3.67 -6.41
N ALA A 198 15.89 4.44 -7.50
CA ALA A 198 16.86 5.54 -7.71
C ALA A 198 16.68 6.64 -6.65
N SER A 199 17.68 7.54 -6.56
CA SER A 199 17.63 8.69 -5.64
C SER A 199 16.45 9.62 -5.96
N ASP A 200 16.15 9.75 -7.27
CA ASP A 200 15.02 10.57 -7.78
C ASP A 200 13.65 9.94 -7.41
N GLY A 201 13.68 8.67 -6.97
CA GLY A 201 12.47 7.88 -6.72
C GLY A 201 12.11 7.00 -7.90
N LYS A 202 12.86 7.14 -9.00
CA LYS A 202 12.64 6.37 -10.25
C LYS A 202 12.83 4.87 -10.00
N LEU A 203 11.99 4.05 -10.64
CA LEU A 203 12.06 2.60 -10.49
C LEU A 203 12.93 2.02 -11.61
N TYR A 204 13.68 0.96 -11.29
CA TYR A 204 14.48 0.22 -12.28
C TYR A 204 14.87 -1.16 -11.71
N VAL A 205 15.26 -2.07 -12.61
CA VAL A 205 15.74 -3.42 -12.25
C VAL A 205 16.99 -3.73 -13.08
N SER A 206 16.86 -3.62 -14.41
CA SER A 206 17.98 -3.84 -15.36
C SER A 206 18.70 -2.48 -15.63
N SER A 207 19.88 -2.52 -16.31
CA SER A 207 20.75 -1.33 -16.46
C SER A 207 20.13 -0.27 -17.40
N GLU A 208 19.65 -0.72 -18.58
CA GLU A 208 19.00 0.18 -19.57
C GLU A 208 17.58 0.59 -19.10
N SER A 209 16.97 -0.28 -18.27
CA SER A 209 15.62 -0.08 -17.72
C SER A 209 15.60 1.11 -16.73
N ARG A 210 14.81 2.17 -17.05
CA ARG A 210 14.59 3.35 -16.18
C ARG A 210 13.14 3.79 -16.29
N PHE A 211 12.41 3.93 -15.17
CA PHE A 211 10.95 4.20 -15.18
C PHE A 211 10.59 5.29 -14.16
N ASN A 212 9.65 6.15 -14.56
CA ASN A 212 9.01 7.13 -13.66
C ASN A 212 7.73 6.52 -13.05
N THR A 213 7.17 5.49 -13.74
CA THR A 213 5.94 4.78 -13.28
C THR A 213 6.15 3.25 -13.22
N LEU A 214 5.54 2.65 -12.19
CA LEU A 214 5.52 1.20 -11.98
C LEU A 214 4.72 0.50 -13.10
N ALA A 215 3.74 1.22 -13.67
CA ALA A 215 2.94 0.75 -14.81
C ALA A 215 3.83 0.51 -16.04
N GLU A 216 4.75 1.46 -16.31
CA GLU A 216 5.73 1.33 -17.42
C GLU A 216 6.80 0.30 -17.10
N LEU A 217 7.13 0.14 -15.80
CA LEU A 217 8.02 -0.96 -15.35
C LEU A 217 7.38 -2.32 -15.67
N VAL A 218 6.08 -2.46 -15.41
CA VAL A 218 5.33 -3.71 -15.65
C VAL A 218 5.17 -3.99 -17.15
N HIS A 219 4.90 -2.94 -17.93
CA HIS A 219 4.78 -3.02 -19.41
C HIS A 219 6.11 -3.52 -20.03
N HIS A 220 7.19 -2.85 -19.62
CA HIS A 220 8.56 -3.18 -20.04
C HIS A 220 8.88 -4.64 -19.70
N HIS A 221 8.71 -5.01 -18.42
CA HIS A 221 8.98 -6.37 -17.93
C HIS A 221 8.04 -7.41 -18.58
N SER A 222 6.87 -6.98 -19.03
CA SER A 222 5.92 -7.86 -19.73
C SER A 222 6.40 -8.15 -21.16
N THR A 223 7.18 -7.22 -21.77
CA THR A 223 7.69 -7.42 -23.15
C THR A 223 9.20 -7.80 -23.27
N VAL A 224 10.06 -7.50 -22.26
CA VAL A 224 11.54 -7.55 -22.47
C VAL A 224 12.18 -8.94 -22.15
N ALA A 225 12.82 -9.48 -23.20
CA ALA A 225 13.67 -10.68 -23.20
C ALA A 225 15.04 -10.45 -22.48
N ASP A 226 15.24 -9.23 -21.99
CA ASP A 226 16.52 -8.47 -21.91
C ASP A 226 17.44 -8.90 -20.74
N GLY A 227 17.17 -10.07 -20.15
CA GLY A 227 17.75 -10.47 -18.86
C GLY A 227 16.70 -10.71 -17.81
N LEU A 228 15.46 -10.88 -18.27
CA LEU A 228 14.44 -11.60 -17.53
C LEU A 228 14.47 -13.08 -17.93
N ILE A 229 14.42 -13.99 -16.93
CA ILE A 229 14.28 -15.45 -17.16
C ILE A 229 12.98 -15.71 -17.96
N THR A 230 11.87 -15.17 -17.44
CA THR A 230 10.60 -15.08 -18.17
C THR A 230 10.10 -13.64 -18.06
N THR A 231 9.36 -13.20 -19.09
CA THR A 231 8.64 -11.92 -19.06
C THR A 231 7.34 -12.09 -18.27
N LEU A 232 6.66 -10.98 -17.97
CA LEU A 232 5.38 -11.02 -17.24
C LEU A 232 4.27 -11.52 -18.19
N HIS A 233 3.87 -12.81 -18.06
CA HIS A 233 2.81 -13.42 -18.88
C HIS A 233 1.44 -12.98 -18.37
N TYR A 234 1.15 -13.26 -17.08
CA TYR A 234 -0.12 -12.83 -16.48
C TYR A 234 0.03 -12.69 -14.94
N PRO A 235 -0.75 -11.79 -14.28
CA PRO A 235 -0.74 -11.68 -12.80
C PRO A 235 -1.34 -12.94 -12.13
N ALA A 236 -0.71 -13.41 -11.03
CA ALA A 236 -1.25 -14.51 -10.23
C ALA A 236 -2.64 -14.10 -9.70
N PRO A 237 -3.70 -14.95 -9.91
CA PRO A 237 -5.11 -14.59 -9.59
C PRO A 237 -5.33 -14.27 -8.10
N LYS A 238 -6.42 -13.52 -7.81
CA LYS A 238 -6.85 -13.23 -6.44
C LYS A 238 -7.23 -14.55 -5.75
N ARG A 239 -6.87 -14.65 -4.45
CA ARG A 239 -7.03 -15.87 -3.62
C ARG A 239 -8.43 -16.52 -3.77
N ASN A 240 -9.45 -15.66 -3.97
CA ASN A 240 -10.84 -16.08 -4.21
C ASN A 240 -10.93 -17.03 -5.44
N LYS A 241 -10.62 -16.50 -6.65
CA LYS A 241 -10.66 -17.26 -7.92
C LYS A 241 -10.15 -16.40 -9.10
N PRO A 242 -9.74 -17.03 -10.26
CA PRO A 242 -9.48 -16.30 -11.53
C PRO A 242 -10.78 -15.99 -12.32
N THR A 243 -10.63 -15.36 -13.50
CA THR A 243 -11.73 -15.11 -14.44
C THR A 243 -11.62 -16.08 -15.65
N VAL A 244 -10.64 -15.84 -16.55
CA VAL A 244 -10.39 -16.65 -17.77
C VAL A 244 -8.88 -16.87 -17.98
N TYR A 245 -8.49 -17.97 -18.64
CA TYR A 245 -7.09 -18.26 -19.00
C TYR A 245 -6.83 -17.88 -20.48
N GLY A 246 -7.61 -18.48 -21.40
CA GLY A 246 -7.56 -18.14 -22.83
C GLY A 246 -7.80 -19.36 -23.73
N VAL A 247 -7.72 -19.16 -25.08
CA VAL A 247 -7.86 -20.26 -26.07
C VAL A 247 -6.72 -20.22 -27.11
N SER A 248 -6.27 -21.42 -27.52
CA SER A 248 -5.25 -21.60 -28.58
C SER A 248 -5.94 -21.69 -29.96
N PRO A 249 -5.61 -20.75 -30.93
CA PRO A 249 -6.17 -20.80 -32.31
C PRO A 249 -5.82 -22.11 -33.05
N ASN A 250 -6.83 -22.74 -33.70
CA ASN A 250 -6.64 -23.97 -34.49
C ASN A 250 -6.09 -23.64 -35.90
N TYR A 251 -5.53 -24.66 -36.58
CA TYR A 251 -4.83 -24.50 -37.87
C TYR A 251 -4.82 -25.84 -38.64
N ASP A 252 -4.61 -25.75 -39.96
CA ASP A 252 -4.39 -26.93 -40.83
C ASP A 252 -2.89 -27.22 -40.90
N LYS A 253 -2.46 -28.41 -40.42
CA LYS A 253 -1.06 -28.83 -40.46
C LYS A 253 -0.59 -29.06 -41.91
N TRP A 254 0.66 -28.67 -42.21
CA TRP A 254 1.26 -28.86 -43.53
C TRP A 254 1.57 -30.36 -43.79
N GLU A 255 1.82 -30.68 -45.07
CA GLU A 255 2.25 -32.00 -45.55
C GLU A 255 3.43 -32.57 -44.70
N MET A 1 5.53 -22.49 33.95
CA MET A 1 6.89 -21.93 33.96
C MET A 1 7.35 -21.68 32.51
N GLY A 2 7.84 -20.46 32.23
CA GLY A 2 8.25 -20.06 30.89
C GLY A 2 7.12 -19.38 30.14
N GLN A 3 6.76 -18.17 30.61
CA GLN A 3 5.63 -17.40 30.07
C GLN A 3 5.96 -16.89 28.66
N GLN A 4 6.92 -15.93 28.60
CA GLN A 4 7.30 -15.17 27.39
C GLN A 4 6.13 -14.26 26.92
N PRO A 5 6.38 -12.93 26.67
CA PRO A 5 5.31 -11.99 26.18
C PRO A 5 4.77 -12.42 24.80
N GLY A 6 5.64 -13.05 24.00
CA GLY A 6 5.28 -13.55 22.67
C GLY A 6 5.15 -12.45 21.63
N LYS A 7 4.74 -12.83 20.42
CA LYS A 7 4.42 -11.89 19.33
C LYS A 7 2.93 -11.49 19.43
N VAL A 8 2.61 -10.27 19.01
CA VAL A 8 1.21 -9.78 19.01
C VAL A 8 0.39 -10.47 17.92
N LEU A 9 -0.93 -10.47 18.11
CA LEU A 9 -1.89 -11.15 17.24
C LEU A 9 -1.87 -10.58 15.80
N GLY A 10 -1.79 -11.48 14.81
CA GLY A 10 -1.77 -11.09 13.40
C GLY A 10 -3.13 -11.29 12.76
N ASP A 11 -4.18 -10.76 13.42
CA ASP A 11 -5.58 -10.87 12.95
C ASP A 11 -6.32 -9.54 13.11
N GLN A 12 -7.56 -9.53 12.60
CA GLN A 12 -8.47 -8.38 12.65
C GLN A 12 -9.14 -8.25 14.04
N ARG A 13 -9.99 -7.19 14.20
CA ARG A 13 -10.69 -6.84 15.45
C ARG A 13 -9.67 -6.48 16.55
N ARG A 14 -9.21 -5.21 16.53
CA ARG A 14 -8.27 -4.65 17.52
C ARG A 14 -7.04 -5.56 17.83
N PRO A 15 -6.02 -5.60 16.94
CA PRO A 15 -4.67 -6.09 17.31
C PRO A 15 -3.95 -5.05 18.20
N SER A 16 -2.85 -5.45 18.88
CA SER A 16 -2.12 -4.53 19.78
C SER A 16 -1.46 -3.36 19.01
N LEU A 17 -0.98 -2.38 19.78
CA LEU A 17 -0.31 -1.20 19.23
C LEU A 17 1.20 -1.36 19.44
N PRO A 18 2.03 -1.28 18.36
CA PRO A 18 3.51 -1.34 18.48
C PRO A 18 4.06 -0.07 19.16
N ALA A 19 5.34 -0.07 19.54
CA ALA A 19 5.99 1.09 20.15
C ALA A 19 6.48 2.06 19.05
N LEU A 20 6.48 3.36 19.38
CA LEU A 20 6.90 4.44 18.47
C LEU A 20 8.42 4.57 18.57
N HIS A 21 9.13 3.89 17.65
CA HIS A 21 10.60 3.80 17.68
C HIS A 21 11.22 4.85 16.76
N PHE A 22 10.74 4.91 15.51
CA PHE A 22 11.21 5.90 14.52
C PHE A 22 10.16 7.03 14.41
N ILE A 23 10.50 8.20 14.96
CA ILE A 23 9.68 9.41 14.88
C ILE A 23 10.53 10.52 14.24
N LYS A 24 10.14 10.95 13.03
CA LYS A 24 10.80 12.06 12.31
C LYS A 24 9.84 13.27 12.21
N GLY A 25 8.85 13.29 13.12
CA GLY A 25 7.79 14.30 13.13
C GLY A 25 6.88 14.14 11.92
N ALA A 26 7.21 14.85 10.84
CA ALA A 26 6.48 14.81 9.55
C ALA A 26 7.30 15.46 8.42
N GLY A 27 8.24 16.34 8.80
CA GLY A 27 9.11 17.05 7.85
C GLY A 27 8.40 18.22 7.19
N LYS A 28 9.00 18.79 6.12
CA LYS A 28 8.32 19.79 5.28
C LYS A 28 7.74 19.06 4.05
N ARG A 29 6.42 18.88 4.09
CA ARG A 29 5.67 18.09 3.11
C ARG A 29 4.40 18.85 2.69
N GLU A 30 3.85 18.47 1.54
CA GLU A 30 2.57 19.00 1.03
C GLU A 30 1.88 17.94 0.16
N SER A 31 0.54 17.95 0.16
CA SER A 31 -0.28 17.08 -0.66
C SER A 31 -1.63 17.79 -0.90
N SER A 32 -1.72 18.51 -2.03
CA SER A 32 -2.92 19.27 -2.42
C SER A 32 -3.87 18.39 -3.27
N ARG A 33 -4.63 17.52 -2.58
CA ARG A 33 -5.57 16.55 -3.20
C ARG A 33 -7.02 16.84 -2.72
N HIS A 34 -7.90 15.81 -2.78
CA HIS A 34 -9.30 15.92 -2.34
C HIS A 34 -9.39 16.26 -0.83
N GLY A 35 -10.09 17.35 -0.52
CA GLY A 35 -10.29 17.83 0.84
C GLY A 35 -10.82 19.26 0.84
N GLY A 36 -11.36 19.70 1.99
CA GLY A 36 -11.89 21.06 2.14
C GLY A 36 -13.32 21.08 2.66
N PRO A 37 -14.36 20.75 1.80
CA PRO A 37 -15.80 20.88 2.14
C PRO A 37 -16.21 20.19 3.47
N HIS A 38 -16.52 21.03 4.48
CA HIS A 38 -17.04 20.62 5.81
C HIS A 38 -17.76 21.82 6.47
N CYS A 39 -17.96 22.90 5.68
CA CYS A 39 -18.62 24.13 6.12
C CYS A 39 -19.16 24.89 4.89
N ASN A 40 -20.17 25.74 5.09
CA ASN A 40 -20.80 26.50 3.99
C ASN A 40 -19.90 27.67 3.55
N VAL A 41 -18.99 27.37 2.62
CA VAL A 41 -18.04 28.34 2.05
C VAL A 41 -17.64 27.90 0.63
N PHE A 42 -17.35 28.88 -0.24
CA PHE A 42 -16.91 28.65 -1.64
C PHE A 42 -15.62 27.79 -1.66
N VAL A 43 -15.75 26.54 -2.14
CA VAL A 43 -14.62 25.60 -2.23
C VAL A 43 -13.94 25.76 -3.60
N GLU A 44 -12.67 26.20 -3.59
CA GLU A 44 -11.92 26.50 -4.82
C GLU A 44 -11.09 25.31 -5.29
N HIS A 45 -10.51 24.56 -4.31
CA HIS A 45 -9.55 23.46 -4.57
C HIS A 45 -8.29 23.96 -5.31
N GLU A 46 -8.03 25.28 -5.20
CA GLU A 46 -6.91 25.93 -5.88
C GLU A 46 -5.59 25.55 -5.22
N ALA A 47 -4.57 25.31 -6.06
CA ALA A 47 -3.24 24.89 -5.63
C ALA A 47 -2.24 25.12 -6.76
N LEU A 48 -0.99 25.42 -6.39
CA LEU A 48 0.12 25.63 -7.33
C LEU A 48 1.17 24.54 -7.08
N GLN A 49 1.33 23.62 -8.05
CA GLN A 49 2.25 22.47 -7.91
C GLN A 49 3.71 22.95 -7.84
N ARG A 50 4.48 22.39 -6.90
CA ARG A 50 5.88 22.77 -6.65
C ARG A 50 6.78 22.13 -7.74
N PRO A 51 7.54 22.96 -8.55
CA PRO A 51 8.43 22.47 -9.65
C PRO A 51 9.43 21.37 -9.25
N VAL A 52 9.73 21.27 -7.95
CA VAL A 52 10.55 20.16 -7.41
C VAL A 52 9.81 18.82 -7.63
N ALA A 53 8.55 18.75 -7.11
CA ALA A 53 7.64 17.58 -7.27
C ALA A 53 8.32 16.25 -6.85
N SER A 54 9.22 16.36 -5.88
CA SER A 54 10.13 15.27 -5.46
C SER A 54 10.56 15.52 -4.00
N ASP A 55 11.07 14.46 -3.35
CA ASP A 55 11.52 14.51 -1.94
C ASP A 55 12.76 13.61 -1.75
N PHE A 56 13.52 13.86 -0.68
CA PHE A 56 14.76 13.11 -0.35
C PHE A 56 14.49 11.61 -0.18
N GLU A 57 13.30 11.30 0.40
CA GLU A 57 12.76 9.94 0.61
C GLU A 57 13.75 9.00 1.33
N PRO A 58 13.96 9.19 2.69
CA PRO A 58 14.86 8.34 3.50
C PRO A 58 14.38 6.86 3.53
N GLN A 59 14.81 6.09 2.51
CA GLN A 59 14.42 4.69 2.31
C GLN A 59 15.32 3.72 3.09
N GLY A 60 14.98 2.42 3.03
CA GLY A 60 15.68 1.38 3.77
C GLY A 60 16.89 0.83 3.02
N LEU A 61 17.84 0.25 3.78
CA LEU A 61 19.07 -0.36 3.24
C LEU A 61 19.08 -1.87 3.53
N SER A 62 18.84 -2.23 4.80
CA SER A 62 18.93 -3.62 5.29
C SER A 62 18.41 -3.70 6.74
N GLU A 63 17.10 -3.56 6.91
CA GLU A 63 16.42 -3.61 8.21
C GLU A 63 15.02 -4.24 8.06
N ALA A 64 14.66 -5.08 9.04
CA ALA A 64 13.36 -5.77 9.09
C ALA A 64 13.20 -6.43 10.46
N ALA A 65 12.94 -5.60 11.50
CA ALA A 65 12.62 -6.09 12.85
C ALA A 65 11.14 -6.52 12.84
N ARG A 66 10.92 -7.83 12.65
CA ARG A 66 9.60 -8.39 12.31
C ARG A 66 8.65 -8.36 13.54
N TRP A 67 8.06 -7.18 13.78
CA TRP A 67 7.17 -6.90 14.92
C TRP A 67 5.94 -7.84 14.93
N ASN A 68 5.42 -8.13 13.71
CA ASN A 68 4.26 -9.00 13.51
C ASN A 68 4.11 -9.32 12.02
N SER A 69 3.82 -10.60 11.72
CA SER A 69 3.57 -11.09 10.36
C SER A 69 2.79 -12.42 10.48
N LYS A 70 1.64 -12.50 9.79
CA LYS A 70 0.74 -13.67 9.86
C LYS A 70 -0.23 -13.67 8.66
N GLU A 71 -1.02 -12.60 8.55
CA GLU A 71 -2.01 -12.42 7.46
C GLU A 71 -2.53 -10.98 7.44
N ASN A 72 -3.17 -10.60 6.31
CA ASN A 72 -3.77 -9.27 6.12
C ASN A 72 -4.89 -9.35 5.06
N LEU A 73 -5.91 -8.49 5.22
CA LEU A 73 -7.04 -8.35 4.29
C LEU A 73 -7.15 -6.89 3.83
N LEU A 74 -6.48 -6.57 2.71
CA LEU A 74 -6.50 -5.22 2.12
C LEU A 74 -7.60 -5.14 1.06
N ALA A 75 -8.50 -4.15 1.20
CA ALA A 75 -9.65 -3.94 0.31
C ALA A 75 -10.01 -2.44 0.20
N GLY A 76 -10.90 -2.13 -0.76
CA GLY A 76 -11.45 -0.77 -0.95
C GLY A 76 -11.62 -0.41 -2.42
N PRO A 77 -12.47 0.62 -2.75
CA PRO A 77 -12.64 1.10 -4.15
C PRO A 77 -11.45 1.98 -4.60
N SER A 78 -10.98 1.77 -5.84
CA SER A 78 -9.86 2.54 -6.41
C SER A 78 -10.28 4.02 -6.63
N GLU A 79 -9.97 4.87 -5.63
CA GLU A 79 -10.31 6.31 -5.65
C GLU A 79 -9.08 7.16 -6.00
N ASN A 80 -9.32 8.47 -6.25
CA ASN A 80 -8.31 9.38 -6.82
C ASN A 80 -7.55 10.14 -5.72
N ASP A 81 -6.37 9.59 -5.36
CA ASP A 81 -5.43 10.14 -4.35
C ASP A 81 -4.23 9.18 -4.25
N PRO A 82 -2.94 9.68 -4.33
CA PRO A 82 -1.71 8.82 -4.49
C PRO A 82 -1.68 7.59 -3.56
N ASN A 83 -1.96 7.82 -2.28
CA ASN A 83 -1.96 6.77 -1.24
C ASN A 83 -3.20 6.95 -0.38
N LEU A 84 -4.39 6.73 -0.98
CA LEU A 84 -5.65 6.83 -0.24
C LEU A 84 -5.95 5.51 0.45
N PHE A 85 -5.93 5.57 1.78
CA PHE A 85 -6.31 4.48 2.69
C PHE A 85 -7.69 4.79 3.29
N VAL A 86 -8.21 3.84 4.06
CA VAL A 86 -9.40 4.03 4.90
C VAL A 86 -9.15 3.32 6.24
N ALA A 87 -9.64 3.93 7.33
CA ALA A 87 -9.56 3.34 8.67
C ALA A 87 -10.63 2.24 8.82
N LEU A 88 -10.20 1.00 9.04
CA LEU A 88 -11.10 -0.14 9.32
C LEU A 88 -11.55 -0.16 10.79
N TYR A 89 -10.91 0.68 11.62
CA TYR A 89 -11.16 0.74 13.08
C TYR A 89 -11.16 2.19 13.51
N ASP A 90 -11.82 2.48 14.64
CA ASP A 90 -11.70 3.77 15.31
C ASP A 90 -10.42 3.75 16.14
N PHE A 91 -9.60 4.80 16.00
CA PHE A 91 -8.32 4.93 16.71
C PHE A 91 -8.15 6.40 17.13
N VAL A 92 -7.95 6.62 18.44
CA VAL A 92 -7.73 7.95 19.00
C VAL A 92 -6.23 8.21 19.12
N ALA A 93 -5.79 9.44 18.79
CA ALA A 93 -4.38 9.86 18.89
C ALA A 93 -3.84 9.72 20.33
N SER A 94 -2.64 9.14 20.45
CA SER A 94 -1.89 9.04 21.72
C SER A 94 -1.14 10.37 22.03
N GLY A 95 -1.19 11.31 21.07
CA GLY A 95 -0.52 12.60 21.19
C GLY A 95 -0.48 13.33 19.85
N ASP A 96 0.42 14.32 19.75
CA ASP A 96 0.64 15.14 18.54
C ASP A 96 1.25 14.29 17.41
N ASN A 97 2.11 13.33 17.80
CA ASN A 97 2.84 12.44 16.86
C ASN A 97 1.99 11.24 16.39
N THR A 98 0.68 11.26 16.68
CA THR A 98 -0.28 10.24 16.25
C THR A 98 -1.55 10.95 15.74
N LEU A 99 -2.30 10.29 14.85
CA LEU A 99 -3.53 10.86 14.25
C LEU A 99 -4.77 10.12 14.76
N SER A 100 -5.81 10.91 15.12
CA SER A 100 -7.13 10.39 15.42
C SER A 100 -7.85 10.09 14.10
N ILE A 101 -8.13 8.80 13.86
CA ILE A 101 -8.84 8.33 12.64
C ILE A 101 -10.15 7.65 13.05
N THR A 102 -11.19 7.81 12.23
CA THR A 102 -12.52 7.24 12.51
C THR A 102 -12.78 6.08 11.55
N LYS A 103 -13.51 5.04 12.00
CA LYS A 103 -13.84 3.86 11.17
C LYS A 103 -14.72 4.26 9.97
N GLY A 104 -14.12 4.22 8.76
CA GLY A 104 -14.80 4.60 7.50
C GLY A 104 -14.29 5.94 6.95
N GLU A 105 -13.30 6.53 7.63
CA GLU A 105 -12.67 7.80 7.26
C GLU A 105 -11.53 7.56 6.25
N LYS A 106 -11.47 8.40 5.20
CA LYS A 106 -10.49 8.29 4.12
C LYS A 106 -9.17 8.97 4.56
N LEU A 107 -8.12 8.16 4.72
CA LEU A 107 -6.83 8.60 5.28
C LEU A 107 -5.84 8.81 4.13
N ARG A 108 -5.04 9.88 4.16
CA ARG A 108 -4.00 10.09 3.15
C ARG A 108 -2.64 9.86 3.81
N VAL A 109 -2.00 8.72 3.47
CA VAL A 109 -0.75 8.28 4.12
C VAL A 109 0.44 8.63 3.21
N LEU A 110 1.46 9.27 3.78
CA LEU A 110 2.67 9.67 3.02
C LEU A 110 3.68 8.51 2.97
N GLY A 111 3.56 7.58 3.93
CA GLY A 111 4.40 6.39 3.98
C GLY A 111 4.28 5.68 5.32
N TYR A 112 4.93 4.51 5.42
CA TYR A 112 4.95 3.71 6.64
C TYR A 112 6.21 4.05 7.45
N ASN A 113 6.28 3.45 8.64
CA ASN A 113 7.45 3.51 9.54
C ASN A 113 8.66 2.86 8.84
N HIS A 114 9.88 3.18 9.29
CA HIS A 114 11.11 2.56 8.76
C HIS A 114 11.16 1.05 9.10
N ASN A 115 10.33 0.63 10.10
CA ASN A 115 10.12 -0.81 10.44
C ASN A 115 8.67 -1.26 10.09
N GLY A 116 7.88 -0.37 9.44
CA GLY A 116 6.53 -0.69 8.94
C GLY A 116 5.45 -0.85 10.01
N GLU A 117 5.83 -0.62 11.29
CA GLU A 117 4.94 -0.76 12.46
C GLU A 117 3.73 0.21 12.36
N TRP A 118 4.08 1.49 12.28
CA TRP A 118 3.11 2.59 12.16
C TRP A 118 3.11 3.12 10.71
N ALA A 119 2.27 4.12 10.45
CA ALA A 119 2.08 4.72 9.11
C ALA A 119 1.68 6.18 9.27
N GLU A 120 2.47 7.11 8.71
CA GLU A 120 2.19 8.54 8.85
C GLU A 120 1.02 8.96 7.94
N ALA A 121 -0.17 9.09 8.56
CA ALA A 121 -1.42 9.43 7.87
C ALA A 121 -1.79 10.89 8.12
N GLN A 122 -2.60 11.46 7.21
CA GLN A 122 -3.04 12.86 7.27
C GLN A 122 -4.50 12.95 6.79
N THR A 123 -5.35 13.56 7.63
CA THR A 123 -6.77 13.83 7.32
C THR A 123 -7.13 15.27 7.76
N LYS A 124 -8.44 15.59 7.70
CA LYS A 124 -8.97 16.88 8.17
C LYS A 124 -8.91 17.01 9.71
N ASN A 125 -8.54 15.89 10.38
CA ASN A 125 -8.27 15.84 11.83
C ASN A 125 -6.83 16.27 12.16
N GLY A 126 -5.96 16.35 11.13
CA GLY A 126 -4.54 16.68 11.33
C GLY A 126 -3.62 15.68 10.66
N GLN A 127 -2.49 15.35 11.31
CA GLN A 127 -1.53 14.35 10.81
C GLN A 127 -0.78 13.70 11.98
N GLY A 128 -0.46 12.41 11.81
CA GLY A 128 0.37 11.67 12.73
C GLY A 128 0.43 10.19 12.38
N TRP A 129 1.20 9.44 13.18
CA TRP A 129 1.45 8.01 12.94
C TRP A 129 0.28 7.17 13.49
N VAL A 130 -0.32 6.35 12.62
CA VAL A 130 -1.39 5.40 12.95
C VAL A 130 -0.89 3.97 12.68
N PRO A 131 -1.35 2.93 13.46
CA PRO A 131 -0.90 1.53 13.24
C PRO A 131 -1.38 1.00 11.87
N SER A 132 -0.44 0.41 11.11
CA SER A 132 -0.70 -0.10 9.74
C SER A 132 -1.77 -1.23 9.70
N ASN A 133 -2.01 -1.86 10.87
CA ASN A 133 -3.02 -2.93 11.04
C ASN A 133 -4.47 -2.37 11.02
N TYR A 134 -4.60 -1.05 11.28
CA TYR A 134 -5.92 -0.37 11.41
C TYR A 134 -6.36 0.28 10.08
N ILE A 135 -5.50 0.24 9.06
CA ILE A 135 -5.72 0.97 7.79
C ILE A 135 -5.59 0.02 6.58
N THR A 136 -6.30 0.33 5.48
CA THR A 136 -6.16 -0.40 4.20
C THR A 136 -6.22 0.57 3.00
N PRO A 137 -5.29 0.44 2.00
CA PRO A 137 -5.28 1.31 0.81
C PRO A 137 -6.45 0.97 -0.16
N VAL A 138 -7.34 1.95 -0.38
CA VAL A 138 -8.46 1.83 -1.33
C VAL A 138 -7.97 2.09 -2.76
N ASN A 139 -7.02 3.05 -2.91
CA ASN A 139 -6.42 3.42 -4.21
C ASN A 139 -5.43 2.32 -4.69
N SER A 140 -5.12 1.35 -3.80
CA SER A 140 -4.12 0.28 -4.00
C SER A 140 -4.13 -0.26 -5.43
N LEU A 141 -2.93 -0.31 -6.05
CA LEU A 141 -2.74 -0.87 -7.39
C LEU A 141 -3.14 -2.37 -7.44
N GLU A 142 -3.39 -2.99 -6.26
CA GLU A 142 -3.91 -4.38 -6.11
C GLU A 142 -5.25 -4.59 -6.86
N LYS A 143 -5.97 -3.48 -7.15
CA LYS A 143 -7.18 -3.50 -8.01
C LYS A 143 -6.81 -4.01 -9.43
N HIS A 144 -5.54 -3.83 -9.79
CA HIS A 144 -4.89 -4.51 -10.91
C HIS A 144 -4.20 -5.76 -10.32
N SER A 145 -4.57 -6.96 -10.80
CA SER A 145 -4.25 -8.27 -10.15
C SER A 145 -2.72 -8.51 -9.96
N TRP A 146 -1.86 -7.76 -10.69
CA TRP A 146 -0.39 -7.86 -10.57
C TRP A 146 0.13 -7.41 -9.19
N TYR A 147 -0.29 -6.22 -8.75
CA TYR A 147 0.16 -5.64 -7.47
C TYR A 147 -0.61 -6.26 -6.31
N HIS A 148 0.06 -6.38 -5.14
CA HIS A 148 -0.59 -6.78 -3.87
C HIS A 148 -0.11 -5.88 -2.72
N GLY A 149 1.12 -5.34 -2.84
CA GLY A 149 1.62 -4.31 -1.89
C GLY A 149 2.56 -4.85 -0.82
N PRO A 150 2.60 -4.20 0.39
CA PRO A 150 3.42 -4.67 1.54
C PRO A 150 2.93 -6.05 2.01
N VAL A 151 3.51 -7.12 1.42
CA VAL A 151 3.01 -8.51 1.60
C VAL A 151 4.18 -9.44 1.97
N SER A 152 3.85 -10.49 2.74
CA SER A 152 4.79 -11.54 3.17
C SER A 152 5.40 -12.30 1.98
N ARG A 153 6.67 -12.76 2.16
CA ARG A 153 7.36 -13.65 1.22
C ARG A 153 6.54 -14.94 1.01
N ASN A 154 5.96 -15.42 2.12
CA ASN A 154 5.12 -16.63 2.15
C ASN A 154 3.90 -16.45 1.25
N ALA A 155 3.09 -15.41 1.53
CA ALA A 155 1.85 -15.12 0.76
C ALA A 155 2.15 -14.92 -0.74
N ALA A 156 3.29 -14.27 -1.02
CA ALA A 156 3.79 -14.05 -2.40
C ALA A 156 4.01 -15.38 -3.13
N GLU A 157 4.93 -16.18 -2.58
CA GLU A 157 5.39 -17.43 -3.20
C GLU A 157 4.27 -18.50 -3.17
N TYR A 158 3.29 -18.32 -2.26
CA TYR A 158 2.11 -19.18 -2.14
C TYR A 158 1.13 -18.92 -3.30
N LEU A 159 0.76 -17.64 -3.52
CA LEU A 159 -0.15 -17.28 -4.65
C LEU A 159 0.54 -17.60 -6.00
N LEU A 160 1.86 -17.33 -6.05
CA LEU A 160 2.70 -17.57 -7.24
C LEU A 160 2.94 -19.08 -7.45
N SER A 161 2.73 -19.90 -6.41
CA SER A 161 2.85 -21.37 -6.49
C SER A 161 1.74 -21.96 -7.40
N SER A 162 0.62 -21.21 -7.54
CA SER A 162 -0.48 -21.54 -8.47
C SER A 162 -0.25 -20.86 -9.84
N GLY A 163 0.94 -20.27 -10.04
CA GLY A 163 1.31 -19.58 -11.26
C GLY A 163 1.93 -20.51 -12.30
N ILE A 164 1.90 -20.08 -13.57
CA ILE A 164 2.42 -20.85 -14.73
C ILE A 164 3.44 -20.02 -15.53
N ASN A 165 3.77 -20.45 -16.77
CA ASN A 165 4.84 -19.85 -17.62
C ASN A 165 4.63 -18.32 -17.88
N GLY A 166 5.36 -17.48 -17.11
CA GLY A 166 5.29 -16.02 -17.27
C GLY A 166 4.46 -15.34 -16.17
N SER A 167 4.17 -16.11 -15.10
CA SER A 167 3.34 -15.63 -13.99
C SER A 167 4.16 -14.70 -13.09
N PHE A 168 3.58 -13.56 -12.67
CA PHE A 168 4.30 -12.61 -11.78
C PHE A 168 3.41 -12.02 -10.69
N LEU A 169 4.07 -11.51 -9.63
CA LEU A 169 3.42 -10.73 -8.56
C LEU A 169 4.33 -9.54 -8.22
N VAL A 170 3.74 -8.34 -8.09
CA VAL A 170 4.47 -7.11 -7.74
C VAL A 170 4.09 -6.69 -6.32
N ARG A 171 5.09 -6.53 -5.46
CA ARG A 171 4.91 -6.23 -4.02
C ARG A 171 5.98 -5.27 -3.52
N GLU A 172 5.75 -4.77 -2.30
CA GLU A 172 6.79 -4.17 -1.43
C GLU A 172 6.89 -4.94 -0.10
N SER A 173 7.99 -4.66 0.62
CA SER A 173 8.32 -5.29 1.91
C SER A 173 7.43 -4.71 3.03
N GLU A 174 7.09 -5.57 4.01
CA GLU A 174 6.22 -5.21 5.15
C GLU A 174 6.92 -4.22 6.10
N SER A 175 8.22 -4.48 6.37
CA SER A 175 9.01 -3.71 7.32
C SER A 175 9.62 -2.45 6.68
N SER A 176 10.16 -2.59 5.47
CA SER A 176 10.87 -1.49 4.80
C SER A 176 10.06 -1.03 3.56
N PRO A 177 9.23 0.07 3.69
CA PRO A 177 8.39 0.59 2.58
C PRO A 177 9.25 1.23 1.47
N GLY A 178 8.78 1.12 0.22
CA GLY A 178 9.52 1.61 -0.94
C GLY A 178 10.53 0.59 -1.48
N GLN A 179 10.98 -0.34 -0.61
CA GLN A 179 11.80 -1.49 -1.03
C GLN A 179 10.83 -2.54 -1.58
N ARG A 180 10.96 -2.85 -2.88
CA ARG A 180 9.97 -3.65 -3.62
C ARG A 180 10.61 -4.89 -4.23
N SER A 181 9.76 -5.83 -4.68
CA SER A 181 10.18 -7.08 -5.33
C SER A 181 9.08 -7.55 -6.30
N ILE A 182 9.50 -8.03 -7.49
CA ILE A 182 8.62 -8.80 -8.39
C ILE A 182 9.05 -10.27 -8.31
N SER A 183 8.06 -11.15 -8.31
CA SER A 183 8.24 -12.59 -8.18
C SER A 183 7.76 -13.25 -9.48
N LEU A 184 8.68 -13.87 -10.24
CA LEU A 184 8.39 -14.55 -11.53
C LEU A 184 8.41 -16.06 -11.35
N ARG A 185 7.50 -16.72 -12.09
CA ARG A 185 7.44 -18.17 -12.22
C ARG A 185 7.25 -18.56 -13.69
N TYR A 186 7.99 -19.61 -14.10
CA TYR A 186 7.83 -20.25 -15.40
C TYR A 186 8.40 -21.68 -15.30
N GLU A 187 7.71 -22.66 -15.92
CA GLU A 187 8.14 -24.08 -16.01
C GLU A 187 8.45 -24.73 -14.62
N GLY A 188 7.72 -24.26 -13.58
CA GLY A 188 7.89 -24.78 -12.21
C GLY A 188 9.08 -24.19 -11.46
N ARG A 189 9.70 -23.15 -12.04
CA ARG A 189 10.80 -22.38 -11.43
C ARG A 189 10.27 -21.04 -10.90
N VAL A 190 10.54 -20.77 -9.61
CA VAL A 190 10.20 -19.51 -8.93
C VAL A 190 11.50 -18.77 -8.56
N TYR A 191 11.57 -17.48 -8.92
CA TYR A 191 12.67 -16.59 -8.56
C TYR A 191 12.11 -15.17 -8.33
N HIS A 192 12.88 -14.33 -7.63
CA HIS A 192 12.44 -13.01 -7.14
C HIS A 192 13.55 -11.99 -7.44
N TYR A 193 13.19 -10.72 -7.71
CA TYR A 193 14.17 -9.63 -7.90
C TYR A 193 13.63 -8.31 -7.35
N ARG A 194 14.55 -7.49 -6.80
CA ARG A 194 14.23 -6.20 -6.17
C ARG A 194 13.95 -5.10 -7.20
N ILE A 195 13.04 -4.19 -6.83
CA ILE A 195 12.86 -2.88 -7.49
C ILE A 195 13.47 -1.82 -6.58
N ASN A 196 14.47 -1.09 -7.06
CA ASN A 196 15.06 0.04 -6.34
C ASN A 196 14.34 1.35 -6.74
N THR A 197 14.20 2.25 -5.77
CA THR A 197 13.54 3.53 -5.94
C THR A 197 14.60 4.66 -5.99
N ALA A 198 14.54 5.50 -7.03
CA ALA A 198 15.33 6.74 -7.14
C ALA A 198 14.59 7.88 -6.41
N SER A 199 15.35 8.93 -6.02
CA SER A 199 14.86 10.01 -5.13
C SER A 199 13.72 10.87 -5.74
N ASP A 200 13.44 10.70 -7.04
CA ASP A 200 12.33 11.39 -7.73
C ASP A 200 11.00 10.61 -7.60
N GLY A 201 10.98 9.58 -6.72
CA GLY A 201 9.85 8.65 -6.64
C GLY A 201 9.85 7.65 -7.79
N LYS A 202 10.98 7.61 -8.52
CA LYS A 202 11.16 6.77 -9.71
C LYS A 202 11.48 5.34 -9.31
N LEU A 203 11.13 4.39 -10.18
CA LEU A 203 11.38 2.97 -9.96
C LEU A 203 12.30 2.45 -11.06
N TYR A 204 13.13 1.47 -10.70
CA TYR A 204 14.05 0.82 -11.64
C TYR A 204 14.54 -0.51 -11.06
N VAL A 205 14.94 -1.41 -11.96
CA VAL A 205 15.51 -2.73 -11.61
C VAL A 205 16.87 -2.86 -12.29
N SER A 206 16.84 -2.86 -13.63
CA SER A 206 18.00 -3.09 -14.48
C SER A 206 18.36 -1.81 -15.27
N SER A 207 19.36 -1.90 -16.17
CA SER A 207 19.97 -0.76 -16.85
C SER A 207 18.97 0.01 -17.75
N GLU A 208 18.20 -0.72 -18.58
CA GLU A 208 17.22 -0.08 -19.51
C GLU A 208 15.87 0.19 -18.81
N SER A 209 15.80 -0.12 -17.49
CA SER A 209 14.61 0.11 -16.68
C SER A 209 14.75 1.41 -15.88
N ARG A 210 14.03 2.49 -16.28
CA ARG A 210 13.91 3.77 -15.50
C ARG A 210 12.46 4.29 -15.69
N PHE A 211 11.69 4.41 -14.59
CA PHE A 211 10.24 4.71 -14.65
C PHE A 211 9.87 5.77 -13.64
N ASN A 212 8.78 6.49 -13.90
CA ASN A 212 8.17 7.41 -12.93
C ASN A 212 7.08 6.67 -12.11
N THR A 213 6.41 5.68 -12.74
CA THR A 213 5.33 4.88 -12.08
C THR A 213 5.52 3.36 -12.28
N LEU A 214 4.90 2.61 -11.37
CA LEU A 214 4.98 1.16 -11.28
C LEU A 214 4.20 0.48 -12.43
N ALA A 215 3.14 1.16 -12.93
CA ALA A 215 2.35 0.67 -14.08
C ALA A 215 3.23 0.63 -15.36
N GLU A 216 4.03 1.71 -15.56
CA GLU A 216 4.97 1.81 -16.68
C GLU A 216 6.12 0.79 -16.51
N LEU A 217 6.52 0.58 -15.23
CA LEU A 217 7.47 -0.50 -14.87
C LEU A 217 6.97 -1.86 -15.37
N VAL A 218 5.70 -2.17 -15.04
CA VAL A 218 5.09 -3.46 -15.36
C VAL A 218 4.99 -3.66 -16.88
N HIS A 219 4.52 -2.61 -17.61
CA HIS A 219 4.40 -2.66 -19.10
C HIS A 219 5.77 -2.96 -19.77
N HIS A 220 6.78 -2.14 -19.39
CA HIS A 220 8.16 -2.29 -19.90
C HIS A 220 8.65 -3.72 -19.64
N HIS A 221 8.51 -4.16 -18.38
CA HIS A 221 8.92 -5.49 -17.94
C HIS A 221 8.06 -6.61 -18.58
N SER A 222 6.84 -6.27 -19.03
CA SER A 222 5.99 -7.20 -19.78
C SER A 222 6.52 -7.40 -21.20
N THR A 223 7.24 -6.40 -21.75
CA THR A 223 7.77 -6.50 -23.14
C THR A 223 9.33 -6.41 -23.29
N VAL A 224 10.15 -6.33 -22.20
CA VAL A 224 11.63 -6.17 -22.36
C VAL A 224 12.49 -7.41 -22.01
N ALA A 225 13.67 -7.37 -22.64
CA ALA A 225 14.70 -8.40 -22.68
C ALA A 225 15.77 -8.27 -21.57
N ASP A 226 15.64 -7.24 -20.73
CA ASP A 226 16.70 -6.40 -20.11
C ASP A 226 17.45 -7.08 -18.92
N GLY A 227 17.25 -8.39 -18.76
CA GLY A 227 17.67 -9.15 -17.58
C GLY A 227 16.49 -9.79 -16.90
N LEU A 228 15.40 -9.87 -17.67
CA LEU A 228 14.25 -10.69 -17.39
C LEU A 228 14.43 -12.05 -18.07
N ILE A 229 14.49 -13.12 -17.27
CA ILE A 229 14.53 -14.50 -17.77
C ILE A 229 13.26 -14.78 -18.60
N THR A 230 12.10 -14.37 -18.05
CA THR A 230 10.84 -14.30 -18.78
C THR A 230 10.22 -12.92 -18.52
N THR A 231 9.57 -12.35 -19.56
CA THR A 231 8.82 -11.09 -19.43
C THR A 231 7.54 -11.31 -18.58
N LEU A 232 7.01 -10.23 -17.98
CA LEU A 232 5.77 -10.28 -17.19
C LEU A 232 4.59 -10.61 -18.14
N HIS A 233 4.14 -11.87 -18.15
CA HIS A 233 3.13 -12.35 -19.12
C HIS A 233 1.73 -12.11 -18.54
N TYR A 234 1.53 -12.62 -17.31
CA TYR A 234 0.25 -12.55 -16.58
C TYR A 234 0.46 -12.74 -15.07
N PRO A 235 -0.32 -12.04 -14.19
CA PRO A 235 -0.18 -12.22 -12.72
C PRO A 235 -0.64 -13.61 -12.23
N ALA A 236 -0.23 -13.96 -10.99
CA ALA A 236 -0.73 -15.16 -10.32
C ALA A 236 -2.18 -14.89 -9.85
N PRO A 237 -3.17 -15.77 -10.24
CA PRO A 237 -4.58 -15.56 -9.86
C PRO A 237 -4.80 -15.73 -8.34
N LYS A 238 -5.51 -14.76 -7.74
CA LYS A 238 -5.92 -14.80 -6.32
C LYS A 238 -6.85 -16.01 -6.05
N ARG A 239 -6.80 -16.56 -4.82
CA ARG A 239 -7.49 -17.83 -4.44
C ARG A 239 -8.98 -17.86 -4.82
N ASN A 240 -9.71 -16.78 -4.51
CA ASN A 240 -11.12 -16.62 -4.91
C ASN A 240 -11.16 -16.09 -6.34
N LYS A 241 -12.10 -16.62 -7.16
CA LYS A 241 -12.17 -16.28 -8.60
C LYS A 241 -12.36 -14.77 -8.84
N PRO A 242 -11.73 -14.19 -9.90
CA PRO A 242 -12.03 -12.81 -10.35
C PRO A 242 -13.25 -12.82 -11.32
N THR A 243 -13.25 -11.95 -12.34
CA THR A 243 -14.26 -12.00 -13.43
C THR A 243 -14.03 -13.29 -14.26
N VAL A 244 -15.09 -14.10 -14.44
CA VAL A 244 -15.00 -15.41 -15.11
C VAL A 244 -14.57 -15.27 -16.58
N TYR A 245 -15.17 -14.29 -17.28
CA TYR A 245 -14.89 -14.03 -18.71
C TYR A 245 -13.81 -12.94 -18.84
N GLY A 246 -12.87 -13.17 -19.75
CA GLY A 246 -11.83 -12.19 -20.09
C GLY A 246 -11.30 -12.44 -21.48
N VAL A 247 -12.22 -12.85 -22.37
CA VAL A 247 -11.92 -13.20 -23.76
C VAL A 247 -12.46 -12.12 -24.71
N SER A 248 -12.00 -12.14 -25.96
CA SER A 248 -12.43 -11.20 -27.00
C SER A 248 -12.51 -11.93 -28.37
N PRO A 249 -13.62 -11.71 -29.16
CA PRO A 249 -13.77 -12.31 -30.52
C PRO A 249 -12.76 -11.74 -31.53
N ASN A 250 -12.44 -12.51 -32.58
CA ASN A 250 -11.56 -12.05 -33.68
C ASN A 250 -12.02 -12.62 -35.02
N TYR A 251 -11.69 -11.90 -36.09
CA TYR A 251 -11.82 -12.34 -37.47
C TYR A 251 -10.52 -11.97 -38.18
N ASP A 252 -10.01 -12.84 -39.06
CA ASP A 252 -8.69 -12.67 -39.68
C ASP A 252 -8.76 -13.00 -41.17
N LYS A 253 -8.26 -12.09 -42.02
CA LYS A 253 -8.27 -12.22 -43.48
C LYS A 253 -7.07 -11.49 -44.09
N TRP A 254 -6.34 -12.19 -44.99
CA TRP A 254 -5.13 -11.66 -45.69
C TRP A 254 -5.21 -12.03 -47.17
N GLU A 255 -4.16 -11.63 -47.92
CA GLU A 255 -3.97 -12.00 -49.34
C GLU A 255 -2.45 -12.00 -49.65
N MET A 1 -10.75 -23.58 11.74
CA MET A 1 -10.97 -25.01 12.05
C MET A 1 -11.11 -25.19 13.57
N GLY A 2 -9.97 -25.10 14.29
CA GLY A 2 -9.92 -25.24 15.75
C GLY A 2 -10.12 -23.90 16.44
N GLN A 3 -10.37 -23.95 17.76
CA GLN A 3 -10.61 -22.74 18.57
C GLN A 3 -9.29 -22.22 19.17
N GLN A 4 -8.39 -21.78 18.28
CA GLN A 4 -7.14 -21.08 18.64
C GLN A 4 -6.73 -20.13 17.50
N PRO A 5 -7.54 -19.05 17.23
CA PRO A 5 -7.23 -18.06 16.15
C PRO A 5 -6.00 -17.20 16.51
N GLY A 6 -5.60 -17.26 17.81
CA GLY A 6 -4.44 -16.55 18.31
C GLY A 6 -4.69 -15.09 18.56
N LYS A 7 -3.63 -14.36 18.90
CA LYS A 7 -3.67 -12.90 19.02
C LYS A 7 -2.28 -12.38 18.68
N VAL A 8 -2.11 -11.97 17.42
CA VAL A 8 -0.87 -11.40 16.89
C VAL A 8 -1.13 -9.96 16.42
N LEU A 9 -0.08 -9.34 15.85
CA LEU A 9 -0.09 -7.94 15.42
C LEU A 9 -0.54 -7.83 13.93
N GLY A 10 -1.56 -8.61 13.54
CA GLY A 10 -2.04 -8.58 12.15
C GLY A 10 -3.33 -9.36 11.96
N ASP A 11 -4.23 -9.30 12.95
CA ASP A 11 -5.55 -9.99 12.89
C ASP A 11 -6.65 -9.02 12.45
N GLN A 12 -7.89 -9.54 12.41
CA GLN A 12 -9.13 -8.75 12.34
C GLN A 12 -9.54 -8.38 13.78
N ARG A 13 -10.87 -8.34 14.08
CA ARG A 13 -11.44 -8.35 15.47
C ARG A 13 -10.79 -7.31 16.43
N ARG A 14 -10.47 -6.12 15.86
CA ARG A 14 -9.70 -5.06 16.55
C ARG A 14 -8.28 -5.57 16.93
N PRO A 15 -7.31 -5.60 15.96
CA PRO A 15 -5.95 -6.15 16.19
C PRO A 15 -5.14 -5.32 17.20
N SER A 16 -4.02 -5.87 17.70
CA SER A 16 -3.18 -5.18 18.69
C SER A 16 -2.49 -3.93 18.08
N LEU A 17 -1.89 -3.10 18.95
CA LEU A 17 -1.17 -1.88 18.55
C LEU A 17 0.35 -2.15 18.63
N PRO A 18 1.15 -1.77 17.59
CA PRO A 18 2.63 -1.94 17.62
C PRO A 18 3.33 -0.98 18.60
N ALA A 19 4.62 -1.21 18.85
CA ALA A 19 5.44 -0.37 19.74
C ALA A 19 5.96 0.87 19.01
N LEU A 20 6.00 2.00 19.72
CA LEU A 20 6.50 3.28 19.19
C LEU A 20 8.01 3.37 19.45
N HIS A 21 8.78 3.01 18.42
CA HIS A 21 10.25 3.08 18.46
C HIS A 21 10.73 4.39 17.81
N PHE A 22 10.17 4.68 16.61
CA PHE A 22 10.51 5.88 15.83
C PHE A 22 9.38 6.92 15.98
N ILE A 23 9.69 8.02 16.69
CA ILE A 23 8.75 9.12 16.97
C ILE A 23 9.26 10.43 16.34
N LYS A 24 8.44 10.97 15.45
CA LYS A 24 8.59 12.33 14.93
C LYS A 24 7.19 12.94 14.77
N GLY A 25 6.96 14.14 15.35
CA GLY A 25 5.62 14.74 15.42
C GLY A 25 5.63 16.18 14.96
N ALA A 26 4.60 16.94 15.38
CA ALA A 26 4.39 18.36 15.01
C ALA A 26 4.28 18.53 13.47
N GLY A 27 3.83 17.45 12.80
CA GLY A 27 3.75 17.40 11.35
C GLY A 27 2.54 18.15 10.81
N LYS A 28 2.79 19.21 10.01
CA LYS A 28 1.76 20.18 9.55
C LYS A 28 2.09 20.66 8.12
N ARG A 29 3.37 21.03 7.93
CA ARG A 29 3.86 21.71 6.72
C ARG A 29 4.09 20.73 5.53
N GLU A 30 3.87 19.42 5.78
CA GLU A 30 4.04 18.35 4.76
C GLU A 30 2.93 18.37 3.68
N SER A 31 2.02 19.36 3.79
CA SER A 31 0.92 19.54 2.85
C SER A 31 0.63 21.03 2.61
N SER A 32 -0.25 21.31 1.64
CA SER A 32 -0.66 22.67 1.26
C SER A 32 -1.52 23.33 2.38
N ARG A 33 -2.74 22.80 2.58
CA ARG A 33 -3.70 23.36 3.55
C ARG A 33 -4.73 22.27 3.92
N HIS A 34 -4.67 21.78 5.18
CA HIS A 34 -5.60 20.76 5.71
C HIS A 34 -5.96 21.09 7.17
N GLY A 35 -7.20 20.75 7.54
CA GLY A 35 -7.74 20.99 8.88
C GLY A 35 -9.26 21.11 8.84
N GLY A 36 -9.85 21.71 9.89
CA GLY A 36 -11.31 21.90 9.97
C GLY A 36 -11.71 22.80 11.14
N PRO A 37 -13.02 23.21 11.24
CA PRO A 37 -13.54 24.01 12.38
C PRO A 37 -13.59 23.18 13.68
N HIS A 38 -13.32 23.82 14.82
CA HIS A 38 -13.35 23.17 16.14
C HIS A 38 -14.81 23.15 16.67
N CYS A 39 -15.49 22.01 16.51
CA CYS A 39 -16.86 21.82 17.02
C CYS A 39 -16.84 21.78 18.56
N ASN A 40 -17.92 22.25 19.19
CA ASN A 40 -18.04 22.27 20.66
C ASN A 40 -18.55 20.90 21.15
N VAL A 41 -17.61 19.95 21.28
CA VAL A 41 -17.88 18.58 21.75
C VAL A 41 -17.64 18.51 23.26
N PHE A 42 -18.72 18.67 24.03
CA PHE A 42 -18.70 18.53 25.50
C PHE A 42 -19.58 17.33 25.89
N VAL A 43 -18.94 16.19 26.17
CA VAL A 43 -19.61 15.03 26.76
C VAL A 43 -19.19 14.96 28.24
N GLU A 44 -20.15 14.68 29.12
CA GLU A 44 -19.93 14.61 30.58
C GLU A 44 -19.25 13.29 30.97
N HIS A 45 -18.89 13.20 32.26
CA HIS A 45 -18.17 12.04 32.84
C HIS A 45 -19.07 11.32 33.86
N GLU A 46 -18.78 10.03 34.06
CA GLU A 46 -19.39 9.21 35.13
C GLU A 46 -18.39 8.12 35.52
N ALA A 47 -18.38 7.76 36.82
CA ALA A 47 -17.53 6.69 37.36
C ALA A 47 -17.77 5.39 36.60
N LEU A 48 -16.82 5.01 35.71
CA LEU A 48 -16.92 3.80 34.86
C LEU A 48 -16.83 2.54 35.72
N GLN A 49 -17.97 2.20 36.34
CA GLN A 49 -18.11 1.01 37.16
C GLN A 49 -18.77 -0.06 36.30
N ARG A 50 -18.34 -1.32 36.47
CA ARG A 50 -18.83 -2.47 35.68
C ARG A 50 -18.62 -2.23 34.16
N PRO A 51 -17.34 -1.94 33.69
CA PRO A 51 -17.05 -1.61 32.26
C PRO A 51 -17.35 -2.79 31.31
N VAL A 52 -17.28 -4.02 31.86
CA VAL A 52 -17.57 -5.27 31.12
C VAL A 52 -19.08 -5.62 31.30
N ALA A 53 -19.93 -4.61 31.04
CA ALA A 53 -21.41 -4.75 31.06
C ALA A 53 -21.94 -4.96 29.63
N SER A 54 -21.02 -5.24 28.67
CA SER A 54 -21.36 -5.49 27.26
C SER A 54 -22.16 -6.81 27.14
N ASP A 55 -21.66 -7.84 27.83
CA ASP A 55 -22.24 -9.19 27.82
C ASP A 55 -21.72 -9.97 29.05
N PHE A 56 -22.41 -11.08 29.36
CA PHE A 56 -22.02 -12.01 30.44
C PHE A 56 -22.27 -13.44 29.97
N GLU A 57 -21.36 -14.36 30.35
CA GLU A 57 -21.42 -15.80 29.99
C GLU A 57 -21.37 -15.99 28.44
N PRO A 58 -20.17 -15.77 27.80
CA PRO A 58 -19.99 -15.99 26.35
C PRO A 58 -20.18 -17.47 25.95
N GLN A 59 -21.38 -17.78 25.46
CA GLN A 59 -21.72 -19.10 24.87
C GLN A 59 -21.71 -18.95 23.35
N GLY A 60 -20.52 -19.14 22.77
CA GLY A 60 -20.31 -18.91 21.34
C GLY A 60 -18.85 -19.14 20.95
N LEU A 61 -18.45 -18.59 19.80
CA LEU A 61 -17.09 -18.78 19.23
C LEU A 61 -16.38 -17.43 19.04
N SER A 62 -15.04 -17.45 19.12
CA SER A 62 -14.16 -16.27 18.93
C SER A 62 -14.35 -15.68 17.52
N GLU A 63 -14.51 -16.58 16.53
CA GLU A 63 -14.58 -16.22 15.10
C GLU A 63 -16.04 -16.14 14.62
N ALA A 64 -16.95 -15.70 15.53
CA ALA A 64 -18.31 -15.31 15.16
C ALA A 64 -18.24 -14.04 14.30
N ALA A 65 -18.83 -14.10 13.10
CA ALA A 65 -18.77 -13.02 12.11
C ALA A 65 -19.47 -11.75 12.64
N ARG A 66 -18.66 -10.76 13.06
CA ARG A 66 -19.17 -9.45 13.50
C ARG A 66 -19.44 -8.60 12.24
N TRP A 67 -20.71 -8.63 11.79
CA TRP A 67 -21.14 -7.99 10.52
C TRP A 67 -21.26 -6.48 10.68
N ASN A 68 -20.75 -5.74 9.68
CA ASN A 68 -20.83 -4.28 9.62
C ASN A 68 -22.25 -3.87 9.19
N SER A 69 -22.74 -2.78 9.81
CA SER A 69 -24.05 -2.18 9.52
C SER A 69 -24.07 -0.74 10.04
N LYS A 70 -25.04 0.07 9.53
CA LYS A 70 -25.25 1.50 9.93
C LYS A 70 -24.18 2.46 9.32
N GLU A 71 -23.17 1.89 8.62
CA GLU A 71 -22.03 2.65 8.08
C GLU A 71 -22.47 3.45 6.83
N ASN A 72 -22.92 4.70 7.07
CA ASN A 72 -23.22 5.67 6.04
C ASN A 72 -22.10 6.72 6.03
N LEU A 73 -21.23 6.64 5.00
CA LEU A 73 -20.03 7.47 4.90
C LEU A 73 -20.36 8.87 4.40
N LEU A 74 -19.75 9.87 5.04
CA LEU A 74 -19.84 11.29 4.64
C LEU A 74 -18.90 11.57 3.45
N ALA A 75 -19.08 12.72 2.80
CA ALA A 75 -18.23 13.18 1.67
C ALA A 75 -16.76 13.29 2.12
N GLY A 76 -16.56 13.82 3.33
CA GLY A 76 -15.24 13.96 3.93
C GLY A 76 -14.32 14.93 3.16
N PRO A 77 -12.97 14.73 3.21
CA PRO A 77 -12.02 15.50 2.36
C PRO A 77 -12.12 15.05 0.88
N SER A 78 -12.45 15.99 -0.03
CA SER A 78 -12.55 15.74 -1.49
C SER A 78 -11.19 15.27 -2.03
N GLU A 79 -11.17 14.03 -2.56
CA GLU A 79 -9.95 13.31 -2.92
C GLU A 79 -9.48 13.73 -4.32
N ASN A 80 -8.19 14.05 -4.40
CA ASN A 80 -7.52 14.54 -5.63
C ASN A 80 -6.01 14.22 -5.52
N ASP A 81 -5.74 13.11 -4.84
CA ASP A 81 -4.38 12.68 -4.43
C ASP A 81 -4.29 11.13 -4.47
N PRO A 82 -3.11 10.55 -4.87
CA PRO A 82 -2.96 9.07 -5.06
C PRO A 82 -2.89 8.27 -3.73
N ASN A 83 -2.56 8.96 -2.62
CA ASN A 83 -2.28 8.33 -1.30
C ASN A 83 -3.56 8.21 -0.44
N LEU A 84 -4.69 7.86 -1.10
CA LEU A 84 -5.98 7.69 -0.43
C LEU A 84 -6.10 6.28 0.18
N PHE A 85 -6.12 6.28 1.51
CA PHE A 85 -6.42 5.11 2.36
C PHE A 85 -7.80 5.32 3.02
N VAL A 86 -8.27 4.28 3.71
CA VAL A 86 -9.50 4.33 4.50
C VAL A 86 -9.32 3.46 5.75
N ALA A 87 -9.89 3.89 6.88
CA ALA A 87 -9.84 3.14 8.16
C ALA A 87 -10.92 2.04 8.15
N LEU A 88 -10.53 0.83 8.60
CA LEU A 88 -11.43 -0.32 8.76
C LEU A 88 -11.96 -0.41 10.21
N TYR A 89 -11.28 0.31 11.13
CA TYR A 89 -11.61 0.29 12.57
C TYR A 89 -11.50 1.72 13.12
N ASP A 90 -12.36 2.04 14.09
CA ASP A 90 -12.34 3.34 14.76
C ASP A 90 -11.21 3.36 15.81
N PHE A 91 -10.24 4.25 15.63
CA PHE A 91 -9.04 4.35 16.49
C PHE A 91 -8.98 5.76 17.09
N VAL A 92 -9.05 5.82 18.43
CA VAL A 92 -8.93 7.07 19.19
C VAL A 92 -7.44 7.45 19.32
N ALA A 93 -7.13 8.76 19.17
CA ALA A 93 -5.78 9.28 19.41
C ALA A 93 -5.42 9.05 20.87
N SER A 94 -4.38 8.20 21.09
CA SER A 94 -3.90 7.83 22.43
C SER A 94 -3.10 8.99 23.06
N GLY A 95 -2.77 9.99 22.22
CA GLY A 95 -2.12 11.21 22.64
C GLY A 95 -1.97 12.16 21.46
N ASP A 96 -1.10 13.17 21.62
CA ASP A 96 -0.78 14.13 20.54
C ASP A 96 0.11 13.48 19.45
N ASN A 97 0.83 12.42 19.84
CA ASN A 97 1.76 11.66 18.97
C ASN A 97 1.01 10.79 17.93
N THR A 98 -0.23 10.44 18.26
CA THR A 98 -1.09 9.57 17.45
C THR A 98 -2.24 10.38 16.83
N LEU A 99 -2.79 9.84 15.74
CA LEU A 99 -3.88 10.48 14.99
C LEU A 99 -5.18 9.70 15.22
N SER A 100 -6.27 10.43 15.52
CA SER A 100 -7.59 9.84 15.66
C SER A 100 -8.21 9.67 14.26
N ILE A 101 -8.61 8.44 13.95
CA ILE A 101 -9.23 8.08 12.67
C ILE A 101 -10.53 7.32 12.99
N THR A 102 -11.60 7.56 12.23
CA THR A 102 -12.87 6.86 12.42
C THR A 102 -13.01 5.70 11.43
N LYS A 103 -13.75 4.66 11.81
CA LYS A 103 -14.10 3.54 10.92
C LYS A 103 -14.89 4.03 9.68
N GLY A 104 -14.22 3.96 8.51
CA GLY A 104 -14.80 4.39 7.23
C GLY A 104 -14.33 5.78 6.80
N GLU A 105 -13.40 6.38 7.58
CA GLU A 105 -12.86 7.73 7.31
C GLU A 105 -11.70 7.64 6.29
N LYS A 106 -11.60 8.69 5.45
CA LYS A 106 -10.62 8.77 4.35
C LYS A 106 -9.31 9.37 4.89
N LEU A 107 -8.25 8.54 4.90
CA LEU A 107 -6.97 8.87 5.55
C LEU A 107 -5.93 9.16 4.47
N ARG A 108 -5.14 10.23 4.59
CA ARG A 108 -4.05 10.50 3.64
C ARG A 108 -2.72 10.16 4.30
N VAL A 109 -2.11 9.05 3.86
CA VAL A 109 -0.88 8.53 4.46
C VAL A 109 0.32 8.97 3.60
N LEU A 110 1.24 9.72 4.22
CA LEU A 110 2.47 10.20 3.57
C LEU A 110 3.42 9.01 3.29
N GLY A 111 3.42 8.07 4.23
CA GLY A 111 4.21 6.86 4.15
C GLY A 111 4.16 6.08 5.46
N TYR A 112 4.87 4.95 5.50
CA TYR A 112 4.98 4.12 6.70
C TYR A 112 6.25 4.48 7.47
N ASN A 113 6.36 3.95 8.70
CA ASN A 113 7.60 3.97 9.50
C ASN A 113 8.68 3.22 8.70
N HIS A 114 9.94 3.66 8.81
CA HIS A 114 11.05 3.07 8.01
C HIS A 114 11.30 1.60 8.42
N ASN A 115 10.94 1.27 9.67
CA ASN A 115 10.99 -0.12 10.19
C ASN A 115 9.74 -0.92 9.74
N GLY A 116 8.68 -0.18 9.33
CA GLY A 116 7.45 -0.77 8.77
C GLY A 116 6.42 -1.18 9.81
N GLU A 117 6.36 -0.41 10.90
CA GLU A 117 5.48 -0.70 12.05
C GLU A 117 4.16 0.10 11.94
N TRP A 118 4.31 1.44 12.00
CA TRP A 118 3.20 2.42 11.98
C TRP A 118 3.12 3.07 10.59
N ALA A 119 2.17 3.98 10.43
CA ALA A 119 1.94 4.71 9.17
C ALA A 119 1.56 6.16 9.48
N GLU A 120 2.34 7.13 8.97
CA GLU A 120 2.08 8.55 9.21
C GLU A 120 0.96 9.04 8.28
N ALA A 121 -0.24 9.17 8.86
CA ALA A 121 -1.45 9.59 8.14
C ALA A 121 -1.78 11.04 8.49
N GLN A 122 -2.70 11.62 7.71
CA GLN A 122 -3.17 13.00 7.86
C GLN A 122 -4.68 13.03 7.59
N THR A 123 -5.45 13.58 8.56
CA THR A 123 -6.92 13.67 8.50
C THR A 123 -7.41 15.04 9.01
N LYS A 124 -8.75 15.14 9.22
CA LYS A 124 -9.42 16.32 9.80
C LYS A 124 -8.80 16.72 11.17
N ASN A 125 -8.38 15.69 11.91
CA ASN A 125 -7.84 15.80 13.28
C ASN A 125 -6.33 16.15 13.26
N GLY A 126 -5.78 16.46 12.06
CA GLY A 126 -4.40 16.91 11.92
C GLY A 126 -3.55 15.89 11.21
N GLN A 127 -2.42 15.50 11.82
CA GLN A 127 -1.47 14.52 11.25
C GLN A 127 -0.76 13.77 12.38
N GLY A 128 -0.57 12.45 12.22
CA GLY A 128 0.10 11.61 13.22
C GLY A 128 0.18 10.15 12.79
N TRP A 129 0.75 9.32 13.68
CA TRP A 129 1.00 7.89 13.40
C TRP A 129 -0.21 7.03 13.82
N VAL A 130 -0.61 6.15 12.90
CA VAL A 130 -1.71 5.16 13.08
C VAL A 130 -1.19 3.75 12.71
N PRO A 131 -1.75 2.66 13.32
CA PRO A 131 -1.35 1.26 12.97
C PRO A 131 -1.83 0.88 11.55
N SER A 132 -0.92 0.29 10.75
CA SER A 132 -1.19 -0.15 9.36
C SER A 132 -2.29 -1.25 9.27
N ASN A 133 -2.57 -1.90 10.43
CA ASN A 133 -3.62 -2.95 10.55
C ASN A 133 -5.04 -2.34 10.56
N TYR A 134 -5.11 -1.03 10.89
CA TYR A 134 -6.38 -0.28 10.98
C TYR A 134 -6.70 0.48 9.69
N ILE A 135 -5.76 0.48 8.72
CA ILE A 135 -5.88 1.26 7.47
C ILE A 135 -5.73 0.33 6.24
N THR A 136 -6.28 0.75 5.08
CA THR A 136 -6.07 0.04 3.80
C THR A 136 -6.13 1.03 2.62
N PRO A 137 -5.19 0.93 1.61
CA PRO A 137 -5.19 1.80 0.42
C PRO A 137 -6.31 1.40 -0.58
N VAL A 138 -6.96 2.41 -1.17
CA VAL A 138 -8.07 2.20 -2.14
C VAL A 138 -7.75 2.82 -3.51
N ASN A 139 -7.08 3.99 -3.50
CA ASN A 139 -6.71 4.72 -4.75
C ASN A 139 -5.24 4.43 -5.14
N SER A 140 -4.49 3.77 -4.25
CA SER A 140 -3.10 3.37 -4.52
C SER A 140 -3.08 2.18 -5.51
N LEU A 141 -1.87 1.75 -5.89
CA LEU A 141 -1.63 0.74 -6.95
C LEU A 141 -2.26 -0.65 -6.64
N GLU A 142 -2.63 -0.87 -5.36
CA GLU A 142 -3.21 -2.15 -4.85
C GLU A 142 -4.53 -2.53 -5.57
N LYS A 143 -5.23 -1.51 -6.13
CA LYS A 143 -6.51 -1.72 -6.87
C LYS A 143 -6.29 -2.50 -8.20
N HIS A 144 -5.01 -2.73 -8.58
CA HIS A 144 -4.63 -3.62 -9.69
C HIS A 144 -4.43 -5.05 -9.18
N SER A 145 -4.66 -6.03 -10.07
CA SER A 145 -4.52 -7.46 -9.77
C SER A 145 -3.04 -7.84 -9.57
N TRP A 146 -2.16 -7.19 -10.36
CA TRP A 146 -0.71 -7.47 -10.34
C TRP A 146 -0.03 -6.94 -9.07
N TYR A 147 -0.55 -5.83 -8.51
CA TYR A 147 0.06 -5.23 -7.31
C TYR A 147 -0.73 -5.70 -6.08
N HIS A 148 -0.02 -6.35 -5.15
CA HIS A 148 -0.62 -6.94 -3.94
C HIS A 148 -0.34 -6.08 -2.69
N GLY A 149 0.29 -4.90 -2.90
CA GLY A 149 0.59 -3.98 -1.80
C GLY A 149 1.84 -4.37 -1.02
N PRO A 150 1.95 -3.95 0.28
CA PRO A 150 3.04 -4.39 1.17
C PRO A 150 2.92 -5.88 1.54
N VAL A 151 3.79 -6.73 0.95
CA VAL A 151 3.76 -8.21 1.13
C VAL A 151 5.21 -8.73 1.25
N SER A 152 5.41 -9.76 2.11
CA SER A 152 6.70 -10.45 2.29
C SER A 152 7.15 -11.20 1.02
N ARG A 153 8.45 -11.53 0.96
CA ARG A 153 9.04 -12.36 -0.11
C ARG A 153 8.56 -13.83 0.02
N ASN A 154 8.31 -14.26 1.27
CA ASN A 154 7.83 -15.62 1.57
C ASN A 154 6.34 -15.74 1.23
N ALA A 155 5.58 -14.69 1.62
CA ALA A 155 4.14 -14.55 1.28
C ALA A 155 3.96 -14.42 -0.24
N ALA A 156 4.94 -13.74 -0.88
CA ALA A 156 5.04 -13.66 -2.35
C ALA A 156 5.13 -15.06 -2.96
N GLU A 157 6.14 -15.81 -2.49
CA GLU A 157 6.38 -17.19 -2.97
C GLU A 157 5.17 -18.10 -2.69
N TYR A 158 4.46 -17.82 -1.58
CA TYR A 158 3.28 -18.58 -1.13
C TYR A 158 2.11 -18.41 -2.14
N LEU A 159 1.78 -17.15 -2.47
CA LEU A 159 0.70 -16.81 -3.43
C LEU A 159 1.07 -17.26 -4.85
N LEU A 160 2.35 -17.07 -5.18
CA LEU A 160 2.90 -17.32 -6.53
C LEU A 160 3.03 -18.82 -6.82
N SER A 161 3.04 -19.64 -5.75
CA SER A 161 3.22 -21.11 -5.85
C SER A 161 2.08 -21.78 -6.65
N SER A 162 0.89 -21.13 -6.66
CA SER A 162 -0.31 -21.61 -7.40
C SER A 162 -0.31 -21.11 -8.87
N GLY A 163 0.80 -20.48 -9.29
CA GLY A 163 0.96 -19.95 -10.64
C GLY A 163 1.71 -20.92 -11.57
N ILE A 164 1.71 -20.60 -12.87
CA ILE A 164 2.36 -21.42 -13.92
C ILE A 164 3.42 -20.56 -14.66
N ASN A 165 3.87 -21.03 -15.85
CA ASN A 165 4.89 -20.34 -16.68
C ASN A 165 4.57 -18.83 -16.88
N GLY A 166 5.47 -17.95 -16.39
CA GLY A 166 5.32 -16.51 -16.57
C GLY A 166 4.41 -15.86 -15.53
N SER A 167 4.11 -16.59 -14.43
CA SER A 167 3.28 -16.03 -13.35
C SER A 167 4.12 -15.04 -12.54
N PHE A 168 3.57 -13.86 -12.17
CA PHE A 168 4.33 -12.85 -11.41
C PHE A 168 3.51 -12.23 -10.27
N LEU A 169 4.22 -11.56 -9.36
CA LEU A 169 3.64 -10.71 -8.31
C LEU A 169 4.48 -9.43 -8.22
N VAL A 170 3.83 -8.27 -8.13
CA VAL A 170 4.52 -6.99 -7.85
C VAL A 170 4.03 -6.48 -6.49
N ARG A 171 4.99 -6.16 -5.60
CA ARG A 171 4.71 -5.80 -4.20
C ARG A 171 5.68 -4.69 -3.77
N GLU A 172 5.45 -4.14 -2.56
CA GLU A 172 6.48 -3.39 -1.80
C GLU A 172 6.79 -4.15 -0.50
N SER A 173 7.92 -3.80 0.11
CA SER A 173 8.41 -4.48 1.31
C SER A 173 7.83 -3.82 2.58
N GLU A 174 7.37 -4.66 3.50
CA GLU A 174 6.89 -4.25 4.83
C GLU A 174 8.09 -3.97 5.75
N SER A 175 9.21 -4.64 5.43
CA SER A 175 10.51 -4.47 6.10
C SER A 175 11.12 -3.10 5.75
N SER A 176 10.93 -2.69 4.48
CA SER A 176 11.48 -1.45 3.92
C SER A 176 10.43 -0.78 3.00
N PRO A 177 9.61 0.20 3.54
CA PRO A 177 8.57 0.91 2.73
C PRO A 177 9.20 1.71 1.57
N GLY A 178 8.59 1.61 0.38
CA GLY A 178 9.09 2.27 -0.83
C GLY A 178 10.05 1.40 -1.65
N GLN A 179 10.70 0.40 -0.99
CA GLN A 179 11.51 -0.62 -1.68
C GLN A 179 10.57 -1.70 -2.19
N ARG A 180 10.48 -1.85 -3.51
CA ARG A 180 9.50 -2.72 -4.16
C ARG A 180 10.20 -3.91 -4.82
N SER A 181 9.47 -4.99 -5.09
CA SER A 181 10.05 -6.25 -5.61
C SER A 181 9.02 -7.03 -6.44
N ILE A 182 9.52 -7.73 -7.48
CA ILE A 182 8.73 -8.65 -8.32
C ILE A 182 9.24 -10.08 -8.10
N SER A 183 8.34 -11.05 -8.25
CA SER A 183 8.68 -12.47 -8.19
C SER A 183 8.04 -13.19 -9.40
N LEU A 184 8.85 -13.96 -10.14
CA LEU A 184 8.43 -14.75 -11.33
C LEU A 184 8.47 -16.25 -11.04
N ARG A 185 7.55 -16.98 -11.68
CA ARG A 185 7.48 -18.44 -11.64
C ARG A 185 7.28 -18.95 -13.07
N TYR A 186 8.10 -19.93 -13.45
CA TYR A 186 8.01 -20.61 -14.75
C TYR A 186 8.62 -22.02 -14.61
N GLU A 187 8.03 -23.01 -15.31
CA GLU A 187 8.49 -24.44 -15.31
C GLU A 187 8.51 -25.06 -13.89
N GLY A 188 7.76 -24.44 -12.96
CA GLY A 188 7.74 -24.83 -11.55
C GLY A 188 8.98 -24.38 -10.79
N ARG A 189 9.56 -23.25 -11.23
CA ARG A 189 10.75 -22.64 -10.61
C ARG A 189 10.44 -21.15 -10.32
N VAL A 190 10.59 -20.77 -9.05
CA VAL A 190 10.33 -19.39 -8.56
C VAL A 190 11.68 -18.68 -8.31
N TYR A 191 11.74 -17.41 -8.72
CA TYR A 191 12.85 -16.50 -8.40
C TYR A 191 12.30 -15.09 -8.16
N HIS A 192 13.09 -14.29 -7.43
CA HIS A 192 12.68 -12.97 -6.93
C HIS A 192 13.75 -11.95 -7.35
N TYR A 193 13.34 -10.71 -7.68
CA TYR A 193 14.27 -9.62 -8.00
C TYR A 193 13.73 -8.27 -7.52
N ARG A 194 14.65 -7.38 -7.12
CA ARG A 194 14.32 -6.08 -6.53
C ARG A 194 14.03 -5.06 -7.62
N ILE A 195 12.94 -4.30 -7.44
CA ILE A 195 12.67 -3.08 -8.21
C ILE A 195 13.61 -2.00 -7.67
N ASN A 196 14.68 -1.76 -8.42
CA ASN A 196 15.70 -0.77 -8.08
C ASN A 196 15.07 0.63 -8.19
N THR A 197 14.92 1.29 -7.04
CA THR A 197 14.31 2.61 -6.94
C THR A 197 15.40 3.69 -6.91
N ALA A 198 15.45 4.51 -7.97
CA ALA A 198 16.36 5.66 -8.08
C ALA A 198 16.11 6.71 -6.98
N SER A 199 17.12 7.56 -6.75
CA SER A 199 17.03 8.71 -5.82
C SER A 199 15.96 9.72 -6.28
N ASP A 200 15.65 9.70 -7.60
CA ASP A 200 14.67 10.60 -8.23
C ASP A 200 13.24 10.01 -8.15
N GLY A 201 13.08 8.86 -7.47
CA GLY A 201 11.79 8.18 -7.33
C GLY A 201 11.43 7.30 -8.52
N LYS A 202 12.31 7.28 -9.54
CA LYS A 202 12.11 6.50 -10.78
C LYS A 202 12.40 5.01 -10.52
N LEU A 203 11.49 4.14 -10.95
CA LEU A 203 11.60 2.70 -10.75
C LEU A 203 12.31 2.08 -11.95
N TYR A 204 13.08 1.01 -11.72
CA TYR A 204 13.73 0.23 -12.78
C TYR A 204 14.25 -1.11 -12.23
N VAL A 205 14.80 -1.93 -13.14
CA VAL A 205 15.49 -3.20 -12.80
C VAL A 205 16.71 -3.30 -13.74
N SER A 206 16.45 -3.11 -15.05
CA SER A 206 17.50 -2.99 -16.09
C SER A 206 18.17 -1.60 -15.99
N SER A 207 19.48 -1.56 -16.29
CA SER A 207 20.27 -0.31 -16.32
C SER A 207 19.87 0.57 -17.53
N GLU A 208 19.36 -0.09 -18.59
CA GLU A 208 18.89 0.59 -19.80
C GLU A 208 17.57 1.33 -19.49
N SER A 209 16.71 0.66 -18.74
CA SER A 209 15.30 1.02 -18.60
C SER A 209 15.10 1.95 -17.40
N ARG A 210 14.31 3.02 -17.60
CA ARG A 210 14.02 4.05 -16.56
C ARG A 210 12.52 4.38 -16.64
N PHE A 211 11.78 4.12 -15.55
CA PHE A 211 10.31 4.34 -15.51
C PHE A 211 9.97 5.33 -14.40
N ASN A 212 8.99 6.19 -14.64
CA ASN A 212 8.44 7.07 -13.59
C ASN A 212 7.27 6.36 -12.87
N THR A 213 6.64 5.38 -13.55
CA THR A 213 5.47 4.65 -13.03
C THR A 213 5.71 3.12 -13.03
N LEU A 214 5.14 2.48 -12.01
CA LEU A 214 5.23 1.03 -11.80
C LEU A 214 4.40 0.28 -12.86
N ALA A 215 3.34 0.91 -13.36
CA ALA A 215 2.48 0.35 -14.43
C ALA A 215 3.24 0.21 -15.77
N GLU A 216 4.12 1.19 -16.06
CA GLU A 216 5.03 1.14 -17.24
C GLU A 216 6.19 0.19 -17.00
N LEU A 217 6.64 0.08 -15.73
CA LEU A 217 7.64 -0.96 -15.35
C LEU A 217 7.07 -2.37 -15.65
N VAL A 218 5.81 -2.59 -15.25
CA VAL A 218 5.13 -3.89 -15.40
C VAL A 218 4.80 -4.17 -16.88
N HIS A 219 4.37 -3.14 -17.62
CA HIS A 219 4.07 -3.23 -19.08
C HIS A 219 5.34 -3.67 -19.83
N HIS A 220 6.43 -2.92 -19.61
CA HIS A 220 7.75 -3.18 -20.21
C HIS A 220 8.16 -4.63 -19.89
N HIS A 221 8.14 -4.97 -18.59
CA HIS A 221 8.50 -6.31 -18.10
C HIS A 221 7.56 -7.42 -18.67
N SER A 222 6.34 -7.04 -19.01
CA SER A 222 5.36 -7.96 -19.60
C SER A 222 5.68 -8.26 -21.06
N THR A 223 6.34 -7.30 -21.76
CA THR A 223 6.65 -7.46 -23.20
C THR A 223 8.17 -7.48 -23.59
N VAL A 224 9.14 -7.39 -22.63
CA VAL A 224 10.60 -7.30 -23.02
C VAL A 224 11.46 -8.57 -22.75
N ALA A 225 12.38 -8.76 -23.69
CA ALA A 225 13.42 -9.80 -23.76
C ALA A 225 14.66 -9.45 -22.92
N ASP A 226 14.65 -8.26 -22.29
CA ASP A 226 15.77 -7.29 -22.11
C ASP A 226 16.76 -7.68 -20.96
N GLY A 227 16.67 -8.94 -20.50
CA GLY A 227 17.34 -9.43 -19.31
C GLY A 227 16.34 -9.95 -18.30
N LEU A 228 15.14 -10.21 -18.79
CA LEU A 228 14.16 -11.08 -18.14
C LEU A 228 14.30 -12.51 -18.68
N ILE A 229 14.32 -13.49 -17.76
CA ILE A 229 14.25 -14.93 -18.11
C ILE A 229 12.91 -15.17 -18.84
N THR A 230 11.82 -14.89 -18.14
CA THR A 230 10.46 -14.93 -18.71
C THR A 230 9.83 -13.53 -18.57
N THR A 231 9.07 -13.13 -19.62
CA THR A 231 8.25 -11.92 -19.56
C THR A 231 7.03 -12.18 -18.66
N LEU A 232 6.41 -11.11 -18.14
CA LEU A 232 5.25 -11.24 -17.25
C LEU A 232 4.04 -11.75 -18.08
N HIS A 233 3.76 -13.07 -17.99
CA HIS A 233 2.67 -13.72 -18.77
C HIS A 233 1.32 -13.43 -18.11
N TYR A 234 1.25 -13.58 -16.77
CA TYR A 234 0.03 -13.16 -16.00
C TYR A 234 0.38 -13.07 -14.50
N PRO A 235 -0.34 -12.23 -13.69
CA PRO A 235 -0.13 -12.20 -12.23
C PRO A 235 -0.86 -13.36 -11.51
N ALA A 236 -0.19 -13.96 -10.51
CA ALA A 236 -0.84 -14.92 -9.60
C ALA A 236 -1.94 -14.17 -8.83
N PRO A 237 -3.24 -14.59 -8.98
CA PRO A 237 -4.38 -13.80 -8.47
C PRO A 237 -4.39 -13.74 -6.92
N LYS A 238 -4.77 -12.56 -6.39
CA LYS A 238 -4.92 -12.31 -4.95
C LYS A 238 -6.06 -13.17 -4.36
N ARG A 239 -6.01 -13.41 -3.04
CA ARG A 239 -6.98 -14.27 -2.31
C ARG A 239 -8.46 -13.98 -2.67
N ASN A 240 -8.76 -12.70 -2.96
CA ASN A 240 -10.06 -12.24 -3.50
C ASN A 240 -9.96 -12.19 -5.05
N LYS A 241 -9.99 -13.41 -5.66
CA LYS A 241 -9.81 -13.61 -7.11
C LYS A 241 -11.01 -13.06 -7.90
N PRO A 242 -10.80 -12.56 -9.16
CA PRO A 242 -11.89 -12.14 -10.06
C PRO A 242 -12.76 -13.34 -10.53
N THR A 243 -14.03 -13.06 -10.90
CA THR A 243 -15.00 -14.09 -11.30
C THR A 243 -14.53 -14.84 -12.58
N VAL A 244 -13.89 -14.09 -13.51
CA VAL A 244 -13.32 -14.66 -14.74
C VAL A 244 -12.12 -13.81 -15.21
N TYR A 245 -11.00 -14.50 -15.52
CA TYR A 245 -9.84 -13.91 -16.20
C TYR A 245 -8.95 -15.04 -16.76
N GLY A 246 -8.73 -15.04 -18.08
CA GLY A 246 -7.83 -15.99 -18.73
C GLY A 246 -8.07 -16.07 -20.23
N VAL A 247 -7.30 -15.29 -21.00
CA VAL A 247 -7.31 -15.34 -22.49
C VAL A 247 -5.92 -15.76 -22.99
N SER A 248 -5.90 -16.82 -23.80
CA SER A 248 -4.70 -17.32 -24.48
C SER A 248 -5.07 -17.65 -25.94
N PRO A 249 -5.23 -16.59 -26.81
CA PRO A 249 -5.75 -16.75 -28.19
C PRO A 249 -4.71 -17.34 -29.17
N ASN A 250 -3.45 -17.46 -28.72
CA ASN A 250 -2.35 -17.97 -29.55
C ASN A 250 -2.46 -19.51 -29.71
N TYR A 251 -3.09 -19.93 -30.81
CA TYR A 251 -3.15 -21.33 -31.25
C TYR A 251 -1.79 -21.72 -31.88
N ASP A 252 -1.10 -22.70 -31.26
CA ASP A 252 0.30 -23.01 -31.58
C ASP A 252 0.43 -24.06 -32.70
N LYS A 253 1.17 -23.65 -33.75
CA LYS A 253 1.62 -24.51 -34.85
C LYS A 253 2.89 -23.84 -35.43
N TRP A 254 4.02 -24.54 -35.30
CA TRP A 254 5.34 -24.01 -35.65
C TRP A 254 5.89 -24.73 -36.90
N GLU A 255 5.84 -26.07 -36.86
CA GLU A 255 6.32 -26.94 -37.94
C GLU A 255 5.80 -28.36 -37.60
N MET A 1 19.27 3.08 4.18
CA MET A 1 19.86 2.23 5.24
C MET A 1 19.01 2.33 6.51
N GLY A 2 19.44 1.62 7.57
CA GLY A 2 18.73 1.61 8.84
C GLY A 2 17.64 0.55 8.92
N GLN A 3 16.96 0.50 10.07
CA GLN A 3 15.87 -0.44 10.36
C GLN A 3 15.11 0.02 11.61
N GLN A 4 15.83 0.05 12.75
CA GLN A 4 15.26 0.20 14.11
C GLN A 4 14.19 -0.91 14.37
N PRO A 5 14.61 -2.15 14.77
CA PRO A 5 13.67 -3.28 14.95
C PRO A 5 12.84 -3.13 16.25
N GLY A 6 11.53 -2.89 16.08
CA GLY A 6 10.61 -2.82 17.22
C GLY A 6 10.30 -4.19 17.82
N LYS A 7 9.00 -4.47 18.01
CA LYS A 7 8.51 -5.77 18.47
C LYS A 7 7.55 -6.34 17.43
N VAL A 8 7.25 -7.63 17.57
CA VAL A 8 6.19 -8.28 16.77
C VAL A 8 4.84 -7.78 17.29
N LEU A 9 4.30 -6.75 16.62
CA LEU A 9 2.99 -6.16 16.95
C LEU A 9 1.87 -7.23 16.89
N GLY A 10 1.05 -7.28 17.95
CA GLY A 10 -0.13 -8.13 17.98
C GLY A 10 -1.11 -7.76 16.86
N ASP A 11 -1.79 -8.76 16.29
CA ASP A 11 -2.69 -8.58 15.12
C ASP A 11 -4.14 -8.95 15.49
N GLN A 12 -4.47 -8.88 16.79
CA GLN A 12 -5.83 -9.19 17.32
C GLN A 12 -6.82 -8.03 17.01
N ARG A 13 -8.02 -8.10 17.61
CA ARG A 13 -9.01 -6.99 17.57
C ARG A 13 -8.43 -5.79 18.32
N ARG A 14 -8.47 -4.60 17.68
CA ARG A 14 -7.71 -3.42 18.10
C ARG A 14 -6.23 -3.84 18.30
N PRO A 15 -5.53 -4.17 17.16
CA PRO A 15 -4.17 -4.78 17.18
C PRO A 15 -3.17 -3.89 17.93
N SER A 16 -2.06 -4.49 18.41
CA SER A 16 -1.14 -3.77 19.29
C SER A 16 -0.45 -2.61 18.56
N LEU A 17 0.18 -1.73 19.34
CA LEU A 17 0.84 -0.54 18.81
C LEU A 17 2.35 -0.81 18.82
N PRO A 18 3.05 -0.66 17.65
CA PRO A 18 4.52 -0.81 17.56
C PRO A 18 5.27 0.36 18.20
N ALA A 19 6.61 0.28 18.22
CA ALA A 19 7.46 1.30 18.86
C ALA A 19 7.60 2.54 17.95
N LEU A 20 7.61 3.73 18.58
CA LEU A 20 7.76 5.01 17.87
C LEU A 20 9.26 5.34 17.73
N HIS A 21 9.86 4.90 16.61
CA HIS A 21 11.30 5.10 16.30
C HIS A 21 11.47 6.31 15.39
N PHE A 22 10.66 6.34 14.33
CA PHE A 22 10.69 7.40 13.31
C PHE A 22 9.53 8.37 13.58
N ILE A 23 9.87 9.59 14.04
CA ILE A 23 8.89 10.66 14.32
C ILE A 23 9.19 11.86 13.42
N LYS A 24 8.20 12.22 12.59
CA LYS A 24 8.20 13.47 11.82
C LYS A 24 7.11 14.38 12.39
N GLY A 25 7.39 15.70 12.43
CA GLY A 25 6.40 16.69 12.88
C GLY A 25 5.24 16.82 11.90
N ALA A 26 4.01 17.03 12.45
CA ALA A 26 2.79 17.14 11.64
C ALA A 26 2.72 18.51 10.94
N GLY A 27 3.45 18.60 9.81
CA GLY A 27 3.51 19.82 9.01
C GLY A 27 2.25 20.07 8.19
N LYS A 28 1.74 18.96 7.60
CA LYS A 28 0.51 18.90 6.77
C LYS A 28 0.69 19.59 5.40
N ARG A 29 0.10 19.00 4.35
CA ARG A 29 0.17 19.52 2.96
C ARG A 29 -1.21 19.56 2.31
N GLU A 30 -1.35 20.31 1.20
CA GLU A 30 -2.59 20.35 0.40
C GLU A 30 -2.61 19.10 -0.49
N SER A 31 -3.07 17.97 0.09
CA SER A 31 -3.11 16.66 -0.59
C SER A 31 -4.57 16.24 -0.85
N SER A 32 -4.88 15.96 -2.14
CA SER A 32 -6.18 15.40 -2.59
C SER A 32 -7.35 16.42 -2.45
N ARG A 33 -8.56 15.95 -2.79
CA ARG A 33 -9.82 16.70 -2.60
C ARG A 33 -10.56 16.15 -1.36
N HIS A 34 -11.32 17.03 -0.67
CA HIS A 34 -12.15 16.62 0.49
C HIS A 34 -13.27 15.64 0.08
N GLY A 35 -13.75 14.83 1.05
CA GLY A 35 -14.78 13.81 0.78
C GLY A 35 -15.48 13.34 2.05
N GLY A 36 -16.78 12.98 1.92
CA GLY A 36 -17.59 12.53 3.05
C GLY A 36 -17.28 11.08 3.46
N PRO A 37 -16.65 10.84 4.66
CA PRO A 37 -16.18 9.49 5.06
C PRO A 37 -17.29 8.64 5.72
N HIS A 38 -16.88 7.61 6.48
CA HIS A 38 -17.79 6.80 7.30
C HIS A 38 -17.34 6.91 8.78
N CYS A 39 -18.31 6.81 9.69
CA CYS A 39 -18.08 6.80 11.15
C CYS A 39 -19.07 5.85 11.82
N ASN A 40 -19.78 5.05 10.99
CA ASN A 40 -20.74 4.04 11.45
C ASN A 40 -20.03 2.86 12.14
N VAL A 41 -20.81 2.03 12.83
CA VAL A 41 -20.28 0.87 13.59
C VAL A 41 -19.94 -0.32 12.64
N PHE A 42 -18.86 -0.12 11.85
CA PHE A 42 -18.31 -1.14 10.96
C PHE A 42 -17.56 -2.22 11.77
N VAL A 43 -17.40 -3.39 11.16
CA VAL A 43 -16.80 -4.58 11.80
C VAL A 43 -15.26 -4.49 11.91
N GLU A 44 -14.69 -5.42 12.70
CA GLU A 44 -13.23 -5.68 12.76
C GLU A 44 -13.01 -7.12 13.27
N HIS A 45 -11.83 -7.72 12.98
CA HIS A 45 -11.56 -9.15 13.28
C HIS A 45 -11.46 -9.40 14.81
N GLU A 46 -12.60 -9.73 15.45
CA GLU A 46 -12.65 -9.91 16.91
C GLU A 46 -11.79 -11.11 17.35
N ALA A 47 -10.81 -10.82 18.20
CA ALA A 47 -9.77 -11.76 18.60
C ALA A 47 -9.09 -11.27 19.88
N LEU A 48 -8.82 -12.19 20.81
CA LEU A 48 -8.08 -11.90 22.05
C LEU A 48 -6.74 -12.64 22.02
N GLN A 49 -5.67 -11.94 21.58
CA GLN A 49 -4.29 -12.45 21.68
C GLN A 49 -3.96 -12.64 23.16
N ARG A 50 -4.11 -11.54 23.91
CA ARG A 50 -4.08 -11.56 25.37
C ARG A 50 -4.72 -10.26 25.87
N PRO A 51 -5.94 -10.34 26.50
CA PRO A 51 -6.58 -9.18 27.16
C PRO A 51 -5.95 -8.86 28.54
N VAL A 52 -6.75 -8.16 29.42
CA VAL A 52 -6.39 -7.79 30.82
C VAL A 52 -4.96 -7.18 30.93
N ALA A 53 -4.78 -6.08 30.16
CA ALA A 53 -3.50 -5.36 30.08
C ALA A 53 -3.76 -3.89 29.63
N SER A 54 -3.66 -2.94 30.58
CA SER A 54 -3.72 -1.50 30.31
C SER A 54 -2.76 -0.78 31.26
N ASP A 55 -1.47 -0.79 30.91
CA ASP A 55 -0.42 -0.02 31.62
C ASP A 55 -0.53 1.45 31.24
N PHE A 56 -0.23 1.75 29.96
CA PHE A 56 -0.46 3.08 29.40
C PHE A 56 -1.96 3.25 29.18
N GLU A 57 -2.49 4.39 29.64
CA GLU A 57 -3.93 4.63 29.82
C GLU A 57 -4.50 3.58 30.82
N PRO A 58 -4.05 3.64 32.13
CA PRO A 58 -4.40 2.62 33.16
C PRO A 58 -5.88 2.70 33.62
N GLN A 59 -6.56 3.76 33.17
CA GLN A 59 -8.00 3.98 33.40
C GLN A 59 -8.81 2.84 32.73
N GLY A 60 -8.32 2.42 31.54
CA GLY A 60 -8.91 1.31 30.78
C GLY A 60 -10.38 1.52 30.46
N LEU A 61 -10.70 2.70 29.93
CA LEU A 61 -12.09 3.10 29.66
C LEU A 61 -12.60 2.48 28.34
N SER A 62 -13.37 1.41 28.47
CA SER A 62 -14.02 0.71 27.36
C SER A 62 -15.51 1.09 27.30
N GLU A 63 -15.77 2.30 26.78
CA GLU A 63 -17.15 2.79 26.54
C GLU A 63 -17.82 1.98 25.40
N ALA A 64 -16.97 1.42 24.52
CA ALA A 64 -17.37 0.47 23.48
C ALA A 64 -17.64 -0.91 24.09
N ALA A 65 -18.80 -1.51 23.76
CA ALA A 65 -19.20 -2.84 24.24
C ALA A 65 -18.47 -3.96 23.49
N ARG A 66 -18.57 -5.19 24.01
CA ARG A 66 -17.94 -6.36 23.38
C ARG A 66 -18.84 -6.91 22.28
N TRP A 67 -18.83 -6.22 21.14
CA TRP A 67 -19.52 -6.67 19.93
C TRP A 67 -18.54 -7.52 19.13
N ASN A 68 -18.64 -8.83 19.32
CA ASN A 68 -17.77 -9.81 18.66
C ASN A 68 -18.13 -9.89 17.18
N SER A 69 -17.48 -9.02 16.38
CA SER A 69 -17.74 -8.86 14.95
C SER A 69 -16.79 -9.74 14.12
N LYS A 70 -17.36 -10.44 13.14
CA LYS A 70 -16.61 -11.28 12.20
C LYS A 70 -17.20 -11.10 10.78
N GLU A 71 -16.55 -10.21 10.03
CA GLU A 71 -16.92 -9.83 8.67
C GLU A 71 -15.76 -9.01 8.09
N ASN A 72 -15.57 -9.05 6.77
CA ASN A 72 -14.59 -8.22 6.06
C ASN A 72 -15.14 -7.88 4.68
N LEU A 73 -14.76 -6.71 4.13
CA LEU A 73 -15.20 -6.28 2.79
C LEU A 73 -13.97 -5.93 1.95
N LEU A 74 -14.07 -6.13 0.61
CA LEU A 74 -12.97 -5.82 -0.34
C LEU A 74 -12.76 -4.29 -0.46
N ALA A 75 -11.56 -3.90 -0.94
CA ALA A 75 -11.16 -2.49 -1.07
C ALA A 75 -12.00 -1.75 -2.14
N GLY A 76 -12.14 -0.43 -1.97
CA GLY A 76 -12.90 0.44 -2.90
C GLY A 76 -12.44 0.29 -4.36
N PRO A 77 -13.32 -0.26 -5.28
CA PRO A 77 -12.91 -0.64 -6.66
C PRO A 77 -12.16 0.46 -7.44
N SER A 78 -12.82 1.63 -7.62
CA SER A 78 -12.25 2.75 -8.38
C SER A 78 -12.80 4.09 -7.90
N GLU A 79 -11.92 5.11 -7.82
CA GLU A 79 -12.28 6.49 -7.48
C GLU A 79 -11.18 7.46 -7.97
N ASN A 80 -11.41 8.77 -7.84
CA ASN A 80 -10.53 9.83 -8.39
C ASN A 80 -9.46 10.30 -7.36
N ASP A 81 -8.94 9.37 -6.52
CA ASP A 81 -7.86 9.69 -5.56
C ASP A 81 -6.86 8.51 -5.44
N PRO A 82 -5.60 8.66 -6.00
CA PRO A 82 -4.58 7.57 -6.03
C PRO A 82 -4.13 7.09 -4.62
N ASN A 83 -3.80 8.06 -3.73
CA ASN A 83 -3.24 7.76 -2.38
C ASN A 83 -4.35 7.68 -1.33
N LEU A 84 -5.46 7.02 -1.71
CA LEU A 84 -6.64 6.88 -0.86
C LEU A 84 -6.56 5.59 -0.02
N PHE A 85 -6.42 5.80 1.29
CA PHE A 85 -6.42 4.75 2.32
C PHE A 85 -7.73 4.80 3.12
N VAL A 86 -7.93 3.87 4.05
CA VAL A 86 -9.05 3.90 5.00
C VAL A 86 -8.63 3.28 6.33
N ALA A 87 -9.24 3.78 7.43
CA ALA A 87 -9.11 3.20 8.76
C ALA A 87 -10.10 2.03 8.91
N LEU A 88 -9.57 0.81 9.04
CA LEU A 88 -10.38 -0.40 9.31
C LEU A 88 -10.65 -0.56 10.81
N TYR A 89 -9.92 0.23 11.63
CA TYR A 89 -9.95 0.11 13.11
C TYR A 89 -10.04 1.50 13.74
N ASP A 90 -10.74 1.56 14.88
CA ASP A 90 -10.75 2.73 15.78
C ASP A 90 -9.33 3.02 16.30
N PHE A 91 -8.95 4.30 16.35
CA PHE A 91 -7.66 4.72 16.94
C PHE A 91 -7.78 6.15 17.47
N VAL A 92 -7.63 6.29 18.79
CA VAL A 92 -7.51 7.59 19.46
C VAL A 92 -6.01 7.98 19.48
N ALA A 93 -5.71 9.26 19.23
CA ALA A 93 -4.32 9.77 19.25
C ALA A 93 -3.77 9.73 20.68
N SER A 94 -2.74 8.92 20.90
CA SER A 94 -2.06 8.79 22.20
C SER A 94 -1.16 10.02 22.48
N GLY A 95 -0.86 10.77 21.40
CA GLY A 95 -0.12 12.04 21.47
C GLY A 95 -0.41 12.92 20.27
N ASP A 96 0.26 14.10 20.21
CA ASP A 96 0.12 15.05 19.09
C ASP A 96 0.84 14.53 17.83
N ASN A 97 1.88 13.71 18.05
CA ASN A 97 2.67 13.08 16.98
C ASN A 97 1.86 12.00 16.23
N THR A 98 0.83 11.44 16.90
CA THR A 98 -0.06 10.43 16.30
C THR A 98 -1.38 11.08 15.82
N LEU A 99 -2.04 10.41 14.87
CA LEU A 99 -3.29 10.89 14.26
C LEU A 99 -4.47 10.03 14.71
N SER A 100 -5.44 10.63 15.42
CA SER A 100 -6.70 9.97 15.78
C SER A 100 -7.50 9.72 14.51
N ILE A 101 -7.76 8.43 14.21
CA ILE A 101 -8.52 8.02 13.02
C ILE A 101 -9.73 7.18 13.46
N THR A 102 -10.91 7.53 12.94
CA THR A 102 -12.13 6.77 13.21
C THR A 102 -12.30 5.68 12.13
N LYS A 103 -12.78 4.49 12.54
CA LYS A 103 -13.09 3.39 11.63
C LYS A 103 -14.11 3.83 10.57
N GLY A 104 -13.69 3.81 9.30
CA GLY A 104 -14.53 4.19 8.17
C GLY A 104 -14.07 5.48 7.51
N GLU A 105 -13.30 6.28 8.25
CA GLU A 105 -12.72 7.52 7.71
C GLU A 105 -11.60 7.17 6.74
N LYS A 106 -11.65 7.74 5.53
CA LYS A 106 -10.64 7.49 4.50
C LYS A 106 -9.44 8.41 4.71
N LEU A 107 -8.27 7.79 4.77
CA LEU A 107 -7.02 8.44 5.19
C LEU A 107 -6.19 8.77 3.93
N ARG A 108 -5.16 9.60 4.09
CA ARG A 108 -4.13 9.80 3.02
C ARG A 108 -2.77 9.60 3.66
N VAL A 109 -2.10 8.48 3.36
CA VAL A 109 -0.80 8.17 3.94
C VAL A 109 0.29 8.61 2.97
N LEU A 110 1.10 9.58 3.41
CA LEU A 110 2.16 10.19 2.60
C LEU A 110 3.39 9.26 2.54
N GLY A 111 3.52 8.41 3.57
CA GLY A 111 4.55 7.37 3.62
C GLY A 111 4.47 6.58 4.93
N TYR A 112 5.07 5.39 4.94
CA TYR A 112 5.11 4.53 6.15
C TYR A 112 6.44 4.77 6.90
N ASN A 113 6.53 4.19 8.10
CA ASN A 113 7.77 3.99 8.85
C ASN A 113 8.64 2.98 8.07
N HIS A 114 9.97 3.15 8.09
CA HIS A 114 10.93 2.32 7.30
C HIS A 114 10.86 0.83 7.68
N ASN A 115 10.68 0.58 8.98
CA ASN A 115 10.57 -0.79 9.54
C ASN A 115 9.13 -1.35 9.32
N GLY A 116 8.20 -0.47 8.92
CA GLY A 116 6.81 -0.84 8.61
C GLY A 116 5.91 -0.86 9.83
N GLU A 117 6.32 -0.13 10.86
CA GLU A 117 5.62 -0.07 12.15
C GLU A 117 4.38 0.86 12.05
N TRP A 118 4.65 2.17 11.97
CA TRP A 118 3.65 3.22 11.88
C TRP A 118 3.58 3.75 10.44
N ALA A 119 2.74 4.76 10.21
CA ALA A 119 2.58 5.38 8.89
C ALA A 119 2.20 6.85 9.06
N GLU A 120 2.97 7.75 8.40
CA GLU A 120 2.66 9.20 8.38
C GLU A 120 1.41 9.43 7.51
N ALA A 121 0.26 9.48 8.18
CA ALA A 121 -1.04 9.67 7.55
C ALA A 121 -1.55 11.07 7.77
N GLN A 122 -2.53 11.49 6.97
CA GLN A 122 -3.13 12.82 7.04
C GLN A 122 -4.63 12.71 6.72
N THR A 123 -5.46 13.37 7.55
CA THR A 123 -6.92 13.38 7.42
C THR A 123 -7.48 14.79 7.72
N LYS A 124 -8.82 14.88 7.80
CA LYS A 124 -9.53 16.08 8.28
C LYS A 124 -9.16 16.42 9.75
N ASN A 125 -8.62 15.40 10.45
CA ASN A 125 -8.18 15.52 11.86
C ASN A 125 -6.73 16.05 11.94
N GLY A 126 -6.11 16.35 10.79
CA GLY A 126 -4.75 16.90 10.76
C GLY A 126 -3.77 15.91 10.15
N GLN A 127 -2.64 15.67 10.83
CA GLN A 127 -1.60 14.71 10.38
C GLN A 127 -0.96 14.01 11.59
N GLY A 128 -0.42 12.80 11.40
CA GLY A 128 0.31 12.08 12.43
C GLY A 128 0.54 10.62 12.09
N TRP A 129 1.19 9.89 13.00
CA TRP A 129 1.57 8.49 12.81
C TRP A 129 0.45 7.56 13.29
N VAL A 130 0.04 6.64 12.41
CA VAL A 130 -0.98 5.61 12.68
C VAL A 130 -0.38 4.22 12.36
N PRO A 131 -0.73 3.13 13.09
CA PRO A 131 -0.14 1.79 12.83
C PRO A 131 -0.65 1.19 11.50
N SER A 132 0.26 0.51 10.78
CA SER A 132 -0.04 -0.13 9.47
C SER A 132 -1.14 -1.22 9.59
N ASN A 133 -1.37 -1.72 10.82
CA ASN A 133 -2.42 -2.72 11.12
C ASN A 133 -3.83 -2.10 11.06
N TYR A 134 -3.91 -0.79 11.33
CA TYR A 134 -5.20 -0.06 11.45
C TYR A 134 -5.68 0.50 10.10
N ILE A 135 -4.81 0.47 9.08
CA ILE A 135 -5.06 1.15 7.78
C ILE A 135 -5.00 0.15 6.62
N THR A 136 -5.57 0.54 5.46
CA THR A 136 -5.37 -0.19 4.18
C THR A 136 -5.62 0.75 2.98
N PRO A 137 -4.83 0.63 1.85
CA PRO A 137 -5.10 1.38 0.61
C PRO A 137 -6.30 0.78 -0.16
N VAL A 138 -7.30 1.63 -0.50
CA VAL A 138 -8.53 1.16 -1.20
C VAL A 138 -8.41 1.35 -2.73
N ASN A 139 -8.04 2.55 -3.19
CA ASN A 139 -8.00 2.89 -4.65
C ASN A 139 -6.59 2.62 -5.26
N SER A 140 -5.78 1.81 -4.54
CA SER A 140 -4.39 1.50 -4.94
C SER A 140 -4.31 0.72 -6.28
N LEU A 141 -3.06 0.45 -6.70
CA LEU A 141 -2.72 -0.28 -7.94
C LEU A 141 -3.19 -1.75 -7.90
N GLU A 142 -3.57 -2.24 -6.69
CA GLU A 142 -4.15 -3.59 -6.50
C GLU A 142 -5.53 -3.72 -7.23
N LYS A 143 -6.04 -2.58 -7.73
CA LYS A 143 -7.17 -2.51 -8.68
C LYS A 143 -6.88 -3.37 -9.93
N HIS A 144 -5.59 -3.60 -10.20
CA HIS A 144 -5.12 -4.49 -11.27
C HIS A 144 -4.74 -5.86 -10.68
N SER A 145 -5.02 -6.92 -11.44
CA SER A 145 -4.82 -8.31 -10.98
C SER A 145 -3.32 -8.66 -10.76
N TRP A 146 -2.41 -7.82 -11.31
CA TRP A 146 -0.96 -8.01 -11.15
C TRP A 146 -0.43 -7.53 -9.79
N TYR A 147 -0.96 -6.40 -9.28
CA TYR A 147 -0.50 -5.84 -7.99
C TYR A 147 -1.36 -6.39 -6.86
N HIS A 148 -0.73 -6.71 -5.72
CA HIS A 148 -1.45 -7.22 -4.53
C HIS A 148 -0.95 -6.60 -3.21
N GLY A 149 -0.45 -5.34 -3.26
CA GLY A 149 -0.24 -4.52 -2.05
C GLY A 149 0.99 -4.89 -1.20
N PRO A 150 1.14 -4.30 0.04
CA PRO A 150 2.18 -4.68 1.00
C PRO A 150 1.88 -6.05 1.65
N VAL A 151 2.57 -7.11 1.19
CA VAL A 151 2.33 -8.49 1.63
C VAL A 151 3.67 -9.25 1.80
N SER A 152 3.65 -10.31 2.63
CA SER A 152 4.78 -11.20 2.87
C SER A 152 5.23 -11.94 1.59
N ARG A 153 6.56 -12.15 1.51
CA ARG A 153 7.23 -12.98 0.48
C ARG A 153 6.64 -14.42 0.44
N ASN A 154 6.21 -14.94 1.61
CA ASN A 154 5.65 -16.29 1.75
C ASN A 154 4.31 -16.39 1.00
N ALA A 155 3.39 -15.45 1.29
CA ALA A 155 2.04 -15.41 0.68
C ALA A 155 2.12 -15.08 -0.82
N ALA A 156 3.11 -14.24 -1.17
CA ALA A 156 3.45 -13.91 -2.56
C ALA A 156 3.80 -15.18 -3.35
N GLU A 157 4.75 -15.95 -2.81
CA GLU A 157 5.22 -17.20 -3.43
C GLU A 157 4.12 -18.29 -3.40
N TYR A 158 3.23 -18.20 -2.41
CA TYR A 158 2.10 -19.14 -2.27
C TYR A 158 1.08 -18.95 -3.41
N LEU A 159 0.70 -17.70 -3.72
CA LEU A 159 -0.18 -17.42 -4.87
C LEU A 159 0.53 -17.74 -6.19
N LEU A 160 1.84 -17.42 -6.25
CA LEU A 160 2.70 -17.68 -7.42
C LEU A 160 2.92 -19.20 -7.64
N SER A 161 2.74 -19.99 -6.57
CA SER A 161 2.83 -21.46 -6.63
C SER A 161 1.71 -22.05 -7.53
N SER A 162 0.61 -21.29 -7.69
CA SER A 162 -0.52 -21.65 -8.57
C SER A 162 -0.26 -21.16 -10.03
N GLY A 163 0.87 -20.47 -10.25
CA GLY A 163 1.22 -19.92 -11.57
C GLY A 163 1.94 -20.90 -12.49
N ILE A 164 2.11 -20.49 -13.76
CA ILE A 164 2.78 -21.29 -14.82
C ILE A 164 3.82 -20.43 -15.59
N ASN A 165 4.29 -20.91 -16.78
CA ASN A 165 5.39 -20.28 -17.55
C ASN A 165 5.11 -18.80 -17.96
N GLY A 166 5.74 -17.86 -17.22
CA GLY A 166 5.56 -16.42 -17.44
C GLY A 166 4.65 -15.76 -16.40
N SER A 167 4.38 -16.50 -15.30
CA SER A 167 3.51 -16.01 -14.23
C SER A 167 4.25 -15.00 -13.37
N PHE A 168 3.56 -13.94 -12.93
CA PHE A 168 4.18 -12.93 -12.05
C PHE A 168 3.21 -12.39 -11.00
N LEU A 169 3.79 -11.78 -9.95
CA LEU A 169 3.08 -11.01 -8.92
C LEU A 169 3.93 -9.80 -8.54
N VAL A 170 3.30 -8.63 -8.43
CA VAL A 170 3.96 -7.42 -7.94
C VAL A 170 3.36 -7.08 -6.58
N ARG A 171 4.19 -7.18 -5.51
CA ARG A 171 3.75 -6.90 -4.12
C ARG A 171 4.91 -6.18 -3.42
N GLU A 172 4.62 -5.20 -2.53
CA GLU A 172 5.67 -4.49 -1.79
C GLU A 172 5.89 -5.12 -0.41
N SER A 173 7.04 -4.83 0.20
CA SER A 173 7.39 -5.39 1.52
C SER A 173 6.73 -4.55 2.64
N GLU A 174 6.13 -5.24 3.63
CA GLU A 174 5.53 -4.62 4.82
C GLU A 174 6.64 -4.07 5.74
N SER A 175 7.71 -4.87 5.86
CA SER A 175 8.87 -4.58 6.74
C SER A 175 9.90 -3.65 6.05
N SER A 176 9.70 -3.44 4.73
CA SER A 176 10.47 -2.49 3.92
C SER A 176 9.52 -1.78 2.93
N PRO A 177 8.58 -0.93 3.43
CA PRO A 177 7.53 -0.29 2.59
C PRO A 177 8.08 0.82 1.69
N GLY A 178 7.43 0.96 0.52
CA GLY A 178 7.93 1.79 -0.58
C GLY A 178 8.91 1.03 -1.48
N GLN A 179 9.58 0.01 -0.91
CA GLN A 179 10.41 -0.95 -1.64
C GLN A 179 9.53 -2.14 -2.04
N ARG A 180 9.42 -2.35 -3.35
CA ARG A 180 8.52 -3.35 -3.93
C ARG A 180 9.31 -4.57 -4.44
N SER A 181 8.60 -5.63 -4.81
CA SER A 181 9.20 -6.87 -5.33
C SER A 181 8.30 -7.49 -6.41
N ILE A 182 8.93 -8.10 -7.44
CA ILE A 182 8.21 -8.92 -8.42
C ILE A 182 8.68 -10.37 -8.25
N SER A 183 7.72 -11.28 -8.34
CA SER A 183 7.92 -12.70 -8.18
C SER A 183 7.58 -13.38 -9.52
N LEU A 184 8.59 -14.00 -10.17
CA LEU A 184 8.41 -14.69 -11.48
C LEU A 184 8.40 -16.21 -11.30
N ARG A 185 7.55 -16.86 -12.09
CA ARG A 185 7.53 -18.31 -12.24
C ARG A 185 7.50 -18.65 -13.73
N TYR A 186 8.45 -19.49 -14.13
CA TYR A 186 8.61 -19.95 -15.51
C TYR A 186 9.22 -21.35 -15.45
N GLU A 187 8.78 -22.25 -16.35
CA GLU A 187 9.18 -23.71 -16.39
C GLU A 187 8.94 -24.45 -15.04
N GLY A 188 8.10 -23.89 -14.14
CA GLY A 188 7.88 -24.42 -12.79
C GLY A 188 8.98 -24.01 -11.80
N ARG A 189 9.79 -23.02 -12.21
CA ARG A 189 10.90 -22.46 -11.43
C ARG A 189 10.46 -21.10 -10.85
N VAL A 190 10.62 -20.92 -9.53
CA VAL A 190 10.21 -19.71 -8.80
C VAL A 190 11.45 -18.89 -8.38
N TYR A 191 11.55 -17.67 -8.91
CA TYR A 191 12.65 -16.74 -8.65
C TYR A 191 12.08 -15.31 -8.50
N HIS A 192 12.64 -14.54 -7.56
CA HIS A 192 12.11 -13.23 -7.14
C HIS A 192 13.20 -12.17 -7.29
N TYR A 193 12.81 -10.92 -7.53
CA TYR A 193 13.75 -9.79 -7.56
C TYR A 193 13.11 -8.53 -6.96
N ARG A 194 13.94 -7.78 -6.22
CA ARG A 194 13.54 -6.52 -5.56
C ARG A 194 13.49 -5.37 -6.58
N ILE A 195 12.39 -4.64 -6.55
CA ILE A 195 12.27 -3.35 -7.20
C ILE A 195 13.05 -2.33 -6.36
N ASN A 196 14.18 -1.91 -6.90
CA ASN A 196 15.04 -0.89 -6.30
C ASN A 196 14.34 0.46 -6.45
N THR A 197 13.80 0.98 -5.35
CA THR A 197 13.12 2.26 -5.33
C THR A 197 14.10 3.37 -4.97
N ALA A 198 14.23 4.36 -5.87
CA ALA A 198 15.00 5.58 -5.62
C ALA A 198 14.38 6.38 -4.46
N SER A 199 15.21 7.18 -3.77
CA SER A 199 14.79 7.97 -2.61
C SER A 199 13.69 9.01 -2.97
N ASP A 200 13.64 9.36 -4.27
CA ASP A 200 12.66 10.31 -4.86
C ASP A 200 11.24 9.71 -4.92
N GLY A 201 11.12 8.38 -4.75
CA GLY A 201 9.84 7.67 -4.87
C GLY A 201 9.68 6.95 -6.21
N LYS A 202 10.69 7.11 -7.09
CA LYS A 202 10.71 6.48 -8.42
C LYS A 202 11.23 5.05 -8.31
N LEU A 203 10.86 4.21 -9.28
CA LEU A 203 11.10 2.76 -9.24
C LEU A 203 12.10 2.35 -10.33
N TYR A 204 12.86 1.26 -10.06
CA TYR A 204 13.72 0.59 -11.06
C TYR A 204 14.11 -0.81 -10.56
N VAL A 205 14.76 -1.59 -11.44
CA VAL A 205 15.29 -2.93 -11.12
C VAL A 205 16.74 -2.99 -11.63
N SER A 206 16.90 -2.73 -12.95
CA SER A 206 18.21 -2.51 -13.56
C SER A 206 18.72 -1.10 -13.19
N SER A 207 20.05 -0.92 -13.16
CA SER A 207 20.68 0.37 -12.83
C SER A 207 20.27 1.47 -13.84
N GLU A 208 20.15 1.07 -15.12
CA GLU A 208 19.81 1.99 -16.23
C GLU A 208 18.28 2.23 -16.32
N SER A 209 17.48 1.31 -15.73
CA SER A 209 16.02 1.46 -15.69
C SER A 209 15.62 2.70 -14.85
N ARG A 210 14.65 3.48 -15.37
CA ARG A 210 14.10 4.67 -14.71
C ARG A 210 12.58 4.71 -14.95
N PHE A 211 11.77 4.44 -13.91
CA PHE A 211 10.30 4.49 -14.01
C PHE A 211 9.76 5.50 -12.99
N ASN A 212 8.82 6.33 -13.41
CA ASN A 212 8.14 7.29 -12.52
C ASN A 212 6.97 6.60 -11.80
N THR A 213 6.34 5.59 -12.45
CA THR A 213 5.25 4.79 -11.86
C THR A 213 5.48 3.28 -12.06
N LEU A 214 4.76 2.49 -11.24
CA LEU A 214 4.79 1.03 -11.26
C LEU A 214 4.10 0.48 -12.50
N ALA A 215 3.18 1.26 -13.07
CA ALA A 215 2.48 0.91 -14.32
C ALA A 215 3.47 0.90 -15.50
N GLU A 216 4.37 1.91 -15.51
CA GLU A 216 5.48 2.00 -16.47
C GLU A 216 6.44 0.84 -16.26
N LEU A 217 6.76 0.56 -14.98
CA LEU A 217 7.62 -0.55 -14.60
C LEU A 217 7.05 -1.91 -15.10
N VAL A 218 5.76 -2.15 -14.89
CA VAL A 218 5.12 -3.45 -15.18
C VAL A 218 4.94 -3.66 -16.69
N HIS A 219 4.55 -2.61 -17.43
CA HIS A 219 4.46 -2.69 -18.91
C HIS A 219 5.84 -2.96 -19.53
N HIS A 220 6.85 -2.20 -19.06
CA HIS A 220 8.24 -2.36 -19.49
C HIS A 220 8.69 -3.81 -19.26
N HIS A 221 8.54 -4.28 -18.03
CA HIS A 221 8.91 -5.64 -17.63
C HIS A 221 8.03 -6.71 -18.34
N SER A 222 6.83 -6.32 -18.78
CA SER A 222 5.93 -7.21 -19.54
C SER A 222 6.40 -7.40 -20.98
N THR A 223 7.18 -6.43 -21.51
CA THR A 223 7.71 -6.52 -22.90
C THR A 223 9.24 -6.75 -23.04
N VAL A 224 10.09 -6.42 -22.02
CA VAL A 224 11.57 -6.32 -22.25
C VAL A 224 12.38 -7.59 -21.95
N ALA A 225 13.54 -7.60 -22.61
CA ALA A 225 14.55 -8.66 -22.66
C ALA A 225 15.62 -8.51 -21.55
N ASP A 226 15.51 -7.45 -20.74
CA ASP A 226 16.58 -6.57 -20.21
C ASP A 226 17.36 -7.18 -19.00
N GLY A 227 17.20 -8.51 -18.80
CA GLY A 227 17.66 -9.23 -17.61
C GLY A 227 16.50 -9.88 -16.91
N LEU A 228 15.40 -10.01 -17.66
CA LEU A 228 14.28 -10.87 -17.36
C LEU A 228 14.45 -12.21 -18.04
N ILE A 229 14.36 -13.31 -17.27
CA ILE A 229 14.37 -14.68 -17.79
C ILE A 229 13.09 -14.91 -18.61
N THR A 230 11.98 -14.37 -18.09
CA THR A 230 10.71 -14.27 -18.82
C THR A 230 10.15 -12.85 -18.63
N THR A 231 9.56 -12.31 -19.70
CA THR A 231 8.75 -11.10 -19.63
C THR A 231 7.48 -11.40 -18.80
N LEU A 232 6.91 -10.38 -18.14
CA LEU A 232 5.66 -10.55 -17.36
C LEU A 232 4.54 -10.96 -18.35
N HIS A 233 4.18 -12.26 -18.36
CA HIS A 233 3.23 -12.82 -19.34
C HIS A 233 1.80 -12.70 -18.76
N TYR A 234 1.59 -13.31 -17.60
CA TYR A 234 0.26 -13.31 -16.92
C TYR A 234 0.40 -13.42 -15.39
N PRO A 235 -0.45 -12.70 -14.58
CA PRO A 235 -0.35 -12.75 -13.11
C PRO A 235 -0.85 -14.10 -12.55
N ALA A 236 -0.38 -14.44 -11.33
CA ALA A 236 -0.85 -15.63 -10.61
C ALA A 236 -2.29 -15.40 -10.12
N PRO A 237 -3.21 -16.39 -10.32
CA PRO A 237 -4.65 -16.25 -9.99
C PRO A 237 -4.91 -15.99 -8.49
N LYS A 238 -5.76 -14.99 -8.21
CA LYS A 238 -6.27 -14.70 -6.85
C LYS A 238 -7.23 -15.80 -6.39
N ARG A 239 -7.47 -15.88 -5.05
CA ARG A 239 -8.38 -16.88 -4.44
C ARG A 239 -9.80 -16.86 -5.08
N ASN A 240 -10.24 -15.67 -5.52
CA ASN A 240 -11.46 -15.52 -6.32
C ASN A 240 -11.13 -15.91 -7.78
N LYS A 241 -11.18 -17.24 -8.04
CA LYS A 241 -10.68 -17.91 -9.27
C LYS A 241 -11.04 -17.20 -10.60
N PRO A 242 -10.05 -16.48 -11.24
CA PRO A 242 -10.23 -15.83 -12.54
C PRO A 242 -9.47 -16.55 -13.71
N THR A 243 -10.21 -17.27 -14.56
CA THR A 243 -9.64 -17.88 -15.79
C THR A 243 -9.84 -16.93 -16.99
N VAL A 244 -9.00 -17.09 -18.04
CA VAL A 244 -9.07 -16.29 -19.28
C VAL A 244 -8.34 -17.04 -20.41
N TYR A 245 -8.88 -16.93 -21.65
CA TYR A 245 -8.39 -17.67 -22.83
C TYR A 245 -7.61 -16.74 -23.76
N GLY A 246 -6.27 -16.89 -23.74
CA GLY A 246 -5.36 -16.10 -24.57
C GLY A 246 -5.23 -16.65 -25.98
N VAL A 247 -6.26 -16.38 -26.80
CA VAL A 247 -6.32 -16.83 -28.21
C VAL A 247 -5.21 -16.14 -29.06
N SER A 248 -4.73 -16.85 -30.09
CA SER A 248 -3.58 -16.41 -30.90
C SER A 248 -3.68 -16.95 -32.34
N PRO A 249 -3.32 -16.13 -33.38
CA PRO A 249 -3.18 -16.63 -34.77
C PRO A 249 -1.97 -17.59 -34.90
N ASN A 250 -2.08 -18.60 -35.79
CA ASN A 250 -0.97 -19.53 -36.09
C ASN A 250 0.22 -18.76 -36.70
N TYR A 251 1.20 -18.44 -35.86
CA TYR A 251 2.46 -17.80 -36.28
C TYR A 251 3.62 -18.32 -35.40
N ASP A 252 3.39 -19.46 -34.72
CA ASP A 252 4.39 -20.08 -33.84
C ASP A 252 5.48 -20.82 -34.66
N LYS A 253 6.66 -20.97 -34.06
CA LYS A 253 7.80 -21.70 -34.66
C LYS A 253 8.11 -22.94 -33.80
N TRP A 254 8.92 -23.87 -34.35
CA TRP A 254 9.36 -25.07 -33.62
C TRP A 254 10.34 -24.65 -32.51
N GLU A 255 11.40 -23.95 -32.94
CA GLU A 255 12.41 -23.33 -32.10
C GLU A 255 13.40 -22.58 -33.03
N MET A 1 18.74 -4.04 8.52
CA MET A 1 17.30 -3.73 8.55
C MET A 1 16.63 -4.54 9.67
N GLY A 2 16.43 -3.88 10.83
CA GLY A 2 15.69 -4.45 11.95
C GLY A 2 14.21 -4.53 11.63
N GLN A 3 13.84 -5.57 10.85
CA GLN A 3 12.48 -5.75 10.31
C GLN A 3 11.48 -6.22 11.41
N GLN A 4 12.04 -6.67 12.55
CA GLN A 4 11.27 -7.21 13.70
C GLN A 4 10.54 -8.53 13.35
N PRO A 5 10.14 -9.35 14.37
CA PRO A 5 9.20 -10.49 14.16
C PRO A 5 7.82 -9.99 13.64
N GLY A 6 7.49 -8.74 14.02
CA GLY A 6 6.22 -8.11 13.67
C GLY A 6 5.11 -8.53 14.62
N LYS A 7 4.72 -9.83 14.52
CA LYS A 7 3.69 -10.46 15.37
C LYS A 7 2.36 -9.70 15.23
N VAL A 8 1.95 -9.54 13.96
CA VAL A 8 0.72 -8.83 13.58
C VAL A 8 -0.26 -9.81 12.89
N LEU A 9 -1.32 -10.16 13.63
CA LEU A 9 -2.34 -11.11 13.15
C LEU A 9 -3.41 -10.35 12.34
N GLY A 10 -3.06 -10.08 11.06
CA GLY A 10 -3.84 -9.21 10.17
C GLY A 10 -5.25 -9.73 9.87
N ASP A 11 -5.40 -11.07 9.79
CA ASP A 11 -6.69 -11.74 9.48
C ASP A 11 -7.50 -12.03 10.75
N GLN A 12 -7.66 -10.98 11.57
CA GLN A 12 -8.54 -10.96 12.74
C GLN A 12 -9.33 -9.64 12.73
N ARG A 13 -10.53 -9.67 13.36
CA ARG A 13 -11.31 -8.45 13.62
C ARG A 13 -10.56 -7.63 14.68
N ARG A 14 -10.13 -6.41 14.30
CA ARG A 14 -9.23 -5.56 15.08
C ARG A 14 -7.88 -6.29 15.30
N PRO A 15 -7.03 -6.40 14.22
CA PRO A 15 -5.71 -7.10 14.28
C PRO A 15 -4.79 -6.50 15.36
N SER A 16 -3.76 -7.28 15.76
CA SER A 16 -2.88 -6.87 16.87
C SER A 16 -2.06 -5.62 16.48
N LEU A 17 -1.46 -4.98 17.49
CA LEU A 17 -0.71 -3.73 17.32
C LEU A 17 0.78 -4.02 17.47
N PRO A 18 1.65 -3.55 16.52
CA PRO A 18 3.12 -3.63 16.68
C PRO A 18 3.61 -2.71 17.82
N ALA A 19 4.90 -2.81 18.16
CA ALA A 19 5.48 -2.03 19.26
C ALA A 19 5.74 -0.58 18.80
N LEU A 20 5.55 0.37 19.73
CA LEU A 20 5.77 1.81 19.47
C LEU A 20 7.26 2.11 19.68
N HIS A 21 8.02 2.02 18.58
CA HIS A 21 9.46 2.30 18.57
C HIS A 21 9.70 3.74 18.12
N PHE A 22 9.05 4.08 16.99
CA PHE A 22 9.17 5.39 16.35
C PHE A 22 7.92 6.23 16.66
N ILE A 23 8.11 7.29 17.48
CA ILE A 23 7.03 8.18 17.94
C ILE A 23 7.27 9.59 17.42
N LYS A 24 6.36 10.02 16.52
CA LYS A 24 6.33 11.37 15.94
C LYS A 24 7.71 11.82 15.39
N GLY A 25 8.27 10.98 14.53
CA GLY A 25 9.49 11.29 13.79
C GLY A 25 9.17 12.07 12.52
N ALA A 26 8.43 13.18 12.69
CA ALA A 26 7.95 14.02 11.59
C ALA A 26 9.07 14.95 11.11
N GLY A 27 9.92 14.42 10.21
CA GLY A 27 10.95 15.21 9.53
C GLY A 27 10.36 16.10 8.43
N LYS A 28 9.07 15.84 8.12
CA LYS A 28 8.33 16.55 7.08
C LYS A 28 7.43 17.63 7.73
N ARG A 29 7.80 18.91 7.55
CA ARG A 29 7.04 20.07 8.08
C ARG A 29 6.04 20.59 7.04
N GLU A 30 5.74 19.73 6.05
CA GLU A 30 4.86 20.04 4.90
C GLU A 30 3.42 19.54 5.16
N SER A 31 3.11 19.30 6.44
CA SER A 31 1.77 18.93 6.91
C SER A 31 0.83 20.13 6.79
N SER A 32 -0.45 19.87 6.44
CA SER A 32 -1.44 20.94 6.20
C SER A 32 -1.75 21.71 7.51
N ARG A 33 -1.18 22.93 7.62
CA ARG A 33 -1.32 23.79 8.82
C ARG A 33 -2.19 25.02 8.50
N HIS A 34 -2.62 25.74 9.56
CA HIS A 34 -3.52 26.91 9.43
C HIS A 34 -2.78 28.12 8.85
N GLY A 35 -3.35 28.70 7.79
CA GLY A 35 -2.84 29.91 7.15
C GLY A 35 -3.83 30.43 6.11
N GLY A 36 -4.68 31.38 6.52
CA GLY A 36 -5.73 31.96 5.65
C GLY A 36 -5.81 33.48 5.76
N PRO A 37 -4.87 34.24 5.10
CA PRO A 37 -4.86 35.73 5.11
C PRO A 37 -5.97 36.30 4.22
N HIS A 38 -6.74 37.28 4.73
CA HIS A 38 -7.83 37.94 3.96
C HIS A 38 -7.27 38.88 2.88
N CYS A 39 -8.12 39.19 1.89
CA CYS A 39 -7.76 40.04 0.74
C CYS A 39 -9.03 40.61 0.09
N ASN A 40 -8.88 41.79 -0.55
CA ASN A 40 -9.93 42.41 -1.36
C ASN A 40 -10.23 41.52 -2.59
N VAL A 41 -11.27 40.67 -2.48
CA VAL A 41 -11.68 39.75 -3.54
C VAL A 41 -12.45 40.53 -4.63
N PHE A 42 -11.69 41.05 -5.60
CA PHE A 42 -12.21 41.72 -6.81
C PHE A 42 -11.60 41.03 -8.04
N VAL A 43 -12.46 40.61 -8.97
CA VAL A 43 -12.04 39.91 -10.21
C VAL A 43 -12.09 40.89 -11.40
N GLU A 44 -11.26 40.62 -12.41
CA GLU A 44 -11.21 41.37 -13.67
C GLU A 44 -10.64 40.44 -14.75
N HIS A 45 -10.88 40.71 -16.04
CA HIS A 45 -10.30 39.90 -17.15
C HIS A 45 -8.79 40.17 -17.33
N GLU A 46 -8.33 41.32 -16.77
CA GLU A 46 -6.95 41.79 -16.89
C GLU A 46 -6.46 42.33 -15.52
N ALA A 47 -5.12 42.45 -15.37
CA ALA A 47 -4.44 43.03 -14.19
C ALA A 47 -4.56 42.10 -12.95
N LEU A 48 -4.76 40.78 -13.19
CA LEU A 48 -4.82 39.79 -12.11
C LEU A 48 -3.41 39.30 -11.72
N GLN A 49 -2.67 40.14 -10.99
CA GLN A 49 -1.43 39.72 -10.32
C GLN A 49 -1.78 39.20 -8.92
N ARG A 50 -1.38 37.95 -8.65
CA ARG A 50 -1.70 37.21 -7.42
C ARG A 50 -0.60 37.46 -6.35
N PRO A 51 -0.86 38.35 -5.33
CA PRO A 51 0.14 38.69 -4.30
C PRO A 51 0.19 37.63 -3.17
N VAL A 52 1.35 37.01 -2.99
CA VAL A 52 1.56 35.96 -1.97
C VAL A 52 2.01 36.62 -0.65
N ALA A 53 1.21 36.46 0.41
CA ALA A 53 1.52 36.99 1.76
C ALA A 53 2.83 36.37 2.29
N SER A 54 3.62 37.19 3.01
CA SER A 54 4.93 36.79 3.54
C SER A 54 4.80 35.57 4.47
N ASP A 55 5.55 34.51 4.15
CA ASP A 55 5.56 33.25 4.92
C ASP A 55 6.01 33.53 6.36
N PHE A 56 5.01 33.68 7.26
CA PHE A 56 5.24 33.90 8.70
C PHE A 56 6.05 32.75 9.30
N GLU A 57 5.76 31.54 8.80
CA GLU A 57 6.37 30.29 9.25
C GLU A 57 6.05 30.05 10.74
N PRO A 58 4.77 29.68 11.07
CA PRO A 58 4.36 29.37 12.46
C PRO A 58 5.31 28.32 13.10
N GLN A 59 5.97 28.73 14.18
CA GLN A 59 6.97 27.91 14.89
C GLN A 59 6.32 26.63 15.48
N GLY A 60 5.02 26.74 15.83
CA GLY A 60 4.23 25.61 16.30
C GLY A 60 4.41 25.33 17.78
N LEU A 61 3.28 25.18 18.49
CA LEU A 61 3.27 24.86 19.92
C LEU A 61 2.90 23.38 20.09
N SER A 62 3.89 22.57 20.51
CA SER A 62 3.75 21.11 20.65
C SER A 62 2.87 20.78 21.89
N GLU A 63 1.59 20.49 21.63
CA GLU A 63 0.59 20.19 22.67
C GLU A 63 -0.04 18.80 22.40
N ALA A 64 0.07 17.92 23.38
CA ALA A 64 -0.38 16.52 23.25
C ALA A 64 -1.81 16.37 23.80
N ALA A 65 -2.76 16.93 23.05
CA ALA A 65 -4.19 16.92 23.39
C ALA A 65 -4.80 15.53 23.15
N ARG A 66 -5.36 14.93 24.21
CA ARG A 66 -6.02 13.61 24.15
C ARG A 66 -7.50 13.71 24.57
N TRP A 67 -7.94 14.94 24.94
CA TRP A 67 -9.35 15.20 25.30
C TRP A 67 -10.21 15.20 24.03
N ASN A 68 -10.71 14.00 23.67
CA ASN A 68 -11.53 13.77 22.46
C ASN A 68 -13.02 14.05 22.76
N SER A 69 -13.32 15.32 23.08
CA SER A 69 -14.70 15.81 23.23
C SER A 69 -15.48 15.66 21.90
N LYS A 70 -14.72 15.81 20.81
CA LYS A 70 -15.17 15.58 19.44
C LYS A 70 -14.54 14.27 18.93
N GLU A 71 -15.38 13.40 18.35
CA GLU A 71 -14.93 12.12 17.77
C GLU A 71 -15.34 12.05 16.28
N ASN A 72 -14.71 11.12 15.55
CA ASN A 72 -14.93 10.97 14.10
C ASN A 72 -16.01 9.91 13.82
N LEU A 73 -17.00 10.29 13.00
CA LEU A 73 -18.06 9.39 12.48
C LEU A 73 -18.28 9.69 11.01
N LEU A 74 -18.36 10.99 10.70
CA LEU A 74 -18.58 11.48 9.32
C LEU A 74 -17.28 11.32 8.52
N ALA A 75 -17.27 10.31 7.66
CA ALA A 75 -16.09 9.87 6.91
C ALA A 75 -16.15 10.36 5.46
N GLY A 76 -15.76 11.64 5.25
CA GLY A 76 -15.68 12.22 3.90
C GLY A 76 -14.79 13.47 3.84
N PRO A 77 -13.43 13.35 4.07
CA PRO A 77 -12.48 14.48 3.92
C PRO A 77 -12.18 14.81 2.43
N SER A 78 -11.68 16.03 2.19
CA SER A 78 -11.31 16.50 0.84
C SER A 78 -10.02 15.82 0.34
N GLU A 79 -10.10 15.19 -0.85
CA GLU A 79 -8.96 14.55 -1.51
C GLU A 79 -8.43 15.46 -2.63
N ASN A 80 -7.11 15.44 -2.83
CA ASN A 80 -6.40 16.21 -3.87
C ASN A 80 -4.98 15.62 -4.00
N ASP A 81 -4.87 14.31 -3.72
CA ASP A 81 -3.58 13.65 -3.47
C ASP A 81 -3.61 12.17 -3.95
N PRO A 82 -2.48 11.64 -4.53
CA PRO A 82 -2.35 10.21 -4.91
C PRO A 82 -2.00 9.29 -3.71
N ASN A 83 -1.61 9.91 -2.57
CA ASN A 83 -1.21 9.22 -1.31
C ASN A 83 -2.44 8.97 -0.42
N LEU A 84 -3.57 8.65 -1.07
CA LEU A 84 -4.86 8.50 -0.41
C LEU A 84 -5.06 7.05 0.07
N PHE A 85 -5.09 6.90 1.39
CA PHE A 85 -5.39 5.65 2.10
C PHE A 85 -6.82 5.70 2.63
N VAL A 86 -7.27 4.60 3.22
CA VAL A 86 -8.54 4.54 3.96
C VAL A 86 -8.35 3.66 5.21
N ALA A 87 -9.08 4.00 6.28
CA ALA A 87 -9.13 3.18 7.50
C ALA A 87 -10.11 2.01 7.29
N LEU A 88 -9.63 0.79 7.58
CA LEU A 88 -10.43 -0.46 7.54
C LEU A 88 -11.13 -0.69 8.88
N TYR A 89 -10.57 -0.10 9.95
CA TYR A 89 -11.10 -0.24 11.32
C TYR A 89 -11.10 1.12 12.02
N ASP A 90 -11.90 1.24 13.09
CA ASP A 90 -11.86 2.40 13.99
C ASP A 90 -10.71 2.20 14.98
N PHE A 91 -9.81 3.16 15.01
CA PHE A 91 -8.65 3.18 15.91
C PHE A 91 -8.66 4.50 16.68
N VAL A 92 -8.81 4.42 18.01
CA VAL A 92 -8.79 5.59 18.90
C VAL A 92 -7.34 6.02 19.18
N ALA A 93 -7.07 7.33 19.19
CA ALA A 93 -5.76 7.89 19.51
C ALA A 93 -5.48 7.80 21.02
N SER A 94 -4.28 7.32 21.38
CA SER A 94 -3.77 7.35 22.74
C SER A 94 -3.32 8.79 23.11
N GLY A 95 -2.94 9.56 22.08
CA GLY A 95 -2.51 10.95 22.26
C GLY A 95 -2.02 11.56 20.96
N ASP A 96 -1.00 12.44 21.04
CA ASP A 96 -0.36 13.08 19.86
C ASP A 96 0.47 12.07 19.04
N ASN A 97 0.91 10.99 19.72
CA ASN A 97 1.75 9.92 19.13
C ASN A 97 0.98 9.10 18.09
N THR A 98 -0.36 9.14 18.21
CA THR A 98 -1.27 8.35 17.38
C THR A 98 -2.38 9.25 16.80
N LEU A 99 -3.01 8.78 15.71
CA LEU A 99 -4.16 9.48 15.10
C LEU A 99 -5.43 8.65 15.32
N SER A 100 -6.51 9.34 15.70
CA SER A 100 -7.83 8.73 15.83
C SER A 100 -8.44 8.66 14.42
N ILE A 101 -8.61 7.44 13.89
CA ILE A 101 -9.19 7.20 12.56
C ILE A 101 -10.45 6.36 12.69
N THR A 102 -11.32 6.43 11.68
CA THR A 102 -12.57 5.64 11.65
C THR A 102 -12.71 4.95 10.30
N LYS A 103 -13.27 3.73 10.31
CA LYS A 103 -13.53 2.93 9.10
C LYS A 103 -14.33 3.74 8.07
N GLY A 104 -13.78 3.85 6.85
CA GLY A 104 -14.42 4.60 5.76
C GLY A 104 -13.77 5.96 5.51
N GLU A 105 -13.08 6.51 6.53
CA GLU A 105 -12.39 7.80 6.42
C GLU A 105 -11.09 7.63 5.64
N LYS A 106 -10.88 8.52 4.66
CA LYS A 106 -9.69 8.54 3.83
C LYS A 106 -8.55 9.26 4.56
N LEU A 107 -7.39 8.60 4.65
CA LEU A 107 -6.26 9.05 5.46
C LEU A 107 -5.14 9.56 4.55
N ARG A 108 -4.59 10.76 4.81
CA ARG A 108 -3.40 11.23 4.07
C ARG A 108 -2.14 10.81 4.84
N VAL A 109 -1.43 9.79 4.32
CA VAL A 109 -0.24 9.24 4.97
C VAL A 109 1.00 9.88 4.35
N LEU A 110 1.77 10.61 5.19
CA LEU A 110 3.04 11.24 4.78
C LEU A 110 4.13 10.16 4.59
N GLY A 111 3.98 9.05 5.31
CA GLY A 111 4.86 7.89 5.18
C GLY A 111 4.73 6.95 6.36
N TYR A 112 5.43 5.82 6.28
CA TYR A 112 5.52 4.85 7.38
C TYR A 112 6.80 5.15 8.17
N ASN A 113 6.99 4.49 9.33
CA ASN A 113 8.25 4.58 10.08
C ASN A 113 9.33 3.71 9.39
N HIS A 114 10.55 3.71 9.94
CA HIS A 114 11.72 3.07 9.29
C HIS A 114 11.56 1.52 9.20
N ASN A 115 10.62 0.95 9.96
CA ASN A 115 10.31 -0.49 9.90
C ASN A 115 8.92 -0.75 9.26
N GLY A 116 8.15 0.33 9.02
CA GLY A 116 6.84 0.24 8.39
C GLY A 116 5.74 -0.31 9.29
N GLU A 117 5.96 -0.22 10.62
CA GLU A 117 5.03 -0.70 11.65
C GLU A 117 3.83 0.28 11.77
N TRP A 118 4.19 1.55 12.00
CA TRP A 118 3.23 2.66 12.22
C TRP A 118 3.44 3.70 11.12
N ALA A 119 2.33 4.15 10.53
CA ALA A 119 2.30 5.12 9.43
C ALA A 119 1.70 6.45 9.91
N GLU A 120 2.43 7.57 9.68
CA GLU A 120 1.95 8.91 10.05
C GLU A 120 0.91 9.41 9.05
N ALA A 121 -0.36 9.40 9.48
CA ALA A 121 -1.49 9.89 8.70
C ALA A 121 -1.98 11.24 9.23
N GLN A 122 -2.77 11.94 8.40
CA GLN A 122 -3.39 13.22 8.74
C GLN A 122 -4.80 13.26 8.12
N THR A 123 -5.80 13.65 8.93
CA THR A 123 -7.21 13.77 8.54
C THR A 123 -7.85 14.97 9.24
N LYS A 124 -9.20 15.04 9.18
CA LYS A 124 -10.03 16.04 9.89
C LYS A 124 -9.81 15.99 11.42
N ASN A 125 -9.27 14.86 11.89
CA ASN A 125 -9.05 14.56 13.32
C ASN A 125 -7.67 15.06 13.81
N GLY A 126 -6.83 15.56 12.87
CA GLY A 126 -5.47 16.03 13.21
C GLY A 126 -4.41 15.21 12.51
N GLN A 127 -3.28 14.94 13.21
CA GLN A 127 -2.14 14.19 12.65
C GLN A 127 -1.51 13.28 13.73
N GLY A 128 -1.15 12.05 13.32
CA GLY A 128 -0.49 11.08 14.21
C GLY A 128 -0.28 9.75 13.52
N TRP A 129 0.26 8.77 14.27
CA TRP A 129 0.68 7.47 13.72
C TRP A 129 -0.38 6.39 13.98
N VAL A 130 -0.64 5.57 12.96
CA VAL A 130 -1.66 4.51 13.00
C VAL A 130 -1.04 3.20 12.49
N PRO A 131 -1.51 2.00 12.96
CA PRO A 131 -0.94 0.72 12.53
C PRO A 131 -1.31 0.42 11.05
N SER A 132 -0.32 -0.06 10.28
CA SER A 132 -0.48 -0.38 8.84
C SER A 132 -1.55 -1.47 8.58
N ASN A 133 -1.92 -2.22 9.64
CA ASN A 133 -2.96 -3.27 9.59
C ASN A 133 -4.37 -2.66 9.46
N TYR A 134 -4.52 -1.41 9.94
CA TYR A 134 -5.82 -0.70 10.01
C TYR A 134 -6.01 0.27 8.84
N ILE A 135 -5.05 0.29 7.89
CA ILE A 135 -5.08 1.21 6.74
C ILE A 135 -4.84 0.43 5.44
N THR A 136 -5.29 1.01 4.30
CA THR A 136 -5.01 0.46 2.96
C THR A 136 -5.09 1.59 1.89
N PRO A 137 -4.12 1.68 0.93
CA PRO A 137 -4.11 2.73 -0.11
C PRO A 137 -5.15 2.47 -1.21
N VAL A 138 -6.14 3.40 -1.34
CA VAL A 138 -7.28 3.24 -2.29
C VAL A 138 -6.99 3.88 -3.65
N ASN A 139 -6.25 5.00 -3.65
CA ASN A 139 -5.95 5.78 -4.87
C ASN A 139 -4.54 5.44 -5.38
N SER A 140 -4.00 4.31 -4.90
CA SER A 140 -2.68 3.80 -5.30
C SER A 140 -2.81 2.81 -6.47
N LEU A 141 -1.66 2.25 -6.86
CA LEU A 141 -1.52 1.21 -7.89
C LEU A 141 -2.21 -0.12 -7.49
N GLU A 142 -2.60 -0.22 -6.19
CA GLU A 142 -3.32 -1.39 -5.62
C GLU A 142 -4.64 -1.71 -6.38
N LYS A 143 -5.20 -0.69 -7.07
CA LYS A 143 -6.41 -0.84 -7.93
C LYS A 143 -6.17 -1.89 -9.05
N HIS A 144 -4.88 -2.17 -9.34
CA HIS A 144 -4.44 -3.24 -10.23
C HIS A 144 -4.11 -4.47 -9.38
N SER A 145 -4.62 -5.64 -9.78
CA SER A 145 -4.46 -6.88 -9.03
C SER A 145 -3.01 -7.45 -9.06
N TRP A 146 -2.12 -6.83 -9.86
CA TRP A 146 -0.69 -7.18 -9.86
C TRP A 146 0.06 -6.51 -8.71
N TYR A 147 -0.44 -5.35 -8.25
CA TYR A 147 0.19 -4.61 -7.14
C TYR A 147 -0.50 -5.00 -5.84
N HIS A 148 0.28 -5.55 -4.90
CA HIS A 148 -0.26 -6.03 -3.61
C HIS A 148 0.24 -5.17 -2.43
N GLY A 149 0.96 -4.05 -2.73
CA GLY A 149 1.44 -3.14 -1.70
C GLY A 149 2.57 -3.71 -0.83
N PRO A 150 2.71 -3.28 0.46
CA PRO A 150 3.76 -3.80 1.39
C PRO A 150 3.52 -5.28 1.74
N VAL A 151 4.31 -6.19 1.13
CA VAL A 151 4.09 -7.65 1.27
C VAL A 151 5.36 -8.35 1.79
N SER A 152 5.16 -9.32 2.71
CA SER A 152 6.22 -10.21 3.20
C SER A 152 6.66 -11.20 2.12
N ARG A 153 7.86 -11.76 2.31
CA ARG A 153 8.40 -12.81 1.43
C ARG A 153 7.52 -14.08 1.50
N ASN A 154 7.00 -14.38 2.71
CA ASN A 154 6.13 -15.54 2.95
C ASN A 154 4.79 -15.37 2.20
N ALA A 155 4.15 -14.19 2.42
CA ALA A 155 2.88 -13.84 1.75
C ALA A 155 3.03 -13.88 0.22
N ALA A 156 4.17 -13.35 -0.25
CA ALA A 156 4.53 -13.34 -1.67
C ALA A 156 4.55 -14.74 -2.25
N GLU A 157 5.39 -15.61 -1.68
CA GLU A 157 5.57 -16.98 -2.18
C GLU A 157 4.29 -17.83 -1.97
N TYR A 158 3.51 -17.50 -0.93
CA TYR A 158 2.23 -18.17 -0.63
C TYR A 158 1.24 -17.97 -1.79
N LEU A 159 1.02 -16.70 -2.16
CA LEU A 159 0.11 -16.35 -3.27
C LEU A 159 0.68 -16.84 -4.63
N LEU A 160 2.02 -16.72 -4.76
CA LEU A 160 2.73 -16.97 -6.04
C LEU A 160 2.75 -18.47 -6.41
N SER A 161 2.75 -19.34 -5.37
CA SER A 161 2.75 -20.82 -5.55
C SER A 161 1.42 -21.33 -6.15
N SER A 162 0.37 -20.48 -6.09
CA SER A 162 -0.94 -20.75 -6.74
C SER A 162 -0.90 -20.36 -8.24
N GLY A 163 0.29 -19.94 -8.72
CA GLY A 163 0.49 -19.56 -10.11
C GLY A 163 1.20 -20.64 -10.93
N ILE A 164 1.43 -20.34 -12.22
CA ILE A 164 2.10 -21.26 -13.18
C ILE A 164 3.20 -20.48 -13.94
N ASN A 165 3.68 -21.02 -15.07
CA ASN A 165 4.72 -20.37 -15.90
C ASN A 165 4.38 -18.89 -16.24
N GLY A 166 5.18 -17.96 -15.68
CA GLY A 166 4.99 -16.53 -15.92
C GLY A 166 4.10 -15.84 -14.89
N SER A 167 3.84 -16.51 -13.75
CA SER A 167 3.02 -15.89 -12.69
C SER A 167 3.89 -14.90 -11.91
N PHE A 168 3.35 -13.69 -11.62
CA PHE A 168 4.15 -12.64 -10.94
C PHE A 168 3.37 -11.93 -9.84
N LEU A 169 4.13 -11.25 -8.96
CA LEU A 169 3.58 -10.32 -7.95
C LEU A 169 4.48 -9.07 -7.90
N VAL A 170 3.88 -7.89 -7.90
CA VAL A 170 4.62 -6.62 -7.73
C VAL A 170 4.27 -6.07 -6.34
N ARG A 171 5.31 -5.96 -5.51
CA ARG A 171 5.18 -5.62 -4.08
C ARG A 171 6.13 -4.46 -3.76
N GLU A 172 5.92 -3.83 -2.60
CA GLU A 172 6.94 -2.98 -1.96
C GLU A 172 7.32 -3.63 -0.61
N SER A 173 8.47 -3.20 -0.07
CA SER A 173 9.01 -3.71 1.20
C SER A 173 8.26 -3.07 2.39
N GLU A 174 8.09 -3.88 3.43
CA GLU A 174 7.43 -3.49 4.68
C GLU A 174 8.34 -2.52 5.47
N SER A 175 9.64 -2.87 5.52
CA SER A 175 10.66 -2.12 6.29
C SER A 175 11.34 -1.04 5.43
N SER A 176 10.88 -0.88 4.18
CA SER A 176 11.40 0.14 3.26
C SER A 176 10.31 0.47 2.18
N PRO A 177 9.27 1.28 2.56
CA PRO A 177 8.18 1.68 1.63
C PRO A 177 8.70 2.51 0.43
N GLY A 178 8.16 2.20 -0.76
CA GLY A 178 8.55 2.84 -2.02
C GLY A 178 9.63 2.06 -2.77
N GLN A 179 10.40 1.26 -2.01
CA GLN A 179 11.40 0.33 -2.56
C GLN A 179 10.70 -0.99 -2.83
N ARG A 180 10.68 -1.40 -4.10
CA ARG A 180 9.79 -2.46 -4.59
C ARG A 180 10.56 -3.69 -5.08
N SER A 181 9.84 -4.80 -5.25
CA SER A 181 10.39 -6.09 -5.68
C SER A 181 9.29 -6.88 -6.42
N ILE A 182 9.68 -7.51 -7.55
CA ILE A 182 8.77 -8.42 -8.32
C ILE A 182 9.20 -9.87 -8.07
N SER A 183 8.19 -10.75 -7.97
CA SER A 183 8.36 -12.16 -7.69
C SER A 183 7.82 -12.97 -8.88
N LEU A 184 8.70 -13.71 -9.58
CA LEU A 184 8.34 -14.55 -10.74
C LEU A 184 8.34 -16.03 -10.37
N ARG A 185 7.38 -16.77 -10.97
CA ARG A 185 7.30 -18.22 -10.88
C ARG A 185 7.06 -18.81 -12.28
N TYR A 186 7.87 -19.83 -12.62
CA TYR A 186 7.72 -20.63 -13.84
C TYR A 186 8.31 -22.03 -13.59
N GLU A 187 7.63 -23.07 -14.10
CA GLU A 187 8.05 -24.51 -13.96
C GLU A 187 8.21 -24.95 -12.49
N GLY A 188 7.52 -24.27 -11.56
CA GLY A 188 7.60 -24.57 -10.13
C GLY A 188 8.76 -23.86 -9.43
N ARG A 189 9.43 -22.95 -10.17
CA ARG A 189 10.61 -22.20 -9.70
C ARG A 189 10.18 -20.77 -9.33
N VAL A 190 10.46 -20.39 -8.07
CA VAL A 190 10.15 -19.06 -7.51
C VAL A 190 11.47 -18.30 -7.28
N TYR A 191 11.54 -17.07 -7.78
CA TYR A 191 12.65 -16.14 -7.54
C TYR A 191 12.11 -14.70 -7.47
N HIS A 192 12.89 -13.83 -6.82
CA HIS A 192 12.49 -12.44 -6.53
C HIS A 192 13.64 -11.54 -6.97
N TYR A 193 13.32 -10.37 -7.54
CA TYR A 193 14.34 -9.38 -7.92
C TYR A 193 13.85 -7.97 -7.57
N ARG A 194 14.81 -7.09 -7.26
CA ARG A 194 14.55 -5.74 -6.75
C ARG A 194 14.29 -4.75 -7.91
N ILE A 195 13.28 -3.90 -7.73
CA ILE A 195 13.06 -2.73 -8.56
C ILE A 195 13.96 -1.59 -8.05
N ASN A 196 14.97 -1.26 -8.85
CA ASN A 196 15.91 -0.16 -8.59
C ASN A 196 15.16 1.17 -8.71
N THR A 197 15.13 1.95 -7.63
CA THR A 197 14.43 3.24 -7.59
C THR A 197 15.45 4.39 -7.70
N ALA A 198 15.35 5.16 -8.78
CA ALA A 198 16.20 6.33 -9.07
C ALA A 198 15.97 7.47 -8.06
N SER A 199 16.88 8.45 -8.08
CA SER A 199 16.80 9.68 -7.25
C SER A 199 15.54 10.50 -7.60
N ASP A 200 15.13 10.39 -8.89
CA ASP A 200 13.96 11.09 -9.45
C ASP A 200 12.63 10.52 -8.91
N GLY A 201 12.70 9.35 -8.25
CA GLY A 201 11.50 8.58 -7.89
C GLY A 201 11.08 7.63 -9.01
N LYS A 202 11.89 7.60 -10.10
CA LYS A 202 11.69 6.67 -11.22
C LYS A 202 11.98 5.23 -10.77
N LEU A 203 11.45 4.27 -11.51
CA LEU A 203 11.58 2.85 -11.24
C LEU A 203 12.25 2.18 -12.45
N TYR A 204 13.07 1.17 -12.20
CA TYR A 204 13.70 0.35 -13.24
C TYR A 204 14.29 -0.93 -12.63
N VAL A 205 14.80 -1.81 -13.49
CA VAL A 205 15.44 -3.08 -13.09
C VAL A 205 16.69 -3.28 -13.96
N SER A 206 16.48 -3.22 -15.29
CA SER A 206 17.56 -3.29 -16.29
C SER A 206 18.37 -1.98 -16.30
N SER A 207 19.67 -2.09 -16.61
CA SER A 207 20.63 -0.97 -16.56
C SER A 207 20.25 0.17 -17.52
N GLU A 208 19.81 -0.19 -18.74
CA GLU A 208 19.47 0.79 -19.79
C GLU A 208 18.02 1.29 -19.64
N SER A 209 17.11 0.39 -19.22
CA SER A 209 15.67 0.70 -19.08
C SER A 209 15.40 1.71 -17.93
N ARG A 210 14.48 2.66 -18.18
CA ARG A 210 14.09 3.73 -17.22
C ARG A 210 12.58 3.99 -17.34
N PHE A 211 11.82 3.80 -16.24
CA PHE A 211 10.34 3.96 -16.26
C PHE A 211 9.95 5.09 -15.29
N ASN A 212 9.03 5.94 -15.74
CA ASN A 212 8.48 7.03 -14.91
C ASN A 212 7.32 6.49 -14.05
N THR A 213 6.65 5.41 -14.53
CA THR A 213 5.54 4.76 -13.82
C THR A 213 5.75 3.23 -13.74
N LEU A 214 5.25 2.67 -12.64
CA LEU A 214 5.31 1.23 -12.36
C LEU A 214 4.43 0.44 -13.34
N ALA A 215 3.36 1.07 -13.83
CA ALA A 215 2.44 0.45 -14.81
C ALA A 215 3.16 0.18 -16.14
N GLU A 216 4.04 1.14 -16.55
CA GLU A 216 4.89 0.97 -17.76
C GLU A 216 6.03 0.01 -17.48
N LEU A 217 6.54 -0.01 -16.22
CA LEU A 217 7.54 -1.02 -15.79
C LEU A 217 6.96 -2.44 -15.96
N VAL A 218 5.72 -2.63 -15.50
CA VAL A 218 5.04 -3.92 -15.49
C VAL A 218 4.70 -4.35 -16.92
N HIS A 219 4.17 -3.43 -17.75
CA HIS A 219 3.85 -3.73 -19.17
C HIS A 219 5.12 -4.12 -19.95
N HIS A 220 6.18 -3.33 -19.73
CA HIS A 220 7.51 -3.60 -20.30
C HIS A 220 7.91 -5.02 -19.94
N HIS A 221 7.87 -5.33 -18.64
CA HIS A 221 8.21 -6.67 -18.12
C HIS A 221 7.25 -7.77 -18.65
N SER A 222 6.02 -7.38 -19.01
CA SER A 222 5.04 -8.32 -19.60
C SER A 222 5.42 -8.69 -21.04
N THR A 223 6.09 -7.77 -21.76
CA THR A 223 6.43 -7.99 -23.19
C THR A 223 7.94 -8.24 -23.48
N VAL A 224 8.89 -7.92 -22.57
CA VAL A 224 10.33 -7.85 -22.95
C VAL A 224 11.19 -9.09 -22.61
N ALA A 225 12.16 -9.27 -23.50
CA ALA A 225 13.22 -10.29 -23.51
C ALA A 225 14.42 -9.90 -22.65
N ASP A 226 14.39 -8.70 -22.04
CA ASP A 226 15.46 -7.69 -21.88
C ASP A 226 16.47 -8.03 -20.71
N GLY A 227 16.41 -9.27 -20.23
CA GLY A 227 17.10 -9.72 -19.02
C GLY A 227 16.11 -10.26 -18.01
N LEU A 228 14.91 -10.53 -18.51
CA LEU A 228 13.92 -11.36 -17.84
C LEU A 228 14.10 -12.81 -18.24
N ILE A 229 14.05 -13.71 -17.25
CA ILE A 229 14.03 -15.15 -17.48
C ILE A 229 12.68 -15.53 -18.13
N THR A 230 11.60 -14.96 -17.60
CA THR A 230 10.24 -15.10 -18.16
C THR A 230 9.53 -13.74 -18.12
N THR A 231 8.73 -13.45 -19.16
CA THR A 231 7.87 -12.26 -19.23
C THR A 231 6.65 -12.46 -18.29
N LEU A 232 6.04 -11.35 -17.87
CA LEU A 232 4.88 -11.38 -16.96
C LEU A 232 3.64 -11.94 -17.73
N HIS A 233 3.32 -13.23 -17.48
CA HIS A 233 2.19 -13.92 -18.13
C HIS A 233 0.88 -13.53 -17.44
N TYR A 234 0.84 -13.62 -16.08
CA TYR A 234 -0.34 -13.14 -15.30
C TYR A 234 0.01 -13.01 -13.81
N PRO A 235 -0.67 -12.10 -13.03
CA PRO A 235 -0.41 -11.97 -11.58
C PRO A 235 -1.04 -13.12 -10.77
N ALA A 236 -0.37 -13.50 -9.68
CA ALA A 236 -0.89 -14.48 -8.73
C ALA A 236 -1.96 -13.82 -7.84
N PRO A 237 -3.03 -14.56 -7.44
CA PRO A 237 -4.20 -13.97 -6.76
C PRO A 237 -4.01 -13.81 -5.23
N LYS A 238 -4.97 -13.10 -4.63
CA LYS A 238 -5.12 -13.01 -3.15
C LYS A 238 -5.97 -14.20 -2.65
N ARG A 239 -5.94 -14.50 -1.33
CA ARG A 239 -6.77 -15.60 -0.72
C ARG A 239 -8.27 -15.43 -1.09
N ASN A 240 -8.67 -14.16 -1.28
CA ASN A 240 -10.01 -13.77 -1.75
C ASN A 240 -10.26 -14.32 -3.19
N LYS A 241 -11.44 -14.06 -3.74
CA LYS A 241 -11.76 -14.38 -5.14
C LYS A 241 -11.72 -13.09 -5.98
N PRO A 242 -10.55 -12.77 -6.64
CA PRO A 242 -10.42 -11.58 -7.48
C PRO A 242 -11.02 -11.82 -8.89
N THR A 243 -11.38 -10.73 -9.56
CA THR A 243 -11.99 -10.76 -10.88
C THR A 243 -11.16 -9.90 -11.86
N VAL A 244 -10.43 -10.58 -12.76
CA VAL A 244 -9.64 -9.94 -13.84
C VAL A 244 -9.90 -10.68 -15.16
N TYR A 245 -9.96 -9.91 -16.24
CA TYR A 245 -10.18 -10.43 -17.60
C TYR A 245 -9.58 -9.43 -18.60
N GLY A 246 -8.94 -9.97 -19.65
CA GLY A 246 -8.27 -9.15 -20.66
C GLY A 246 -6.77 -9.48 -20.71
N VAL A 247 -6.27 -9.78 -21.91
CA VAL A 247 -4.85 -10.09 -22.16
C VAL A 247 -4.54 -9.68 -23.62
N SER A 248 -3.35 -9.09 -23.84
CA SER A 248 -2.89 -8.67 -25.18
C SER A 248 -1.45 -9.19 -25.42
N PRO A 249 -1.28 -10.48 -25.87
CA PRO A 249 0.03 -11.04 -26.23
C PRO A 249 0.43 -10.61 -27.66
N ASN A 250 1.67 -10.12 -27.81
CA ASN A 250 2.19 -9.62 -29.08
C ASN A 250 2.67 -10.78 -29.96
N TYR A 251 2.31 -10.74 -31.26
CA TYR A 251 2.64 -11.80 -32.24
C TYR A 251 2.96 -11.15 -33.60
N ASP A 252 4.26 -11.05 -33.91
CA ASP A 252 4.73 -10.50 -35.20
C ASP A 252 6.19 -10.93 -35.43
N LYS A 253 6.68 -10.86 -36.68
CA LYS A 253 8.06 -11.24 -37.03
C LYS A 253 9.05 -10.22 -36.42
N TRP A 254 8.65 -8.93 -36.36
CA TRP A 254 9.45 -7.84 -35.76
C TRP A 254 8.52 -6.84 -35.05
N GLU A 255 9.08 -6.07 -34.12
CA GLU A 255 8.35 -5.07 -33.32
C GLU A 255 8.99 -3.67 -33.52
N MET A 1 16.97 -1.22 16.93
CA MET A 1 17.07 -2.15 15.79
C MET A 1 16.40 -3.48 16.17
N GLY A 2 15.38 -3.87 15.39
CA GLY A 2 14.64 -5.10 15.64
C GLY A 2 13.33 -5.12 14.89
N GLN A 3 13.11 -6.14 14.05
CA GLN A 3 11.83 -6.34 13.35
C GLN A 3 10.71 -6.56 14.39
N GLN A 4 10.93 -7.59 15.25
CA GLN A 4 10.05 -8.01 16.37
C GLN A 4 8.51 -7.83 16.13
N PRO A 5 7.94 -8.42 15.03
CA PRO A 5 6.51 -8.24 14.70
C PRO A 5 5.60 -9.10 15.60
N GLY A 6 6.08 -10.30 16.00
CA GLY A 6 5.36 -11.19 16.92
C GLY A 6 4.04 -11.72 16.35
N LYS A 7 2.97 -10.93 16.50
CA LYS A 7 1.63 -11.26 16.01
C LYS A 7 0.77 -9.97 15.88
N VAL A 8 1.45 -8.81 15.66
CA VAL A 8 0.76 -7.51 15.48
C VAL A 8 -0.16 -7.54 14.25
N LEU A 9 0.23 -8.32 13.24
CA LEU A 9 -0.59 -8.60 12.05
C LEU A 9 -1.09 -10.05 12.11
N GLY A 10 -2.36 -10.25 11.76
CA GLY A 10 -2.98 -11.57 11.73
C GLY A 10 -4.40 -11.49 11.18
N ASP A 11 -5.11 -12.63 11.17
CA ASP A 11 -6.51 -12.70 10.70
C ASP A 11 -7.48 -12.12 11.75
N GLN A 12 -6.97 -11.96 12.99
CA GLN A 12 -7.73 -11.45 14.13
C GLN A 12 -8.31 -10.04 13.85
N ARG A 13 -9.62 -9.88 14.09
CA ARG A 13 -10.28 -8.56 14.04
C ARG A 13 -9.67 -7.64 15.11
N ARG A 14 -9.43 -6.38 14.74
CA ARG A 14 -8.63 -5.45 15.54
C ARG A 14 -7.25 -6.07 15.85
N PRO A 15 -6.35 -6.21 14.80
CA PRO A 15 -4.99 -6.78 14.97
C PRO A 15 -4.16 -5.94 15.97
N SER A 16 -3.08 -6.51 16.54
CA SER A 16 -2.39 -5.88 17.67
C SER A 16 -1.65 -4.58 17.26
N LEU A 17 -1.24 -3.80 18.27
CA LEU A 17 -0.58 -2.49 18.06
C LEU A 17 0.93 -2.67 18.28
N PRO A 18 1.79 -2.23 17.30
CA PRO A 18 3.26 -2.25 17.48
C PRO A 18 3.71 -1.15 18.47
N ALA A 19 4.99 -1.19 18.85
CA ALA A 19 5.57 -0.16 19.72
C ALA A 19 6.01 1.07 18.90
N LEU A 20 5.91 2.26 19.51
CA LEU A 20 6.37 3.52 18.91
C LEU A 20 7.87 3.68 19.22
N HIS A 21 8.72 3.19 18.31
CA HIS A 21 10.19 3.30 18.47
C HIS A 21 10.71 4.50 17.68
N PHE A 22 10.28 4.59 16.41
CA PHE A 22 10.67 5.67 15.50
C PHE A 22 9.54 6.70 15.40
N ILE A 23 9.80 7.93 15.89
CA ILE A 23 8.83 9.04 15.86
C ILE A 23 9.42 10.16 15.00
N LYS A 24 8.76 10.41 13.87
CA LYS A 24 9.17 11.42 12.89
C LYS A 24 8.31 12.66 13.06
N GLY A 25 8.98 13.80 13.35
CA GLY A 25 8.30 15.08 13.54
C GLY A 25 7.77 15.65 12.23
N ALA A 26 6.45 15.82 12.15
CA ALA A 26 5.76 16.26 10.92
C ALA A 26 5.92 17.79 10.69
N GLY A 27 5.75 18.57 11.78
CA GLY A 27 5.78 20.03 11.71
C GLY A 27 4.65 20.59 10.86
N LYS A 28 4.98 20.93 9.60
CA LYS A 28 3.99 21.28 8.57
C LYS A 28 4.17 20.30 7.39
N ARG A 29 3.12 20.11 6.60
CA ARG A 29 3.10 19.08 5.53
C ARG A 29 2.67 19.69 4.18
N GLU A 30 3.06 19.03 3.07
CA GLU A 30 2.74 19.50 1.70
C GLU A 30 1.42 18.86 1.20
N SER A 31 0.66 18.20 2.11
CA SER A 31 -0.68 17.67 1.82
C SER A 31 -1.63 18.85 1.48
N SER A 32 -2.02 18.94 0.20
CA SER A 32 -2.86 20.02 -0.34
C SER A 32 -4.21 20.14 0.40
N ARG A 33 -4.44 21.30 1.05
CA ARG A 33 -5.67 21.55 1.83
C ARG A 33 -6.53 22.64 1.16
N HIS A 34 -7.76 22.78 1.66
CA HIS A 34 -8.69 23.87 1.25
C HIS A 34 -9.70 24.16 2.36
N GLY A 35 -10.44 25.26 2.21
CA GLY A 35 -11.48 25.65 3.16
C GLY A 35 -12.76 24.84 2.99
N GLY A 36 -13.68 24.96 3.96
CA GLY A 36 -14.96 24.24 3.93
C GLY A 36 -15.87 24.61 5.09
N PRO A 37 -17.00 23.84 5.31
CA PRO A 37 -18.05 24.14 6.34
C PRO A 37 -17.49 24.59 7.71
N HIS A 38 -18.04 25.70 8.24
CA HIS A 38 -17.64 26.31 9.52
C HIS A 38 -17.75 25.30 10.68
N CYS A 39 -16.59 24.82 11.14
CA CYS A 39 -16.46 24.10 12.41
C CYS A 39 -16.35 25.14 13.53
N ASN A 40 -16.93 24.84 14.70
CA ASN A 40 -16.91 25.75 15.86
C ASN A 40 -15.54 25.72 16.54
N VAL A 41 -14.58 26.40 15.91
CA VAL A 41 -13.21 26.55 16.42
C VAL A 41 -13.09 27.89 17.14
N PHE A 42 -12.29 27.94 18.21
CA PHE A 42 -12.04 29.18 18.97
C PHE A 42 -10.83 29.92 18.38
N VAL A 43 -10.94 31.25 18.26
CA VAL A 43 -9.88 32.10 17.70
C VAL A 43 -8.67 32.18 18.69
N GLU A 44 -7.54 31.58 18.27
CA GLU A 44 -6.31 31.54 19.08
C GLU A 44 -5.52 32.86 18.95
N HIS A 45 -5.59 33.48 17.75
CA HIS A 45 -4.85 34.72 17.44
C HIS A 45 -5.41 35.92 18.25
N GLU A 46 -6.68 35.81 18.68
CA GLU A 46 -7.29 36.80 19.57
C GLU A 46 -6.68 36.65 20.97
N ALA A 47 -6.14 37.76 21.49
CA ALA A 47 -5.50 37.82 22.81
C ALA A 47 -5.71 39.22 23.40
N LEU A 48 -4.71 40.12 23.25
CA LEU A 48 -4.73 41.53 23.71
C LEU A 48 -5.23 41.71 25.16
N GLN A 49 -6.57 41.65 25.32
CA GLN A 49 -7.28 41.76 26.60
C GLN A 49 -6.78 40.72 27.60
N ARG A 50 -6.52 39.49 27.10
CA ARG A 50 -6.22 38.30 27.94
C ARG A 50 -7.39 38.02 28.90
N PRO A 51 -8.42 37.23 28.45
CA PRO A 51 -9.54 36.81 29.31
C PRO A 51 -9.05 35.93 30.48
N VAL A 52 -8.69 36.59 31.61
CA VAL A 52 -8.22 35.91 32.82
C VAL A 52 -9.45 35.45 33.63
N ALA A 53 -10.10 34.40 33.13
CA ALA A 53 -11.24 33.78 33.78
C ALA A 53 -10.75 32.92 34.96
N SER A 54 -11.14 33.32 36.17
CA SER A 54 -10.77 32.61 37.40
C SER A 54 -11.46 31.24 37.43
N ASP A 55 -10.74 30.22 36.91
CA ASP A 55 -11.23 28.86 36.71
C ASP A 55 -11.37 28.14 38.06
N PHE A 56 -12.60 28.16 38.60
CA PHE A 56 -12.92 27.47 39.85
C PHE A 56 -14.05 26.46 39.58
N GLU A 57 -13.67 25.16 39.51
CA GLU A 57 -14.59 24.02 39.33
C GLU A 57 -15.39 24.11 37.99
N PRO A 58 -14.73 23.79 36.81
CA PRO A 58 -15.40 23.78 35.48
C PRO A 58 -16.66 22.87 35.45
N GLN A 59 -17.82 23.50 35.65
CA GLN A 59 -19.14 22.85 35.69
C GLN A 59 -20.01 23.40 34.56
N GLY A 60 -20.23 22.59 33.53
CA GLY A 60 -21.04 22.97 32.37
C GLY A 60 -21.61 21.76 31.66
N LEU A 61 -22.50 22.01 30.70
CA LEU A 61 -23.15 20.94 29.91
C LEU A 61 -22.44 20.78 28.55
N SER A 62 -22.18 19.53 28.13
CA SER A 62 -21.69 19.23 26.78
C SER A 62 -22.86 19.28 25.78
N GLU A 63 -23.21 20.53 25.39
CA GLU A 63 -24.37 20.82 24.54
C GLU A 63 -24.07 20.48 23.07
N ALA A 64 -25.05 19.83 22.41
CA ALA A 64 -24.95 19.45 20.99
C ALA A 64 -25.42 20.61 20.10
N ALA A 65 -24.52 21.56 19.85
CA ALA A 65 -24.78 22.70 18.96
C ALA A 65 -24.86 22.21 17.50
N ARG A 66 -26.09 22.13 16.96
CA ARG A 66 -26.38 21.59 15.62
C ARG A 66 -26.14 22.66 14.52
N TRP A 67 -24.96 23.31 14.58
CA TRP A 67 -24.57 24.40 13.68
C TRP A 67 -23.46 23.93 12.74
N ASN A 68 -23.85 23.60 11.50
CA ASN A 68 -22.92 23.23 10.41
C ASN A 68 -23.21 24.17 9.23
N SER A 69 -22.49 25.30 9.16
CA SER A 69 -22.68 26.31 8.12
C SER A 69 -21.78 26.01 6.91
N LYS A 70 -22.40 25.57 5.79
CA LYS A 70 -21.66 25.26 4.54
C LYS A 70 -21.10 26.53 3.87
N GLU A 71 -21.65 27.70 4.26
CA GLU A 71 -21.39 28.99 3.61
C GLU A 71 -20.16 29.69 4.24
N ASN A 72 -19.01 28.99 4.23
CA ASN A 72 -17.75 29.45 4.86
C ASN A 72 -16.59 28.56 4.40
N LEU A 73 -15.36 29.11 4.40
CA LEU A 73 -14.14 28.36 3.99
C LEU A 73 -13.11 28.37 5.15
N LEU A 74 -13.29 27.44 6.12
CA LEU A 74 -12.27 27.17 7.16
C LEU A 74 -11.42 25.96 6.75
N ALA A 75 -12.01 24.75 6.85
CA ALA A 75 -11.32 23.49 6.55
C ALA A 75 -12.31 22.50 5.94
N GLY A 76 -12.00 21.99 4.72
CA GLY A 76 -12.89 21.09 3.99
C GLY A 76 -12.24 19.73 3.72
N PRO A 77 -13.03 18.70 3.28
CA PRO A 77 -12.52 17.37 2.90
C PRO A 77 -11.54 17.45 1.71
N SER A 78 -10.24 17.49 2.03
CA SER A 78 -9.18 17.69 1.06
C SER A 78 -8.90 16.39 0.29
N GLU A 79 -9.48 16.29 -0.92
CA GLU A 79 -9.44 15.11 -1.78
C GLU A 79 -8.31 15.24 -2.83
N ASN A 80 -7.22 14.45 -2.67
CA ASN A 80 -6.08 14.44 -3.62
C ASN A 80 -5.07 13.32 -3.26
N ASP A 81 -4.15 13.01 -4.22
CA ASP A 81 -3.00 12.08 -4.08
C ASP A 81 -3.42 10.60 -4.20
N PRO A 82 -2.61 9.75 -4.96
CA PRO A 82 -2.82 8.28 -5.04
C PRO A 82 -2.49 7.57 -3.72
N ASN A 83 -1.91 8.33 -2.77
CA ASN A 83 -1.54 7.86 -1.43
C ASN A 83 -2.76 7.88 -0.47
N LEU A 84 -3.98 7.76 -1.04
CA LEU A 84 -5.22 7.71 -0.28
C LEU A 84 -5.51 6.26 0.17
N PHE A 85 -5.50 6.08 1.48
CA PHE A 85 -5.84 4.85 2.18
C PHE A 85 -7.24 4.98 2.80
N VAL A 86 -7.72 3.90 3.43
CA VAL A 86 -8.94 3.93 4.25
C VAL A 86 -8.71 3.05 5.48
N ALA A 87 -9.26 3.48 6.62
CA ALA A 87 -9.22 2.71 7.86
C ALA A 87 -10.25 1.57 7.79
N LEU A 88 -9.75 0.31 7.84
CA LEU A 88 -10.58 -0.90 7.95
C LEU A 88 -11.07 -1.09 9.38
N TYR A 89 -10.34 -0.52 10.35
CA TYR A 89 -10.64 -0.68 11.78
C TYR A 89 -10.65 0.69 12.46
N ASP A 90 -11.32 0.76 13.62
CA ASP A 90 -11.29 1.96 14.48
C ASP A 90 -9.95 2.02 15.23
N PHE A 91 -9.52 3.22 15.55
CA PHE A 91 -8.28 3.45 16.30
C PHE A 91 -8.36 4.81 17.01
N VAL A 92 -8.35 4.76 18.34
CA VAL A 92 -8.28 5.97 19.18
C VAL A 92 -6.83 6.48 19.23
N ALA A 93 -6.62 7.80 19.15
CA ALA A 93 -5.28 8.41 19.19
C ALA A 93 -4.71 8.40 20.61
N SER A 94 -3.48 7.90 20.77
CA SER A 94 -2.73 7.97 22.04
C SER A 94 -2.40 9.43 22.41
N GLY A 95 -2.35 10.29 21.39
CA GLY A 95 -2.12 11.70 21.56
C GLY A 95 -2.08 12.42 20.22
N ASP A 96 -1.35 13.55 20.16
CA ASP A 96 -1.20 14.34 18.92
C ASP A 96 -0.26 13.63 17.92
N ASN A 97 0.65 12.80 18.47
CA ASN A 97 1.65 12.04 17.67
C ASN A 97 1.00 10.93 16.82
N THR A 98 -0.20 10.51 17.23
CA THR A 98 -1.01 9.48 16.57
C THR A 98 -2.32 10.11 16.07
N LEU A 99 -2.92 9.52 15.03
CA LEU A 99 -4.18 10.04 14.44
C LEU A 99 -5.33 9.09 14.79
N SER A 100 -6.38 9.64 15.41
CA SER A 100 -7.62 8.89 15.64
C SER A 100 -8.32 8.69 14.31
N ILE A 101 -8.44 7.42 13.89
CA ILE A 101 -9.04 7.05 12.60
C ILE A 101 -10.27 6.17 12.85
N THR A 102 -11.30 6.35 12.02
CA THR A 102 -12.56 5.60 12.13
C THR A 102 -12.70 4.68 10.92
N LYS A 103 -13.28 3.48 11.11
CA LYS A 103 -13.60 2.57 9.99
C LYS A 103 -14.49 3.28 8.96
N GLY A 104 -13.99 3.38 7.71
CA GLY A 104 -14.69 4.08 6.63
C GLY A 104 -14.10 5.45 6.31
N GLU A 105 -13.28 6.00 7.23
CA GLU A 105 -12.58 7.28 7.01
C GLU A 105 -11.35 7.08 6.12
N LYS A 106 -11.23 7.91 5.08
CA LYS A 106 -10.11 7.84 4.12
C LYS A 106 -8.93 8.70 4.62
N LEU A 107 -7.74 8.10 4.62
CA LEU A 107 -6.53 8.67 5.20
C LEU A 107 -5.59 9.09 4.05
N ARG A 108 -4.79 10.16 4.23
CA ARG A 108 -3.74 10.51 3.24
C ARG A 108 -2.37 10.26 3.88
N VAL A 109 -1.68 9.19 3.42
CA VAL A 109 -0.44 8.71 4.05
C VAL A 109 0.78 9.20 3.26
N LEU A 110 1.69 9.90 3.96
CA LEU A 110 2.89 10.50 3.36
C LEU A 110 4.11 9.57 3.52
N GLY A 111 3.93 8.44 4.22
CA GLY A 111 4.97 7.39 4.32
C GLY A 111 4.73 6.46 5.48
N TYR A 112 5.44 5.31 5.48
CA TYR A 112 5.47 4.35 6.61
C TYR A 112 6.71 4.60 7.47
N ASN A 113 6.78 3.86 8.59
CA ASN A 113 7.95 3.80 9.47
C ASN A 113 9.06 2.99 8.76
N HIS A 114 10.34 3.30 9.04
CA HIS A 114 11.49 2.60 8.43
C HIS A 114 11.54 1.10 8.80
N ASN A 115 10.98 0.74 9.97
CA ASN A 115 10.81 -0.68 10.40
C ASN A 115 9.43 -1.23 9.96
N GLY A 116 8.56 -0.33 9.51
CA GLY A 116 7.21 -0.68 9.02
C GLY A 116 6.19 -0.88 10.14
N GLU A 117 6.49 -0.27 11.30
CA GLU A 117 5.64 -0.35 12.51
C GLU A 117 4.31 0.39 12.27
N TRP A 118 4.41 1.70 12.02
CA TRP A 118 3.26 2.62 11.86
C TRP A 118 3.30 3.27 10.47
N ALA A 119 2.32 4.15 10.19
CA ALA A 119 2.21 4.87 8.90
C ALA A 119 1.68 6.30 9.15
N GLU A 120 2.44 7.31 8.70
CA GLU A 120 2.08 8.73 8.90
C GLU A 120 0.88 9.12 8.02
N ALA A 121 -0.33 9.06 8.61
CA ALA A 121 -1.59 9.36 7.93
C ALA A 121 -2.13 10.72 8.36
N GLN A 122 -2.76 11.45 7.44
CA GLN A 122 -3.30 12.80 7.69
C GLN A 122 -4.77 12.89 7.21
N THR A 123 -5.65 13.41 8.09
CA THR A 123 -7.07 13.66 7.79
C THR A 123 -7.47 15.06 8.28
N LYS A 124 -8.78 15.37 8.19
CA LYS A 124 -9.35 16.62 8.75
C LYS A 124 -9.16 16.70 10.28
N ASN A 125 -8.96 15.53 10.91
CA ASN A 125 -8.73 15.40 12.38
C ASN A 125 -7.30 15.81 12.75
N GLY A 126 -6.46 16.09 11.75
CA GLY A 126 -5.05 16.43 11.97
C GLY A 126 -4.15 15.39 11.33
N GLN A 127 -3.10 14.95 12.05
CA GLN A 127 -2.17 13.93 11.52
C GLN A 127 -1.55 13.10 12.65
N GLY A 128 -1.10 11.89 12.30
CA GLY A 128 -0.32 11.07 13.19
C GLY A 128 -0.04 9.70 12.63
N TRP A 129 0.74 8.94 13.39
CA TRP A 129 1.16 7.59 13.04
C TRP A 129 0.08 6.58 13.45
N VAL A 130 -0.46 5.87 12.44
CA VAL A 130 -1.54 4.88 12.59
C VAL A 130 -1.00 3.48 12.23
N PRO A 131 -1.59 2.37 12.78
CA PRO A 131 -1.08 1.01 12.49
C PRO A 131 -1.37 0.60 11.03
N SER A 132 -0.33 0.09 10.34
CA SER A 132 -0.42 -0.35 8.93
C SER A 132 -1.47 -1.49 8.76
N ASN A 133 -1.70 -2.23 9.86
CA ASN A 133 -2.65 -3.35 9.93
C ASN A 133 -4.12 -2.85 9.97
N TYR A 134 -4.32 -1.56 10.31
CA TYR A 134 -5.66 -0.93 10.40
C TYR A 134 -6.06 -0.20 9.12
N ILE A 135 -5.15 -0.14 8.13
CA ILE A 135 -5.35 0.70 6.93
C ILE A 135 -5.15 -0.12 5.64
N THR A 136 -5.73 0.34 4.52
CA THR A 136 -5.53 -0.27 3.19
C THR A 136 -5.63 0.81 2.07
N PRO A 137 -4.68 0.83 1.07
CA PRO A 137 -4.67 1.85 0.01
C PRO A 137 -5.76 1.62 -1.06
N VAL A 138 -6.63 2.64 -1.26
CA VAL A 138 -7.77 2.56 -2.20
C VAL A 138 -7.45 3.22 -3.55
N ASN A 139 -6.75 4.37 -3.51
CA ASN A 139 -6.50 5.21 -4.70
C ASN A 139 -5.08 4.96 -5.29
N SER A 140 -4.34 3.98 -4.73
CA SER A 140 -2.98 3.63 -5.20
C SER A 140 -3.06 2.66 -6.40
N LEU A 141 -1.90 2.06 -6.72
CA LEU A 141 -1.78 1.06 -7.80
C LEU A 141 -2.31 -0.32 -7.37
N GLU A 142 -2.57 -0.50 -6.06
CA GLU A 142 -3.04 -1.80 -5.48
C GLU A 142 -4.43 -2.19 -6.03
N LYS A 143 -5.18 -1.20 -6.53
CA LYS A 143 -6.49 -1.39 -7.19
C LYS A 143 -6.34 -2.34 -8.41
N HIS A 144 -5.15 -2.33 -9.03
CA HIS A 144 -4.77 -3.28 -10.08
C HIS A 144 -4.36 -4.61 -9.45
N SER A 145 -4.80 -5.73 -10.05
CA SER A 145 -4.58 -7.09 -9.53
C SER A 145 -3.07 -7.48 -9.48
N TRP A 146 -2.22 -6.75 -10.23
CA TRP A 146 -0.76 -7.01 -10.23
C TRP A 146 -0.05 -6.46 -8.97
N TYR A 147 -0.51 -5.30 -8.45
CA TYR A 147 0.09 -4.69 -7.24
C TYR A 147 -0.72 -5.08 -6.01
N HIS A 148 -0.05 -5.57 -4.96
CA HIS A 148 -0.72 -6.01 -3.70
C HIS A 148 -0.19 -5.26 -2.47
N GLY A 149 0.45 -4.09 -2.72
CA GLY A 149 0.87 -3.18 -1.63
C GLY A 149 2.09 -3.66 -0.84
N PRO A 150 2.26 -3.19 0.45
CA PRO A 150 3.38 -3.58 1.33
C PRO A 150 3.17 -4.98 1.95
N VAL A 151 3.81 -5.99 1.34
CA VAL A 151 3.76 -7.40 1.80
C VAL A 151 5.16 -8.06 1.58
N SER A 152 5.55 -8.98 2.50
CA SER A 152 6.88 -9.66 2.45
C SER A 152 6.91 -10.87 1.47
N ARG A 153 8.15 -11.39 1.22
CA ARG A 153 8.40 -12.55 0.33
C ARG A 153 7.57 -13.78 0.71
N ASN A 154 7.38 -14.01 2.01
CA ASN A 154 6.67 -15.20 2.53
C ASN A 154 5.25 -15.32 1.93
N ALA A 155 4.47 -14.23 2.00
CA ALA A 155 3.08 -14.18 1.50
C ALA A 155 3.07 -13.98 -0.03
N ALA A 156 4.11 -13.28 -0.54
CA ALA A 156 4.33 -13.16 -2.00
C ALA A 156 4.52 -14.53 -2.66
N GLU A 157 5.37 -15.37 -2.06
CA GLU A 157 5.72 -16.70 -2.59
C GLU A 157 4.60 -17.69 -2.26
N TYR A 158 3.86 -17.41 -1.18
CA TYR A 158 2.64 -18.15 -0.79
C TYR A 158 1.56 -18.09 -1.89
N LEU A 159 1.21 -16.86 -2.33
CA LEU A 159 0.21 -16.68 -3.41
C LEU A 159 0.79 -17.09 -4.78
N LEU A 160 2.10 -16.85 -4.96
CA LEU A 160 2.82 -17.17 -6.22
C LEU A 160 2.91 -18.69 -6.46
N SER A 161 2.87 -19.47 -5.37
CA SER A 161 2.91 -20.94 -5.40
C SER A 161 1.65 -21.53 -6.10
N SER A 162 0.60 -20.69 -6.22
CA SER A 162 -0.66 -21.07 -6.86
C SER A 162 -0.64 -20.78 -8.38
N GLY A 163 0.43 -20.13 -8.87
CA GLY A 163 0.52 -19.66 -10.26
C GLY A 163 1.28 -20.58 -11.20
N ILE A 164 1.05 -20.42 -12.51
CA ILE A 164 1.73 -21.21 -13.58
C ILE A 164 2.84 -20.37 -14.23
N ASN A 165 3.31 -20.82 -15.42
CA ASN A 165 4.39 -20.14 -16.19
C ASN A 165 4.09 -18.63 -16.41
N GLY A 166 5.01 -17.77 -15.89
CA GLY A 166 4.91 -16.33 -16.05
C GLY A 166 4.02 -15.65 -15.01
N SER A 167 3.70 -16.40 -13.93
CA SER A 167 2.90 -15.84 -12.83
C SER A 167 3.75 -14.81 -12.07
N PHE A 168 3.20 -13.62 -11.74
CA PHE A 168 3.97 -12.57 -11.05
C PHE A 168 3.16 -11.84 -9.98
N LEU A 169 3.86 -11.29 -8.97
CA LEU A 169 3.28 -10.38 -7.98
C LEU A 169 4.20 -9.17 -7.82
N VAL A 170 3.63 -7.97 -7.82
CA VAL A 170 4.36 -6.73 -7.56
C VAL A 170 3.96 -6.25 -6.16
N ARG A 171 4.96 -6.18 -5.27
CA ARG A 171 4.76 -5.86 -3.85
C ARG A 171 5.99 -5.10 -3.34
N GLU A 172 5.78 -4.24 -2.32
CA GLU A 172 6.87 -3.57 -1.61
C GLU A 172 7.04 -4.21 -0.22
N SER A 173 8.18 -3.98 0.42
CA SER A 173 8.48 -4.57 1.74
C SER A 173 7.73 -3.79 2.85
N GLU A 174 7.11 -4.54 3.77
CA GLU A 174 6.42 -3.98 4.96
C GLU A 174 7.43 -3.20 5.81
N SER A 175 8.61 -3.83 6.00
CA SER A 175 9.67 -3.34 6.89
C SER A 175 10.66 -2.41 6.16
N SER A 176 10.36 -2.09 4.89
CA SER A 176 11.17 -1.15 4.08
C SER A 176 10.25 -0.45 3.05
N PRO A 177 9.60 0.71 3.44
CA PRO A 177 8.74 1.49 2.51
C PRO A 177 9.53 2.01 1.29
N GLY A 178 8.89 1.94 0.11
CA GLY A 178 9.51 2.37 -1.15
C GLY A 178 10.35 1.29 -1.83
N GLN A 179 10.82 0.29 -1.06
CA GLN A 179 11.59 -0.84 -1.61
C GLN A 179 10.62 -1.89 -2.15
N ARG A 180 10.65 -2.08 -3.47
CA ARG A 180 9.64 -2.90 -4.17
C ARG A 180 10.30 -4.14 -4.78
N SER A 181 9.48 -5.06 -5.28
CA SER A 181 9.94 -6.33 -5.85
C SER A 181 8.85 -6.94 -6.74
N ILE A 182 9.28 -7.66 -7.78
CA ILE A 182 8.40 -8.55 -8.56
C ILE A 182 8.85 -9.99 -8.31
N SER A 183 7.87 -10.88 -8.20
CA SER A 183 8.08 -12.29 -7.88
C SER A 183 7.57 -13.14 -9.06
N LEU A 184 8.47 -13.84 -9.80
CA LEU A 184 8.09 -14.68 -10.96
C LEU A 184 8.13 -16.17 -10.64
N ARG A 185 7.16 -16.90 -11.20
CA ARG A 185 7.15 -18.35 -11.24
C ARG A 185 6.87 -18.79 -12.69
N TYR A 186 7.77 -19.65 -13.23
CA TYR A 186 7.58 -20.26 -14.55
C TYR A 186 8.05 -21.71 -14.50
N GLU A 187 7.23 -22.61 -15.10
CA GLU A 187 7.46 -24.09 -15.12
C GLU A 187 7.57 -24.69 -13.69
N GLY A 188 6.98 -23.99 -12.70
CA GLY A 188 7.04 -24.39 -11.29
C GLY A 188 8.31 -23.95 -10.56
N ARG A 189 9.13 -23.11 -11.24
CA ARG A 189 10.37 -22.54 -10.65
C ARG A 189 10.12 -21.09 -10.24
N VAL A 190 10.40 -20.80 -8.96
CA VAL A 190 10.19 -19.47 -8.34
C VAL A 190 11.53 -18.74 -8.16
N TYR A 191 11.54 -17.45 -8.53
CA TYR A 191 12.62 -16.51 -8.22
C TYR A 191 12.02 -15.10 -8.03
N HIS A 192 12.68 -14.27 -7.22
CA HIS A 192 12.23 -12.89 -6.91
C HIS A 192 13.34 -11.92 -7.32
N TYR A 193 12.97 -10.69 -7.70
CA TYR A 193 13.95 -9.63 -8.07
C TYR A 193 13.43 -8.24 -7.64
N ARG A 194 14.34 -7.42 -7.12
CA ARG A 194 14.01 -6.12 -6.52
C ARG A 194 13.83 -5.00 -7.55
N ILE A 195 12.83 -4.16 -7.30
CA ILE A 195 12.65 -2.85 -7.95
C ILE A 195 13.33 -1.80 -7.04
N ASN A 196 14.42 -1.23 -7.54
CA ASN A 196 15.16 -0.17 -6.85
C ASN A 196 14.56 1.19 -7.25
N THR A 197 14.32 2.05 -6.24
CA THR A 197 13.82 3.41 -6.44
C THR A 197 15.01 4.40 -6.49
N ALA A 198 15.21 5.05 -7.64
CA ALA A 198 16.18 6.16 -7.79
C ALA A 198 15.75 7.39 -6.97
N SER A 199 16.72 8.28 -6.69
CA SER A 199 16.49 9.51 -5.88
C SER A 199 15.55 10.52 -6.59
N ASP A 200 15.24 10.25 -7.87
CA ASP A 200 14.33 11.09 -8.68
C ASP A 200 12.87 10.59 -8.58
N GLY A 201 12.62 9.58 -7.72
CA GLY A 201 11.30 8.94 -7.59
C GLY A 201 11.04 7.89 -8.67
N LYS A 202 11.99 7.75 -9.60
CA LYS A 202 11.88 6.84 -10.75
C LYS A 202 12.30 5.43 -10.35
N LEU A 203 11.50 4.44 -10.77
CA LEU A 203 11.73 3.02 -10.43
C LEU A 203 12.57 2.35 -11.52
N TYR A 204 13.24 1.24 -11.16
CA TYR A 204 13.98 0.42 -12.13
C TYR A 204 14.32 -0.95 -11.55
N VAL A 205 14.55 -1.90 -12.46
CA VAL A 205 15.08 -3.23 -12.14
C VAL A 205 16.42 -3.35 -12.86
N SER A 206 16.35 -3.38 -14.21
CA SER A 206 17.52 -3.48 -15.10
C SER A 206 18.34 -2.18 -15.04
N SER A 207 19.67 -2.32 -15.06
CA SER A 207 20.60 -1.18 -14.95
C SER A 207 20.45 -0.20 -16.13
N GLU A 208 20.09 -0.75 -17.31
CA GLU A 208 19.93 0.04 -18.56
C GLU A 208 18.52 0.63 -18.71
N SER A 209 17.65 0.41 -17.69
CA SER A 209 16.24 0.82 -17.74
C SER A 209 15.88 1.76 -16.59
N ARG A 210 15.00 2.72 -16.88
CA ARG A 210 14.45 3.69 -15.91
C ARG A 210 12.99 3.95 -16.27
N PHE A 211 12.11 3.95 -15.27
CA PHE A 211 10.66 4.10 -15.44
C PHE A 211 10.18 5.18 -14.47
N ASN A 212 9.32 6.09 -14.93
CA ASN A 212 8.75 7.13 -14.07
C ASN A 212 7.66 6.52 -13.16
N THR A 213 6.91 5.53 -13.71
CA THR A 213 5.79 4.89 -13.02
C THR A 213 5.95 3.36 -12.95
N LEU A 214 5.40 2.77 -11.88
CA LEU A 214 5.34 1.31 -11.69
C LEU A 214 4.39 0.66 -12.70
N ALA A 215 3.38 1.43 -13.15
CA ALA A 215 2.44 1.00 -14.20
C ALA A 215 3.21 0.69 -15.50
N GLU A 216 4.16 1.58 -15.85
CA GLU A 216 5.02 1.39 -17.03
C GLU A 216 6.14 0.40 -16.78
N LEU A 217 6.61 0.26 -15.52
CA LEU A 217 7.60 -0.77 -15.15
C LEU A 217 7.03 -2.17 -15.42
N VAL A 218 5.79 -2.38 -14.98
CA VAL A 218 5.09 -3.67 -15.08
C VAL A 218 4.63 -3.94 -16.52
N HIS A 219 4.11 -2.90 -17.21
CA HIS A 219 3.73 -3.01 -18.65
C HIS A 219 4.95 -3.40 -19.52
N HIS A 220 6.02 -2.62 -19.35
CA HIS A 220 7.30 -2.85 -20.04
C HIS A 220 7.74 -4.28 -19.79
N HIS A 221 7.89 -4.63 -18.50
CA HIS A 221 8.33 -5.96 -18.08
C HIS A 221 7.31 -7.07 -18.39
N SER A 222 6.05 -6.69 -18.70
CA SER A 222 5.04 -7.65 -19.18
C SER A 222 5.33 -8.06 -20.62
N THR A 223 5.87 -7.10 -21.42
CA THR A 223 6.12 -7.38 -22.86
C THR A 223 7.63 -7.51 -23.28
N VAL A 224 8.62 -7.13 -22.44
CA VAL A 224 10.02 -6.95 -22.92
C VAL A 224 11.03 -8.08 -22.56
N ALA A 225 12.13 -7.98 -23.28
CA ALA A 225 13.28 -8.90 -23.39
C ALA A 225 14.39 -8.63 -22.36
N ASP A 226 14.21 -7.61 -21.53
CA ASP A 226 15.17 -6.58 -21.05
C ASP A 226 16.13 -7.10 -19.90
N GLY A 227 16.17 -8.42 -19.72
CA GLY A 227 16.88 -9.08 -18.60
C GLY A 227 15.91 -9.89 -17.76
N LEU A 228 14.76 -10.15 -18.36
CA LEU A 228 13.72 -11.01 -17.82
C LEU A 228 13.90 -12.44 -18.30
N ILE A 229 14.00 -13.39 -17.35
CA ILE A 229 14.01 -14.84 -17.66
C ILE A 229 12.68 -15.23 -18.34
N THR A 230 11.59 -14.65 -17.83
CA THR A 230 10.27 -14.67 -18.50
C THR A 230 9.60 -13.28 -18.36
N THR A 231 8.91 -12.86 -19.42
CA THR A 231 8.04 -11.68 -19.39
C THR A 231 6.83 -11.96 -18.46
N LEU A 232 6.31 -10.90 -17.81
CA LEU A 232 5.19 -11.01 -16.86
C LEU A 232 3.90 -11.49 -17.59
N HIS A 233 3.55 -12.78 -17.44
CA HIS A 233 2.39 -13.41 -18.15
C HIS A 233 1.07 -12.95 -17.50
N TYR A 234 0.90 -13.25 -16.19
CA TYR A 234 -0.34 -12.84 -15.48
C TYR A 234 -0.07 -12.75 -13.96
N PRO A 235 -0.81 -11.86 -13.20
CA PRO A 235 -0.67 -11.80 -11.72
C PRO A 235 -1.11 -13.12 -11.05
N ALA A 236 -0.33 -13.56 -10.04
CA ALA A 236 -0.56 -14.82 -9.34
C ALA A 236 -1.95 -14.85 -8.68
N PRO A 237 -2.70 -15.99 -8.81
CA PRO A 237 -4.09 -16.08 -8.33
C PRO A 237 -4.21 -15.77 -6.82
N LYS A 238 -4.94 -14.70 -6.53
CA LYS A 238 -5.37 -14.33 -5.17
C LYS A 238 -6.31 -15.42 -4.61
N ARG A 239 -6.43 -15.49 -3.27
CA ARG A 239 -7.18 -16.58 -2.58
C ARG A 239 -8.67 -16.61 -2.97
N ASN A 240 -9.23 -15.42 -3.31
CA ASN A 240 -10.59 -15.32 -3.91
C ASN A 240 -10.45 -15.55 -5.42
N LYS A 241 -11.39 -16.33 -6.00
CA LYS A 241 -11.31 -16.88 -7.38
C LYS A 241 -11.14 -15.77 -8.46
N PRO A 242 -9.93 -15.64 -9.11
CA PRO A 242 -9.73 -14.75 -10.27
C PRO A 242 -9.88 -15.51 -11.62
N THR A 243 -10.29 -14.78 -12.66
CA THR A 243 -10.57 -15.34 -13.99
C THR A 243 -10.18 -14.32 -15.08
N VAL A 244 -9.12 -14.64 -15.85
CA VAL A 244 -8.69 -13.82 -17.00
C VAL A 244 -9.44 -14.28 -18.26
N TYR A 245 -10.57 -13.61 -18.53
CA TYR A 245 -11.40 -13.87 -19.73
C TYR A 245 -11.13 -12.77 -20.77
N GLY A 246 -10.88 -13.18 -22.03
CA GLY A 246 -10.57 -12.23 -23.10
C GLY A 246 -10.62 -12.87 -24.48
N VAL A 247 -9.57 -13.68 -24.80
CA VAL A 247 -9.38 -14.36 -26.09
C VAL A 247 -9.19 -13.34 -27.25
N SER A 248 -7.93 -13.13 -27.66
CA SER A 248 -7.58 -12.21 -28.76
C SER A 248 -6.51 -12.90 -29.67
N PRO A 249 -6.96 -13.76 -30.64
CA PRO A 249 -6.04 -14.46 -31.55
C PRO A 249 -5.60 -13.58 -32.75
N ASN A 250 -4.66 -12.65 -32.47
CA ASN A 250 -4.05 -11.81 -33.51
C ASN A 250 -2.71 -12.43 -33.95
N TYR A 251 -2.54 -12.62 -35.26
CA TYR A 251 -1.35 -13.25 -35.85
C TYR A 251 -0.76 -12.31 -36.92
N ASP A 252 0.09 -11.40 -36.44
CA ASP A 252 0.82 -10.44 -37.26
C ASP A 252 2.25 -10.93 -37.53
N LYS A 253 3.01 -10.11 -38.24
CA LYS A 253 4.43 -10.35 -38.51
C LYS A 253 5.11 -9.02 -38.88
N TRP A 254 6.40 -9.10 -39.19
CA TRP A 254 7.21 -7.93 -39.53
C TRP A 254 8.39 -8.39 -40.40
N GLU A 255 9.31 -9.14 -39.77
CA GLU A 255 10.51 -9.66 -40.40
C GLU A 255 10.65 -11.16 -40.03
N MET A 1 15.43 5.98 15.78
CA MET A 1 16.56 5.03 15.98
C MET A 1 16.02 3.65 16.38
N GLY A 2 16.78 2.60 16.04
CA GLY A 2 16.45 1.23 16.43
C GLY A 2 16.08 0.34 15.27
N GLN A 3 15.79 -0.93 15.58
CA GLN A 3 15.36 -1.94 14.61
C GLN A 3 14.87 -3.15 15.41
N GLN A 4 13.56 -3.38 15.38
CA GLN A 4 12.89 -4.50 16.07
C GLN A 4 11.50 -4.70 15.41
N PRO A 5 11.42 -5.52 14.31
CA PRO A 5 10.16 -5.78 13.57
C PRO A 5 9.16 -6.61 14.41
N GLY A 6 8.03 -5.98 14.77
CA GLY A 6 6.92 -6.66 15.43
C GLY A 6 6.19 -5.74 16.40
N LYS A 7 5.67 -6.34 17.51
CA LYS A 7 4.90 -5.67 18.59
C LYS A 7 3.56 -5.05 18.07
N VAL A 8 3.18 -5.47 16.84
CA VAL A 8 1.97 -5.00 16.13
C VAL A 8 1.06 -6.20 15.83
N LEU A 9 0.76 -6.97 16.89
CA LEU A 9 -0.07 -8.17 16.81
C LEU A 9 -1.54 -7.79 16.53
N GLY A 10 -2.11 -8.35 15.45
CA GLY A 10 -3.54 -8.21 15.14
C GLY A 10 -4.36 -9.25 15.91
N ASP A 11 -4.30 -9.15 17.26
CA ASP A 11 -4.92 -10.12 18.18
C ASP A 11 -6.44 -10.02 18.16
N GLN A 12 -6.94 -8.81 18.48
CA GLN A 12 -8.38 -8.54 18.59
C GLN A 12 -8.71 -7.15 18.03
N ARG A 13 -10.01 -6.78 18.15
CA ARG A 13 -10.48 -5.43 17.86
C ARG A 13 -10.08 -4.52 19.03
N ARG A 14 -9.40 -3.41 18.69
CA ARG A 14 -8.53 -2.65 19.59
C ARG A 14 -7.35 -3.51 20.09
N PRO A 15 -6.33 -3.72 19.20
CA PRO A 15 -5.03 -4.30 19.60
C PRO A 15 -4.14 -3.23 20.26
N SER A 16 -3.02 -3.65 20.86
CA SER A 16 -2.09 -2.75 21.55
C SER A 16 -1.43 -1.75 20.56
N LEU A 17 -0.80 -0.72 21.12
CA LEU A 17 -0.10 0.31 20.32
C LEU A 17 1.42 0.07 20.42
N PRO A 18 2.15 0.01 19.26
CA PRO A 18 3.63 -0.11 19.24
C PRO A 18 4.31 1.15 19.80
N ALA A 19 5.60 1.04 20.11
CA ALA A 19 6.37 2.18 20.63
C ALA A 19 6.79 3.12 19.48
N LEU A 20 6.85 4.42 19.79
CA LEU A 20 7.25 5.45 18.84
C LEU A 20 8.78 5.58 18.89
N HIS A 21 9.45 4.84 17.98
CA HIS A 21 10.91 4.81 17.87
C HIS A 21 11.35 5.81 16.78
N PHE A 22 10.63 5.77 15.65
CA PHE A 22 10.85 6.69 14.51
C PHE A 22 9.72 7.73 14.45
N ILE A 23 10.09 9.00 14.65
CA ILE A 23 9.17 10.15 14.55
C ILE A 23 9.65 11.04 13.40
N LYS A 24 8.83 11.12 12.34
CA LYS A 24 9.07 11.99 11.19
C LYS A 24 7.92 13.00 11.08
N GLY A 25 8.24 14.18 10.55
CA GLY A 25 7.30 15.28 10.42
C GLY A 25 7.90 16.39 9.58
N ALA A 26 8.27 16.03 8.33
CA ALA A 26 8.87 16.96 7.35
C ALA A 26 7.91 18.16 7.09
N GLY A 27 6.63 17.84 6.87
CA GLY A 27 5.59 18.85 6.63
C GLY A 27 4.90 18.64 5.30
N LYS A 28 3.80 19.40 5.06
CA LYS A 28 3.04 19.34 3.80
C LYS A 28 3.79 20.11 2.69
N ARG A 29 4.88 19.52 2.19
CA ARG A 29 5.69 20.08 1.10
C ARG A 29 5.22 19.51 -0.25
N GLU A 30 4.68 18.30 -0.18
CA GLU A 30 4.25 17.51 -1.33
C GLU A 30 2.84 16.94 -1.06
N SER A 31 2.45 15.90 -1.84
CA SER A 31 1.17 15.17 -1.67
C SER A 31 -0.04 16.02 -2.11
N SER A 32 -0.52 15.77 -3.34
CA SER A 32 -1.69 16.46 -3.92
C SER A 32 -2.99 16.04 -3.20
N ARG A 33 -3.92 17.00 -3.05
CA ARG A 33 -5.20 16.80 -2.38
C ARG A 33 -6.32 16.55 -3.42
N HIS A 34 -6.60 15.26 -3.67
CA HIS A 34 -7.65 14.84 -4.61
C HIS A 34 -9.04 15.08 -4.02
N GLY A 35 -9.17 14.84 -2.71
CA GLY A 35 -10.43 15.00 -2.00
C GLY A 35 -11.21 13.69 -1.87
N GLY A 36 -12.49 13.80 -1.53
CA GLY A 36 -13.35 12.64 -1.30
C GLY A 36 -14.27 12.85 -0.10
N PRO A 37 -15.41 12.09 0.00
CA PRO A 37 -16.37 12.26 1.10
C PRO A 37 -15.90 11.57 2.39
N HIS A 38 -16.07 12.25 3.52
CA HIS A 38 -15.92 11.66 4.86
C HIS A 38 -17.17 10.82 5.13
N CYS A 39 -17.00 9.48 5.19
CA CYS A 39 -18.09 8.55 5.47
C CYS A 39 -18.67 8.80 6.87
N ASN A 40 -19.90 9.36 6.93
CA ASN A 40 -20.62 9.56 8.19
C ASN A 40 -21.05 8.19 8.76
N VAL A 41 -20.71 7.94 10.02
CA VAL A 41 -20.83 6.60 10.62
C VAL A 41 -22.23 6.39 11.22
N PHE A 42 -22.87 5.28 10.81
CA PHE A 42 -24.16 4.82 11.36
C PHE A 42 -23.89 3.81 12.49
N VAL A 43 -22.99 2.84 12.19
CA VAL A 43 -22.67 1.69 13.08
C VAL A 43 -21.93 2.14 14.38
N GLU A 44 -22.71 2.67 15.35
CA GLU A 44 -22.17 3.17 16.63
C GLU A 44 -23.06 2.75 17.80
N HIS A 45 -22.43 2.14 18.80
CA HIS A 45 -23.06 1.82 20.10
C HIS A 45 -21.94 1.47 21.10
N GLU A 46 -22.03 2.03 22.31
CA GLU A 46 -21.10 1.69 23.39
C GLU A 46 -21.58 0.42 24.11
N ALA A 47 -20.66 -0.53 24.28
CA ALA A 47 -20.92 -1.83 24.90
C ALA A 47 -19.85 -2.09 25.96
N LEU A 48 -20.25 -1.98 27.24
CA LEU A 48 -19.35 -2.11 28.41
C LEU A 48 -18.29 -1.00 28.37
N GLN A 49 -18.64 0.19 28.90
CA GLN A 49 -17.71 1.32 29.00
C GLN A 49 -16.68 1.04 30.11
N ARG A 50 -15.39 1.24 29.79
CA ARG A 50 -14.29 1.17 30.76
C ARG A 50 -13.88 2.61 31.16
N PRO A 51 -14.43 3.18 32.29
CA PRO A 51 -13.98 4.48 32.81
C PRO A 51 -12.90 4.34 33.91
N VAL A 52 -12.43 5.49 34.42
CA VAL A 52 -11.48 5.57 35.54
C VAL A 52 -12.12 6.45 36.62
N ALA A 53 -12.95 5.81 37.48
CA ALA A 53 -13.71 6.49 38.54
C ALA A 53 -13.84 5.56 39.77
N SER A 54 -13.05 5.87 40.83
CA SER A 54 -13.04 5.13 42.12
C SER A 54 -12.59 3.65 41.97
N ASP A 55 -11.92 3.34 40.86
CA ASP A 55 -11.46 1.97 40.55
C ASP A 55 -10.33 1.56 41.50
N PHE A 56 -10.68 0.77 42.53
CA PHE A 56 -9.73 0.25 43.52
C PHE A 56 -8.98 -0.95 42.90
N GLU A 57 -7.97 -0.64 42.05
CA GLU A 57 -7.13 -1.64 41.38
C GLU A 57 -7.98 -2.57 40.48
N PRO A 58 -8.49 -2.06 39.31
CA PRO A 58 -9.50 -2.78 38.46
C PRO A 58 -8.91 -3.92 37.60
N GLN A 59 -7.73 -4.43 38.00
CA GLN A 59 -7.05 -5.53 37.29
C GLN A 59 -7.80 -6.84 37.54
N GLY A 60 -8.77 -7.13 36.66
CA GLY A 60 -9.55 -8.37 36.69
C GLY A 60 -9.88 -8.83 35.29
N LEU A 61 -8.99 -8.47 34.33
CA LEU A 61 -9.19 -8.72 32.90
C LEU A 61 -8.95 -10.21 32.58
N SER A 62 -10.05 -10.98 32.53
CA SER A 62 -10.03 -12.43 32.26
C SER A 62 -10.93 -12.77 31.04
N GLU A 63 -11.32 -11.72 30.28
CA GLU A 63 -12.20 -11.86 29.10
C GLU A 63 -11.43 -12.55 27.95
N ALA A 64 -10.37 -11.86 27.46
CA ALA A 64 -9.49 -12.33 26.35
C ALA A 64 -10.33 -12.65 25.08
N ALA A 65 -11.32 -11.79 24.80
CA ALA A 65 -12.24 -11.96 23.67
C ALA A 65 -11.66 -11.34 22.38
N ARG A 66 -11.19 -12.21 21.47
CA ARG A 66 -10.63 -11.79 20.17
C ARG A 66 -11.78 -11.50 19.18
N TRP A 67 -12.35 -10.30 19.26
CA TRP A 67 -13.35 -9.83 18.30
C TRP A 67 -12.62 -9.41 17.00
N ASN A 68 -13.16 -9.83 15.85
CA ASN A 68 -12.53 -9.58 14.53
C ASN A 68 -13.13 -8.34 13.87
N SER A 69 -12.40 -7.82 12.86
CA SER A 69 -12.80 -6.61 12.11
C SER A 69 -12.82 -6.92 10.60
N LYS A 70 -13.86 -6.42 9.91
CA LYS A 70 -14.07 -6.68 8.48
C LYS A 70 -13.05 -5.92 7.62
N GLU A 71 -12.20 -6.68 6.91
CA GLU A 71 -11.06 -6.13 6.14
C GLU A 71 -11.52 -5.47 4.83
N ASN A 72 -12.26 -6.24 4.01
CA ASN A 72 -12.68 -5.80 2.66
C ASN A 72 -13.89 -4.85 2.74
N LEU A 73 -13.65 -3.60 3.12
CA LEU A 73 -14.63 -2.50 2.99
C LEU A 73 -14.40 -1.79 1.65
N LEU A 74 -14.40 -2.61 0.58
CA LEU A 74 -14.12 -2.18 -0.79
C LEU A 74 -15.31 -1.39 -1.35
N ALA A 75 -15.37 -0.10 -1.00
CA ALA A 75 -16.36 0.85 -1.50
C ALA A 75 -15.62 2.05 -2.11
N GLY A 76 -15.43 2.01 -3.44
CA GLY A 76 -14.65 3.02 -4.15
C GLY A 76 -15.43 3.63 -5.32
N PRO A 77 -16.32 4.64 -5.07
CA PRO A 77 -16.94 5.45 -6.16
C PRO A 77 -15.88 6.32 -6.87
N SER A 78 -14.80 6.64 -6.11
CA SER A 78 -13.68 7.44 -6.57
C SER A 78 -12.44 6.52 -6.78
N GLU A 79 -12.21 6.09 -8.05
CA GLU A 79 -11.08 5.22 -8.42
C GLU A 79 -9.81 6.03 -8.76
N ASN A 80 -9.95 7.36 -8.87
CA ASN A 80 -8.83 8.26 -9.23
C ASN A 80 -8.07 8.75 -7.98
N ASP A 81 -8.39 8.16 -6.80
CA ASP A 81 -7.54 8.32 -5.59
C ASP A 81 -6.21 7.56 -5.79
N PRO A 82 -5.10 7.96 -5.07
CA PRO A 82 -3.81 7.21 -5.07
C PRO A 82 -3.94 5.83 -4.33
N ASN A 83 -2.87 5.40 -3.63
CA ASN A 83 -2.96 4.25 -2.71
C ASN A 83 -3.85 4.65 -1.52
N LEU A 84 -5.16 4.44 -1.74
CA LEU A 84 -6.22 4.87 -0.84
C LEU A 84 -6.46 3.79 0.22
N PHE A 85 -6.33 4.18 1.48
CA PHE A 85 -6.63 3.34 2.64
C PHE A 85 -7.93 3.85 3.30
N VAL A 86 -8.39 3.12 4.31
CA VAL A 86 -9.53 3.50 5.14
C VAL A 86 -9.31 2.95 6.56
N ALA A 87 -9.71 3.74 7.57
CA ALA A 87 -9.59 3.35 8.99
C ALA A 87 -10.73 2.37 9.36
N LEU A 88 -10.34 1.17 9.86
CA LEU A 88 -11.30 0.17 10.40
C LEU A 88 -11.73 0.54 11.83
N TYR A 89 -10.87 1.33 12.50
CA TYR A 89 -11.05 1.72 13.91
C TYR A 89 -10.97 3.25 14.01
N ASP A 90 -11.47 3.78 15.13
CA ASP A 90 -11.20 5.17 15.51
C ASP A 90 -9.86 5.22 16.24
N PHE A 91 -9.17 6.35 16.13
CA PHE A 91 -7.88 6.58 16.78
C PHE A 91 -7.70 8.09 16.93
N VAL A 92 -7.80 8.59 18.17
CA VAL A 92 -7.49 9.98 18.48
C VAL A 92 -5.96 10.14 18.59
N ALA A 93 -5.42 11.21 17.99
CA ALA A 93 -3.98 11.50 18.00
C ALA A 93 -3.47 11.68 19.45
N SER A 94 -2.47 10.87 19.82
CA SER A 94 -1.85 10.91 21.15
C SER A 94 -0.74 12.00 21.22
N GLY A 95 -0.65 12.82 20.16
CA GLY A 95 0.30 13.93 20.10
C GLY A 95 0.34 14.56 18.73
N ASP A 96 1.31 15.47 18.53
CA ASP A 96 1.52 16.20 17.26
C ASP A 96 2.10 15.26 16.18
N ASN A 97 2.84 14.23 16.65
CA ASN A 97 3.49 13.21 15.79
C ASN A 97 2.49 12.20 15.20
N THR A 98 1.34 12.02 15.88
CA THR A 98 0.31 11.06 15.48
C THR A 98 -0.87 11.77 14.80
N LEU A 99 -1.64 11.01 13.99
CA LEU A 99 -2.79 11.53 13.25
C LEU A 99 -4.10 10.97 13.84
N SER A 100 -5.08 11.86 14.08
CA SER A 100 -6.46 11.48 14.39
C SER A 100 -7.12 10.91 13.12
N ILE A 101 -7.54 9.64 13.18
CA ILE A 101 -8.31 9.00 12.10
C ILE A 101 -9.62 8.45 12.68
N THR A 102 -10.68 8.45 11.88
CA THR A 102 -12.01 7.98 12.30
C THR A 102 -12.40 6.75 11.49
N LYS A 103 -13.10 5.80 12.12
CA LYS A 103 -13.66 4.60 11.46
C LYS A 103 -14.55 5.00 10.26
N GLY A 104 -14.13 4.62 9.03
CA GLY A 104 -14.88 4.93 7.81
C GLY A 104 -14.22 6.02 6.96
N GLU A 105 -13.28 6.75 7.57
CA GLU A 105 -12.54 7.85 6.93
C GLU A 105 -11.43 7.32 6.02
N LYS A 106 -11.31 7.94 4.82
CA LYS A 106 -10.27 7.58 3.83
C LYS A 106 -8.92 8.18 4.25
N LEU A 107 -7.85 7.38 4.17
CA LEU A 107 -6.51 7.75 4.67
C LEU A 107 -5.50 7.72 3.49
N ARG A 108 -4.64 8.74 3.38
CA ARG A 108 -3.49 8.69 2.46
C ARG A 108 -2.26 8.19 3.25
N VAL A 109 -1.81 6.97 3.01
CA VAL A 109 -0.59 6.44 3.66
C VAL A 109 0.60 6.67 2.72
N LEU A 110 1.47 7.62 3.12
CA LEU A 110 2.69 7.97 2.37
C LEU A 110 3.74 6.84 2.47
N GLY A 111 3.66 6.11 3.59
CA GLY A 111 4.51 4.95 3.85
C GLY A 111 4.36 4.49 5.28
N TYR A 112 4.98 3.34 5.60
CA TYR A 112 5.00 2.81 6.98
C TYR A 112 6.32 3.23 7.66
N ASN A 113 6.45 2.92 8.96
CA ASN A 113 7.70 3.11 9.71
C ASN A 113 8.77 2.22 9.08
N HIS A 114 10.02 2.69 9.05
CA HIS A 114 11.17 1.96 8.47
C HIS A 114 11.30 0.56 9.10
N ASN A 115 10.92 0.48 10.39
CA ASN A 115 10.97 -0.75 11.19
C ASN A 115 9.67 -1.60 11.03
N GLY A 116 8.59 -0.95 10.56
CA GLY A 116 7.31 -1.63 10.25
C GLY A 116 6.32 -1.65 11.42
N GLU A 117 6.34 -0.57 12.22
CA GLU A 117 5.47 -0.44 13.41
C GLU A 117 4.22 0.43 13.11
N TRP A 118 4.46 1.71 12.83
CA TRP A 118 3.42 2.74 12.57
C TRP A 118 3.31 3.02 11.06
N ALA A 119 2.45 3.97 10.68
CA ALA A 119 2.19 4.32 9.26
C ALA A 119 1.96 5.83 9.13
N GLU A 120 2.83 6.53 8.37
CA GLU A 120 2.69 7.99 8.15
C GLU A 120 1.53 8.25 7.18
N ALA A 121 0.37 8.58 7.75
CA ALA A 121 -0.85 8.86 7.00
C ALA A 121 -1.12 10.37 6.94
N GLN A 122 -2.07 10.75 6.08
CA GLN A 122 -2.47 12.15 5.85
C GLN A 122 -3.96 12.20 5.52
N THR A 123 -4.72 13.03 6.24
CA THR A 123 -6.17 13.23 6.03
C THR A 123 -6.53 14.71 6.18
N LYS A 124 -7.84 15.00 6.16
CA LYS A 124 -8.39 16.34 6.47
C LYS A 124 -8.07 16.77 7.93
N ASN A 125 -7.77 15.77 8.77
CA ASN A 125 -7.39 15.95 10.18
C ASN A 125 -5.89 16.33 10.32
N GLY A 126 -5.16 16.33 9.18
CA GLY A 126 -3.75 16.76 9.16
C GLY A 126 -2.81 15.70 8.56
N GLN A 127 -1.68 15.46 9.22
CA GLN A 127 -0.69 14.44 8.80
C GLN A 127 0.05 13.91 10.05
N GLY A 128 0.21 12.58 10.16
CA GLY A 128 0.93 11.97 11.28
C GLY A 128 0.89 10.44 11.25
N TRP A 129 1.50 9.83 12.26
CA TRP A 129 1.69 8.37 12.37
C TRP A 129 0.48 7.71 13.05
N VAL A 130 -0.08 6.71 12.37
CA VAL A 130 -1.20 5.87 12.86
C VAL A 130 -0.75 4.40 12.93
N PRO A 131 -1.36 3.54 13.80
CA PRO A 131 -1.01 2.11 13.85
C PRO A 131 -1.50 1.38 12.58
N SER A 132 -0.62 0.57 11.98
CA SER A 132 -0.91 -0.19 10.75
C SER A 132 -2.04 -1.24 10.96
N ASN A 133 -2.29 -1.59 12.24
CA ASN A 133 -3.37 -2.52 12.65
C ASN A 133 -4.76 -1.83 12.51
N TYR A 134 -4.78 -0.49 12.52
CA TYR A 134 -6.01 0.32 12.48
C TYR A 134 -6.47 0.67 11.04
N ILE A 135 -5.63 0.35 10.03
CA ILE A 135 -5.85 0.79 8.63
C ILE A 135 -5.96 -0.43 7.69
N THR A 136 -6.63 -0.23 6.52
CA THR A 136 -6.68 -1.27 5.45
C THR A 136 -6.72 -0.59 4.05
N PRO A 137 -6.02 -1.15 3.02
CA PRO A 137 -6.10 -0.64 1.63
C PRO A 137 -7.46 -0.98 0.96
N VAL A 138 -7.93 -0.08 0.08
CA VAL A 138 -9.15 -0.28 -0.73
C VAL A 138 -8.88 0.02 -2.23
N ASN A 139 -8.48 1.26 -2.54
CA ASN A 139 -8.21 1.70 -3.94
C ASN A 139 -6.69 1.75 -4.24
N SER A 140 -5.88 1.10 -3.37
CA SER A 140 -4.43 0.92 -3.60
C SER A 140 -4.17 0.12 -4.90
N LEU A 141 -2.90 0.06 -5.34
CA LEU A 141 -2.47 -0.56 -6.64
C LEU A 141 -2.93 -2.04 -6.81
N GLU A 142 -3.33 -2.68 -5.69
CA GLU A 142 -3.89 -4.05 -5.66
C GLU A 142 -5.27 -4.13 -6.40
N LYS A 143 -5.77 -2.94 -6.80
CA LYS A 143 -6.96 -2.77 -7.64
C LYS A 143 -6.81 -3.54 -8.97
N HIS A 144 -5.57 -3.66 -9.43
CA HIS A 144 -5.21 -4.47 -10.61
C HIS A 144 -4.63 -5.82 -10.14
N SER A 145 -4.97 -6.91 -10.86
CA SER A 145 -4.66 -8.29 -10.43
C SER A 145 -3.16 -8.63 -10.50
N TRP A 146 -2.33 -7.72 -11.04
CA TRP A 146 -0.86 -7.89 -11.06
C TRP A 146 -0.23 -7.57 -9.69
N TYR A 147 -0.80 -6.60 -8.96
CA TYR A 147 -0.31 -6.22 -7.61
C TYR A 147 -1.17 -6.89 -6.55
N HIS A 148 -0.54 -7.39 -5.48
CA HIS A 148 -1.24 -8.08 -4.38
C HIS A 148 -0.75 -7.57 -3.01
N GLY A 149 -0.50 -6.25 -2.92
CA GLY A 149 -0.31 -5.56 -1.62
C GLY A 149 0.96 -5.91 -0.83
N PRO A 150 1.06 -5.43 0.47
CA PRO A 150 2.13 -5.82 1.40
C PRO A 150 1.98 -7.28 1.86
N VAL A 151 2.77 -8.18 1.25
CA VAL A 151 2.67 -9.64 1.46
C VAL A 151 4.08 -10.26 1.46
N SER A 152 4.26 -11.33 2.24
CA SER A 152 5.51 -12.09 2.33
C SER A 152 5.76 -12.89 1.03
N ARG A 153 7.06 -13.11 0.74
CA ARG A 153 7.51 -13.93 -0.41
C ARG A 153 6.98 -15.39 -0.35
N ASN A 154 6.59 -15.81 0.87
CA ASN A 154 5.98 -17.12 1.14
C ASN A 154 4.65 -17.24 0.37
N ALA A 155 3.71 -16.31 0.67
CA ALA A 155 2.36 -16.28 0.05
C ALA A 155 2.45 -15.89 -1.43
N ALA A 156 3.44 -15.04 -1.76
CA ALA A 156 3.77 -14.69 -3.15
C ALA A 156 4.10 -15.96 -3.96
N GLU A 157 5.04 -16.75 -3.46
CA GLU A 157 5.48 -17.99 -4.11
C GLU A 157 4.42 -19.09 -3.99
N TYR A 158 3.55 -18.98 -2.97
CA TYR A 158 2.40 -19.89 -2.77
C TYR A 158 1.40 -19.77 -3.94
N LEU A 159 1.02 -18.54 -4.30
CA LEU A 159 0.14 -18.30 -5.47
C LEU A 159 0.89 -18.57 -6.79
N LEU A 160 2.18 -18.19 -6.82
CA LEU A 160 3.03 -18.33 -8.02
C LEU A 160 3.45 -19.80 -8.29
N SER A 161 3.31 -20.67 -7.26
CA SER A 161 3.60 -22.12 -7.38
C SER A 161 2.58 -22.82 -8.29
N SER A 162 1.41 -22.18 -8.48
CA SER A 162 0.37 -22.64 -9.41
C SER A 162 0.44 -21.85 -10.75
N GLY A 163 1.49 -21.01 -10.88
CA GLY A 163 1.72 -20.21 -12.09
C GLY A 163 2.41 -20.99 -13.20
N ILE A 164 2.34 -20.45 -14.42
CA ILE A 164 2.88 -21.04 -15.67
C ILE A 164 3.81 -20.03 -16.39
N ASN A 165 4.16 -20.31 -17.66
CA ASN A 165 5.21 -19.55 -18.39
C ASN A 165 4.90 -18.03 -18.49
N GLY A 166 5.70 -17.22 -17.75
CA GLY A 166 5.55 -15.76 -17.79
C GLY A 166 4.61 -15.23 -16.70
N SER A 167 4.27 -16.10 -15.72
CA SER A 167 3.35 -15.69 -14.63
C SER A 167 4.11 -14.83 -13.61
N PHE A 168 3.52 -13.67 -13.23
CA PHE A 168 4.18 -12.76 -12.25
C PHE A 168 3.23 -12.28 -11.16
N LEU A 169 3.81 -11.92 -10.01
CA LEU A 169 3.12 -11.25 -8.90
C LEU A 169 4.01 -10.11 -8.39
N VAL A 170 3.40 -8.94 -8.19
CA VAL A 170 4.10 -7.76 -7.62
C VAL A 170 3.58 -7.56 -6.18
N ARG A 171 4.49 -7.67 -5.21
CA ARG A 171 4.19 -7.47 -3.76
C ARG A 171 5.02 -6.30 -3.25
N GLU A 172 4.71 -5.80 -2.04
CA GLU A 172 5.69 -5.02 -1.24
C GLU A 172 5.96 -5.75 0.08
N SER A 173 7.09 -5.41 0.72
CA SER A 173 7.52 -6.03 1.97
C SER A 173 6.90 -5.27 3.17
N GLU A 174 6.39 -6.06 4.14
CA GLU A 174 5.73 -5.53 5.35
C GLU A 174 6.76 -4.95 6.35
N SER A 175 7.94 -5.60 6.42
CA SER A 175 9.03 -5.21 7.32
C SER A 175 9.98 -4.19 6.63
N SER A 176 9.89 -4.07 5.30
CA SER A 176 10.66 -3.09 4.51
C SER A 176 9.67 -2.30 3.63
N PRO A 177 9.04 -1.20 4.18
CA PRO A 177 8.00 -0.41 3.47
C PRO A 177 8.57 0.33 2.24
N GLY A 178 7.78 0.36 1.16
CA GLY A 178 8.16 1.03 -0.08
C GLY A 178 9.03 0.16 -1.00
N GLN A 179 9.77 -0.80 -0.39
CA GLN A 179 10.54 -1.80 -1.14
C GLN A 179 9.59 -2.89 -1.60
N ARG A 180 9.51 -3.05 -2.92
CA ARG A 180 8.61 -3.99 -3.58
C ARG A 180 9.43 -5.08 -4.28
N SER A 181 8.80 -6.17 -4.68
CA SER A 181 9.47 -7.27 -5.38
C SER A 181 8.50 -7.91 -6.37
N ILE A 182 9.02 -8.25 -7.58
CA ILE A 182 8.25 -9.02 -8.57
C ILE A 182 8.76 -10.47 -8.56
N SER A 183 7.83 -11.39 -8.69
CA SER A 183 8.08 -12.82 -8.64
C SER A 183 7.61 -13.45 -9.98
N LEU A 184 8.56 -13.92 -10.79
CA LEU A 184 8.30 -14.57 -12.09
C LEU A 184 8.45 -16.08 -12.00
N ARG A 185 7.59 -16.79 -12.74
CA ARG A 185 7.71 -18.21 -12.98
C ARG A 185 7.54 -18.46 -14.48
N TYR A 186 8.46 -19.27 -15.02
CA TYR A 186 8.39 -19.77 -16.40
C TYR A 186 8.91 -21.22 -16.42
N GLU A 187 8.18 -22.11 -17.10
CA GLU A 187 8.55 -23.55 -17.30
C GLU A 187 8.99 -24.25 -15.98
N GLY A 188 8.31 -23.90 -14.88
CA GLY A 188 8.51 -24.55 -13.59
C GLY A 188 9.54 -23.86 -12.70
N ARG A 189 10.22 -22.84 -13.24
CA ARG A 189 11.32 -22.14 -12.54
C ARG A 189 10.83 -20.80 -12.00
N VAL A 190 10.99 -20.61 -10.68
CA VAL A 190 10.60 -19.40 -9.96
C VAL A 190 11.86 -18.59 -9.58
N TYR A 191 11.79 -17.26 -9.76
CA TYR A 191 12.79 -16.32 -9.26
C TYR A 191 12.11 -15.00 -8.85
N HIS A 192 12.72 -14.32 -7.88
CA HIS A 192 12.17 -13.12 -7.24
C HIS A 192 13.26 -12.03 -7.29
N TYR A 193 12.88 -10.81 -7.68
CA TYR A 193 13.82 -9.68 -7.78
C TYR A 193 13.19 -8.40 -7.21
N ARG A 194 14.03 -7.65 -6.48
CA ARG A 194 13.62 -6.49 -5.68
C ARG A 194 13.48 -5.22 -6.56
N ILE A 195 12.28 -4.63 -6.53
CA ILE A 195 12.03 -3.25 -6.97
C ILE A 195 12.63 -2.30 -5.91
N ASN A 196 13.64 -1.53 -6.32
CA ASN A 196 14.25 -0.50 -5.47
C ASN A 196 13.57 0.84 -5.74
N THR A 197 13.19 1.53 -4.65
CA THR A 197 12.67 2.90 -4.71
C THR A 197 13.83 3.88 -4.45
N ALA A 198 14.13 4.71 -5.47
CA ALA A 198 15.13 5.78 -5.37
C ALA A 198 14.70 6.89 -4.39
N SER A 199 15.68 7.71 -3.94
CA SER A 199 15.43 8.89 -3.09
C SER A 199 14.73 10.02 -3.90
N ASP A 200 14.69 9.82 -5.23
CA ASP A 200 13.95 10.67 -6.18
C ASP A 200 12.41 10.46 -6.04
N GLY A 201 12.01 9.34 -5.38
CA GLY A 201 10.60 8.90 -5.33
C GLY A 201 10.24 8.00 -6.51
N LYS A 202 11.24 7.73 -7.35
CA LYS A 202 11.09 6.94 -8.58
C LYS A 202 11.34 5.46 -8.31
N LEU A 203 10.60 4.58 -9.02
CA LEU A 203 10.76 3.13 -8.91
C LEU A 203 11.71 2.63 -10.00
N TYR A 204 12.45 1.54 -9.71
CA TYR A 204 13.35 0.89 -10.68
C TYR A 204 13.71 -0.53 -10.25
N VAL A 205 14.30 -1.29 -11.19
CA VAL A 205 14.82 -2.67 -10.95
C VAL A 205 16.13 -2.84 -11.73
N SER A 206 16.02 -2.74 -13.07
CA SER A 206 17.10 -3.03 -14.03
C SER A 206 17.79 -1.71 -14.50
N SER A 207 18.66 -1.82 -15.53
CA SER A 207 19.58 -0.72 -15.95
C SER A 207 18.82 0.47 -16.60
N GLU A 208 17.92 0.18 -17.55
CA GLU A 208 17.12 1.22 -18.26
C GLU A 208 15.88 1.59 -17.42
N SER A 209 15.55 0.73 -16.43
CA SER A 209 14.35 0.88 -15.60
C SER A 209 14.43 2.16 -14.73
N ARG A 210 13.65 3.19 -15.11
CA ARG A 210 13.41 4.40 -14.28
C ARG A 210 11.97 4.89 -14.51
N PHE A 211 11.15 4.90 -13.44
CA PHE A 211 9.68 5.18 -13.53
C PHE A 211 9.23 6.11 -12.43
N ASN A 212 8.17 6.87 -12.67
CA ASN A 212 7.47 7.64 -11.63
C ASN A 212 6.50 6.71 -10.87
N THR A 213 5.87 5.77 -11.63
CA THR A 213 4.80 4.89 -11.10
C THR A 213 5.04 3.40 -11.41
N LEU A 214 4.35 2.56 -10.62
CA LEU A 214 4.45 1.09 -10.72
C LEU A 214 3.69 0.58 -11.97
N ALA A 215 2.73 1.38 -12.46
CA ALA A 215 2.04 1.12 -13.74
C ALA A 215 3.03 1.11 -14.91
N GLU A 216 3.86 2.17 -14.94
CA GLU A 216 4.95 2.33 -15.92
C GLU A 216 5.97 1.21 -15.77
N LEU A 217 6.30 0.87 -14.49
CA LEU A 217 7.24 -0.22 -14.17
C LEU A 217 6.77 -1.56 -14.76
N VAL A 218 5.49 -1.90 -14.54
CA VAL A 218 4.93 -3.21 -14.93
C VAL A 218 4.75 -3.30 -16.46
N HIS A 219 4.34 -2.19 -17.11
CA HIS A 219 4.22 -2.18 -18.60
C HIS A 219 5.60 -2.33 -19.27
N HIS A 220 6.57 -1.56 -18.77
CA HIS A 220 7.96 -1.63 -19.25
C HIS A 220 8.47 -3.06 -19.10
N HIS A 221 8.32 -3.60 -17.89
CA HIS A 221 8.80 -4.95 -17.55
C HIS A 221 7.99 -6.05 -18.24
N SER A 222 6.77 -5.74 -18.71
CA SER A 222 5.99 -6.69 -19.53
C SER A 222 6.45 -6.67 -20.99
N THR A 223 7.13 -5.56 -21.42
CA THR A 223 7.62 -5.46 -22.81
C THR A 223 9.17 -5.50 -23.01
N VAL A 224 10.03 -5.37 -21.95
CA VAL A 224 11.49 -5.13 -22.16
C VAL A 224 12.41 -6.34 -21.87
N ALA A 225 13.59 -6.21 -22.50
CA ALA A 225 14.71 -7.16 -22.57
C ALA A 225 15.75 -6.97 -21.45
N ASP A 226 15.51 -6.00 -20.55
CA ASP A 226 16.49 -5.05 -19.93
C ASP A 226 17.28 -5.68 -18.73
N GLY A 227 17.24 -6.99 -18.61
CA GLY A 227 17.75 -7.73 -17.45
C GLY A 227 16.63 -8.52 -16.80
N LEU A 228 15.58 -8.73 -17.60
CA LEU A 228 14.55 -9.72 -17.37
C LEU A 228 14.92 -11.01 -18.11
N ILE A 229 14.89 -12.14 -17.39
CA ILE A 229 15.02 -13.48 -17.99
C ILE A 229 13.81 -13.73 -18.91
N THR A 230 12.61 -13.46 -18.37
CA THR A 230 11.36 -13.45 -19.13
C THR A 230 10.62 -12.14 -18.79
N THR A 231 9.87 -11.60 -19.75
CA THR A 231 9.02 -10.42 -19.53
C THR A 231 7.75 -10.82 -18.74
N LEU A 232 7.16 -9.85 -18.03
CA LEU A 232 5.89 -10.06 -17.29
C LEU A 232 4.78 -10.37 -18.31
N HIS A 233 4.37 -11.65 -18.43
CA HIS A 233 3.42 -12.04 -19.50
C HIS A 233 1.99 -11.87 -18.97
N TYR A 234 1.69 -12.57 -17.88
CA TYR A 234 0.35 -12.50 -17.23
C TYR A 234 0.48 -12.80 -15.72
N PRO A 235 -0.39 -12.20 -14.84
CA PRO A 235 -0.36 -12.47 -13.39
C PRO A 235 -0.67 -13.94 -13.04
N ALA A 236 -0.06 -14.43 -11.95
CA ALA A 236 -0.43 -15.73 -11.36
C ALA A 236 -1.78 -15.58 -10.64
N PRO A 237 -2.74 -16.54 -10.84
CA PRO A 237 -4.13 -16.38 -10.34
C PRO A 237 -4.23 -16.31 -8.81
N LYS A 238 -5.09 -15.38 -8.32
CA LYS A 238 -5.48 -15.30 -6.90
C LYS A 238 -6.38 -16.52 -6.58
N ARG A 239 -6.46 -16.91 -5.29
CA ARG A 239 -7.14 -18.16 -4.84
C ARG A 239 -8.61 -18.24 -5.34
N ASN A 240 -9.25 -17.08 -5.46
CA ASN A 240 -10.52 -16.91 -6.18
C ASN A 240 -10.21 -16.35 -7.59
N LYS A 241 -10.66 -17.07 -8.65
CA LYS A 241 -10.32 -16.72 -10.04
C LYS A 241 -11.45 -17.15 -11.03
N PRO A 242 -12.14 -16.18 -11.67
CA PRO A 242 -13.03 -16.45 -12.83
C PRO A 242 -12.22 -16.72 -14.14
N THR A 243 -12.87 -17.39 -15.11
CA THR A 243 -12.26 -17.72 -16.41
C THR A 243 -12.97 -16.94 -17.55
N VAL A 244 -12.20 -16.59 -18.59
CA VAL A 244 -12.70 -15.89 -19.79
C VAL A 244 -12.37 -16.74 -21.02
N TYR A 245 -13.35 -16.89 -21.93
CA TYR A 245 -13.22 -17.72 -23.13
C TYR A 245 -12.70 -16.89 -24.31
N GLY A 246 -13.19 -15.65 -24.39
CA GLY A 246 -12.89 -14.74 -25.51
C GLY A 246 -13.99 -14.75 -26.57
N VAL A 247 -13.89 -13.84 -27.55
CA VAL A 247 -14.88 -13.70 -28.64
C VAL A 247 -14.16 -13.43 -29.99
N SER A 248 -14.86 -13.79 -31.09
CA SER A 248 -14.48 -13.45 -32.48
C SER A 248 -13.15 -14.12 -32.93
N PRO A 249 -13.16 -14.98 -34.01
CA PRO A 249 -11.92 -15.52 -34.62
C PRO A 249 -11.27 -14.48 -35.56
N ASN A 250 -10.12 -14.85 -36.15
CA ASN A 250 -9.42 -14.02 -37.15
C ASN A 250 -9.34 -14.78 -38.48
N TYR A 251 -9.56 -14.06 -39.58
CA TYR A 251 -9.53 -14.63 -40.94
C TYR A 251 -8.18 -14.29 -41.60
N ASP A 252 -7.29 -15.29 -41.71
CA ASP A 252 -5.97 -15.13 -42.37
C ASP A 252 -6.17 -14.71 -43.84
N LYS A 253 -7.07 -15.42 -44.54
CA LYS A 253 -7.51 -15.07 -45.90
C LYS A 253 -8.71 -14.10 -45.84
N TRP A 254 -9.05 -13.51 -47.00
CA TRP A 254 -10.16 -12.54 -47.15
C TRP A 254 -9.96 -11.31 -46.23
N GLU A 255 -9.28 -10.28 -46.75
CA GLU A 255 -9.00 -9.03 -46.04
C GLU A 255 -9.39 -7.86 -46.99
N MET A 1 19.78 5.24 12.74
CA MET A 1 19.68 4.66 11.39
C MET A 1 20.84 3.66 11.17
N GLY A 2 20.70 2.78 10.16
CA GLY A 2 21.70 1.74 9.87
C GLY A 2 21.05 0.37 9.85
N GLN A 3 20.35 0.05 10.94
CA GLN A 3 19.58 -1.19 11.08
C GLN A 3 18.09 -0.89 10.94
N GLN A 4 17.39 -1.72 10.15
CA GLN A 4 15.93 -1.64 9.97
C GLN A 4 15.29 -2.77 10.81
N PRO A 5 14.67 -2.43 11.97
CA PRO A 5 14.06 -3.43 12.86
C PRO A 5 12.75 -3.97 12.29
N GLY A 6 12.87 -4.93 11.33
CA GLY A 6 11.72 -5.50 10.61
C GLY A 6 10.74 -6.20 11.53
N LYS A 7 9.88 -5.39 12.16
CA LYS A 7 8.96 -5.81 13.23
C LYS A 7 7.56 -5.29 12.93
N VAL A 8 6.78 -6.12 12.21
CA VAL A 8 5.38 -5.84 11.90
C VAL A 8 4.50 -6.94 12.47
N LEU A 9 3.22 -6.61 12.64
CA LEU A 9 2.23 -7.46 13.30
C LEU A 9 1.21 -7.94 12.26
N GLY A 10 0.42 -8.96 12.62
CA GLY A 10 -0.52 -9.58 11.71
C GLY A 10 -1.31 -10.68 12.38
N ASP A 11 -1.93 -10.31 13.52
CA ASP A 11 -2.78 -11.21 14.33
C ASP A 11 -4.17 -11.31 13.67
N GLN A 12 -5.19 -11.73 14.45
CA GLN A 12 -6.61 -11.69 14.02
C GLN A 12 -7.11 -10.22 13.93
N ARG A 13 -8.44 -9.99 14.02
CA ARG A 13 -9.01 -8.64 14.01
C ARG A 13 -8.50 -7.86 15.24
N ARG A 14 -8.23 -6.56 15.03
CA ARG A 14 -7.55 -5.70 16.01
C ARG A 14 -6.14 -6.27 16.37
N PRO A 15 -5.18 -6.32 15.38
CA PRO A 15 -3.79 -6.80 15.63
C PRO A 15 -3.04 -5.90 16.63
N SER A 16 -1.90 -6.37 17.14
CA SER A 16 -1.12 -5.62 18.13
C SER A 16 -0.44 -4.39 17.49
N LEU A 17 0.11 -3.53 18.36
CA LEU A 17 0.68 -2.24 17.95
C LEU A 17 2.21 -2.30 18.02
N PRO A 18 2.94 -1.77 16.99
CA PRO A 18 4.42 -1.64 17.04
C PRO A 18 4.86 -0.48 17.96
N ALA A 19 6.18 -0.35 18.17
CA ALA A 19 6.76 0.73 19.00
C ALA A 19 6.96 2.01 18.15
N LEU A 20 6.84 3.19 18.79
CA LEU A 20 7.01 4.50 18.13
C LEU A 20 8.52 4.87 18.14
N HIS A 21 9.23 4.53 17.06
CA HIS A 21 10.68 4.79 16.93
C HIS A 21 10.91 6.09 16.14
N PHE A 22 10.24 6.20 14.98
CA PHE A 22 10.37 7.37 14.09
C PHE A 22 9.12 8.26 14.24
N ILE A 23 9.29 9.48 14.76
CA ILE A 23 8.21 10.47 14.90
C ILE A 23 8.58 11.75 14.13
N LYS A 24 7.73 12.12 13.17
CA LYS A 24 7.83 13.40 12.43
C LYS A 24 6.59 14.27 12.72
N GLY A 25 6.68 15.56 12.37
CA GLY A 25 5.61 16.52 12.60
C GLY A 25 5.99 17.90 12.10
N ALA A 26 6.59 17.93 10.89
CA ALA A 26 7.13 19.14 10.26
C ALA A 26 6.77 19.16 8.77
N GLY A 27 6.17 20.27 8.31
CA GLY A 27 5.78 20.44 6.90
C GLY A 27 4.39 21.05 6.77
N LYS A 28 4.33 22.30 6.27
CA LYS A 28 3.07 23.04 6.05
C LYS A 28 2.37 22.58 4.75
N ARG A 29 3.15 21.99 3.81
CA ARG A 29 2.64 21.53 2.50
C ARG A 29 1.79 20.24 2.69
N GLU A 30 0.52 20.48 3.03
CA GLU A 30 -0.50 19.45 3.27
C GLU A 30 -1.05 18.92 1.92
N SER A 31 -2.05 18.03 1.98
CA SER A 31 -2.73 17.49 0.78
C SER A 31 -4.05 18.24 0.48
N SER A 32 -4.28 19.36 1.21
CA SER A 32 -5.46 20.23 1.07
C SER A 32 -5.01 21.71 1.18
N ARG A 33 -5.87 22.60 1.71
CA ARG A 33 -5.48 23.96 2.11
C ARG A 33 -6.46 24.48 3.18
N HIS A 34 -6.10 24.30 4.47
CA HIS A 34 -6.90 24.82 5.60
C HIS A 34 -6.67 26.34 5.75
N GLY A 35 -7.77 27.11 5.68
CA GLY A 35 -7.69 28.59 5.68
C GLY A 35 -7.45 29.17 7.06
N GLY A 36 -7.20 30.50 7.11
CA GLY A 36 -6.95 31.21 8.37
C GLY A 36 -8.23 31.62 9.09
N PRO A 37 -8.14 32.45 10.18
CA PRO A 37 -9.32 32.93 10.93
C PRO A 37 -10.12 33.99 10.13
N HIS A 38 -11.42 34.07 10.42
CA HIS A 38 -12.31 35.09 9.85
C HIS A 38 -11.94 36.47 10.41
N CYS A 39 -11.87 36.54 11.75
CA CYS A 39 -11.53 37.76 12.51
C CYS A 39 -10.02 37.86 12.72
N ASN A 40 -9.40 38.86 12.08
CA ASN A 40 -7.94 39.09 12.15
C ASN A 40 -7.61 39.94 13.40
N VAL A 41 -6.93 39.31 14.37
CA VAL A 41 -6.50 39.98 15.63
C VAL A 41 -5.30 40.92 15.40
N PHE A 42 -4.81 41.56 16.48
CA PHE A 42 -3.64 42.45 16.43
C PHE A 42 -2.37 41.66 16.01
N VAL A 43 -1.50 42.32 15.23
CA VAL A 43 -0.25 41.73 14.73
C VAL A 43 0.75 42.86 14.46
N GLU A 44 2.05 42.55 14.59
CA GLU A 44 3.16 43.46 14.28
C GLU A 44 4.25 42.66 13.56
N HIS A 45 4.84 43.25 12.51
CA HIS A 45 5.86 42.59 11.67
C HIS A 45 7.23 42.67 12.35
N GLU A 46 7.50 41.67 13.20
CA GLU A 46 8.74 41.54 13.95
C GLU A 46 9.49 40.28 13.48
N ALA A 47 10.50 40.48 12.62
CA ALA A 47 11.26 39.37 11.98
C ALA A 47 12.71 39.34 12.49
N LEU A 48 12.88 38.85 13.73
CA LEU A 48 14.19 38.70 14.40
C LEU A 48 14.82 37.33 14.06
N GLN A 49 15.39 37.22 12.85
CA GLN A 49 15.97 35.97 12.33
C GLN A 49 17.52 36.01 12.44
N ARG A 50 18.02 36.63 13.54
CA ARG A 50 19.48 36.73 13.82
C ARG A 50 20.14 35.32 13.90
N PRO A 51 19.54 34.30 14.65
CA PRO A 51 20.01 32.90 14.56
C PRO A 51 19.78 32.33 13.13
N VAL A 52 20.87 31.94 12.44
CA VAL A 52 20.81 31.47 11.03
C VAL A 52 21.31 30.03 10.88
N ALA A 53 21.94 29.48 11.95
CA ALA A 53 22.52 28.12 11.95
C ALA A 53 21.43 27.05 12.18
N SER A 54 21.84 25.77 12.13
CA SER A 54 20.97 24.61 12.36
C SER A 54 21.82 23.45 12.92
N ASP A 55 21.22 22.25 13.03
CA ASP A 55 21.94 21.03 13.40
C ASP A 55 21.38 19.85 12.60
N PHE A 56 22.27 19.00 12.09
CA PHE A 56 21.91 17.81 11.28
C PHE A 56 22.52 16.54 11.91
N GLU A 57 22.44 15.39 11.18
CA GLU A 57 22.99 14.09 11.64
C GLU A 57 22.29 13.56 12.93
N PRO A 58 21.02 13.05 12.82
CA PRO A 58 20.29 12.46 13.96
C PRO A 58 20.63 10.96 14.18
N GLN A 59 19.76 10.23 14.91
CA GLN A 59 19.92 8.78 15.16
C GLN A 59 18.55 8.09 15.30
N GLY A 60 18.55 6.74 15.31
CA GLY A 60 17.32 5.94 15.35
C GLY A 60 17.61 4.46 15.15
N LEU A 61 17.93 3.75 16.25
CA LEU A 61 18.23 2.30 16.25
C LEU A 61 17.22 1.53 17.11
N SER A 62 16.91 0.31 16.67
CA SER A 62 16.12 -0.68 17.44
C SER A 62 16.51 -2.08 16.96
N GLU A 63 16.47 -3.07 17.87
CA GLU A 63 16.79 -4.47 17.59
C GLU A 63 15.53 -5.33 17.74
N ALA A 64 14.84 -5.54 16.60
CA ALA A 64 13.65 -6.39 16.52
C ALA A 64 13.52 -6.93 15.09
N ALA A 65 13.28 -8.24 14.92
CA ALA A 65 13.23 -8.86 13.58
C ALA A 65 12.30 -10.09 13.55
N ARG A 66 11.02 -9.82 13.24
CA ARG A 66 10.03 -10.86 12.89
C ARG A 66 8.83 -10.17 12.24
N TRP A 67 8.22 -10.85 11.27
CA TRP A 67 7.09 -10.32 10.49
C TRP A 67 5.92 -11.30 10.52
N ASN A 68 4.79 -10.84 9.98
CA ASN A 68 3.58 -11.66 9.77
C ASN A 68 2.97 -11.29 8.42
N SER A 69 2.00 -12.10 7.97
CA SER A 69 1.18 -11.76 6.81
C SER A 69 0.12 -10.75 7.26
N LYS A 70 0.10 -9.58 6.60
CA LYS A 70 -0.87 -8.52 6.88
C LYS A 70 -2.17 -8.77 6.09
N GLU A 71 -3.33 -8.61 6.77
CA GLU A 71 -4.65 -8.69 6.14
C GLU A 71 -4.90 -7.42 5.30
N ASN A 72 -5.47 -7.61 4.10
CA ASN A 72 -5.68 -6.53 3.13
C ASN A 72 -7.09 -6.63 2.53
N LEU A 73 -7.94 -5.64 2.85
CA LEU A 73 -9.30 -5.52 2.32
C LEU A 73 -9.51 -4.07 1.85
N LEU A 74 -9.45 -3.85 0.53
CA LEU A 74 -9.60 -2.52 -0.08
C LEU A 74 -11.09 -2.11 -0.08
N ALA A 75 -11.46 -1.16 0.80
CA ALA A 75 -12.78 -0.50 0.78
C ALA A 75 -12.75 0.61 -0.29
N GLY A 76 -12.69 0.17 -1.56
CA GLY A 76 -12.43 1.04 -2.71
C GLY A 76 -13.53 2.08 -2.96
N PRO A 77 -13.23 3.42 -2.85
CA PRO A 77 -14.19 4.50 -3.17
C PRO A 77 -14.10 4.86 -4.67
N SER A 78 -14.32 6.15 -5.03
CA SER A 78 -14.06 6.64 -6.39
C SER A 78 -12.53 6.59 -6.65
N GLU A 79 -11.79 7.65 -6.24
CA GLU A 79 -10.30 7.75 -6.32
C GLU A 79 -9.85 9.19 -6.02
N ASN A 80 -8.62 9.34 -5.46
CA ASN A 80 -7.96 10.66 -5.28
C ASN A 80 -6.51 10.57 -5.74
N ASP A 81 -5.66 9.97 -4.88
CA ASP A 81 -4.21 9.83 -5.09
C ASP A 81 -3.75 8.47 -4.53
N PRO A 82 -2.58 7.88 -4.96
CA PRO A 82 -2.09 6.55 -4.48
C PRO A 82 -1.91 6.46 -2.96
N ASN A 83 -1.82 7.61 -2.28
CA ASN A 83 -1.65 7.70 -0.81
C ASN A 83 -3.01 7.80 -0.10
N LEU A 84 -4.10 7.44 -0.81
CA LEU A 84 -5.45 7.32 -0.21
C LEU A 84 -5.59 5.92 0.41
N PHE A 85 -5.61 5.90 1.74
CA PHE A 85 -5.75 4.69 2.57
C PHE A 85 -7.17 4.62 3.19
N VAL A 86 -7.43 3.52 3.89
CA VAL A 86 -8.62 3.37 4.73
C VAL A 86 -8.18 2.74 6.05
N ALA A 87 -8.88 3.08 7.14
CA ALA A 87 -8.71 2.43 8.43
C ALA A 87 -9.53 1.13 8.43
N LEU A 88 -8.84 -0.02 8.37
CA LEU A 88 -9.44 -1.36 8.50
C LEU A 88 -10.08 -1.54 9.89
N TYR A 89 -9.56 -0.83 10.89
CA TYR A 89 -10.02 -0.91 12.28
C TYR A 89 -10.02 0.49 12.91
N ASP A 90 -10.68 0.60 14.07
CA ASP A 90 -10.70 1.83 14.87
C ASP A 90 -9.41 1.92 15.72
N PHE A 91 -8.96 3.16 15.93
CA PHE A 91 -7.75 3.47 16.69
C PHE A 91 -7.87 4.90 17.23
N VAL A 92 -7.88 5.05 18.55
CA VAL A 92 -7.87 6.37 19.23
C VAL A 92 -6.42 6.89 19.26
N ALA A 93 -6.23 8.21 19.04
CA ALA A 93 -4.92 8.86 19.14
C ALA A 93 -4.31 8.63 20.55
N SER A 94 -3.16 7.95 20.60
CA SER A 94 -2.40 7.67 21.85
C SER A 94 -2.01 8.99 22.54
N GLY A 95 -1.52 9.93 21.72
CA GLY A 95 -1.16 11.27 22.15
C GLY A 95 -1.10 12.24 20.97
N ASP A 96 -0.19 13.24 21.07
CA ASP A 96 -0.05 14.33 20.09
C ASP A 96 0.50 13.83 18.74
N ASN A 97 1.41 12.83 18.80
CA ASN A 97 2.10 12.30 17.59
C ASN A 97 1.29 11.23 16.83
N THR A 98 0.02 11.03 17.22
CA THR A 98 -0.85 10.01 16.60
C THR A 98 -2.18 10.63 16.14
N LEU A 99 -2.84 9.99 15.17
CA LEU A 99 -4.15 10.42 14.65
C LEU A 99 -5.24 9.43 15.10
N SER A 100 -6.40 9.98 15.51
CA SER A 100 -7.58 9.18 15.85
C SER A 100 -8.33 8.87 14.55
N ILE A 101 -8.40 7.58 14.20
CA ILE A 101 -9.06 7.08 12.97
C ILE A 101 -10.13 6.05 13.33
N THR A 102 -11.25 6.04 12.58
CA THR A 102 -12.34 5.06 12.79
C THR A 102 -12.39 4.08 11.61
N LYS A 103 -12.85 2.84 11.85
CA LYS A 103 -13.03 1.81 10.80
C LYS A 103 -13.91 2.34 9.63
N GLY A 104 -13.30 2.54 8.46
CA GLY A 104 -13.98 2.99 7.26
C GLY A 104 -13.57 4.40 6.84
N GLU A 105 -12.89 5.12 7.76
CA GLU A 105 -12.37 6.46 7.52
C GLU A 105 -11.23 6.39 6.49
N LYS A 106 -11.41 7.11 5.37
CA LYS A 106 -10.39 7.16 4.31
C LYS A 106 -9.31 8.16 4.71
N LEU A 107 -8.10 7.67 4.86
CA LEU A 107 -6.95 8.45 5.36
C LEU A 107 -6.11 8.90 4.16
N ARG A 108 -5.28 9.93 4.34
CA ARG A 108 -4.21 10.23 3.36
C ARG A 108 -2.87 10.16 4.09
N VAL A 109 -2.11 9.10 3.81
CA VAL A 109 -0.84 8.84 4.47
C VAL A 109 0.28 9.41 3.61
N LEU A 110 0.99 10.43 4.15
CA LEU A 110 2.11 11.08 3.44
C LEU A 110 3.26 10.09 3.27
N GLY A 111 3.45 9.22 4.27
CA GLY A 111 4.42 8.14 4.21
C GLY A 111 4.43 7.29 5.47
N TYR A 112 5.21 6.21 5.44
CA TYR A 112 5.41 5.32 6.59
C TYR A 112 6.66 5.78 7.35
N ASN A 113 6.92 5.12 8.50
CA ASN A 113 8.22 5.20 9.18
C ASN A 113 9.31 4.59 8.29
N HIS A 114 10.59 4.79 8.66
CA HIS A 114 11.72 4.20 7.92
C HIS A 114 11.80 2.66 8.20
N ASN A 115 10.93 2.16 9.09
CA ASN A 115 10.74 0.72 9.34
C ASN A 115 9.41 0.23 8.71
N GLY A 116 8.48 1.17 8.44
CA GLY A 116 7.13 0.84 7.94
C GLY A 116 6.16 0.39 9.04
N GLU A 117 6.57 0.61 10.30
CA GLU A 117 5.81 0.23 11.52
C GLU A 117 4.52 1.07 11.68
N TRP A 118 4.66 2.42 11.68
CA TRP A 118 3.53 3.37 11.76
C TRP A 118 3.46 4.19 10.46
N ALA A 119 2.40 5.01 10.32
CA ALA A 119 2.08 5.70 9.05
C ALA A 119 1.49 7.09 9.35
N GLU A 120 2.14 8.15 8.85
CA GLU A 120 1.72 9.53 9.08
C GLU A 120 0.48 9.85 8.20
N ALA A 121 -0.71 9.73 8.81
CA ALA A 121 -1.98 9.87 8.12
C ALA A 121 -2.59 11.24 8.39
N GLN A 122 -3.36 11.75 7.42
CA GLN A 122 -3.99 13.06 7.48
C GLN A 122 -5.48 12.94 7.08
N THR A 123 -6.36 13.36 8.00
CA THR A 123 -7.81 13.52 7.77
C THR A 123 -8.26 14.88 8.32
N LYS A 124 -9.57 15.15 8.26
CA LYS A 124 -10.18 16.35 8.87
C LYS A 124 -10.22 16.25 10.42
N ASN A 125 -9.77 15.10 10.96
CA ASN A 125 -9.58 14.90 12.40
C ASN A 125 -8.14 15.30 12.81
N GLY A 126 -7.31 15.74 11.84
CA GLY A 126 -5.93 16.17 12.11
C GLY A 126 -4.91 15.31 11.36
N GLN A 127 -3.67 15.26 11.86
CA GLN A 127 -2.58 14.52 11.21
C GLN A 127 -1.65 13.89 12.28
N GLY A 128 -1.34 12.59 12.13
CA GLY A 128 -0.44 11.89 13.05
C GLY A 128 -0.23 10.43 12.66
N TRP A 129 0.68 9.76 13.39
CA TRP A 129 1.10 8.38 13.13
C TRP A 129 0.06 7.37 13.62
N VAL A 130 -0.44 6.55 12.69
CA VAL A 130 -1.38 5.46 12.95
C VAL A 130 -0.69 4.11 12.62
N PRO A 131 -1.06 2.98 13.29
CA PRO A 131 -0.41 1.69 13.05
C PRO A 131 -0.75 1.20 11.63
N SER A 132 0.29 0.88 10.85
CA SER A 132 0.18 0.41 9.47
C SER A 132 -0.69 -0.88 9.38
N ASN A 133 -0.73 -1.65 10.48
CA ASN A 133 -1.53 -2.89 10.62
C ASN A 133 -3.05 -2.61 10.53
N TYR A 134 -3.45 -1.39 10.93
CA TYR A 134 -4.87 -0.97 11.01
C TYR A 134 -5.34 -0.25 9.75
N ILE A 135 -4.47 -0.11 8.73
CA ILE A 135 -4.79 0.66 7.50
C ILE A 135 -4.39 -0.12 6.25
N THR A 136 -4.91 0.32 5.08
CA THR A 136 -4.46 -0.21 3.76
C THR A 136 -4.83 0.79 2.64
N PRO A 137 -3.93 1.00 1.60
CA PRO A 137 -4.20 1.95 0.50
C PRO A 137 -5.30 1.45 -0.46
N VAL A 138 -6.43 2.17 -0.48
CA VAL A 138 -7.66 1.77 -1.25
C VAL A 138 -7.55 2.18 -2.73
N ASN A 139 -6.93 3.33 -2.97
CA ASN A 139 -6.73 3.87 -4.32
C ASN A 139 -5.35 3.44 -4.87
N SER A 140 -4.77 2.40 -4.23
CA SER A 140 -3.53 1.78 -4.66
C SER A 140 -3.68 1.14 -6.04
N LEU A 141 -2.54 0.82 -6.64
CA LEU A 141 -2.44 0.21 -7.98
C LEU A 141 -3.02 -1.23 -8.00
N GLU A 142 -3.31 -1.81 -6.80
CA GLU A 142 -3.93 -3.16 -6.67
C GLU A 142 -5.37 -3.20 -7.24
N LYS A 143 -5.95 -2.02 -7.52
CA LYS A 143 -7.19 -1.87 -8.31
C LYS A 143 -6.99 -2.43 -9.75
N HIS A 144 -5.71 -2.69 -10.10
CA HIS A 144 -5.27 -3.44 -11.28
C HIS A 144 -4.77 -4.83 -10.84
N SER A 145 -4.92 -5.84 -11.71
CA SER A 145 -4.62 -7.26 -11.38
C SER A 145 -3.12 -7.55 -11.18
N TRP A 146 -2.25 -6.68 -11.71
CA TRP A 146 -0.78 -6.87 -11.68
C TRP A 146 -0.18 -6.53 -10.29
N TYR A 147 -0.62 -5.41 -9.69
CA TYR A 147 -0.14 -5.00 -8.35
C TYR A 147 -1.00 -5.66 -7.26
N HIS A 148 -0.40 -5.98 -6.11
CA HIS A 148 -1.05 -6.72 -5.01
C HIS A 148 -0.59 -6.20 -3.64
N GLY A 149 -0.44 -4.88 -3.51
CA GLY A 149 -0.36 -4.21 -2.20
C GLY A 149 0.98 -4.36 -1.45
N PRO A 150 1.03 -3.96 -0.14
CA PRO A 150 2.18 -4.19 0.76
C PRO A 150 2.04 -5.55 1.49
N VAL A 151 2.69 -6.59 0.92
CA VAL A 151 2.54 -8.01 1.34
C VAL A 151 3.92 -8.67 1.56
N SER A 152 3.95 -9.69 2.44
CA SER A 152 5.15 -10.49 2.76
C SER A 152 5.48 -11.51 1.62
N ARG A 153 6.77 -11.93 1.56
CA ARG A 153 7.29 -12.86 0.52
C ARG A 153 6.60 -14.24 0.58
N ASN A 154 6.25 -14.68 1.79
CA ASN A 154 5.61 -15.99 2.05
C ASN A 154 4.21 -16.02 1.42
N ALA A 155 3.44 -14.93 1.63
CA ALA A 155 2.09 -14.75 1.06
C ALA A 155 2.15 -14.55 -0.46
N ALA A 156 3.25 -13.92 -0.93
CA ALA A 156 3.56 -13.79 -2.37
C ALA A 156 3.66 -15.17 -3.02
N GLU A 157 4.47 -16.05 -2.40
CA GLU A 157 4.67 -17.44 -2.85
C GLU A 157 3.39 -18.28 -2.70
N TYR A 158 2.58 -17.92 -1.67
CA TYR A 158 1.30 -18.60 -1.40
C TYR A 158 0.30 -18.40 -2.55
N LEU A 159 0.18 -17.15 -3.04
CA LEU A 159 -0.72 -16.83 -4.18
C LEU A 159 -0.10 -17.28 -5.53
N LEU A 160 1.22 -17.07 -5.66
CA LEU A 160 1.94 -17.27 -6.93
C LEU A 160 2.15 -18.75 -7.26
N SER A 161 2.06 -19.63 -6.25
CA SER A 161 2.22 -21.09 -6.41
C SER A 161 1.16 -21.67 -7.38
N SER A 162 -0.01 -21.01 -7.44
CA SER A 162 -1.14 -21.39 -8.31
C SER A 162 -0.88 -21.01 -9.79
N GLY A 163 0.12 -20.14 -10.04
CA GLY A 163 0.44 -19.68 -11.38
C GLY A 163 1.27 -20.67 -12.20
N ILE A 164 1.35 -20.44 -13.51
CA ILE A 164 2.14 -21.27 -14.46
C ILE A 164 3.30 -20.43 -15.02
N ASN A 165 3.94 -20.90 -16.13
CA ASN A 165 5.07 -20.22 -16.80
C ASN A 165 4.78 -18.72 -17.06
N GLY A 166 5.53 -17.83 -16.39
CA GLY A 166 5.41 -16.39 -16.61
C GLY A 166 4.38 -15.72 -15.69
N SER A 167 3.94 -16.44 -14.64
CA SER A 167 2.99 -15.86 -13.66
C SER A 167 3.74 -14.88 -12.77
N PHE A 168 3.14 -13.72 -12.45
CA PHE A 168 3.82 -12.72 -11.59
C PHE A 168 2.89 -12.09 -10.55
N LEU A 169 3.51 -11.53 -9.52
CA LEU A 169 2.88 -10.62 -8.55
C LEU A 169 3.79 -9.40 -8.40
N VAL A 170 3.23 -8.19 -8.46
CA VAL A 170 3.97 -6.95 -8.15
C VAL A 170 3.45 -6.45 -6.81
N ARG A 171 4.31 -6.43 -5.79
CA ARG A 171 3.94 -6.06 -4.41
C ARG A 171 5.16 -5.62 -3.62
N GLU A 172 4.95 -4.75 -2.62
CA GLU A 172 6.06 -4.21 -1.80
C GLU A 172 6.05 -4.81 -0.40
N SER A 173 7.22 -4.77 0.24
CA SER A 173 7.37 -5.16 1.66
C SER A 173 7.17 -3.93 2.55
N GLU A 174 6.09 -3.91 3.34
CA GLU A 174 5.77 -2.80 4.27
C GLU A 174 6.76 -2.78 5.45
N SER A 175 7.32 -3.97 5.76
CA SER A 175 8.32 -4.18 6.83
C SER A 175 9.74 -3.75 6.40
N SER A 176 9.87 -3.14 5.19
CA SER A 176 11.16 -2.77 4.60
C SER A 176 11.02 -1.43 3.84
N PRO A 177 11.84 -0.37 4.20
CA PRO A 177 11.68 1.01 3.66
C PRO A 177 11.87 1.11 2.12
N GLY A 178 10.76 1.40 1.42
CA GLY A 178 10.75 1.63 -0.03
C GLY A 178 11.11 0.40 -0.87
N GLN A 179 11.18 -0.78 -0.23
CA GLN A 179 11.58 -2.03 -0.90
C GLN A 179 10.34 -2.68 -1.53
N ARG A 180 10.35 -2.76 -2.86
CA ARG A 180 9.29 -3.41 -3.65
C ARG A 180 9.85 -4.68 -4.27
N SER A 181 8.97 -5.56 -4.77
CA SER A 181 9.38 -6.86 -5.33
C SER A 181 8.41 -7.30 -6.44
N ILE A 182 8.95 -7.93 -7.48
CA ILE A 182 8.16 -8.74 -8.42
C ILE A 182 8.58 -10.20 -8.22
N SER A 183 7.57 -11.05 -8.08
CA SER A 183 7.72 -12.47 -7.88
C SER A 183 7.28 -13.18 -9.17
N LEU A 184 8.20 -13.92 -9.81
CA LEU A 184 7.94 -14.70 -11.06
C LEU A 184 7.96 -16.20 -10.78
N ARG A 185 6.97 -16.92 -11.35
CA ARG A 185 6.95 -18.37 -11.39
C ARG A 185 6.89 -18.85 -12.85
N TYR A 186 7.80 -19.79 -13.17
CA TYR A 186 7.84 -20.47 -14.47
C TYR A 186 8.34 -21.91 -14.27
N GLU A 187 7.70 -22.90 -14.93
CA GLU A 187 8.09 -24.34 -14.89
C GLU A 187 8.14 -24.92 -13.46
N GLY A 188 7.36 -24.33 -12.55
CA GLY A 188 7.29 -24.78 -11.16
C GLY A 188 8.19 -23.96 -10.21
N ARG A 189 9.07 -23.12 -10.79
CA ARG A 189 10.12 -22.41 -10.03
C ARG A 189 9.66 -20.98 -9.72
N VAL A 190 9.68 -20.64 -8.42
CA VAL A 190 9.33 -19.32 -7.90
C VAL A 190 10.63 -18.58 -7.50
N TYR A 191 10.76 -17.31 -7.91
CA TYR A 191 11.85 -16.42 -7.48
C TYR A 191 11.32 -14.99 -7.37
N HIS A 192 12.09 -14.15 -6.66
CA HIS A 192 11.72 -12.74 -6.39
C HIS A 192 12.91 -11.85 -6.79
N TYR A 193 12.62 -10.61 -7.17
CA TYR A 193 13.65 -9.57 -7.34
C TYR A 193 13.11 -8.21 -6.90
N ARG A 194 13.98 -7.44 -6.23
CA ARG A 194 13.65 -6.12 -5.68
C ARG A 194 13.53 -5.06 -6.78
N ILE A 195 12.47 -4.26 -6.70
CA ILE A 195 12.35 -3.01 -7.42
C ILE A 195 13.05 -1.94 -6.58
N ASN A 196 14.19 -1.48 -7.08
CA ASN A 196 14.97 -0.42 -6.45
C ASN A 196 14.36 0.94 -6.82
N THR A 197 14.06 1.75 -5.80
CA THR A 197 13.57 3.11 -5.98
C THR A 197 14.78 4.07 -6.01
N ALA A 198 15.02 4.69 -7.18
CA ALA A 198 16.02 5.76 -7.35
C ALA A 198 15.73 6.95 -6.42
N SER A 199 16.77 7.74 -6.14
CA SER A 199 16.66 8.98 -5.33
C SER A 199 15.83 10.07 -6.06
N ASP A 200 15.58 9.86 -7.38
CA ASP A 200 14.64 10.69 -8.16
C ASP A 200 13.17 10.42 -7.76
N GLY A 201 12.92 9.34 -7.00
CA GLY A 201 11.57 8.85 -6.72
C GLY A 201 11.05 7.94 -7.82
N LYS A 202 11.93 7.64 -8.79
CA LYS A 202 11.65 6.76 -9.94
C LYS A 202 11.95 5.32 -9.54
N LEU A 203 11.27 4.37 -10.19
CA LEU A 203 11.45 2.93 -9.95
C LEU A 203 12.35 2.32 -11.02
N TYR A 204 13.03 1.22 -10.67
CA TYR A 204 13.81 0.41 -11.60
C TYR A 204 14.17 -0.94 -10.96
N VAL A 205 14.69 -1.84 -11.79
CA VAL A 205 15.25 -3.14 -11.36
C VAL A 205 16.59 -3.27 -12.07
N SER A 206 16.52 -3.22 -13.41
CA SER A 206 17.68 -3.07 -14.29
C SER A 206 18.05 -1.58 -14.33
N SER A 207 19.34 -1.26 -14.15
CA SER A 207 19.82 0.13 -13.99
C SER A 207 19.61 0.98 -15.26
N GLU A 208 19.70 0.32 -16.43
CA GLU A 208 19.50 0.96 -17.75
C GLU A 208 18.01 1.24 -18.00
N SER A 209 17.13 0.47 -17.31
CA SER A 209 15.67 0.59 -17.41
C SER A 209 15.13 1.44 -16.26
N ARG A 210 14.76 2.70 -16.55
CA ARG A 210 14.28 3.67 -15.54
C ARG A 210 12.82 3.99 -15.83
N PHE A 211 12.00 4.06 -14.76
CA PHE A 211 10.54 4.23 -14.88
C PHE A 211 10.07 5.32 -13.91
N ASN A 212 9.25 6.24 -14.40
CA ASN A 212 8.54 7.20 -13.55
C ASN A 212 7.42 6.49 -12.76
N THR A 213 6.69 5.55 -13.42
CA THR A 213 5.55 4.82 -12.80
C THR A 213 5.75 3.30 -12.84
N LEU A 214 5.11 2.64 -11.86
CA LEU A 214 5.13 1.18 -11.69
C LEU A 214 4.34 0.47 -12.81
N ALA A 215 3.32 1.17 -13.36
CA ALA A 215 2.51 0.66 -14.49
C ALA A 215 3.38 0.48 -15.74
N GLU A 216 4.28 1.45 -15.98
CA GLU A 216 5.24 1.40 -17.11
C GLU A 216 6.39 0.44 -16.83
N LEU A 217 6.75 0.30 -15.53
CA LEU A 217 7.69 -0.74 -15.08
C LEU A 217 7.17 -2.14 -15.45
N VAL A 218 5.89 -2.37 -15.18
CA VAL A 218 5.24 -3.67 -15.39
C VAL A 218 5.02 -3.97 -16.89
N HIS A 219 4.68 -2.92 -17.68
CA HIS A 219 4.57 -3.03 -19.15
C HIS A 219 5.94 -3.45 -19.75
N HIS A 220 6.98 -2.71 -19.33
CA HIS A 220 8.37 -2.96 -19.72
C HIS A 220 8.72 -4.41 -19.43
N HIS A 221 8.50 -4.81 -18.17
CA HIS A 221 8.82 -6.15 -17.68
C HIS A 221 7.97 -7.24 -18.38
N SER A 222 6.78 -6.85 -18.88
CA SER A 222 5.91 -7.75 -19.64
C SER A 222 6.44 -8.00 -21.06
N THR A 223 7.19 -7.03 -21.64
CA THR A 223 7.70 -7.16 -23.03
C THR A 223 9.23 -7.37 -23.19
N VAL A 224 10.07 -7.07 -22.18
CA VAL A 224 11.55 -6.97 -22.40
C VAL A 224 12.35 -8.25 -22.08
N ALA A 225 13.46 -8.34 -22.80
CA ALA A 225 14.46 -9.41 -22.80
C ALA A 225 15.59 -9.17 -21.79
N ASP A 226 15.54 -8.03 -21.10
CA ASP A 226 16.66 -7.13 -20.69
C ASP A 226 17.45 -7.67 -19.45
N GLY A 227 17.24 -8.95 -19.10
CA GLY A 227 17.73 -9.61 -17.89
C GLY A 227 16.58 -10.15 -17.06
N LEU A 228 15.43 -10.27 -17.73
CA LEU A 228 14.29 -11.04 -17.25
C LEU A 228 14.37 -12.48 -17.77
N ILE A 229 14.41 -13.44 -16.83
CA ILE A 229 14.40 -14.88 -17.12
C ILE A 229 13.12 -15.25 -17.90
N THR A 230 12.01 -14.64 -17.45
CA THR A 230 10.73 -14.69 -18.14
C THR A 230 10.11 -13.28 -18.12
N THR A 231 9.48 -12.89 -19.23
CA THR A 231 8.66 -11.67 -19.30
C THR A 231 7.36 -11.92 -18.52
N LEU A 232 6.72 -10.84 -18.04
CA LEU A 232 5.46 -10.95 -17.27
C LEU A 232 4.34 -11.44 -18.22
N HIS A 233 4.03 -12.75 -18.15
CA HIS A 233 3.05 -13.40 -19.05
C HIS A 233 1.63 -13.12 -18.57
N TYR A 234 1.37 -13.35 -17.26
CA TYR A 234 0.06 -12.97 -16.65
C TYR A 234 0.20 -12.90 -15.12
N PRO A 235 -0.59 -12.04 -14.42
CA PRO A 235 -0.56 -11.96 -12.94
C PRO A 235 -1.33 -13.13 -12.28
N ALA A 236 -0.75 -13.68 -11.20
CA ALA A 236 -1.45 -14.61 -10.32
C ALA A 236 -2.58 -13.85 -9.58
N PRO A 237 -3.76 -14.50 -9.35
CA PRO A 237 -4.98 -13.80 -8.85
C PRO A 237 -4.88 -13.31 -7.38
N LYS A 238 -5.88 -12.49 -6.99
CA LYS A 238 -6.17 -12.15 -5.60
C LYS A 238 -6.62 -13.42 -4.84
N ARG A 239 -6.55 -13.39 -3.50
CA ARG A 239 -7.23 -14.41 -2.65
C ARG A 239 -8.76 -14.33 -2.90
N ASN A 240 -9.25 -13.08 -3.06
CA ASN A 240 -10.64 -12.78 -3.50
C ASN A 240 -10.80 -13.10 -5.02
N LYS A 241 -12.04 -13.04 -5.55
CA LYS A 241 -12.33 -13.33 -6.96
C LYS A 241 -11.52 -12.40 -7.92
N PRO A 242 -10.82 -12.97 -8.95
CA PRO A 242 -10.04 -12.19 -9.94
C PRO A 242 -10.91 -11.72 -11.12
N THR A 243 -10.24 -11.38 -12.23
CA THR A 243 -10.89 -11.00 -13.48
C THR A 243 -10.17 -11.71 -14.65
N VAL A 244 -10.93 -12.48 -15.46
CA VAL A 244 -10.42 -13.13 -16.67
C VAL A 244 -10.25 -12.09 -17.79
N TYR A 245 -9.30 -12.33 -18.69
CA TYR A 245 -9.04 -11.46 -19.85
C TYR A 245 -8.98 -12.33 -21.12
N GLY A 246 -9.26 -11.71 -22.27
CA GLY A 246 -9.36 -12.42 -23.56
C GLY A 246 -8.75 -11.62 -24.70
N VAL A 247 -9.62 -11.06 -25.58
CA VAL A 247 -9.22 -10.35 -26.82
C VAL A 247 -8.35 -11.27 -27.70
N SER A 248 -9.02 -12.06 -28.58
CA SER A 248 -8.38 -13.02 -29.47
C SER A 248 -8.00 -12.34 -30.80
N PRO A 249 -6.66 -12.15 -31.09
CA PRO A 249 -6.17 -11.68 -32.41
C PRO A 249 -6.67 -12.57 -33.58
N ASN A 250 -7.04 -11.96 -34.72
CA ASN A 250 -7.58 -12.67 -35.88
C ASN A 250 -7.02 -12.06 -37.18
N TYR A 251 -7.34 -10.76 -37.43
CA TYR A 251 -6.88 -10.02 -38.62
C TYR A 251 -5.58 -9.24 -38.30
N ASP A 252 -4.48 -9.98 -38.12
CA ASP A 252 -3.15 -9.39 -37.77
C ASP A 252 -2.24 -9.46 -38.99
N LYS A 253 -2.30 -8.41 -39.82
CA LYS A 253 -1.55 -8.30 -41.06
C LYS A 253 -1.67 -6.86 -41.60
N TRP A 254 -0.52 -6.15 -41.74
CA TRP A 254 -0.49 -4.85 -42.44
C TRP A 254 -0.53 -5.13 -43.95
N GLU A 255 0.50 -5.85 -44.45
CA GLU A 255 0.57 -6.34 -45.85
C GLU A 255 1.78 -7.31 -46.00
N MET A 1 20.11 -16.68 37.07
CA MET A 1 19.33 -17.74 37.73
C MET A 1 17.85 -17.36 37.72
N GLY A 2 17.08 -17.92 36.76
CA GLY A 2 15.64 -17.66 36.65
C GLY A 2 15.06 -18.20 35.35
N GLN A 3 13.74 -18.50 35.37
CA GLN A 3 13.04 -19.12 34.21
C GLN A 3 11.78 -18.31 33.84
N GLN A 4 11.74 -17.86 32.58
CA GLN A 4 10.54 -17.30 31.94
C GLN A 4 9.91 -18.39 31.04
N PRO A 5 8.63 -18.86 31.34
CA PRO A 5 7.93 -19.93 30.58
C PRO A 5 7.94 -19.75 29.05
N GLY A 6 7.64 -18.53 28.58
CA GLY A 6 7.72 -18.18 27.15
C GLY A 6 6.51 -17.41 26.66
N LYS A 7 6.74 -16.27 25.97
CA LYS A 7 5.68 -15.41 25.40
C LYS A 7 5.24 -15.97 24.03
N VAL A 8 4.08 -16.66 24.04
CA VAL A 8 3.55 -17.36 22.85
C VAL A 8 2.92 -16.38 21.84
N LEU A 9 3.25 -16.59 20.54
CA LEU A 9 2.76 -15.78 19.40
C LEU A 9 1.41 -16.35 18.89
N GLY A 10 0.86 -15.74 17.83
CA GLY A 10 -0.37 -16.22 17.20
C GLY A 10 -1.04 -15.14 16.38
N ASP A 11 -1.71 -15.55 15.28
CA ASP A 11 -2.47 -14.63 14.40
C ASP A 11 -3.82 -14.30 15.04
N GLN A 12 -4.33 -13.07 14.82
CA GLN A 12 -5.53 -12.55 15.51
C GLN A 12 -6.02 -11.24 14.88
N ARG A 13 -7.36 -11.09 14.79
CA ARG A 13 -8.01 -9.82 14.39
C ARG A 13 -7.67 -8.71 15.40
N ARG A 14 -7.58 -7.45 14.91
CA ARG A 14 -6.93 -6.34 15.63
C ARG A 14 -5.46 -6.74 15.97
N PRO A 15 -4.53 -6.69 14.96
CA PRO A 15 -3.09 -6.98 15.19
C PRO A 15 -2.47 -5.95 16.16
N SER A 16 -1.32 -6.31 16.76
CA SER A 16 -0.67 -5.49 17.80
C SER A 16 -0.10 -4.17 17.20
N LEU A 17 0.31 -3.26 18.09
CA LEU A 17 0.82 -1.93 17.69
C LEU A 17 2.36 -1.93 17.80
N PRO A 18 3.09 -1.55 16.71
CA PRO A 18 4.58 -1.49 16.72
C PRO A 18 5.11 -0.26 17.51
N ALA A 19 6.43 -0.17 17.68
CA ALA A 19 7.07 0.88 18.49
C ALA A 19 7.23 2.19 17.72
N LEU A 20 7.14 3.31 18.43
CA LEU A 20 7.35 4.65 17.86
C LEU A 20 8.85 4.99 17.93
N HIS A 21 9.59 4.69 16.84
CA HIS A 21 11.05 4.91 16.77
C HIS A 21 11.36 6.24 16.07
N PHE A 22 10.73 6.46 14.90
CA PHE A 22 10.90 7.72 14.13
C PHE A 22 9.64 8.59 14.26
N ILE A 23 9.77 9.74 14.96
CA ILE A 23 8.66 10.71 15.13
C ILE A 23 9.06 12.05 14.50
N LYS A 24 8.38 12.38 13.38
CA LYS A 24 8.57 13.63 12.62
C LYS A 24 7.53 13.67 11.48
N GLY A 25 7.13 14.89 11.08
CA GLY A 25 6.05 15.07 10.10
C GLY A 25 6.53 15.04 8.66
N ALA A 26 6.95 13.85 8.19
CA ALA A 26 7.31 13.57 6.79
C ALA A 26 7.68 12.10 6.63
N GLY A 27 6.77 11.30 6.05
CA GLY A 27 7.02 9.87 5.80
C GLY A 27 8.15 9.65 4.80
N LYS A 28 7.95 10.11 3.57
CA LYS A 28 8.99 10.11 2.51
C LYS A 28 8.57 10.98 1.29
N ARG A 29 7.29 11.46 1.32
CA ARG A 29 6.64 12.21 0.22
C ARG A 29 6.26 11.26 -0.96
N GLU A 30 5.98 9.99 -0.61
CA GLU A 30 5.50 8.98 -1.58
C GLU A 30 4.01 9.18 -1.89
N SER A 31 3.64 8.82 -3.12
CA SER A 31 2.26 8.87 -3.60
C SER A 31 2.03 7.73 -4.60
N SER A 32 1.65 6.56 -4.07
CA SER A 32 1.20 5.42 -4.87
C SER A 32 -0.14 5.81 -5.56
N ARG A 33 -0.04 6.30 -6.78
CA ARG A 33 -1.13 7.03 -7.47
C ARG A 33 -2.20 6.09 -8.07
N HIS A 34 -3.10 6.68 -8.91
CA HIS A 34 -4.34 6.03 -9.41
C HIS A 34 -4.08 4.62 -10.00
N GLY A 35 -4.93 3.65 -9.60
CA GLY A 35 -4.81 2.26 -10.04
C GLY A 35 -5.53 1.97 -11.35
N GLY A 36 -5.96 0.70 -11.51
CA GLY A 36 -6.62 0.24 -12.75
C GLY A 36 -6.74 -1.28 -12.77
N PRO A 37 -7.99 -1.86 -12.71
CA PRO A 37 -8.18 -3.33 -12.55
C PRO A 37 -7.83 -4.13 -13.83
N HIS A 38 -7.49 -5.42 -13.62
CA HIS A 38 -7.11 -6.35 -14.71
C HIS A 38 -7.39 -7.80 -14.28
N CYS A 39 -8.45 -8.40 -14.84
CA CYS A 39 -8.88 -9.74 -14.47
C CYS A 39 -8.15 -10.84 -15.26
N ASN A 40 -7.91 -11.95 -14.54
CA ASN A 40 -7.31 -13.18 -15.06
C ASN A 40 -7.98 -14.36 -14.34
N VAL A 41 -7.95 -15.55 -14.95
CA VAL A 41 -8.46 -16.79 -14.31
C VAL A 41 -7.64 -17.09 -13.03
N PHE A 42 -8.33 -17.64 -12.00
CA PHE A 42 -7.68 -18.10 -10.74
C PHE A 42 -6.93 -19.45 -10.94
N VAL A 43 -6.93 -19.91 -12.21
CA VAL A 43 -6.24 -21.10 -12.75
C VAL A 43 -6.75 -22.43 -12.16
N GLU A 44 -7.71 -22.37 -11.21
CA GLU A 44 -8.28 -23.52 -10.51
C GLU A 44 -7.15 -24.28 -9.79
N HIS A 45 -6.70 -23.72 -8.66
CA HIS A 45 -5.49 -24.15 -7.94
C HIS A 45 -5.84 -24.85 -6.61
N GLU A 46 -4.82 -25.47 -5.99
CA GLU A 46 -4.92 -25.98 -4.60
C GLU A 46 -4.24 -24.99 -3.64
N ALA A 47 -4.74 -24.94 -2.39
CA ALA A 47 -4.12 -24.16 -1.30
C ALA A 47 -2.97 -24.97 -0.69
N LEU A 48 -1.76 -24.38 -0.64
CA LEU A 48 -0.54 -25.10 -0.19
C LEU A 48 -0.55 -25.36 1.32
N GLN A 49 -0.57 -26.65 1.70
CA GLN A 49 -0.31 -27.09 3.08
C GLN A 49 1.21 -27.26 3.27
N ARG A 50 1.66 -27.49 4.51
CA ARG A 50 3.08 -27.75 4.82
C ARG A 50 3.21 -29.14 5.50
N PRO A 51 3.38 -30.24 4.70
CA PRO A 51 3.62 -31.59 5.24
C PRO A 51 5.12 -31.92 5.39
N VAL A 52 5.43 -33.15 5.86
CA VAL A 52 6.83 -33.66 5.95
C VAL A 52 7.36 -34.01 4.54
N ALA A 53 6.42 -34.40 3.65
CA ALA A 53 6.69 -34.61 2.22
C ALA A 53 6.70 -33.26 1.47
N SER A 54 7.23 -33.26 0.24
CA SER A 54 7.30 -32.06 -0.62
C SER A 54 6.86 -32.43 -2.06
N ASP A 55 5.64 -32.01 -2.41
CA ASP A 55 5.04 -32.22 -3.74
C ASP A 55 5.00 -30.88 -4.52
N PHE A 56 4.40 -30.90 -5.71
CA PHE A 56 4.51 -29.77 -6.67
C PHE A 56 3.12 -29.18 -7.03
N GLU A 57 2.20 -30.06 -7.50
CA GLU A 57 0.91 -29.67 -8.10
C GLU A 57 1.14 -28.77 -9.34
N PRO A 58 1.67 -29.34 -10.48
CA PRO A 58 1.90 -28.58 -11.72
C PRO A 58 0.57 -28.36 -12.48
N GLN A 59 -0.28 -27.53 -11.89
CA GLN A 59 -1.63 -27.24 -12.42
C GLN A 59 -1.77 -25.74 -12.66
N GLY A 60 -2.61 -25.41 -13.64
CA GLY A 60 -2.86 -24.04 -14.03
C GLY A 60 -3.60 -23.95 -15.35
N LEU A 61 -4.11 -22.75 -15.66
CA LEU A 61 -4.96 -22.50 -16.83
C LEU A 61 -4.50 -21.22 -17.55
N SER A 62 -4.54 -21.26 -18.89
CA SER A 62 -4.24 -20.08 -19.74
C SER A 62 -5.39 -19.07 -19.59
N GLU A 63 -5.05 -17.91 -19.04
CA GLU A 63 -6.01 -16.83 -18.74
C GLU A 63 -6.20 -15.89 -19.97
N ALA A 64 -6.84 -14.74 -19.72
CA ALA A 64 -7.03 -13.68 -20.73
C ALA A 64 -7.34 -12.35 -20.03
N ALA A 65 -7.75 -11.33 -20.81
CA ALA A 65 -8.12 -10.01 -20.27
C ALA A 65 -9.27 -9.42 -21.09
N ARG A 66 -10.50 -9.57 -20.59
CA ARG A 66 -11.73 -9.00 -21.21
C ARG A 66 -12.65 -8.43 -20.14
N TRP A 67 -12.85 -9.20 -19.06
CA TRP A 67 -13.81 -8.86 -17.98
C TRP A 67 -13.21 -7.83 -17.00
N ASN A 68 -14.09 -7.02 -16.41
CA ASN A 68 -13.75 -6.12 -15.28
C ASN A 68 -13.70 -6.93 -13.97
N SER A 69 -13.03 -6.38 -12.92
CA SER A 69 -12.94 -7.03 -11.59
C SER A 69 -14.30 -7.05 -10.85
N LYS A 70 -15.33 -6.37 -11.43
CA LYS A 70 -16.74 -6.41 -10.95
C LYS A 70 -16.85 -5.87 -9.51
N GLU A 71 -16.22 -4.70 -9.32
CA GLU A 71 -16.03 -4.06 -8.02
C GLU A 71 -17.28 -3.28 -7.57
N ASN A 72 -17.38 -3.07 -6.25
CA ASN A 72 -18.59 -2.53 -5.59
C ASN A 72 -18.25 -1.95 -4.20
N LEU A 73 -19.29 -1.42 -3.51
CA LEU A 73 -19.22 -0.86 -2.13
C LEU A 73 -18.35 0.41 -2.02
N LEU A 74 -18.14 1.09 -3.17
CA LEU A 74 -17.39 2.36 -3.23
C LEU A 74 -18.33 3.53 -2.85
N ALA A 75 -18.34 3.89 -1.56
CA ALA A 75 -19.24 4.93 -1.00
C ALA A 75 -18.53 5.76 0.10
N GLY A 76 -19.05 6.97 0.34
CA GLY A 76 -18.47 7.92 1.30
C GLY A 76 -18.71 9.36 0.85
N PRO A 77 -18.02 10.38 1.45
CA PRO A 77 -18.05 11.78 0.95
C PRO A 77 -17.25 11.95 -0.36
N SER A 78 -17.48 13.08 -1.09
CA SER A 78 -16.73 13.42 -2.31
C SER A 78 -15.27 13.81 -1.96
N GLU A 79 -14.43 12.77 -1.81
CA GLU A 79 -13.05 12.90 -1.33
C GLU A 79 -12.30 11.59 -1.68
N ASN A 80 -11.41 11.67 -2.70
CA ASN A 80 -10.71 10.47 -3.24
C ASN A 80 -9.18 10.59 -3.10
N ASP A 81 -8.54 11.48 -3.90
CA ASP A 81 -7.05 11.63 -3.98
C ASP A 81 -6.38 10.41 -4.68
N PRO A 82 -5.11 10.56 -5.23
CA PRO A 82 -4.40 9.45 -5.91
C PRO A 82 -4.01 8.31 -4.94
N ASN A 83 -3.26 8.63 -3.85
CA ASN A 83 -2.76 7.62 -2.91
C ASN A 83 -3.75 7.47 -1.74
N LEU A 84 -4.84 6.73 -2.00
CA LEU A 84 -5.93 6.56 -1.03
C LEU A 84 -5.92 5.14 -0.44
N PHE A 85 -5.84 5.10 0.89
CA PHE A 85 -5.97 3.90 1.73
C PHE A 85 -7.34 3.94 2.43
N VAL A 86 -7.64 2.88 3.17
CA VAL A 86 -8.80 2.86 4.09
C VAL A 86 -8.38 2.16 5.39
N ALA A 87 -8.99 2.59 6.50
CA ALA A 87 -8.84 1.92 7.80
C ALA A 87 -9.74 0.66 7.82
N LEU A 88 -9.10 -0.52 7.97
CA LEU A 88 -9.78 -1.81 8.18
C LEU A 88 -10.18 -1.99 9.64
N TYR A 89 -9.44 -1.31 10.54
CA TYR A 89 -9.63 -1.43 12.00
C TYR A 89 -9.69 -0.05 12.66
N ASP A 90 -10.33 0.00 13.83
CA ASP A 90 -10.38 1.20 14.68
C ASP A 90 -9.02 1.46 15.35
N PHE A 91 -8.67 2.73 15.53
CA PHE A 91 -7.45 3.15 16.21
C PHE A 91 -7.59 4.61 16.67
N VAL A 92 -7.64 4.83 17.98
CA VAL A 92 -7.61 6.18 18.56
C VAL A 92 -6.14 6.61 18.71
N ALA A 93 -5.86 7.89 18.37
CA ALA A 93 -4.52 8.49 18.49
C ALA A 93 -4.04 8.42 19.94
N SER A 94 -2.91 7.73 20.16
CA SER A 94 -2.28 7.59 21.48
C SER A 94 -1.65 8.95 21.92
N GLY A 95 -1.36 9.79 20.93
CA GLY A 95 -0.90 11.17 21.14
C GLY A 95 -1.13 12.02 19.90
N ASP A 96 -0.64 13.27 19.93
CA ASP A 96 -0.75 14.23 18.79
C ASP A 96 0.02 13.72 17.55
N ASN A 97 1.13 13.00 17.82
CA ASN A 97 2.01 12.43 16.77
C ASN A 97 1.34 11.31 15.97
N THR A 98 0.35 10.65 16.57
CA THR A 98 -0.45 9.61 15.91
C THR A 98 -1.81 10.18 15.46
N LEU A 99 -2.49 9.47 14.55
CA LEU A 99 -3.78 9.92 13.99
C LEU A 99 -4.92 8.97 14.40
N SER A 100 -6.07 9.56 14.77
CA SER A 100 -7.30 8.81 15.04
C SER A 100 -7.98 8.40 13.73
N ILE A 101 -8.06 7.09 13.50
CA ILE A 101 -8.75 6.50 12.34
C ILE A 101 -9.84 5.52 12.80
N THR A 102 -10.98 5.53 12.11
CA THR A 102 -12.08 4.58 12.34
C THR A 102 -12.27 3.74 11.07
N LYS A 103 -12.68 2.46 11.23
CA LYS A 103 -12.97 1.56 10.09
C LYS A 103 -13.97 2.20 9.10
N GLY A 104 -13.62 2.17 7.80
CA GLY A 104 -14.47 2.74 6.75
C GLY A 104 -14.04 4.14 6.33
N GLU A 105 -13.29 4.82 7.21
CA GLU A 105 -12.73 6.15 6.93
C GLU A 105 -11.52 5.97 6.01
N LYS A 106 -11.48 6.75 4.91
CA LYS A 106 -10.44 6.64 3.88
C LYS A 106 -9.26 7.56 4.24
N LEU A 107 -8.03 7.01 4.20
CA LEU A 107 -6.83 7.63 4.78
C LEU A 107 -5.88 8.05 3.64
N ARG A 108 -5.34 9.27 3.67
CA ARG A 108 -4.33 9.70 2.68
C ARG A 108 -2.92 9.47 3.23
N VAL A 109 -2.19 8.46 2.70
CA VAL A 109 -0.83 8.14 3.18
C VAL A 109 0.21 8.84 2.30
N LEU A 110 1.16 9.55 2.96
CA LEU A 110 2.24 10.32 2.28
C LEU A 110 3.59 9.61 2.39
N GLY A 111 3.60 8.49 3.12
CA GLY A 111 4.79 7.65 3.25
C GLY A 111 4.67 6.74 4.44
N TYR A 112 5.53 5.72 4.50
CA TYR A 112 5.59 4.79 5.64
C TYR A 112 6.70 5.25 6.61
N ASN A 113 6.75 4.60 7.78
CA ASN A 113 7.79 4.83 8.79
C ASN A 113 9.14 4.44 8.21
N HIS A 114 10.21 5.09 8.64
CA HIS A 114 11.56 4.86 8.11
C HIS A 114 12.10 3.46 8.56
N ASN A 115 11.39 2.81 9.51
CA ASN A 115 11.59 1.38 9.90
C ASN A 115 10.41 0.50 9.41
N GLY A 116 9.39 1.14 8.81
CA GLY A 116 8.26 0.46 8.14
C GLY A 116 7.07 0.21 9.06
N GLU A 117 7.30 0.32 10.37
CA GLU A 117 6.34 -0.03 11.44
C GLU A 117 4.97 0.68 11.29
N TRP A 118 5.03 2.01 11.30
CA TRP A 118 3.84 2.89 11.19
C TRP A 118 3.77 3.47 9.76
N ALA A 119 2.76 4.29 9.49
CA ALA A 119 2.57 4.94 8.18
C ALA A 119 1.86 6.26 8.37
N GLU A 120 2.42 7.34 7.78
CA GLU A 120 1.87 8.70 7.91
C GLU A 120 0.59 8.85 7.05
N ALA A 121 -0.57 8.90 7.72
CA ALA A 121 -1.88 9.06 7.06
C ALA A 121 -2.47 10.45 7.38
N GLN A 122 -3.43 10.88 6.54
CA GLN A 122 -4.14 12.17 6.72
C GLN A 122 -5.66 11.95 6.53
N THR A 123 -6.43 12.21 7.60
CA THR A 123 -7.91 12.16 7.56
C THR A 123 -8.49 13.56 7.77
N LYS A 124 -9.83 13.64 7.81
CA LYS A 124 -10.55 14.91 8.05
C LYS A 124 -10.38 15.38 9.52
N ASN A 125 -9.77 14.50 10.34
CA ASN A 125 -9.38 14.77 11.73
C ASN A 125 -8.06 15.56 11.78
N GLY A 126 -7.22 15.37 10.74
CA GLY A 126 -5.87 15.94 10.68
C GLY A 126 -4.88 14.95 10.07
N GLN A 127 -3.61 15.02 10.47
CA GLN A 127 -2.56 14.10 9.98
C GLN A 127 -1.81 13.48 11.18
N GLY A 128 -1.24 12.29 10.98
CA GLY A 128 -0.42 11.62 12.00
C GLY A 128 -0.06 10.20 11.61
N TRP A 129 0.70 9.54 12.48
CA TRP A 129 1.23 8.18 12.22
C TRP A 129 0.24 7.12 12.73
N VAL A 130 -0.23 6.26 11.82
CA VAL A 130 -1.14 5.14 12.13
C VAL A 130 -0.41 3.80 11.87
N PRO A 131 -0.79 2.66 12.55
CA PRO A 131 -0.16 1.36 12.29
C PRO A 131 -0.49 0.85 10.88
N SER A 132 0.55 0.48 10.10
CA SER A 132 0.41 -0.08 8.73
C SER A 132 -0.45 -1.38 8.73
N ASN A 133 -0.56 -2.00 9.92
CA ASN A 133 -1.34 -3.23 10.14
C ASN A 133 -2.86 -2.96 10.06
N TYR A 134 -3.28 -1.71 10.31
CA TYR A 134 -4.71 -1.30 10.37
C TYR A 134 -5.19 -0.65 9.06
N ILE A 135 -4.31 -0.50 8.04
CA ILE A 135 -4.62 0.27 6.80
C ILE A 135 -4.36 -0.58 5.54
N THR A 136 -5.08 -0.29 4.44
CA THR A 136 -4.83 -0.97 3.14
C THR A 136 -5.13 -0.02 1.96
N PRO A 137 -4.23 0.05 0.92
CA PRO A 137 -4.48 0.86 -0.29
C PRO A 137 -5.70 0.34 -1.10
N VAL A 138 -6.61 1.27 -1.49
CA VAL A 138 -7.87 0.94 -2.21
C VAL A 138 -7.94 1.62 -3.60
N ASN A 139 -7.92 2.96 -3.63
CA ASN A 139 -8.07 3.76 -4.87
C ASN A 139 -6.68 4.01 -5.51
N SER A 140 -5.64 3.81 -4.68
CA SER A 140 -4.23 3.92 -5.06
C SER A 140 -3.78 2.74 -5.96
N LEU A 141 -2.46 2.45 -6.01
CA LEU A 141 -1.88 1.42 -6.90
C LEU A 141 -2.48 0.02 -6.70
N GLU A 142 -3.02 -0.31 -5.49
CA GLU A 142 -3.59 -1.66 -5.22
C GLU A 142 -4.92 -1.87 -5.98
N LYS A 143 -5.50 -0.75 -6.49
CA LYS A 143 -6.63 -0.78 -7.44
C LYS A 143 -6.21 -1.51 -8.75
N HIS A 144 -4.89 -1.54 -9.03
CA HIS A 144 -4.30 -2.48 -10.02
C HIS A 144 -4.27 -3.88 -9.39
N SER A 145 -4.75 -4.88 -10.14
CA SER A 145 -4.81 -6.28 -9.67
C SER A 145 -3.40 -6.90 -9.46
N TRP A 146 -2.36 -6.24 -10.03
CA TRP A 146 -0.97 -6.68 -9.86
C TRP A 146 -0.31 -6.15 -8.58
N TYR A 147 -0.75 -4.99 -8.06
CA TYR A 147 -0.18 -4.41 -6.83
C TYR A 147 -1.00 -4.86 -5.62
N HIS A 148 -0.32 -5.34 -4.57
CA HIS A 148 -1.00 -5.92 -3.37
C HIS A 148 -0.55 -5.25 -2.05
N GLY A 149 0.14 -4.11 -2.13
CA GLY A 149 0.51 -3.32 -0.94
C GLY A 149 1.59 -3.98 -0.05
N PRO A 150 1.68 -3.58 1.27
CA PRO A 150 2.65 -4.18 2.22
C PRO A 150 2.25 -5.60 2.67
N VAL A 151 2.94 -6.63 2.13
CA VAL A 151 2.66 -8.05 2.45
C VAL A 151 4.00 -8.83 2.58
N SER A 152 3.99 -9.91 3.39
CA SER A 152 5.14 -10.83 3.55
C SER A 152 5.33 -11.76 2.32
N ARG A 153 6.57 -12.27 2.20
CA ARG A 153 7.01 -13.10 1.06
C ARG A 153 6.28 -14.47 1.02
N ASN A 154 5.92 -15.01 2.20
CA ASN A 154 5.28 -16.34 2.31
C ASN A 154 3.84 -16.29 1.81
N ALA A 155 3.11 -15.21 2.19
CA ALA A 155 1.75 -14.93 1.68
C ALA A 155 1.78 -14.65 0.17
N ALA A 156 2.84 -13.91 -0.26
CA ALA A 156 3.12 -13.69 -1.68
C ALA A 156 3.24 -15.02 -2.45
N GLU A 157 4.02 -15.97 -1.90
CA GLU A 157 4.24 -17.28 -2.52
C GLU A 157 2.99 -18.17 -2.44
N TYR A 158 2.15 -17.95 -1.42
CA TYR A 158 0.84 -18.62 -1.31
C TYR A 158 -0.07 -18.24 -2.50
N LEU A 159 -0.07 -16.94 -2.85
CA LEU A 159 -0.83 -16.43 -4.00
C LEU A 159 -0.12 -16.72 -5.34
N LEU A 160 1.22 -16.77 -5.31
CA LEU A 160 2.04 -16.92 -6.53
C LEU A 160 2.08 -18.36 -7.03
N SER A 161 1.98 -19.31 -6.08
CA SER A 161 1.94 -20.76 -6.38
C SER A 161 0.70 -21.13 -7.20
N SER A 162 -0.29 -20.24 -7.14
CA SER A 162 -1.54 -20.33 -7.89
C SER A 162 -1.38 -19.85 -9.36
N GLY A 163 -0.13 -19.83 -9.88
CA GLY A 163 0.14 -19.28 -11.22
C GLY A 163 0.87 -20.24 -12.16
N ILE A 164 1.08 -19.76 -13.40
CA ILE A 164 1.85 -20.47 -14.47
C ILE A 164 2.99 -19.56 -14.95
N ASN A 165 3.60 -19.89 -16.12
CA ASN A 165 4.69 -19.10 -16.73
C ASN A 165 4.35 -17.58 -16.79
N GLY A 166 5.19 -16.75 -16.15
CA GLY A 166 5.03 -15.29 -16.18
C GLY A 166 4.03 -14.77 -15.16
N SER A 167 3.65 -15.63 -14.19
CA SER A 167 2.74 -15.20 -13.11
C SER A 167 3.52 -14.29 -12.16
N PHE A 168 3.01 -13.09 -11.84
CA PHE A 168 3.76 -12.11 -11.04
C PHE A 168 2.90 -11.41 -10.00
N LEU A 169 3.54 -10.99 -8.92
CA LEU A 169 2.95 -10.13 -7.89
C LEU A 169 3.89 -8.97 -7.60
N VAL A 170 3.36 -7.75 -7.58
CA VAL A 170 4.10 -6.54 -7.21
C VAL A 170 3.57 -6.09 -5.84
N ARG A 171 4.45 -6.02 -4.86
CA ARG A 171 4.06 -5.67 -3.49
C ARG A 171 5.27 -5.17 -2.72
N GLU A 172 5.02 -4.34 -1.71
CA GLU A 172 6.08 -3.75 -0.89
C GLU A 172 6.24 -4.56 0.41
N SER A 173 7.43 -4.44 1.02
CA SER A 173 7.73 -5.05 2.32
C SER A 173 7.15 -4.16 3.43
N GLU A 174 6.68 -4.81 4.51
CA GLU A 174 6.03 -4.14 5.64
C GLU A 174 7.05 -3.35 6.47
N SER A 175 8.23 -3.96 6.71
CA SER A 175 9.31 -3.35 7.53
C SER A 175 10.28 -2.51 6.66
N SER A 176 10.04 -2.47 5.34
CA SER A 176 10.84 -1.65 4.42
C SER A 176 9.92 -0.58 3.76
N PRO A 177 10.01 0.73 4.20
CA PRO A 177 9.11 1.82 3.69
C PRO A 177 9.14 1.95 2.17
N GLY A 178 7.98 1.64 1.53
CA GLY A 178 7.82 1.86 0.09
C GLY A 178 8.77 1.05 -0.79
N GLN A 179 9.44 0.04 -0.22
CA GLN A 179 10.36 -0.81 -1.00
C GLN A 179 9.57 -1.96 -1.56
N ARG A 180 9.46 -1.96 -2.89
CA ARG A 180 8.55 -2.85 -3.62
C ARG A 180 9.36 -3.96 -4.26
N SER A 181 8.69 -5.04 -4.64
CA SER A 181 9.34 -6.24 -5.19
C SER A 181 8.38 -6.97 -6.12
N ILE A 182 8.95 -7.70 -7.10
CA ILE A 182 8.17 -8.57 -7.99
C ILE A 182 8.65 -10.00 -7.79
N SER A 183 7.69 -10.92 -7.75
CA SER A 183 7.93 -12.34 -7.61
C SER A 183 7.35 -13.05 -8.85
N LEU A 184 8.19 -13.77 -9.61
CA LEU A 184 7.77 -14.51 -10.82
C LEU A 184 7.67 -16.01 -10.54
N ARG A 185 6.64 -16.62 -11.14
CA ARG A 185 6.50 -18.06 -11.27
C ARG A 185 6.48 -18.38 -12.77
N TYR A 186 7.26 -19.41 -13.12
CA TYR A 186 7.53 -19.81 -14.48
C TYR A 186 7.96 -21.29 -14.52
N GLU A 187 7.10 -22.16 -15.10
CA GLU A 187 7.38 -23.61 -15.32
C GLU A 187 7.87 -24.33 -14.04
N GLY A 188 7.20 -24.05 -12.91
CA GLY A 188 7.54 -24.66 -11.61
C GLY A 188 8.63 -23.93 -10.82
N ARG A 189 9.19 -22.85 -11.39
CA ARG A 189 10.28 -22.06 -10.75
C ARG A 189 9.69 -20.78 -10.15
N VAL A 190 9.95 -20.56 -8.86
CA VAL A 190 9.52 -19.35 -8.12
C VAL A 190 10.76 -18.56 -7.69
N TYR A 191 10.91 -17.33 -8.20
CA TYR A 191 12.09 -16.47 -7.94
C TYR A 191 11.65 -15.03 -7.65
N HIS A 192 12.38 -14.38 -6.73
CA HIS A 192 11.99 -13.09 -6.12
C HIS A 192 13.08 -12.05 -6.37
N TYR A 193 12.70 -10.80 -6.73
CA TYR A 193 13.67 -9.73 -6.96
C TYR A 193 13.10 -8.35 -6.53
N ARG A 194 13.98 -7.51 -5.93
CA ARG A 194 13.61 -6.19 -5.38
C ARG A 194 13.49 -5.13 -6.49
N ILE A 195 12.42 -4.34 -6.44
CA ILE A 195 12.33 -3.06 -7.14
C ILE A 195 13.14 -2.03 -6.34
N ASN A 196 14.34 -1.75 -6.84
CA ASN A 196 15.26 -0.79 -6.23
C ASN A 196 14.74 0.63 -6.47
N THR A 197 14.53 1.39 -5.38
CA THR A 197 14.03 2.77 -5.43
C THR A 197 15.19 3.76 -5.26
N ALA A 198 15.51 4.48 -6.36
CA ALA A 198 16.53 5.53 -6.37
C ALA A 198 16.14 6.71 -5.48
N SER A 199 17.16 7.48 -5.07
CA SER A 199 16.99 8.74 -4.30
C SER A 199 16.22 9.81 -5.12
N ASP A 200 16.18 9.59 -6.43
CA ASP A 200 15.46 10.41 -7.42
C ASP A 200 13.93 10.25 -7.29
N GLY A 201 13.50 9.20 -6.56
CA GLY A 201 12.08 8.81 -6.50
C GLY A 201 11.71 7.88 -7.65
N LYS A 202 12.73 7.52 -8.48
CA LYS A 202 12.53 6.62 -9.64
C LYS A 202 12.74 5.16 -9.24
N LEU A 203 11.94 4.28 -9.83
CA LEU A 203 12.00 2.82 -9.61
C LEU A 203 12.84 2.16 -10.71
N TYR A 204 13.50 1.03 -10.36
CA TYR A 204 14.29 0.23 -11.32
C TYR A 204 14.61 -1.16 -10.74
N VAL A 205 14.91 -2.12 -11.64
CA VAL A 205 15.29 -3.51 -11.29
C VAL A 205 16.61 -3.86 -12.00
N SER A 206 16.62 -3.71 -13.33
CA SER A 206 17.75 -4.04 -14.22
C SER A 206 18.52 -2.74 -14.61
N SER A 207 19.44 -2.84 -15.60
CA SER A 207 20.30 -1.72 -16.03
C SER A 207 19.54 -0.72 -16.93
N GLU A 208 18.72 -1.22 -17.89
CA GLU A 208 17.94 -0.37 -18.81
C GLU A 208 16.76 0.32 -18.10
N SER A 209 16.25 -0.36 -17.06
CA SER A 209 15.05 0.05 -16.34
C SER A 209 15.28 1.35 -15.52
N ARG A 210 14.53 2.42 -15.85
CA ARG A 210 14.45 3.68 -15.05
C ARG A 210 13.02 4.25 -15.22
N PHE A 211 12.22 4.30 -14.13
CA PHE A 211 10.76 4.66 -14.23
C PHE A 211 10.39 5.73 -13.23
N ASN A 212 9.56 6.68 -13.65
CA ASN A 212 8.92 7.65 -12.75
C ASN A 212 7.70 7.00 -12.07
N THR A 213 7.02 6.05 -12.77
CA THR A 213 5.82 5.35 -12.26
C THR A 213 5.97 3.82 -12.30
N LEU A 214 5.32 3.17 -11.32
CA LEU A 214 5.27 1.72 -11.20
C LEU A 214 4.40 1.09 -12.32
N ALA A 215 3.51 1.90 -12.91
CA ALA A 215 2.70 1.51 -14.07
C ALA A 215 3.58 1.26 -15.31
N GLU A 216 4.52 2.22 -15.56
CA GLU A 216 5.50 2.10 -16.64
C GLU A 216 6.53 1.03 -16.33
N LEU A 217 6.84 0.84 -15.02
CA LEU A 217 7.69 -0.28 -14.58
C LEU A 217 7.09 -1.59 -15.08
N VAL A 218 5.84 -1.86 -14.71
CA VAL A 218 5.14 -3.11 -15.01
C VAL A 218 4.95 -3.30 -16.53
N HIS A 219 4.64 -2.23 -17.28
CA HIS A 219 4.51 -2.27 -18.75
C HIS A 219 5.83 -2.72 -19.43
N HIS A 220 6.89 -1.96 -19.12
CA HIS A 220 8.24 -2.23 -19.64
C HIS A 220 8.68 -3.66 -19.26
N HIS A 221 8.40 -4.02 -18.00
CA HIS A 221 8.77 -5.32 -17.41
C HIS A 221 7.87 -6.46 -17.99
N SER A 222 6.70 -6.07 -18.55
CA SER A 222 5.79 -6.99 -19.27
C SER A 222 6.25 -7.21 -20.71
N THR A 223 7.08 -6.29 -21.25
CA THR A 223 7.59 -6.45 -22.65
C THR A 223 9.15 -6.64 -22.81
N VAL A 224 9.97 -6.49 -21.74
CA VAL A 224 11.46 -6.49 -21.92
C VAL A 224 12.13 -7.89 -21.83
N ALA A 225 13.13 -8.02 -22.68
CA ALA A 225 14.01 -9.18 -22.89
C ALA A 225 15.26 -9.13 -21.97
N ASP A 226 15.36 -8.07 -21.17
CA ASP A 226 16.56 -7.34 -20.69
C ASP A 226 17.30 -8.09 -19.53
N GLY A 227 16.96 -9.37 -19.33
CA GLY A 227 17.42 -10.17 -18.20
C GLY A 227 16.26 -10.71 -17.38
N LEU A 228 15.08 -10.70 -18.00
CA LEU A 228 13.92 -11.46 -17.54
C LEU A 228 13.88 -12.85 -18.21
N ILE A 229 13.91 -13.92 -17.38
CA ILE A 229 13.64 -15.31 -17.83
C ILE A 229 12.29 -15.37 -18.57
N THR A 230 11.31 -14.66 -18.00
CA THR A 230 9.99 -14.46 -18.59
C THR A 230 9.54 -13.02 -18.31
N THR A 231 8.91 -12.39 -19.30
CA THR A 231 8.25 -11.09 -19.13
C THR A 231 7.01 -11.26 -18.25
N LEU A 232 6.48 -10.15 -17.70
CA LEU A 232 5.27 -10.18 -16.86
C LEU A 232 4.05 -10.62 -17.71
N HIS A 233 3.62 -11.88 -17.55
CA HIS A 233 2.45 -12.44 -18.28
C HIS A 233 1.17 -11.94 -17.62
N TYR A 234 0.95 -12.28 -16.32
CA TYR A 234 -0.32 -11.91 -15.66
C TYR A 234 -0.18 -11.88 -14.11
N PRO A 235 -0.98 -11.00 -13.41
CA PRO A 235 -1.05 -11.01 -11.93
C PRO A 235 -1.51 -12.36 -11.37
N ALA A 236 -0.69 -12.96 -10.49
CA ALA A 236 -1.02 -14.21 -9.78
C ALA A 236 -2.32 -14.02 -8.98
N PRO A 237 -3.26 -15.00 -9.04
CA PRO A 237 -4.56 -14.87 -8.37
C PRO A 237 -4.48 -14.82 -6.84
N LYS A 238 -5.24 -13.88 -6.27
CA LYS A 238 -5.61 -13.88 -4.85
C LYS A 238 -6.53 -15.08 -4.57
N ARG A 239 -6.64 -15.46 -3.27
CA ARG A 239 -7.35 -16.68 -2.77
C ARG A 239 -8.65 -17.02 -3.55
N ASN A 240 -9.42 -15.98 -3.93
CA ASN A 240 -10.60 -16.11 -4.82
C ASN A 240 -10.54 -15.01 -5.90
N LYS A 241 -10.62 -15.40 -7.18
CA LYS A 241 -10.52 -14.48 -8.34
C LYS A 241 -11.37 -15.04 -9.50
N PRO A 242 -12.19 -14.19 -10.22
CA PRO A 242 -13.10 -14.66 -11.32
C PRO A 242 -12.35 -15.29 -12.52
N THR A 243 -13.06 -16.18 -13.26
CA THR A 243 -12.57 -16.81 -14.49
C THR A 243 -12.93 -15.93 -15.70
N VAL A 244 -11.94 -15.65 -16.56
CA VAL A 244 -12.12 -14.84 -17.77
C VAL A 244 -11.62 -15.60 -19.00
N TYR A 245 -12.07 -15.18 -20.17
CA TYR A 245 -11.66 -15.77 -21.46
C TYR A 245 -11.52 -14.64 -22.49
N GLY A 246 -11.32 -15.00 -23.76
CA GLY A 246 -11.28 -14.03 -24.85
C GLY A 246 -9.86 -13.74 -25.36
N VAL A 247 -9.14 -14.81 -25.74
CA VAL A 247 -7.88 -14.66 -26.52
C VAL A 247 -8.27 -14.41 -27.99
N SER A 248 -7.42 -13.66 -28.71
CA SER A 248 -7.76 -13.15 -30.04
C SER A 248 -6.50 -13.00 -30.91
N PRO A 249 -6.33 -13.89 -31.96
CA PRO A 249 -5.18 -13.82 -32.91
C PRO A 249 -5.24 -12.57 -33.83
N ASN A 250 -4.09 -12.26 -34.45
CA ASN A 250 -3.97 -11.17 -35.43
C ASN A 250 -3.02 -11.61 -36.58
N TYR A 251 -2.80 -10.72 -37.54
CA TYR A 251 -1.87 -10.96 -38.68
C TYR A 251 -0.81 -9.86 -38.72
N ASP A 252 0.40 -10.25 -39.13
CA ASP A 252 1.55 -9.32 -39.25
C ASP A 252 2.30 -9.57 -40.56
N LYS A 253 3.07 -8.56 -40.97
CA LYS A 253 3.85 -8.61 -42.22
C LYS A 253 5.34 -8.69 -41.88
N TRP A 254 6.05 -9.65 -42.50
CA TRP A 254 7.51 -9.80 -42.35
C TRP A 254 8.22 -8.79 -43.26
N GLU A 255 9.43 -8.35 -42.86
CA GLU A 255 10.18 -7.26 -43.54
C GLU A 255 10.53 -7.66 -45.01
N MET A 1 14.26 12.67 22.57
CA MET A 1 13.38 11.70 21.88
C MET A 1 14.22 10.56 21.31
N GLY A 2 13.64 9.35 21.25
CA GLY A 2 14.34 8.15 20.76
C GLY A 2 14.21 6.97 21.70
N GLN A 3 13.07 6.90 22.43
CA GLN A 3 12.75 5.77 23.31
C GLN A 3 12.36 4.56 22.45
N GLN A 4 13.20 3.51 22.48
CA GLN A 4 12.95 2.25 21.76
C GLN A 4 13.13 1.06 22.74
N PRO A 5 12.20 0.87 23.74
CA PRO A 5 12.29 -0.24 24.71
C PRO A 5 11.76 -1.58 24.14
N GLY A 6 11.19 -1.52 22.92
CA GLY A 6 10.53 -2.66 22.30
C GLY A 6 9.04 -2.70 22.62
N LYS A 7 8.21 -2.90 21.57
CA LYS A 7 6.75 -3.12 21.71
C LYS A 7 6.15 -3.34 20.32
N VAL A 8 5.24 -4.34 20.19
CA VAL A 8 4.51 -4.65 18.92
C VAL A 8 3.01 -4.90 19.21
N LEU A 9 2.30 -5.42 18.18
CA LEU A 9 0.87 -5.80 18.27
C LEU A 9 0.69 -7.27 17.83
N GLY A 10 -0.31 -7.96 18.39
CA GLY A 10 -0.58 -9.36 18.07
C GLY A 10 -2.02 -9.73 18.32
N ASP A 11 -2.92 -8.76 18.05
CA ASP A 11 -4.37 -8.87 18.36
C ASP A 11 -5.17 -8.66 17.05
N GLN A 12 -6.50 -8.76 17.15
CA GLN A 12 -7.42 -8.58 16.01
C GLN A 12 -8.30 -7.35 16.24
N ARG A 13 -9.30 -7.50 17.15
CA ARG A 13 -10.25 -6.43 17.50
C ARG A 13 -9.52 -5.33 18.30
N ARG A 14 -9.26 -4.19 17.61
CA ARG A 14 -8.49 -3.05 18.17
C ARG A 14 -7.10 -3.56 18.68
N PRO A 15 -6.11 -3.83 17.76
CA PRO A 15 -4.78 -4.37 18.16
C PRO A 15 -3.99 -3.41 19.07
N SER A 16 -2.93 -3.91 19.70
CA SER A 16 -2.04 -3.08 20.54
C SER A 16 -1.32 -2.04 19.68
N LEU A 17 -0.65 -1.11 20.34
CA LEU A 17 0.10 -0.05 19.66
C LEU A 17 1.59 -0.36 19.81
N PRO A 18 2.37 -0.43 18.69
CA PRO A 18 3.83 -0.68 18.72
C PRO A 18 4.61 0.52 19.31
N ALA A 19 5.92 0.34 19.50
CA ALA A 19 6.79 1.39 20.07
C ALA A 19 7.08 2.47 19.01
N LEU A 20 7.19 3.73 19.45
CA LEU A 20 7.49 4.90 18.59
C LEU A 20 9.01 5.09 18.50
N HIS A 21 9.59 4.65 17.37
CA HIS A 21 11.05 4.75 17.12
C HIS A 21 11.36 6.01 16.30
N PHE A 22 10.64 6.17 15.18
CA PHE A 22 10.79 7.30 14.24
C PHE A 22 9.64 8.31 14.41
N ILE A 23 9.96 9.55 14.84
CA ILE A 23 8.96 10.63 15.07
C ILE A 23 9.22 11.83 14.13
N LYS A 24 8.25 12.05 13.23
CA LYS A 24 8.11 13.28 12.43
C LYS A 24 6.79 13.98 12.80
N GLY A 25 6.71 15.30 12.54
CA GLY A 25 5.51 16.09 12.76
C GLY A 25 5.33 17.19 11.70
N ALA A 26 6.09 17.08 10.60
CA ALA A 26 6.07 18.05 9.48
C ALA A 26 6.39 17.36 8.14
N GLY A 27 5.75 17.84 7.05
CA GLY A 27 6.07 17.38 5.69
C GLY A 27 4.84 17.38 4.80
N LYS A 28 4.55 18.54 4.17
CA LYS A 28 3.40 18.70 3.24
C LYS A 28 3.73 18.11 1.85
N ARG A 29 3.52 16.78 1.72
CA ARG A 29 3.73 16.02 0.47
C ARG A 29 2.48 16.09 -0.44
N GLU A 30 1.31 15.62 0.05
CA GLU A 30 -0.01 15.87 -0.62
C GLU A 30 -1.15 15.77 0.39
N SER A 31 -2.29 16.37 0.01
CA SER A 31 -3.57 16.19 0.68
C SER A 31 -4.69 16.72 -0.24
N SER A 32 -5.28 15.81 -1.05
CA SER A 32 -6.47 16.14 -1.88
C SER A 32 -7.65 16.48 -0.95
N ARG A 33 -8.47 17.43 -1.36
CA ARG A 33 -9.53 18.01 -0.50
C ARG A 33 -10.73 17.05 -0.33
N HIS A 34 -10.96 16.14 -1.30
CA HIS A 34 -12.17 15.30 -1.33
C HIS A 34 -12.03 14.07 -0.40
N GLY A 35 -13.17 13.65 0.18
CA GLY A 35 -13.28 12.43 0.97
C GLY A 35 -14.59 11.73 0.64
N GLY A 36 -15.61 11.89 1.50
CA GLY A 36 -17.00 11.52 1.19
C GLY A 36 -17.35 10.03 1.36
N PRO A 37 -17.71 9.28 0.25
CA PRO A 37 -18.26 7.89 0.31
C PRO A 37 -17.26 6.85 0.88
N HIS A 38 -17.71 6.11 1.92
CA HIS A 38 -16.92 5.04 2.57
C HIS A 38 -17.86 3.93 3.09
N CYS A 39 -17.28 2.78 3.47
CA CYS A 39 -18.04 1.56 3.84
C CYS A 39 -17.60 1.03 5.22
N ASN A 40 -18.57 0.46 5.98
CA ASN A 40 -18.33 -0.18 7.30
C ASN A 40 -17.64 -1.55 7.11
N VAL A 41 -16.78 -1.91 8.07
CA VAL A 41 -15.99 -3.16 8.00
C VAL A 41 -16.16 -3.98 9.30
N PHE A 42 -15.93 -5.29 9.20
CA PHE A 42 -15.92 -6.24 10.33
C PHE A 42 -14.95 -7.38 10.03
N VAL A 43 -14.21 -7.85 11.06
CA VAL A 43 -13.18 -8.90 10.92
C VAL A 43 -13.48 -10.08 11.87
N GLU A 44 -12.81 -11.23 11.61
CA GLU A 44 -12.82 -12.39 12.50
C GLU A 44 -11.69 -12.24 13.53
N HIS A 45 -11.88 -12.82 14.73
CA HIS A 45 -10.99 -12.58 15.88
C HIS A 45 -10.35 -13.90 16.34
N GLU A 46 -9.10 -14.14 15.90
CA GLU A 46 -8.27 -15.25 16.38
C GLU A 46 -6.87 -14.69 16.72
N ALA A 47 -6.60 -14.53 18.02
CA ALA A 47 -5.32 -14.02 18.53
C ALA A 47 -4.99 -14.67 19.89
N LEU A 48 -3.69 -14.74 20.22
CA LEU A 48 -3.21 -15.30 21.49
C LEU A 48 -2.63 -14.18 22.36
N GLN A 49 -3.14 -14.06 23.60
CA GLN A 49 -2.58 -13.15 24.61
C GLN A 49 -1.21 -13.69 25.08
N ARG A 50 -0.15 -12.90 24.84
CA ARG A 50 1.23 -13.27 25.17
C ARG A 50 1.61 -12.71 26.55
N PRO A 51 1.80 -13.58 27.60
CA PRO A 51 2.24 -13.11 28.94
C PRO A 51 3.69 -12.55 28.91
N VAL A 52 4.61 -13.29 28.27
CA VAL A 52 6.04 -12.93 28.17
C VAL A 52 6.58 -13.29 26.77
N ALA A 53 7.67 -12.63 26.37
CA ALA A 53 8.41 -12.90 25.12
C ALA A 53 9.87 -13.21 25.47
N SER A 54 10.50 -12.25 26.17
CA SER A 54 11.85 -12.41 26.74
C SER A 54 11.88 -11.68 28.09
N ASP A 55 11.73 -12.44 29.19
CA ASP A 55 11.81 -11.90 30.56
C ASP A 55 13.29 -11.76 30.99
N PHE A 56 14.09 -12.77 30.60
CA PHE A 56 15.55 -12.79 30.82
C PHE A 56 16.22 -11.90 29.75
N GLU A 57 16.86 -10.81 30.21
CA GLU A 57 17.49 -9.79 29.34
C GLU A 57 16.43 -9.18 28.39
N PRO A 58 15.49 -8.35 28.94
CA PRO A 58 14.30 -7.84 28.21
C PRO A 58 14.60 -6.59 27.34
N GLN A 59 15.80 -6.54 26.75
CA GLN A 59 16.22 -5.45 25.87
C GLN A 59 15.56 -5.59 24.49
N GLY A 60 14.33 -5.05 24.37
CA GLY A 60 13.53 -5.13 23.15
C GLY A 60 12.31 -6.03 23.33
N LEU A 61 11.32 -5.50 24.07
CA LEU A 61 10.09 -6.21 24.46
C LEU A 61 9.22 -6.59 23.22
N SER A 62 9.25 -7.89 22.86
CA SER A 62 8.40 -8.48 21.80
C SER A 62 8.71 -7.94 20.37
N GLU A 63 9.75 -7.10 20.22
CA GLU A 63 10.04 -6.42 18.93
C GLU A 63 10.55 -7.42 17.86
N ALA A 64 11.34 -8.40 18.32
CA ALA A 64 11.94 -9.44 17.46
C ALA A 64 10.96 -10.61 17.31
N ALA A 65 9.93 -10.39 16.48
CA ALA A 65 8.81 -11.32 16.30
C ALA A 65 8.04 -10.98 15.01
N ARG A 66 7.51 -12.01 14.33
CA ARG A 66 6.60 -11.81 13.18
C ARG A 66 5.21 -11.50 13.77
N TRP A 67 4.98 -10.21 14.03
CA TRP A 67 3.74 -9.69 14.65
C TRP A 67 2.53 -9.85 13.71
N ASN A 68 1.32 -9.77 14.28
CA ASN A 68 0.06 -9.84 13.51
C ASN A 68 -0.14 -8.52 12.76
N SER A 69 0.19 -8.51 11.47
CA SER A 69 -0.15 -7.43 10.55
C SER A 69 -1.63 -7.59 10.11
N LYS A 70 -2.17 -6.55 9.45
CA LYS A 70 -3.55 -6.57 8.95
C LYS A 70 -3.65 -7.36 7.65
N GLU A 71 -4.89 -7.68 7.27
CA GLU A 71 -5.19 -8.35 6.01
C GLU A 71 -6.29 -7.57 5.28
N ASN A 72 -6.16 -7.46 3.95
CA ASN A 72 -7.14 -6.81 3.08
C ASN A 72 -8.22 -7.83 2.70
N LEU A 73 -9.48 -7.56 3.11
CA LEU A 73 -10.63 -8.46 2.92
C LEU A 73 -11.18 -8.37 1.47
N LEU A 74 -12.31 -9.08 1.22
CA LEU A 74 -13.04 -9.03 -0.07
C LEU A 74 -13.69 -7.64 -0.25
N ALA A 75 -12.87 -6.69 -0.72
CA ALA A 75 -13.24 -5.26 -0.83
C ALA A 75 -12.19 -4.51 -1.69
N GLY A 76 -12.40 -3.20 -1.85
CA GLY A 76 -11.50 -2.33 -2.60
C GLY A 76 -12.25 -1.15 -3.24
N PRO A 77 -12.53 -0.03 -2.47
CA PRO A 77 -13.20 1.18 -3.00
C PRO A 77 -12.41 1.81 -4.17
N SER A 78 -12.99 1.75 -5.39
CA SER A 78 -12.35 2.22 -6.63
C SER A 78 -12.55 3.73 -6.79
N GLU A 79 -11.48 4.50 -6.48
CA GLU A 79 -11.48 5.95 -6.55
C GLU A 79 -10.04 6.44 -6.90
N ASN A 80 -9.94 7.21 -7.99
CA ASN A 80 -8.66 7.70 -8.52
C ASN A 80 -8.17 8.91 -7.68
N ASP A 81 -7.09 8.69 -6.92
CA ASP A 81 -6.49 9.69 -6.01
C ASP A 81 -4.96 9.38 -5.87
N PRO A 82 -4.07 10.41 -5.65
CA PRO A 82 -2.62 10.22 -5.37
C PRO A 82 -2.29 9.03 -4.42
N ASN A 83 -2.85 9.04 -3.18
CA ASN A 83 -2.62 7.97 -2.19
C ASN A 83 -3.75 7.91 -1.13
N LEU A 84 -4.92 7.39 -1.55
CA LEU A 84 -6.11 7.39 -0.69
C LEU A 84 -6.19 6.08 0.13
N PHE A 85 -6.17 6.26 1.45
CA PHE A 85 -6.30 5.20 2.46
C PHE A 85 -7.65 5.37 3.20
N VAL A 86 -7.96 4.39 4.06
CA VAL A 86 -9.14 4.42 4.94
C VAL A 86 -8.74 3.70 6.24
N ALA A 87 -9.41 4.03 7.35
CA ALA A 87 -9.22 3.32 8.62
C ALA A 87 -10.28 2.23 8.77
N LEU A 88 -9.83 1.02 9.17
CA LEU A 88 -10.72 -0.11 9.52
C LEU A 88 -11.14 -0.04 11.00
N TYR A 89 -10.34 0.69 11.78
CA TYR A 89 -10.55 0.86 13.22
C TYR A 89 -10.51 2.34 13.57
N ASP A 90 -11.22 2.69 14.66
CA ASP A 90 -11.02 3.98 15.33
C ASP A 90 -9.66 3.95 16.06
N PHE A 91 -9.15 5.14 16.37
CA PHE A 91 -7.89 5.30 17.08
C PHE A 91 -7.85 6.68 17.72
N VAL A 92 -7.92 6.72 19.05
CA VAL A 92 -7.70 7.95 19.83
C VAL A 92 -6.18 8.14 19.95
N ALA A 93 -5.69 9.31 19.51
CA ALA A 93 -4.26 9.63 19.53
C ALA A 93 -3.74 9.73 20.97
N SER A 94 -2.50 9.28 21.17
CA SER A 94 -1.81 9.37 22.45
C SER A 94 -1.31 10.82 22.71
N GLY A 95 -1.32 11.65 21.65
CA GLY A 95 -0.93 13.05 21.74
C GLY A 95 -0.65 13.66 20.37
N ASP A 96 0.17 14.71 20.34
CA ASP A 96 0.60 15.42 19.11
C ASP A 96 1.47 14.52 18.21
N ASN A 97 2.18 13.59 18.85
CA ASN A 97 3.10 12.61 18.18
C ASN A 97 2.34 11.55 17.35
N THR A 98 1.01 11.47 17.54
CA THR A 98 0.13 10.50 16.87
C THR A 98 -1.07 11.24 16.24
N LEU A 99 -1.78 10.56 15.30
CA LEU A 99 -2.98 11.12 14.63
C LEU A 99 -4.24 10.36 15.07
N SER A 100 -5.22 11.08 15.65
CA SER A 100 -6.52 10.51 15.99
C SER A 100 -7.33 10.27 14.70
N ILE A 101 -7.63 8.99 14.41
CA ILE A 101 -8.39 8.60 13.19
C ILE A 101 -9.65 7.84 13.58
N THR A 102 -10.61 7.76 12.66
CA THR A 102 -11.92 7.11 12.90
C THR A 102 -12.13 5.98 11.89
N LYS A 103 -12.85 4.90 12.29
CA LYS A 103 -13.31 3.84 11.36
C LYS A 103 -14.18 4.47 10.24
N GLY A 104 -13.85 4.16 8.98
CA GLY A 104 -14.55 4.71 7.82
C GLY A 104 -13.92 6.00 7.29
N GLU A 105 -13.14 6.68 8.14
CA GLU A 105 -12.47 7.95 7.79
C GLU A 105 -11.37 7.70 6.74
N LYS A 106 -11.37 8.51 5.67
CA LYS A 106 -10.36 8.44 4.61
C LYS A 106 -9.08 9.14 5.06
N LEU A 107 -7.97 8.38 5.06
CA LEU A 107 -6.66 8.82 5.56
C LEU A 107 -5.77 9.12 4.35
N ARG A 108 -4.80 10.02 4.50
CA ARG A 108 -3.79 10.26 3.47
C ARG A 108 -2.42 10.04 4.08
N VAL A 109 -1.79 8.90 3.76
CA VAL A 109 -0.55 8.48 4.38
C VAL A 109 0.61 8.91 3.50
N LEU A 110 1.41 9.83 4.04
CA LEU A 110 2.53 10.48 3.35
C LEU A 110 3.77 9.56 3.33
N GLY A 111 3.69 8.48 4.11
CA GLY A 111 4.67 7.41 4.13
C GLY A 111 4.51 6.55 5.39
N TYR A 112 5.01 5.30 5.33
CA TYR A 112 5.02 4.40 6.50
C TYR A 112 6.39 4.52 7.19
N ASN A 113 6.47 3.96 8.40
CA ASN A 113 7.75 3.79 9.12
C ASN A 113 8.47 2.57 8.50
N HIS A 114 9.81 2.62 8.48
CA HIS A 114 10.64 1.58 7.84
C HIS A 114 10.62 0.25 8.60
N ASN A 115 10.17 0.28 9.88
CA ASN A 115 9.96 -0.94 10.69
C ASN A 115 8.55 -1.54 10.43
N GLY A 116 7.69 -0.76 9.74
CA GLY A 116 6.31 -1.16 9.45
C GLY A 116 5.40 -1.13 10.68
N GLU A 117 5.89 -0.48 11.75
CA GLU A 117 5.20 -0.34 13.04
C GLU A 117 4.05 0.69 12.95
N TRP A 118 4.42 1.91 12.54
CA TRP A 118 3.51 3.06 12.45
C TRP A 118 3.56 3.61 11.01
N ALA A 119 2.76 4.67 10.75
CA ALA A 119 2.74 5.35 9.46
C ALA A 119 2.38 6.83 9.65
N GLU A 120 3.14 7.71 8.99
CA GLU A 120 2.91 9.16 9.06
C GLU A 120 1.76 9.54 8.10
N ALA A 121 0.55 9.63 8.66
CA ALA A 121 -0.67 9.94 7.92
C ALA A 121 -1.12 11.38 8.18
N GLN A 122 -2.09 11.81 7.40
CA GLN A 122 -2.66 13.16 7.47
C GLN A 122 -4.13 13.09 7.06
N THR A 123 -4.99 13.66 7.90
CA THR A 123 -6.42 13.79 7.66
C THR A 123 -6.86 15.24 7.94
N LYS A 124 -8.18 15.46 7.94
CA LYS A 124 -8.79 16.76 8.33
C LYS A 124 -8.60 17.03 9.84
N ASN A 125 -8.11 16.02 10.58
CA ASN A 125 -7.74 16.12 12.00
C ASN A 125 -6.30 16.69 12.14
N GLY A 126 -5.48 16.53 11.07
CA GLY A 126 -4.06 16.95 11.08
C GLY A 126 -3.13 15.83 10.66
N GLN A 127 -1.80 16.00 10.87
CA GLN A 127 -0.79 14.96 10.57
C GLN A 127 -0.38 14.23 11.88
N GLY A 128 0.15 12.99 11.76
CA GLY A 128 0.67 12.24 12.90
C GLY A 128 0.83 10.75 12.58
N TRP A 129 1.36 9.98 13.55
CA TRP A 129 1.63 8.54 13.36
C TRP A 129 0.43 7.67 13.79
N VAL A 130 0.10 6.70 12.93
CA VAL A 130 -1.00 5.73 13.09
C VAL A 130 -0.49 4.32 12.72
N PRO A 131 -0.88 3.23 13.46
CA PRO A 131 -0.36 1.88 13.20
C PRO A 131 -0.89 1.29 11.88
N SER A 132 -0.03 0.53 11.19
CA SER A 132 -0.29 0.00 9.83
C SER A 132 -1.53 -0.93 9.77
N ASN A 133 -1.97 -1.48 10.93
CA ASN A 133 -3.15 -2.36 11.00
C ASN A 133 -4.47 -1.58 10.97
N TYR A 134 -4.41 -0.32 11.45
CA TYR A 134 -5.59 0.55 11.52
C TYR A 134 -5.91 1.15 10.14
N ILE A 135 -4.89 1.15 9.22
CA ILE A 135 -4.93 1.95 7.97
C ILE A 135 -4.87 1.03 6.74
N THR A 136 -5.56 1.43 5.65
CA THR A 136 -5.90 0.51 4.55
C THR A 136 -5.98 1.24 3.17
N PRO A 137 -5.03 0.98 2.20
CA PRO A 137 -5.06 1.64 0.86
C PRO A 137 -6.27 1.20 0.00
N VAL A 138 -7.16 2.16 -0.32
CA VAL A 138 -8.35 1.90 -1.19
C VAL A 138 -7.95 2.01 -2.67
N ASN A 139 -6.90 2.83 -2.92
CA ASN A 139 -6.38 3.12 -4.27
C ASN A 139 -5.33 2.04 -4.68
N SER A 140 -5.33 0.88 -3.96
CA SER A 140 -4.45 -0.26 -4.26
C SER A 140 -4.51 -0.64 -5.74
N LEU A 141 -3.33 -0.68 -6.38
CA LEU A 141 -3.15 -1.02 -7.82
C LEU A 141 -3.67 -2.44 -8.15
N GLU A 142 -3.97 -3.24 -7.09
CA GLU A 142 -4.52 -4.61 -7.16
C GLU A 142 -5.81 -4.71 -8.02
N LYS A 143 -6.44 -3.56 -8.33
CA LYS A 143 -7.59 -3.50 -9.27
C LYS A 143 -7.19 -4.12 -10.62
N HIS A 144 -5.91 -3.91 -11.00
CA HIS A 144 -5.23 -4.67 -12.06
C HIS A 144 -4.58 -5.91 -11.38
N SER A 145 -4.93 -7.11 -11.85
CA SER A 145 -4.64 -8.38 -11.17
C SER A 145 -3.14 -8.73 -11.08
N TRP A 146 -2.27 -7.94 -11.75
CA TRP A 146 -0.80 -8.11 -11.65
C TRP A 146 -0.27 -7.72 -10.26
N TYR A 147 -0.87 -6.70 -9.66
CA TYR A 147 -0.52 -6.23 -8.31
C TYR A 147 -1.42 -6.92 -7.29
N HIS A 148 -0.89 -7.21 -6.07
CA HIS A 148 -1.70 -7.87 -5.00
C HIS A 148 -1.49 -7.22 -3.61
N GLY A 149 -0.76 -6.09 -3.55
CA GLY A 149 -0.71 -5.26 -2.34
C GLY A 149 0.40 -5.63 -1.35
N PRO A 150 0.35 -5.08 -0.08
CA PRO A 150 1.33 -5.39 1.00
C PRO A 150 1.12 -6.82 1.54
N VAL A 151 1.98 -7.76 1.08
CA VAL A 151 1.82 -9.20 1.38
C VAL A 151 3.20 -9.85 1.63
N SER A 152 3.21 -10.90 2.48
CA SER A 152 4.40 -11.73 2.76
C SER A 152 4.83 -12.56 1.53
N ARG A 153 6.17 -12.82 1.44
CA ARG A 153 6.78 -13.68 0.39
C ARG A 153 6.16 -15.09 0.42
N ASN A 154 5.81 -15.57 1.62
CA ASN A 154 5.21 -16.91 1.82
C ASN A 154 3.92 -17.07 0.99
N ALA A 155 2.97 -16.13 1.21
CA ALA A 155 1.66 -16.11 0.51
C ALA A 155 1.84 -15.84 -1.00
N ALA A 156 2.78 -14.91 -1.31
CA ALA A 156 3.13 -14.55 -2.70
C ALA A 156 3.62 -15.77 -3.50
N GLU A 157 4.59 -16.47 -2.93
CA GLU A 157 5.25 -17.63 -3.55
C GLU A 157 4.30 -18.83 -3.57
N TYR A 158 3.37 -18.88 -2.59
CA TYR A 158 2.31 -19.90 -2.54
C TYR A 158 1.38 -19.79 -3.77
N LEU A 159 0.93 -18.55 -4.09
CA LEU A 159 0.07 -18.29 -5.28
C LEU A 159 0.87 -18.56 -6.57
N LEU A 160 2.13 -18.09 -6.58
CA LEU A 160 3.04 -18.23 -7.74
C LEU A 160 3.40 -19.71 -8.03
N SER A 161 3.30 -20.55 -6.98
CA SER A 161 3.67 -21.98 -7.04
C SER A 161 2.76 -22.78 -8.01
N SER A 162 1.57 -22.24 -8.33
CA SER A 162 0.60 -22.88 -9.24
C SER A 162 0.57 -22.18 -10.62
N GLY A 163 1.61 -21.36 -10.89
CA GLY A 163 1.74 -20.64 -12.16
C GLY A 163 2.71 -21.33 -13.12
N ILE A 164 2.58 -21.04 -14.43
CA ILE A 164 3.42 -21.63 -15.50
C ILE A 164 4.41 -20.57 -16.05
N ASN A 165 4.99 -20.85 -17.23
CA ASN A 165 5.96 -19.96 -17.90
C ASN A 165 5.50 -18.48 -17.97
N GLY A 166 6.26 -17.59 -17.28
CA GLY A 166 6.01 -16.15 -17.34
C GLY A 166 4.96 -15.69 -16.34
N SER A 167 4.63 -16.57 -15.38
CA SER A 167 3.69 -16.24 -14.31
C SER A 167 4.38 -15.28 -13.33
N PHE A 168 3.70 -14.19 -12.92
CA PHE A 168 4.32 -13.20 -12.02
C PHE A 168 3.31 -12.66 -11.00
N LEU A 169 3.85 -12.05 -9.93
CA LEU A 169 3.08 -11.31 -8.93
C LEU A 169 3.89 -10.09 -8.50
N VAL A 170 3.24 -8.92 -8.45
CA VAL A 170 3.86 -7.68 -7.96
C VAL A 170 3.28 -7.40 -6.55
N ARG A 171 4.11 -7.54 -5.51
CA ARG A 171 3.71 -7.33 -4.10
C ARG A 171 4.59 -6.20 -3.51
N GLU A 172 4.16 -5.60 -2.39
CA GLU A 172 5.06 -4.76 -1.58
C GLU A 172 5.25 -5.36 -0.18
N SER A 173 6.38 -5.01 0.44
CA SER A 173 6.80 -5.54 1.75
C SER A 173 6.17 -4.72 2.89
N GLU A 174 5.51 -5.43 3.82
CA GLU A 174 4.89 -4.88 5.04
C GLU A 174 5.99 -4.42 6.04
N SER A 175 7.10 -5.18 6.06
CA SER A 175 8.24 -4.98 6.97
C SER A 175 9.31 -4.03 6.38
N SER A 176 9.23 -3.79 5.06
CA SER A 176 10.05 -2.79 4.36
C SER A 176 9.13 -2.00 3.40
N PRO A 177 8.30 -1.04 3.95
CA PRO A 177 7.28 -0.30 3.15
C PRO A 177 7.92 0.69 2.16
N GLY A 178 7.30 0.78 0.96
CA GLY A 178 7.86 1.53 -0.17
C GLY A 178 8.73 0.65 -1.06
N GLN A 179 9.23 -0.47 -0.48
CA GLN A 179 10.02 -1.47 -1.20
C GLN A 179 9.09 -2.56 -1.70
N ARG A 180 9.09 -2.74 -3.03
CA ARG A 180 8.26 -3.73 -3.70
C ARG A 180 9.15 -4.84 -4.29
N SER A 181 8.53 -5.92 -4.74
CA SER A 181 9.21 -7.09 -5.31
C SER A 181 8.28 -7.77 -6.31
N ILE A 182 8.86 -8.17 -7.46
CA ILE A 182 8.16 -9.00 -8.44
C ILE A 182 8.76 -10.40 -8.37
N SER A 183 7.89 -11.40 -8.32
CA SER A 183 8.24 -12.79 -8.25
C SER A 183 7.83 -13.44 -9.58
N LEU A 184 8.82 -13.97 -10.33
CA LEU A 184 8.62 -14.65 -11.63
C LEU A 184 8.74 -16.16 -11.47
N ARG A 185 7.90 -16.88 -12.22
CA ARG A 185 8.01 -18.31 -12.39
C ARG A 185 7.90 -18.63 -13.88
N TYR A 186 8.85 -19.42 -14.37
CA TYR A 186 8.84 -19.92 -15.74
C TYR A 186 9.49 -21.31 -15.76
N GLU A 187 8.89 -22.24 -16.51
CA GLU A 187 9.37 -23.64 -16.66
C GLU A 187 9.53 -24.34 -15.29
N GLY A 188 8.64 -23.99 -14.34
CA GLY A 188 8.62 -24.56 -12.99
C GLY A 188 9.55 -23.85 -12.00
N ARG A 189 10.37 -22.91 -12.49
CA ARG A 189 11.45 -22.26 -11.71
C ARG A 189 10.99 -20.90 -11.20
N VAL A 190 11.06 -20.73 -9.86
CA VAL A 190 10.68 -19.50 -9.14
C VAL A 190 11.94 -18.69 -8.77
N TYR A 191 11.90 -17.39 -9.02
CA TYR A 191 12.91 -16.43 -8.56
C TYR A 191 12.24 -15.08 -8.25
N HIS A 192 12.89 -14.29 -7.39
CA HIS A 192 12.34 -13.05 -6.84
C HIS A 192 13.35 -11.91 -7.07
N TYR A 193 12.87 -10.71 -7.42
CA TYR A 193 13.74 -9.53 -7.56
C TYR A 193 13.02 -8.29 -7.03
N ARG A 194 13.78 -7.43 -6.33
CA ARG A 194 13.26 -6.21 -5.71
C ARG A 194 13.09 -5.09 -6.76
N ILE A 195 11.97 -4.39 -6.65
CA ILE A 195 11.78 -3.09 -7.27
C ILE A 195 12.51 -2.06 -6.39
N ASN A 196 13.68 -1.65 -6.86
CA ASN A 196 14.51 -0.65 -6.18
C ASN A 196 13.86 0.72 -6.41
N THR A 197 13.57 1.43 -5.32
CA THR A 197 12.85 2.70 -5.37
C THR A 197 13.83 3.86 -5.19
N ALA A 198 13.90 4.77 -6.19
CA ALA A 198 14.64 6.03 -6.06
C ALA A 198 13.83 6.96 -5.16
N SER A 199 14.51 7.78 -4.36
CA SER A 199 13.87 8.72 -3.41
C SER A 199 13.16 9.87 -4.16
N ASP A 200 13.40 9.95 -5.49
CA ASP A 200 12.70 10.86 -6.42
C ASP A 200 11.20 10.49 -6.54
N GLY A 201 10.88 9.23 -6.14
CA GLY A 201 9.54 8.65 -6.32
C GLY A 201 9.48 7.76 -7.55
N LYS A 202 10.61 7.69 -8.28
CA LYS A 202 10.73 6.89 -9.51
C LYS A 202 11.20 5.47 -9.18
N LEU A 203 10.60 4.47 -9.83
CA LEU A 203 10.89 3.05 -9.59
C LEU A 203 11.91 2.54 -10.61
N TYR A 204 12.60 1.44 -10.24
CA TYR A 204 13.52 0.73 -11.15
C TYR A 204 13.86 -0.66 -10.59
N VAL A 205 14.60 -1.43 -11.40
CA VAL A 205 15.07 -2.79 -11.05
C VAL A 205 16.52 -2.91 -11.56
N SER A 206 16.67 -2.87 -12.89
CA SER A 206 17.96 -3.06 -13.59
C SER A 206 18.67 -1.70 -13.81
N SER A 207 19.83 -1.72 -14.52
CA SER A 207 20.68 -0.53 -14.72
C SER A 207 19.99 0.56 -15.59
N GLU A 208 19.40 0.13 -16.73
CA GLU A 208 18.75 1.05 -17.70
C GLU A 208 17.27 1.30 -17.34
N SER A 209 16.78 0.61 -16.28
CA SER A 209 15.43 0.80 -15.73
C SER A 209 15.31 2.18 -15.05
N ARG A 210 14.43 3.05 -15.59
CA ARG A 210 14.05 4.36 -15.00
C ARG A 210 12.55 4.62 -15.30
N PHE A 211 11.67 4.50 -14.29
CA PHE A 211 10.19 4.58 -14.49
C PHE A 211 9.58 5.61 -13.52
N ASN A 212 8.60 6.39 -14.02
CA ASN A 212 7.82 7.32 -13.18
C ASN A 212 6.80 6.54 -12.32
N THR A 213 6.20 5.47 -12.90
CA THR A 213 5.15 4.65 -12.22
C THR A 213 5.41 3.14 -12.36
N LEU A 214 4.69 2.38 -11.51
CA LEU A 214 4.69 0.92 -11.51
C LEU A 214 3.98 0.36 -12.75
N ALA A 215 3.00 1.13 -13.29
CA ALA A 215 2.29 0.78 -14.55
C ALA A 215 3.28 0.72 -15.73
N GLU A 216 4.20 1.72 -15.74
CA GLU A 216 5.29 1.80 -16.73
C GLU A 216 6.32 0.70 -16.50
N LEU A 217 6.65 0.45 -15.21
CA LEU A 217 7.57 -0.64 -14.82
C LEU A 217 7.05 -2.01 -15.29
N VAL A 218 5.74 -2.24 -15.13
CA VAL A 218 5.10 -3.55 -15.42
C VAL A 218 4.92 -3.75 -16.94
N HIS A 219 4.52 -2.69 -17.68
CA HIS A 219 4.45 -2.77 -19.18
C HIS A 219 5.84 -3.08 -19.76
N HIS A 220 6.83 -2.29 -19.31
CA HIS A 220 8.23 -2.46 -19.70
C HIS A 220 8.68 -3.91 -19.46
N HIS A 221 8.50 -4.37 -18.21
CA HIS A 221 8.85 -5.74 -17.80
C HIS A 221 8.02 -6.80 -18.55
N SER A 222 6.81 -6.43 -19.01
CA SER A 222 5.92 -7.33 -19.77
C SER A 222 6.37 -7.47 -21.24
N THR A 223 7.17 -6.49 -21.76
CA THR A 223 7.64 -6.53 -23.17
C THR A 223 9.18 -6.67 -23.37
N VAL A 224 10.05 -6.38 -22.38
CA VAL A 224 11.51 -6.21 -22.65
C VAL A 224 12.34 -7.51 -22.47
N ALA A 225 13.32 -7.61 -23.35
CA ALA A 225 14.32 -8.69 -23.46
C ALA A 225 15.60 -8.39 -22.64
N ASP A 226 15.63 -7.20 -22.02
CA ASP A 226 16.78 -6.29 -21.82
C ASP A 226 17.74 -6.73 -20.66
N GLY A 227 17.58 -7.96 -20.19
CA GLY A 227 18.17 -8.47 -18.94
C GLY A 227 17.10 -8.94 -17.97
N LEU A 228 15.91 -9.19 -18.51
CA LEU A 228 14.91 -10.06 -17.90
C LEU A 228 15.08 -11.48 -18.43
N ILE A 229 15.03 -12.46 -17.51
CA ILE A 229 15.07 -13.89 -17.85
C ILE A 229 13.79 -14.26 -18.64
N THR A 230 12.62 -13.78 -18.16
CA THR A 230 11.35 -13.86 -18.90
C THR A 230 10.58 -12.53 -18.75
N THR A 231 9.80 -12.19 -19.80
CA THR A 231 8.85 -11.09 -19.76
C THR A 231 7.63 -11.50 -18.92
N LEU A 232 6.91 -10.51 -18.38
CA LEU A 232 5.68 -10.78 -17.59
C LEU A 232 4.57 -11.30 -18.55
N HIS A 233 4.34 -12.63 -18.55
CA HIS A 233 3.35 -13.29 -19.45
C HIS A 233 1.94 -13.12 -18.89
N TYR A 234 1.71 -13.59 -17.66
CA TYR A 234 0.39 -13.42 -17.00
C TYR A 234 0.57 -13.47 -15.47
N PRO A 235 -0.33 -12.82 -14.66
CA PRO A 235 -0.26 -12.90 -13.20
C PRO A 235 -0.68 -14.31 -12.70
N ALA A 236 0.06 -14.83 -11.70
CA ALA A 236 -0.25 -16.13 -11.06
C ALA A 236 -1.67 -16.11 -10.48
N PRO A 237 -2.39 -17.29 -10.48
CA PRO A 237 -3.78 -17.37 -10.01
C PRO A 237 -3.96 -16.77 -8.60
N LYS A 238 -4.79 -15.71 -8.53
CA LYS A 238 -5.19 -15.05 -7.29
C LYS A 238 -5.89 -16.04 -6.34
N ARG A 239 -5.92 -15.68 -5.04
CA ARG A 239 -6.58 -16.48 -3.98
C ARG A 239 -8.07 -16.75 -4.30
N ASN A 240 -8.71 -15.74 -4.94
CA ASN A 240 -10.10 -15.85 -5.44
C ASN A 240 -10.12 -16.65 -6.78
N LYS A 241 -11.29 -17.19 -7.13
CA LYS A 241 -11.48 -18.02 -8.36
C LYS A 241 -11.22 -17.22 -9.68
N PRO A 242 -10.65 -17.86 -10.74
CA PRO A 242 -10.61 -17.29 -12.11
C PRO A 242 -11.96 -17.54 -12.85
N THR A 243 -12.08 -17.07 -14.11
CA THR A 243 -13.34 -17.16 -14.87
C THR A 243 -13.12 -17.38 -16.39
N VAL A 244 -12.10 -16.73 -16.99
CA VAL A 244 -11.84 -16.83 -18.44
C VAL A 244 -10.34 -16.62 -18.75
N TYR A 245 -9.84 -17.34 -19.78
CA TYR A 245 -8.48 -17.22 -20.30
C TYR A 245 -8.55 -16.68 -21.74
N GLY A 246 -8.22 -15.39 -21.91
CA GLY A 246 -8.22 -14.76 -23.24
C GLY A 246 -6.98 -15.16 -24.05
N VAL A 247 -7.18 -15.97 -25.12
CA VAL A 247 -6.09 -16.46 -25.99
C VAL A 247 -5.39 -15.26 -26.65
N SER A 248 -4.07 -15.15 -26.45
CA SER A 248 -3.25 -14.04 -26.94
C SER A 248 -2.64 -14.41 -28.31
N PRO A 249 -3.23 -13.92 -29.47
CA PRO A 249 -2.77 -14.30 -30.82
C PRO A 249 -1.39 -13.68 -31.17
N ASN A 250 -0.49 -14.51 -31.74
CA ASN A 250 0.87 -14.09 -32.09
C ASN A 250 1.27 -14.71 -33.44
N TYR A 251 2.40 -14.24 -33.98
CA TYR A 251 2.96 -14.72 -35.26
C TYR A 251 4.26 -15.47 -34.98
N ASP A 252 4.79 -16.20 -36.00
CA ASP A 252 6.01 -17.03 -35.82
C ASP A 252 7.22 -16.14 -35.48
N LYS A 253 7.81 -16.39 -34.31
CA LYS A 253 8.95 -15.61 -33.77
C LYS A 253 10.28 -16.36 -34.06
N TRP A 254 10.20 -17.68 -34.23
CA TRP A 254 11.37 -18.57 -34.24
C TRP A 254 12.05 -18.61 -35.62
N GLU A 255 13.27 -19.18 -35.67
CA GLU A 255 14.06 -19.28 -36.90
C GLU A 255 13.89 -20.72 -37.49
N MET A 1 18.94 7.47 9.65
CA MET A 1 18.98 6.33 10.59
C MET A 1 17.60 5.65 10.65
N GLY A 2 17.57 4.32 10.45
CA GLY A 2 16.35 3.54 10.57
C GLY A 2 16.26 2.42 9.55
N GLN A 3 17.10 1.40 9.74
CA GLN A 3 17.11 0.17 8.92
C GLN A 3 17.19 -1.03 9.87
N GLN A 4 16.08 -1.24 10.58
CA GLN A 4 15.88 -2.37 11.52
C GLN A 4 15.30 -3.58 10.75
N PRO A 5 15.40 -4.85 11.31
CA PRO A 5 14.90 -6.09 10.63
C PRO A 5 13.39 -6.08 10.29
N GLY A 6 12.64 -5.18 10.94
CA GLY A 6 11.22 -5.00 10.68
C GLY A 6 10.38 -5.32 11.90
N LYS A 7 9.63 -4.31 12.39
CA LYS A 7 8.72 -4.48 13.52
C LYS A 7 7.47 -5.27 13.09
N VAL A 8 7.53 -6.59 13.29
CA VAL A 8 6.41 -7.49 13.00
C VAL A 8 5.53 -7.66 14.26
N LEU A 9 4.20 -7.52 14.09
CA LEU A 9 3.20 -7.79 15.15
C LEU A 9 2.44 -9.08 14.80
N GLY A 10 2.01 -9.85 15.82
CA GLY A 10 1.37 -11.15 15.60
C GLY A 10 0.23 -11.38 16.57
N ASP A 11 -0.88 -10.65 16.35
CA ASP A 11 -2.08 -10.69 17.24
C ASP A 11 -3.35 -10.93 16.42
N GLN A 12 -4.48 -11.06 17.13
CA GLN A 12 -5.82 -11.24 16.52
C GLN A 12 -6.44 -9.88 16.09
N ARG A 13 -7.79 -9.85 15.89
CA ARG A 13 -8.55 -8.60 15.64
C ARG A 13 -8.20 -7.54 16.69
N ARG A 14 -7.99 -6.29 16.21
CA ARG A 14 -7.38 -5.21 17.01
C ARG A 14 -5.98 -5.66 17.52
N PRO A 15 -4.96 -5.76 16.60
CA PRO A 15 -3.58 -6.10 16.99
C PRO A 15 -2.95 -4.99 17.87
N SER A 16 -1.87 -5.33 18.57
CA SER A 16 -1.22 -4.37 19.45
C SER A 16 -0.53 -3.26 18.66
N LEU A 17 -0.13 -2.21 19.36
CA LEU A 17 0.49 -1.02 18.78
C LEU A 17 2.00 -1.08 19.03
N PRO A 18 2.85 -0.95 17.96
CA PRO A 18 4.33 -0.95 18.11
C PRO A 18 4.83 0.33 18.81
N ALA A 19 6.11 0.33 19.22
CA ALA A 19 6.71 1.44 19.95
C ALA A 19 7.10 2.57 18.99
N LEU A 20 6.96 3.81 19.47
CA LEU A 20 7.33 5.02 18.74
C LEU A 20 8.81 5.32 19.00
N HIS A 21 9.68 4.80 18.12
CA HIS A 21 11.13 5.03 18.18
C HIS A 21 11.45 6.26 17.34
N PHE A 22 10.87 6.27 16.12
CA PHE A 22 11.06 7.32 15.15
C PHE A 22 9.87 8.30 15.21
N ILE A 23 10.14 9.51 15.70
CA ILE A 23 9.14 10.58 15.81
C ILE A 23 9.57 11.74 14.92
N LYS A 24 8.78 11.95 13.86
CA LYS A 24 8.90 13.10 12.96
C LYS A 24 7.75 14.09 13.22
N GLY A 25 6.66 13.56 13.80
CA GLY A 25 5.44 14.32 14.05
C GLY A 25 4.53 14.32 12.84
N ALA A 26 4.91 15.11 11.82
CA ALA A 26 4.17 15.25 10.56
C ALA A 26 5.03 15.98 9.51
N GLY A 27 4.94 15.54 8.23
CA GLY A 27 5.65 16.19 7.13
C GLY A 27 4.82 17.27 6.46
N LYS A 28 4.38 17.02 5.23
CA LYS A 28 3.51 17.94 4.46
C LYS A 28 2.03 17.66 4.75
N ARG A 29 1.19 18.69 4.61
CA ARG A 29 -0.29 18.53 4.67
C ARG A 29 -0.90 18.55 3.26
N GLU A 30 -0.04 18.36 2.24
CA GLU A 30 -0.42 18.46 0.83
C GLU A 30 -0.22 17.11 0.11
N SER A 31 -1.13 16.79 -0.83
CA SER A 31 -1.08 15.56 -1.64
C SER A 31 -2.02 15.72 -2.86
N SER A 32 -2.29 17.01 -3.25
CA SER A 32 -3.34 17.38 -4.24
C SER A 32 -4.75 16.98 -3.73
N ARG A 33 -4.85 16.85 -2.39
CA ARG A 33 -6.02 16.28 -1.70
C ARG A 33 -7.27 17.18 -1.80
N HIS A 34 -8.43 16.57 -1.54
CA HIS A 34 -9.73 17.27 -1.52
C HIS A 34 -10.79 16.39 -0.85
N GLY A 35 -12.00 16.92 -0.75
CA GLY A 35 -13.17 16.20 -0.26
C GLY A 35 -14.39 16.48 -1.14
N GLY A 36 -15.58 16.11 -0.66
CA GLY A 36 -16.82 16.31 -1.42
C GLY A 36 -18.04 16.40 -0.51
N PRO A 37 -19.26 16.03 -0.99
CA PRO A 37 -20.52 16.15 -0.21
C PRO A 37 -20.56 15.15 0.98
N HIS A 38 -21.58 15.23 1.83
CA HIS A 38 -21.68 14.36 3.02
C HIS A 38 -22.37 13.02 2.65
N CYS A 39 -21.77 12.31 1.65
CA CYS A 39 -22.28 11.01 1.17
C CYS A 39 -22.03 9.90 2.20
N ASN A 40 -20.94 10.03 2.96
CA ASN A 40 -20.64 9.11 4.08
C ASN A 40 -21.21 9.69 5.38
N VAL A 41 -22.04 8.88 6.07
CA VAL A 41 -22.57 9.19 7.40
C VAL A 41 -21.49 8.94 8.50
N PHE A 42 -20.43 9.75 8.43
CA PHE A 42 -19.25 9.61 9.28
C PHE A 42 -19.61 10.01 10.74
N VAL A 43 -19.50 9.02 11.64
CA VAL A 43 -19.75 9.18 13.08
C VAL A 43 -18.49 8.76 13.85
N GLU A 44 -18.41 9.16 15.13
CA GLU A 44 -17.28 8.77 16.00
C GLU A 44 -17.53 7.37 16.60
N HIS A 45 -16.54 6.87 17.36
CA HIS A 45 -16.59 5.50 17.91
C HIS A 45 -15.75 5.43 19.20
N GLU A 46 -16.43 5.21 20.33
CA GLU A 46 -15.76 4.94 21.62
C GLU A 46 -15.33 3.46 21.70
N ALA A 47 -14.31 3.17 22.51
CA ALA A 47 -13.70 1.84 22.59
C ALA A 47 -13.60 1.39 24.05
N LEU A 48 -14.31 0.30 24.38
CA LEU A 48 -14.12 -0.43 25.65
C LEU A 48 -12.78 -1.19 25.57
N GLN A 49 -11.70 -0.50 25.93
CA GLN A 49 -10.35 -1.06 25.98
C GLN A 49 -9.84 -0.99 27.42
N ARG A 50 -8.99 -1.95 27.78
CA ARG A 50 -8.36 -2.03 29.11
C ARG A 50 -6.84 -1.72 28.96
N PRO A 51 -6.42 -0.43 29.17
CA PRO A 51 -5.00 -0.01 29.10
C PRO A 51 -4.25 -0.17 30.45
N VAL A 52 -5.00 -0.54 31.51
CA VAL A 52 -4.50 -0.62 32.90
C VAL A 52 -5.19 -1.79 33.64
N ALA A 53 -5.84 -2.69 32.89
CA ALA A 53 -6.67 -3.77 33.46
C ALA A 53 -6.56 -5.05 32.63
N SER A 54 -7.03 -6.16 33.21
CA SER A 54 -6.99 -7.49 32.60
C SER A 54 -8.32 -8.23 32.84
N ASP A 55 -8.75 -9.02 31.85
CA ASP A 55 -10.04 -9.69 31.86
C ASP A 55 -9.97 -11.03 32.62
N PHE A 56 -10.25 -10.97 33.92
CA PHE A 56 -10.41 -12.15 34.77
C PHE A 56 -11.85 -12.16 35.29
N GLU A 57 -12.53 -13.30 35.08
CA GLU A 57 -13.97 -13.47 35.33
C GLU A 57 -14.79 -12.51 34.43
N PRO A 58 -14.89 -12.80 33.08
CA PRO A 58 -15.65 -11.97 32.12
C PRO A 58 -17.18 -12.16 32.28
N GLN A 59 -17.70 -11.73 33.44
CA GLN A 59 -19.08 -11.95 33.87
C GLN A 59 -20.05 -11.03 33.08
N GLY A 60 -20.51 -11.52 31.91
CA GLY A 60 -21.49 -10.81 31.10
C GLY A 60 -22.91 -11.11 31.55
N LEU A 61 -23.16 -10.91 32.86
CA LEU A 61 -24.42 -11.25 33.54
C LEU A 61 -25.61 -10.56 32.86
N SER A 62 -25.46 -9.26 32.63
CA SER A 62 -26.40 -8.46 31.84
C SER A 62 -25.61 -7.34 31.15
N GLU A 63 -25.59 -7.36 29.82
CA GLU A 63 -24.88 -6.37 29.00
C GLU A 63 -25.80 -5.89 27.88
N ALA A 64 -25.84 -4.57 27.69
CA ALA A 64 -26.56 -3.93 26.58
C ALA A 64 -25.69 -2.77 26.10
N ALA A 65 -24.78 -3.07 25.15
CA ALA A 65 -23.93 -2.05 24.51
C ALA A 65 -24.72 -1.36 23.41
N ARG A 66 -25.67 -0.49 23.82
CA ARG A 66 -26.59 0.18 22.89
C ARG A 66 -25.92 1.42 22.30
N TRP A 67 -25.72 1.41 20.98
CA TRP A 67 -25.18 2.55 20.24
C TRP A 67 -26.31 3.36 19.59
N ASN A 68 -25.99 4.61 19.25
CA ASN A 68 -26.82 5.43 18.37
C ASN A 68 -26.27 5.26 16.95
N SER A 69 -24.96 5.62 16.82
CA SER A 69 -24.17 5.51 15.57
C SER A 69 -24.78 6.39 14.46
N LYS A 70 -25.51 7.44 14.88
CA LYS A 70 -26.17 8.40 13.99
C LYS A 70 -25.76 9.82 14.39
N GLU A 71 -24.88 10.43 13.58
CA GLU A 71 -24.34 11.79 13.77
C GLU A 71 -24.02 12.39 12.39
N ASN A 72 -23.52 13.63 12.39
CA ASN A 72 -23.18 14.37 11.17
C ASN A 72 -21.83 15.07 11.37
N LEU A 73 -20.73 14.32 11.21
CA LEU A 73 -19.35 14.86 11.34
C LEU A 73 -18.77 15.22 9.95
N LEU A 74 -17.42 15.33 9.84
CA LEU A 74 -16.72 15.66 8.57
C LEU A 74 -16.81 14.51 7.55
N ALA A 75 -16.74 14.88 6.25
CA ALA A 75 -16.93 13.96 5.13
C ALA A 75 -15.83 14.10 4.07
N GLY A 76 -15.84 13.19 3.09
CA GLY A 76 -14.91 13.21 1.95
C GLY A 76 -14.98 11.91 1.14
N PRO A 77 -16.10 11.67 0.38
CA PRO A 77 -16.24 10.48 -0.50
C PRO A 77 -15.39 10.60 -1.79
N SER A 78 -15.36 11.83 -2.33
CA SER A 78 -14.54 12.19 -3.49
C SER A 78 -13.25 12.84 -2.97
N GLU A 79 -12.35 11.97 -2.48
CA GLU A 79 -11.05 12.36 -1.90
C GLU A 79 -9.95 12.11 -2.94
N ASN A 80 -10.03 10.91 -3.58
CA ASN A 80 -9.31 10.58 -4.85
C ASN A 80 -7.77 10.52 -4.74
N ASP A 81 -7.22 10.58 -3.51
CA ASP A 81 -5.75 10.58 -3.29
C ASP A 81 -5.06 9.32 -3.87
N PRO A 82 -3.77 9.45 -4.37
CA PRO A 82 -3.04 8.33 -5.01
C PRO A 82 -2.78 7.19 -4.01
N ASN A 83 -2.26 7.53 -2.81
CA ASN A 83 -2.02 6.56 -1.73
C ASN A 83 -3.19 6.60 -0.75
N LEU A 84 -4.40 6.38 -1.29
CA LEU A 84 -5.63 6.39 -0.50
C LEU A 84 -5.88 4.98 0.05
N PHE A 85 -5.83 4.88 1.37
CA PHE A 85 -6.08 3.67 2.16
C PHE A 85 -7.47 3.76 2.82
N VAL A 86 -7.87 2.69 3.50
CA VAL A 86 -9.07 2.66 4.34
C VAL A 86 -8.70 2.07 5.71
N ALA A 87 -9.36 2.56 6.76
CA ALA A 87 -9.22 2.01 8.12
C ALA A 87 -10.04 0.71 8.25
N LEU A 88 -9.32 -0.44 8.36
CA LEU A 88 -9.91 -1.77 8.62
C LEU A 88 -10.49 -1.88 10.03
N TYR A 89 -9.90 -1.11 10.96
CA TYR A 89 -10.30 -1.10 12.38
C TYR A 89 -10.38 0.36 12.84
N ASP A 90 -11.23 0.62 13.84
CA ASP A 90 -11.24 1.93 14.52
C ASP A 90 -9.98 2.05 15.37
N PHE A 91 -9.47 3.28 15.47
CA PHE A 91 -8.26 3.61 16.19
C PHE A 91 -8.39 5.03 16.74
N VAL A 92 -8.56 5.15 18.05
CA VAL A 92 -8.49 6.45 18.73
C VAL A 92 -7.01 6.81 18.94
N ALA A 93 -6.66 8.06 18.61
CA ALA A 93 -5.27 8.55 18.72
C ALA A 93 -4.82 8.55 20.19
N SER A 94 -3.65 7.94 20.44
CA SER A 94 -3.05 7.84 21.78
C SER A 94 -2.18 9.09 22.10
N GLY A 95 -2.33 10.13 21.27
CA GLY A 95 -1.61 11.39 21.41
C GLY A 95 -1.69 12.19 20.12
N ASP A 96 -1.07 13.38 20.12
CA ASP A 96 -1.00 14.24 18.92
C ASP A 96 -0.10 13.60 17.83
N ASN A 97 0.87 12.79 18.28
CA ASN A 97 1.82 12.07 17.39
C ASN A 97 1.11 10.97 16.57
N THR A 98 -0.03 10.49 17.08
CA THR A 98 -0.86 9.49 16.40
C THR A 98 -2.11 10.16 15.80
N LEU A 99 -2.71 9.51 14.79
CA LEU A 99 -3.90 10.03 14.09
C LEU A 99 -5.11 9.14 14.34
N SER A 100 -6.18 9.75 14.86
CA SER A 100 -7.48 9.09 15.04
C SER A 100 -8.10 8.78 13.67
N ILE A 101 -8.33 7.49 13.42
CA ILE A 101 -8.95 7.01 12.18
C ILE A 101 -10.13 6.08 12.55
N THR A 102 -11.30 6.33 11.96
CA THR A 102 -12.50 5.52 12.21
C THR A 102 -12.63 4.45 11.11
N LYS A 103 -12.99 3.21 11.51
CA LYS A 103 -13.23 2.09 10.56
C LYS A 103 -14.21 2.51 9.44
N GLY A 104 -13.73 2.44 8.18
CA GLY A 104 -14.53 2.83 7.01
C GLY A 104 -14.17 4.20 6.44
N GLU A 105 -13.23 4.91 7.12
CA GLU A 105 -12.73 6.23 6.64
C GLU A 105 -11.57 6.02 5.66
N LYS A 106 -11.52 6.91 4.64
CA LYS A 106 -10.42 6.98 3.66
C LYS A 106 -9.25 7.77 4.26
N LEU A 107 -8.01 7.27 4.09
CA LEU A 107 -6.82 7.77 4.79
C LEU A 107 -5.74 8.11 3.74
N ARG A 108 -5.07 9.26 3.85
CA ARG A 108 -4.00 9.64 2.89
C ARG A 108 -2.63 9.29 3.51
N VAL A 109 -1.93 8.27 3.01
CA VAL A 109 -0.62 7.86 3.57
C VAL A 109 0.52 8.46 2.73
N LEU A 110 1.30 9.37 3.35
CA LEU A 110 2.49 10.01 2.73
C LEU A 110 3.64 9.00 2.62
N GLY A 111 3.76 8.15 3.65
CA GLY A 111 4.77 7.09 3.71
C GLY A 111 4.65 6.26 4.98
N TYR A 112 5.49 5.22 5.09
CA TYR A 112 5.55 4.35 6.29
C TYR A 112 6.73 4.80 7.16
N ASN A 113 6.87 4.19 8.34
CA ASN A 113 7.98 4.48 9.26
C ASN A 113 9.29 3.85 8.75
N HIS A 114 10.43 4.28 9.33
CA HIS A 114 11.78 3.74 9.00
C HIS A 114 11.87 2.22 9.27
N ASN A 115 11.16 1.77 10.31
CA ASN A 115 11.08 0.34 10.70
C ASN A 115 9.68 -0.25 10.33
N GLY A 116 8.87 0.56 9.62
CA GLY A 116 7.51 0.19 9.16
C GLY A 116 6.54 -0.12 10.29
N GLU A 117 6.82 0.45 11.47
CA GLU A 117 6.03 0.23 12.70
C GLU A 117 4.67 0.92 12.52
N TRP A 118 4.75 2.22 12.29
CA TRP A 118 3.61 3.10 12.03
C TRP A 118 3.68 3.59 10.57
N ALA A 119 2.71 4.42 10.18
CA ALA A 119 2.59 4.95 8.82
C ALA A 119 2.12 6.40 8.89
N GLU A 120 2.89 7.31 8.29
CA GLU A 120 2.59 8.75 8.31
C GLU A 120 1.38 9.03 7.39
N ALA A 121 0.21 9.19 8.02
CA ALA A 121 -1.06 9.41 7.32
C ALA A 121 -1.63 10.81 7.62
N GLN A 122 -2.68 11.16 6.88
CA GLN A 122 -3.38 12.45 6.97
C GLN A 122 -4.87 12.18 6.62
N THR A 123 -5.79 12.56 7.50
CA THR A 123 -7.24 12.32 7.28
C THR A 123 -8.04 13.61 7.47
N LYS A 124 -9.37 13.43 7.38
CA LYS A 124 -10.39 14.47 7.63
C LYS A 124 -10.32 14.90 9.11
N ASN A 125 -9.79 14.00 9.96
CA ASN A 125 -9.60 14.21 11.40
C ASN A 125 -8.27 14.92 11.72
N GLY A 126 -7.43 15.18 10.68
CA GLY A 126 -6.14 15.88 10.87
C GLY A 126 -4.98 15.16 10.21
N GLN A 127 -3.87 14.97 10.95
CA GLN A 127 -2.68 14.23 10.45
C GLN A 127 -1.91 13.59 11.64
N GLY A 128 -1.19 12.48 11.37
CA GLY A 128 -0.34 11.80 12.37
C GLY A 128 0.02 10.39 11.94
N TRP A 129 0.62 9.62 12.87
CA TRP A 129 1.10 8.26 12.62
C TRP A 129 0.05 7.21 13.05
N VAL A 130 -0.26 6.28 12.13
CA VAL A 130 -1.25 5.20 12.34
C VAL A 130 -0.56 3.82 12.18
N PRO A 131 -1.02 2.76 12.91
CA PRO A 131 -0.43 1.40 12.78
C PRO A 131 -0.84 0.75 11.43
N SER A 132 0.16 0.18 10.73
CA SER A 132 -0.01 -0.42 9.38
C SER A 132 -0.99 -1.62 9.39
N ASN A 133 -1.23 -2.20 10.59
CA ASN A 133 -2.17 -3.34 10.78
C ASN A 133 -3.64 -2.90 10.66
N TYR A 134 -3.90 -1.60 10.90
CA TYR A 134 -5.27 -1.03 10.93
C TYR A 134 -5.67 -0.40 9.58
N ILE A 135 -4.77 -0.43 8.58
CA ILE A 135 -4.98 0.27 7.28
C ILE A 135 -4.74 -0.69 6.10
N THR A 136 -5.38 -0.41 4.94
CA THR A 136 -5.10 -1.16 3.68
C THR A 136 -5.42 -0.28 2.43
N PRO A 137 -4.57 -0.30 1.35
CA PRO A 137 -4.75 0.57 0.16
C PRO A 137 -5.99 0.18 -0.69
N VAL A 138 -6.82 1.19 -1.02
CA VAL A 138 -8.01 1.03 -1.90
C VAL A 138 -7.76 1.69 -3.28
N ASN A 139 -7.48 3.01 -3.30
CA ASN A 139 -7.34 3.80 -4.54
C ASN A 139 -5.86 3.86 -5.00
N SER A 140 -4.97 3.19 -4.24
CA SER A 140 -3.56 3.04 -4.63
C SER A 140 -3.43 2.01 -5.76
N LEU A 141 -2.19 1.74 -6.19
CA LEU A 141 -1.88 0.86 -7.36
C LEU A 141 -2.46 -0.58 -7.21
N GLU A 142 -2.79 -0.96 -5.96
CA GLU A 142 -3.39 -2.27 -5.62
C GLU A 142 -4.80 -2.46 -6.24
N LYS A 143 -5.41 -1.35 -6.71
CA LYS A 143 -6.69 -1.36 -7.46
C LYS A 143 -6.58 -2.23 -8.74
N HIS A 144 -5.33 -2.43 -9.21
CA HIS A 144 -5.02 -3.39 -10.28
C HIS A 144 -4.45 -4.67 -9.65
N SER A 145 -4.88 -5.84 -10.20
CA SER A 145 -4.59 -7.17 -9.61
C SER A 145 -3.10 -7.55 -9.58
N TRP A 146 -2.25 -6.79 -10.29
CA TRP A 146 -0.79 -7.02 -10.28
C TRP A 146 -0.14 -6.52 -8.98
N TYR A 147 -0.54 -5.34 -8.48
CA TYR A 147 0.01 -4.78 -7.22
C TYR A 147 -0.83 -5.26 -6.04
N HIS A 148 -0.17 -5.61 -4.93
CA HIS A 148 -0.85 -6.12 -3.72
C HIS A 148 -0.39 -5.41 -2.43
N GLY A 149 0.26 -4.24 -2.57
CA GLY A 149 0.65 -3.42 -1.40
C GLY A 149 1.81 -3.99 -0.57
N PRO A 150 1.96 -3.57 0.73
CA PRO A 150 3.00 -4.12 1.64
C PRO A 150 2.68 -5.56 2.09
N VAL A 151 3.46 -6.55 1.60
CA VAL A 151 3.19 -7.98 1.90
C VAL A 151 4.49 -8.75 2.24
N SER A 152 4.33 -9.85 2.99
CA SER A 152 5.37 -10.83 3.28
C SER A 152 5.78 -11.63 2.02
N ARG A 153 7.07 -12.03 1.97
CA ARG A 153 7.63 -12.84 0.86
C ARG A 153 7.02 -14.25 0.83
N ASN A 154 6.63 -14.76 2.03
CA ASN A 154 5.96 -16.07 2.17
C ASN A 154 4.59 -16.03 1.49
N ALA A 155 3.76 -15.02 1.86
CA ALA A 155 2.41 -14.82 1.29
C ALA A 155 2.48 -14.58 -0.23
N ALA A 156 3.50 -13.82 -0.66
CA ALA A 156 3.82 -13.57 -2.08
C ALA A 156 4.00 -14.90 -2.84
N GLU A 157 4.99 -15.69 -2.38
CA GLU A 157 5.35 -16.96 -3.00
C GLU A 157 4.20 -17.99 -2.91
N TYR A 158 3.37 -17.84 -1.86
CA TYR A 158 2.21 -18.71 -1.59
C TYR A 158 1.13 -18.54 -2.68
N LEU A 159 0.76 -17.27 -2.95
CA LEU A 159 -0.23 -16.93 -3.99
C LEU A 159 0.31 -17.25 -5.40
N LEU A 160 1.60 -16.94 -5.59
CA LEU A 160 2.28 -17.13 -6.89
C LEU A 160 2.45 -18.61 -7.25
N SER A 161 2.56 -19.47 -6.23
CA SER A 161 2.67 -20.94 -6.40
C SER A 161 1.40 -21.52 -7.08
N SER A 162 0.27 -20.79 -6.95
CA SER A 162 -1.02 -21.12 -7.59
C SER A 162 -1.04 -20.65 -9.06
N GLY A 163 -0.17 -19.68 -9.38
CA GLY A 163 0.01 -19.19 -10.75
C GLY A 163 0.70 -20.19 -11.67
N ILE A 164 0.97 -19.77 -12.90
CA ILE A 164 1.49 -20.62 -13.99
C ILE A 164 2.54 -19.87 -14.85
N ASN A 165 2.87 -20.42 -16.03
CA ASN A 165 3.93 -19.89 -16.94
C ASN A 165 3.75 -18.38 -17.28
N GLY A 166 4.62 -17.55 -16.68
CA GLY A 166 4.59 -16.09 -16.92
C GLY A 166 3.80 -15.32 -15.87
N SER A 167 3.47 -15.99 -14.74
CA SER A 167 2.68 -15.34 -13.68
C SER A 167 3.56 -14.47 -12.81
N PHE A 168 3.05 -13.29 -12.41
CA PHE A 168 3.82 -12.34 -11.56
C PHE A 168 2.97 -11.74 -10.44
N LEU A 169 3.67 -11.24 -9.41
CA LEU A 169 3.10 -10.44 -8.33
C LEU A 169 4.03 -9.26 -8.06
N VAL A 170 3.46 -8.06 -7.93
CA VAL A 170 4.19 -6.82 -7.60
C VAL A 170 3.68 -6.34 -6.23
N ARG A 171 4.61 -6.10 -5.28
CA ARG A 171 4.24 -5.72 -3.91
C ARG A 171 5.43 -5.09 -3.17
N GLU A 172 5.15 -4.16 -2.24
CA GLU A 172 6.20 -3.43 -1.48
C GLU A 172 6.50 -4.13 -0.13
N SER A 173 7.63 -3.70 0.46
CA SER A 173 8.13 -4.19 1.75
C SER A 173 7.28 -3.65 2.92
N GLU A 174 7.29 -4.41 4.01
CA GLU A 174 6.51 -4.13 5.22
C GLU A 174 7.18 -3.02 6.06
N SER A 175 8.53 -3.07 6.14
CA SER A 175 9.33 -2.15 6.97
C SER A 175 9.96 -1.01 6.15
N SER A 176 9.96 -1.15 4.82
CA SER A 176 10.63 -0.19 3.91
C SER A 176 9.63 0.36 2.87
N PRO A 177 9.12 1.62 3.07
CA PRO A 177 8.18 2.28 2.13
C PRO A 177 8.83 2.58 0.76
N GLY A 178 8.13 2.20 -0.33
CA GLY A 178 8.57 2.48 -1.70
C GLY A 178 9.53 1.42 -2.28
N GLN A 179 10.22 0.69 -1.39
CA GLN A 179 11.07 -0.46 -1.77
C GLN A 179 10.14 -1.63 -2.09
N ARG A 180 10.18 -2.11 -3.34
CA ARG A 180 9.21 -3.07 -3.88
C ARG A 180 9.90 -4.31 -4.41
N SER A 181 9.10 -5.31 -4.78
CA SER A 181 9.58 -6.62 -5.28
C SER A 181 8.58 -7.16 -6.31
N ILE A 182 9.10 -7.85 -7.35
CA ILE A 182 8.28 -8.65 -8.27
C ILE A 182 8.74 -10.11 -8.18
N SER A 183 7.78 -11.01 -8.20
CA SER A 183 8.01 -12.45 -8.12
C SER A 183 7.43 -13.10 -9.39
N LEU A 184 8.29 -13.82 -10.15
CA LEU A 184 7.90 -14.55 -11.39
C LEU A 184 7.82 -16.06 -11.16
N ARG A 185 6.82 -16.68 -11.81
CA ARG A 185 6.69 -18.13 -11.90
C ARG A 185 6.49 -18.53 -13.36
N TYR A 186 7.29 -19.53 -13.81
CA TYR A 186 7.14 -20.18 -15.12
C TYR A 186 7.64 -21.63 -15.00
N GLU A 187 6.98 -22.59 -15.69
CA GLU A 187 7.33 -24.04 -15.66
C GLU A 187 7.30 -24.66 -14.23
N GLY A 188 6.62 -23.98 -13.29
CA GLY A 188 6.57 -24.40 -11.89
C GLY A 188 7.74 -23.89 -11.06
N ARG A 189 8.50 -22.95 -11.64
CA ARG A 189 9.71 -22.36 -11.02
C ARG A 189 9.38 -20.94 -10.54
N VAL A 190 9.61 -20.69 -9.24
CA VAL A 190 9.32 -19.40 -8.57
C VAL A 190 10.63 -18.70 -8.15
N TYR A 191 10.95 -17.60 -8.83
CA TYR A 191 12.13 -16.76 -8.49
C TYR A 191 11.66 -15.31 -8.30
N HIS A 192 12.46 -14.54 -7.54
CA HIS A 192 12.07 -13.21 -7.02
C HIS A 192 13.19 -12.21 -7.30
N TYR A 193 12.83 -10.94 -7.55
CA TYR A 193 13.81 -9.86 -7.76
C TYR A 193 13.28 -8.54 -7.18
N ARG A 194 14.21 -7.70 -6.71
CA ARG A 194 13.90 -6.46 -5.99
C ARG A 194 13.76 -5.27 -6.96
N ILE A 195 12.75 -4.44 -6.71
CA ILE A 195 12.62 -3.11 -7.31
C ILE A 195 13.36 -2.10 -6.41
N ASN A 196 14.35 -1.44 -6.98
CA ASN A 196 15.18 -0.45 -6.29
C ASN A 196 14.63 0.96 -6.58
N THR A 197 14.58 1.81 -5.52
CA THR A 197 14.14 3.20 -5.63
C THR A 197 15.37 4.13 -5.55
N ALA A 198 15.71 4.77 -6.67
CA ALA A 198 16.75 5.80 -6.76
C ALA A 198 16.42 7.05 -5.90
N SER A 199 17.39 7.97 -5.79
CA SER A 199 17.29 9.17 -4.93
C SER A 199 16.20 10.15 -5.43
N ASP A 200 15.97 10.17 -6.76
CA ASP A 200 14.90 10.98 -7.39
C ASP A 200 13.51 10.41 -7.07
N GLY A 201 13.46 9.13 -6.64
CA GLY A 201 12.21 8.39 -6.45
C GLY A 201 11.98 7.39 -7.58
N LYS A 202 12.86 7.44 -8.60
CA LYS A 202 12.77 6.58 -9.80
C LYS A 202 12.95 5.10 -9.47
N LEU A 203 12.03 4.26 -9.96
CA LEU A 203 12.07 2.81 -9.76
C LEU A 203 12.88 2.18 -10.89
N TYR A 204 13.58 1.07 -10.58
CA TYR A 204 14.40 0.36 -11.56
C TYR A 204 14.78 -1.04 -11.03
N VAL A 205 15.19 -1.92 -11.95
CA VAL A 205 15.58 -3.31 -11.65
C VAL A 205 16.88 -3.67 -12.39
N SER A 206 16.95 -3.32 -13.68
CA SER A 206 18.03 -3.75 -14.58
C SER A 206 18.46 -2.58 -15.52
N SER A 207 19.34 -2.88 -16.51
CA SER A 207 20.05 -1.87 -17.33
C SER A 207 19.12 -0.96 -18.13
N GLU A 208 18.16 -1.55 -18.85
CA GLU A 208 17.19 -0.81 -19.69
C GLU A 208 15.98 -0.36 -18.86
N SER A 209 15.98 -0.68 -17.54
CA SER A 209 14.89 -0.35 -16.62
C SER A 209 15.21 0.94 -15.82
N ARG A 210 14.55 2.06 -16.17
CA ARG A 210 14.56 3.34 -15.41
C ARG A 210 13.17 3.99 -15.53
N PHE A 211 12.45 4.19 -14.40
CA PHE A 211 11.02 4.58 -14.41
C PHE A 211 10.72 5.66 -13.39
N ASN A 212 9.80 6.56 -13.73
CA ASN A 212 9.21 7.51 -12.77
C ASN A 212 7.99 6.88 -12.06
N THR A 213 7.39 5.82 -12.69
CA THR A 213 6.18 5.15 -12.15
C THR A 213 6.30 3.61 -12.24
N LEU A 214 5.66 2.95 -11.27
CA LEU A 214 5.56 1.49 -11.19
C LEU A 214 4.71 0.93 -12.35
N ALA A 215 3.77 1.75 -12.85
CA ALA A 215 2.92 1.42 -14.01
C ALA A 215 3.79 1.14 -15.26
N GLU A 216 4.72 2.07 -15.53
CA GLU A 216 5.67 1.95 -16.65
C GLU A 216 6.70 0.85 -16.36
N LEU A 217 7.05 0.65 -15.06
CA LEU A 217 7.91 -0.49 -14.66
C LEU A 217 7.29 -1.83 -15.09
N VAL A 218 6.00 -2.00 -14.78
CA VAL A 218 5.27 -3.24 -15.04
C VAL A 218 5.08 -3.45 -16.56
N HIS A 219 4.74 -2.37 -17.29
CA HIS A 219 4.57 -2.41 -18.78
C HIS A 219 5.88 -2.87 -19.48
N HIS A 220 6.97 -2.16 -19.12
CA HIS A 220 8.32 -2.46 -19.62
C HIS A 220 8.67 -3.92 -19.33
N HIS A 221 8.47 -4.33 -18.07
CA HIS A 221 8.74 -5.70 -17.62
C HIS A 221 7.81 -6.73 -18.29
N SER A 222 6.62 -6.28 -18.75
CA SER A 222 5.71 -7.14 -19.51
C SER A 222 6.22 -7.38 -20.93
N THR A 223 7.02 -6.42 -21.48
CA THR A 223 7.52 -6.56 -22.88
C THR A 223 9.06 -6.83 -23.05
N VAL A 224 9.93 -6.64 -22.01
CA VAL A 224 11.42 -6.60 -22.24
C VAL A 224 12.18 -7.92 -21.93
N ALA A 225 13.34 -7.96 -22.59
CA ALA A 225 14.32 -9.06 -22.65
C ALA A 225 15.43 -8.93 -21.58
N ASP A 226 15.37 -7.89 -20.75
CA ASP A 226 16.50 -7.10 -20.17
C ASP A 226 17.19 -7.82 -18.95
N GLY A 227 16.90 -9.10 -18.78
CA GLY A 227 17.25 -9.88 -17.60
C GLY A 227 16.02 -10.43 -16.91
N LEU A 228 14.93 -10.43 -17.67
CA LEU A 228 13.74 -11.19 -17.37
C LEU A 228 13.81 -12.54 -18.08
N ILE A 229 13.83 -13.62 -17.29
CA ILE A 229 13.81 -15.00 -17.78
C ILE A 229 12.48 -15.25 -18.54
N THR A 230 11.39 -14.73 -17.98
CA THR A 230 10.10 -14.59 -18.67
C THR A 230 9.60 -13.15 -18.50
N THR A 231 8.98 -12.59 -19.55
CA THR A 231 8.27 -11.30 -19.47
C THR A 231 6.97 -11.47 -18.65
N LEU A 232 6.45 -10.38 -18.06
CA LEU A 232 5.21 -10.43 -17.26
C LEU A 232 4.02 -10.79 -18.19
N HIS A 233 3.56 -12.04 -18.13
CA HIS A 233 2.50 -12.55 -19.02
C HIS A 233 1.12 -12.25 -18.41
N TYR A 234 0.96 -12.60 -17.11
CA TYR A 234 -0.30 -12.38 -16.37
C TYR A 234 -0.10 -12.44 -14.83
N PRO A 235 -0.85 -11.61 -14.04
CA PRO A 235 -0.72 -11.61 -12.57
C PRO A 235 -1.44 -12.81 -11.92
N ALA A 236 -0.80 -13.40 -10.89
CA ALA A 236 -1.42 -14.43 -10.06
C ALA A 236 -2.57 -13.80 -9.24
N PRO A 237 -3.84 -14.28 -9.40
CA PRO A 237 -5.01 -13.66 -8.74
C PRO A 237 -4.98 -13.86 -7.21
N LYS A 238 -5.46 -12.85 -6.48
CA LYS A 238 -5.71 -12.98 -5.02
C LYS A 238 -6.82 -14.02 -4.78
N ARG A 239 -6.81 -14.66 -3.61
CA ARG A 239 -7.71 -15.80 -3.30
C ARG A 239 -9.21 -15.40 -3.39
N ASN A 240 -9.50 -14.10 -3.16
CA ASN A 240 -10.83 -13.52 -3.42
C ASN A 240 -10.81 -12.83 -4.79
N LYS A 241 -10.86 -13.66 -5.85
CA LYS A 241 -10.94 -13.22 -7.25
C LYS A 241 -11.13 -14.45 -8.16
N PRO A 242 -12.09 -14.41 -9.14
CA PRO A 242 -12.20 -15.44 -10.21
C PRO A 242 -10.97 -15.44 -11.14
N THR A 243 -10.46 -16.65 -11.45
CA THR A 243 -9.37 -16.84 -12.42
C THR A 243 -9.89 -16.68 -13.87
N VAL A 244 -8.99 -16.47 -14.83
CA VAL A 244 -9.35 -16.31 -16.26
C VAL A 244 -8.48 -17.24 -17.14
N TYR A 245 -9.15 -18.04 -18.00
CA TYR A 245 -8.52 -18.93 -18.97
C TYR A 245 -8.76 -18.38 -20.38
N GLY A 246 -7.76 -17.67 -20.92
CA GLY A 246 -7.85 -17.09 -22.25
C GLY A 246 -6.99 -17.83 -23.25
N VAL A 247 -7.63 -18.55 -24.21
CA VAL A 247 -6.91 -19.15 -25.35
C VAL A 247 -6.56 -18.06 -26.38
N SER A 248 -5.45 -18.24 -27.08
CA SER A 248 -4.93 -17.26 -28.04
C SER A 248 -4.22 -17.99 -29.21
N PRO A 249 -4.40 -17.53 -30.49
CA PRO A 249 -3.66 -18.09 -31.65
C PRO A 249 -2.15 -17.78 -31.53
N ASN A 250 -1.31 -18.81 -31.73
CA ASN A 250 0.14 -18.69 -31.54
C ASN A 250 0.77 -17.76 -32.60
N TYR A 251 0.72 -18.16 -33.90
CA TYR A 251 1.32 -17.43 -35.05
C TYR A 251 2.76 -16.96 -34.72
N ASP A 252 3.48 -17.81 -33.96
CA ASP A 252 4.81 -17.49 -33.43
C ASP A 252 5.87 -17.54 -34.54
N LYS A 253 6.60 -16.42 -34.70
CA LYS A 253 7.68 -16.30 -35.68
C LYS A 253 8.87 -17.14 -35.21
N TRP A 254 9.63 -17.70 -36.16
CA TRP A 254 10.82 -18.49 -35.84
C TRP A 254 11.93 -17.53 -35.37
N GLU A 255 12.73 -17.98 -34.37
CA GLU A 255 13.78 -17.18 -33.74
C GLU A 255 14.85 -16.72 -34.76
N MET A 1 17.41 3.50 32.47
CA MET A 1 17.95 2.12 32.50
C MET A 1 16.78 1.12 32.58
N GLY A 2 16.41 0.55 31.43
CA GLY A 2 15.31 -0.42 31.35
C GLY A 2 15.03 -0.84 29.91
N GLN A 3 14.62 -2.11 29.73
CA GLN A 3 14.24 -2.69 28.42
C GLN A 3 12.82 -3.26 28.49
N GLN A 4 11.92 -2.74 27.62
CA GLN A 4 10.54 -3.23 27.50
C GLN A 4 10.42 -4.26 26.36
N PRO A 5 9.85 -5.49 26.64
CA PRO A 5 9.55 -6.50 25.59
C PRO A 5 8.43 -6.03 24.63
N GLY A 6 7.60 -5.08 25.11
CA GLY A 6 6.44 -4.60 24.37
C GLY A 6 5.24 -5.54 24.46
N LYS A 7 4.11 -5.16 23.84
CA LYS A 7 2.92 -6.01 23.77
C LYS A 7 3.09 -7.04 22.63
N VAL A 8 3.03 -8.33 22.99
CA VAL A 8 3.18 -9.44 22.03
C VAL A 8 2.03 -9.43 20.99
N LEU A 9 2.39 -9.53 19.69
CA LEU A 9 1.42 -9.50 18.59
C LEU A 9 0.75 -10.89 18.44
N GLY A 10 -0.57 -10.91 18.23
CA GLY A 10 -1.31 -12.16 18.07
C GLY A 10 -2.82 -11.96 18.24
N ASP A 11 -3.46 -11.39 17.21
CA ASP A 11 -4.93 -11.20 17.18
C ASP A 11 -5.41 -10.99 15.73
N GLN A 12 -6.60 -11.50 15.41
CA GLN A 12 -7.20 -11.40 14.06
C GLN A 12 -7.83 -10.01 13.82
N ARG A 13 -8.29 -9.38 14.91
CA ARG A 13 -8.94 -8.06 14.88
C ARG A 13 -8.41 -7.21 16.04
N ARG A 14 -8.09 -5.93 15.75
CA ARG A 14 -7.40 -5.04 16.68
C ARG A 14 -6.04 -5.68 17.09
N PRO A 15 -5.04 -5.73 16.15
CA PRO A 15 -3.70 -6.27 16.46
C PRO A 15 -2.94 -5.33 17.40
N SER A 16 -1.83 -5.82 17.99
CA SER A 16 -1.09 -5.07 19.01
C SER A 16 -0.45 -3.79 18.43
N LEU A 17 0.00 -2.90 19.32
CA LEU A 17 0.56 -1.61 18.90
C LEU A 17 2.09 -1.67 19.00
N PRO A 18 2.83 -1.33 17.90
CA PRO A 18 4.31 -1.32 17.89
C PRO A 18 4.88 -0.10 18.64
N ALA A 19 6.20 -0.10 18.87
CA ALA A 19 6.89 0.98 19.60
C ALA A 19 7.11 2.19 18.68
N LEU A 20 7.12 3.39 19.28
CA LEU A 20 7.30 4.65 18.53
C LEU A 20 8.81 4.92 18.36
N HIS A 21 9.33 4.48 17.20
CA HIS A 21 10.76 4.58 16.87
C HIS A 21 11.03 5.81 16.00
N PHE A 22 10.21 5.97 14.93
CA PHE A 22 10.31 7.10 14.01
C PHE A 22 9.17 8.08 14.31
N ILE A 23 9.52 9.25 14.89
CA ILE A 23 8.56 10.31 15.26
C ILE A 23 8.87 11.60 14.50
N LYS A 24 7.95 11.97 13.60
CA LYS A 24 7.92 13.28 12.95
C LYS A 24 6.50 13.53 12.40
N GLY A 25 5.56 13.80 13.32
CA GLY A 25 4.15 14.04 12.94
C GLY A 25 3.96 15.44 12.38
N ALA A 26 4.35 15.63 11.11
CA ALA A 26 4.23 16.92 10.39
C ALA A 26 4.54 16.73 8.89
N GLY A 27 3.69 17.30 8.02
CA GLY A 27 3.89 17.31 6.57
C GLY A 27 3.95 18.74 6.06
N LYS A 28 5.17 19.20 5.73
CA LYS A 28 5.42 20.59 5.34
C LYS A 28 4.88 20.85 3.92
N ARG A 29 5.42 20.11 2.94
CA ARG A 29 5.08 20.29 1.49
C ARG A 29 4.50 18.99 0.92
N GLU A 30 4.26 18.00 1.79
CA GLU A 30 3.65 16.71 1.42
C GLU A 30 2.15 16.92 1.11
N SER A 31 1.46 15.88 0.56
CA SER A 31 0.04 15.97 0.11
C SER A 31 -0.90 16.37 1.28
N SER A 32 -1.05 17.70 1.45
CA SER A 32 -1.90 18.28 2.48
C SER A 32 -3.27 18.62 1.88
N ARG A 33 -4.18 17.65 1.97
CA ARG A 33 -5.53 17.74 1.41
C ARG A 33 -6.50 17.04 2.37
N HIS A 34 -7.25 17.87 3.13
CA HIS A 34 -8.16 17.42 4.20
C HIS A 34 -9.42 16.74 3.59
N GLY A 35 -9.27 15.45 3.29
CA GLY A 35 -10.35 14.63 2.71
C GLY A 35 -11.15 13.88 3.77
N GLY A 36 -12.14 13.10 3.30
CA GLY A 36 -12.97 12.27 4.16
C GLY A 36 -13.92 13.06 5.06
N PRO A 37 -14.39 12.47 6.20
CA PRO A 37 -15.16 13.17 7.23
C PRO A 37 -14.28 13.61 8.42
N HIS A 38 -14.92 13.82 9.58
CA HIS A 38 -14.23 14.01 10.86
C HIS A 38 -14.42 12.77 11.75
N CYS A 39 -13.94 12.88 13.00
CA CYS A 39 -14.19 11.89 14.06
C CYS A 39 -15.43 12.35 14.87
N ASN A 40 -15.64 11.81 16.09
CA ASN A 40 -16.72 12.25 17.01
C ASN A 40 -16.30 13.53 17.78
N VAL A 41 -15.45 14.36 17.15
CA VAL A 41 -14.91 15.60 17.73
C VAL A 41 -15.96 16.74 17.61
N PHE A 42 -16.95 16.65 18.50
CA PHE A 42 -17.92 17.73 18.79
C PHE A 42 -17.79 18.14 20.26
N VAL A 43 -16.78 17.54 20.94
CA VAL A 43 -16.51 17.75 22.36
C VAL A 43 -15.42 18.80 22.54
N GLU A 44 -15.64 19.72 23.49
CA GLU A 44 -14.70 20.81 23.81
C GLU A 44 -13.47 20.26 24.55
N HIS A 45 -12.32 20.90 24.36
CA HIS A 45 -11.09 20.63 25.13
C HIS A 45 -10.62 21.92 25.78
N GLU A 46 -9.85 21.80 26.87
CA GLU A 46 -9.26 22.95 27.56
C GLU A 46 -8.06 23.50 26.75
N ALA A 47 -8.10 24.80 26.48
CA ALA A 47 -7.06 25.50 25.72
C ALA A 47 -6.46 26.62 26.58
N LEU A 48 -5.19 26.48 26.95
CA LEU A 48 -4.49 27.47 27.77
C LEU A 48 -3.72 28.47 26.90
N GLN A 49 -3.13 29.47 27.57
CA GLN A 49 -2.39 30.57 26.94
C GLN A 49 -1.08 30.81 27.73
N ARG A 50 -0.42 31.95 27.45
CA ARG A 50 0.81 32.38 28.16
C ARG A 50 1.99 31.40 27.94
N PRO A 51 2.67 31.47 26.75
CA PRO A 51 3.94 30.75 26.52
C PRO A 51 5.15 31.55 27.06
N VAL A 52 6.32 30.89 27.15
CA VAL A 52 7.56 31.54 27.61
C VAL A 52 8.10 32.46 26.50
N ALA A 53 7.80 33.76 26.62
CA ALA A 53 8.23 34.78 25.67
C ALA A 53 9.76 34.99 25.78
N SER A 54 10.40 35.22 24.63
CA SER A 54 11.85 35.37 24.52
C SER A 54 12.32 36.67 25.21
N ASP A 55 13.44 36.58 25.94
CA ASP A 55 14.07 37.74 26.61
C ASP A 55 14.43 38.82 25.56
N PHE A 56 15.30 38.43 24.61
CA PHE A 56 15.65 39.26 23.44
C PHE A 56 14.51 39.19 22.42
N GLU A 57 14.22 40.34 21.79
CA GLU A 57 13.04 40.53 20.92
C GLU A 57 11.72 40.29 21.72
N PRO A 58 11.33 41.24 22.66
CA PRO A 58 10.04 41.17 23.39
C PRO A 58 8.85 41.75 22.57
N GLN A 59 9.16 42.19 21.33
CA GLN A 59 8.21 42.74 20.36
C GLN A 59 7.14 41.69 19.99
N GLY A 60 5.97 41.77 20.64
CA GLY A 60 4.88 40.85 20.40
C GLY A 60 3.54 41.44 20.79
N LEU A 61 2.48 41.12 20.02
CA LEU A 61 1.12 41.61 20.26
C LEU A 61 0.21 40.47 20.70
N SER A 62 -0.24 40.52 21.96
CA SER A 62 -1.23 39.59 22.52
C SER A 62 -2.65 40.16 22.28
N GLU A 63 -3.06 40.15 21.00
CA GLU A 63 -4.39 40.62 20.57
C GLU A 63 -5.47 39.61 20.99
N ALA A 64 -6.69 40.11 21.21
CA ALA A 64 -7.85 39.28 21.55
C ALA A 64 -8.45 38.64 20.29
N ALA A 65 -9.29 37.61 20.47
CA ALA A 65 -10.00 36.92 19.38
C ALA A 65 -11.24 36.20 19.93
N ARG A 66 -12.28 36.02 19.08
CA ARG A 66 -13.51 35.31 19.47
C ARG A 66 -13.32 33.80 19.28
N TRP A 67 -13.01 33.10 20.39
CA TRP A 67 -12.74 31.66 20.40
C TRP A 67 -14.05 30.87 20.21
N ASN A 68 -14.21 30.24 19.04
CA ASN A 68 -15.40 29.42 18.72
C ASN A 68 -14.99 27.97 18.41
N SER A 69 -15.04 27.10 19.45
CA SER A 69 -14.82 25.66 19.30
C SER A 69 -16.14 25.00 18.85
N LYS A 70 -16.41 25.10 17.54
CA LYS A 70 -17.65 24.56 16.93
C LYS A 70 -17.40 23.17 16.32
N GLU A 71 -18.47 22.60 15.73
CA GLU A 71 -18.48 21.23 15.21
C GLU A 71 -17.52 21.06 14.03
N ASN A 72 -17.84 21.76 12.91
CA ASN A 72 -17.12 21.64 11.61
C ASN A 72 -17.21 20.19 11.07
N LEU A 73 -18.21 19.41 11.58
CA LEU A 73 -18.39 17.97 11.25
C LEU A 73 -18.95 17.83 9.82
N LEU A 74 -18.06 18.00 8.83
CA LEU A 74 -18.42 18.04 7.41
C LEU A 74 -17.71 16.89 6.66
N ALA A 75 -18.31 16.48 5.54
CA ALA A 75 -17.79 15.41 4.68
C ALA A 75 -18.04 15.79 3.21
N GLY A 76 -17.37 15.09 2.29
CA GLY A 76 -17.52 15.34 0.86
C GLY A 76 -16.24 15.02 0.08
N PRO A 77 -15.13 15.85 0.25
CA PRO A 77 -13.86 15.69 -0.51
C PRO A 77 -13.29 14.25 -0.49
N SER A 78 -13.69 13.48 -1.50
CA SER A 78 -13.21 12.12 -1.76
C SER A 78 -12.28 12.17 -2.97
N GLU A 79 -11.34 13.14 -2.93
CA GLU A 79 -10.37 13.39 -4.00
C GLU A 79 -9.49 12.16 -4.21
N ASN A 80 -9.20 11.85 -5.48
CA ASN A 80 -8.61 10.58 -5.90
C ASN A 80 -7.19 10.40 -5.34
N ASP A 81 -6.17 10.96 -6.04
CA ASP A 81 -4.74 10.87 -5.65
C ASP A 81 -4.20 9.41 -5.65
N PRO A 82 -2.83 9.22 -5.77
CA PRO A 82 -2.21 7.89 -5.52
C PRO A 82 -2.35 7.47 -4.03
N ASN A 83 -2.48 8.49 -3.16
CA ASN A 83 -2.58 8.32 -1.71
C ASN A 83 -4.04 8.53 -1.25
N LEU A 84 -4.86 7.48 -1.40
CA LEU A 84 -6.19 7.40 -0.78
C LEU A 84 -6.32 6.07 -0.01
N PHE A 85 -6.40 6.19 1.33
CA PHE A 85 -6.52 5.08 2.28
C PHE A 85 -7.88 5.15 3.01
N VAL A 86 -8.16 4.12 3.81
CA VAL A 86 -9.29 4.08 4.74
C VAL A 86 -8.89 3.26 5.97
N ALA A 87 -9.40 3.65 7.15
CA ALA A 87 -9.18 2.91 8.40
C ALA A 87 -10.18 1.74 8.50
N LEU A 88 -9.67 0.53 8.76
CA LEU A 88 -10.49 -0.69 8.96
C LEU A 88 -10.94 -0.81 10.42
N TYR A 89 -10.21 -0.12 11.33
CA TYR A 89 -10.46 -0.16 12.77
C TYR A 89 -10.52 1.27 13.31
N ASP A 90 -11.16 1.43 14.48
CA ASP A 90 -11.18 2.70 15.20
C ASP A 90 -9.90 2.81 16.05
N PHE A 91 -9.32 4.01 16.10
CA PHE A 91 -8.08 4.28 16.84
C PHE A 91 -8.05 5.77 17.21
N VAL A 92 -8.17 6.07 18.50
CA VAL A 92 -8.10 7.45 19.00
C VAL A 92 -6.62 7.85 19.18
N ALA A 93 -6.28 9.11 18.83
CA ALA A 93 -4.92 9.66 19.01
C ALA A 93 -4.48 9.55 20.47
N SER A 94 -3.43 8.76 20.70
CA SER A 94 -2.84 8.56 22.05
C SER A 94 -2.08 9.83 22.49
N GLY A 95 -1.58 10.56 21.50
CA GLY A 95 -0.92 11.84 21.70
C GLY A 95 -1.06 12.72 20.47
N ASP A 96 -0.38 13.87 20.48
CA ASP A 96 -0.41 14.86 19.36
C ASP A 96 0.33 14.30 18.12
N ASN A 97 1.32 13.44 18.39
CA ASN A 97 2.16 12.78 17.38
C ASN A 97 1.37 11.73 16.56
N THR A 98 0.27 11.24 17.13
CA THR A 98 -0.64 10.24 16.51
C THR A 98 -1.95 10.93 16.05
N LEU A 99 -2.69 10.28 15.13
CA LEU A 99 -3.97 10.82 14.59
C LEU A 99 -5.16 9.99 15.10
N SER A 100 -6.29 10.69 15.36
CA SER A 100 -7.56 10.03 15.64
C SER A 100 -8.23 9.65 14.31
N ILE A 101 -8.31 8.34 14.05
CA ILE A 101 -8.95 7.79 12.87
C ILE A 101 -10.14 6.92 13.29
N THR A 102 -11.23 7.03 12.56
CA THR A 102 -12.42 6.22 12.80
C THR A 102 -12.48 5.06 11.79
N LYS A 103 -13.08 3.93 12.18
CA LYS A 103 -13.44 2.85 11.24
C LYS A 103 -14.37 3.41 10.13
N GLY A 104 -13.85 3.46 8.89
CA GLY A 104 -14.61 3.96 7.74
C GLY A 104 -14.16 5.36 7.31
N GLU A 105 -13.24 5.97 8.08
CA GLU A 105 -12.70 7.32 7.80
C GLU A 105 -11.64 7.23 6.69
N LYS A 106 -11.73 8.15 5.71
CA LYS A 106 -10.85 8.17 4.52
C LYS A 106 -9.54 8.88 4.89
N LEU A 107 -8.43 8.12 4.92
CA LEU A 107 -7.14 8.61 5.42
C LEU A 107 -6.23 8.98 4.24
N ARG A 108 -5.25 9.86 4.48
CA ARG A 108 -4.15 10.09 3.54
C ARG A 108 -2.81 9.88 4.24
N VAL A 109 -2.16 8.78 3.88
CA VAL A 109 -0.90 8.35 4.49
C VAL A 109 0.28 8.82 3.64
N LEU A 110 1.00 9.82 4.15
CA LEU A 110 2.15 10.44 3.48
C LEU A 110 3.38 9.51 3.52
N GLY A 111 3.32 8.49 4.40
CA GLY A 111 4.34 7.43 4.44
C GLY A 111 4.21 6.56 5.68
N TYR A 112 4.84 5.38 5.64
CA TYR A 112 4.95 4.48 6.80
C TYR A 112 6.29 4.74 7.52
N ASN A 113 6.48 4.08 8.68
CA ASN A 113 7.81 3.90 9.28
C ASN A 113 8.63 3.04 8.31
N HIS A 114 9.96 3.22 8.30
CA HIS A 114 10.82 2.38 7.44
C HIS A 114 10.78 0.90 7.90
N ASN A 115 10.43 0.67 9.19
CA ASN A 115 10.24 -0.68 9.74
C ASN A 115 8.78 -1.18 9.46
N GLY A 116 7.88 -0.24 9.09
CA GLY A 116 6.49 -0.55 8.69
C GLY A 116 5.53 -0.66 9.88
N GLU A 117 5.90 0.02 10.96
CA GLU A 117 5.15 -0.03 12.22
C GLU A 117 3.91 0.88 12.17
N TRP A 118 4.16 2.19 12.18
CA TRP A 118 3.13 3.24 12.15
C TRP A 118 3.09 3.85 10.74
N ALA A 119 2.14 4.77 10.53
CA ALA A 119 1.87 5.35 9.20
C ALA A 119 1.30 6.76 9.39
N GLU A 120 2.03 7.78 8.91
CA GLU A 120 1.61 9.19 9.03
C GLU A 120 0.37 9.45 8.17
N ALA A 121 -0.80 9.40 8.81
CA ALA A 121 -2.09 9.60 8.13
C ALA A 121 -2.58 11.02 8.38
N GLN A 122 -3.39 11.53 7.45
CA GLN A 122 -3.93 12.89 7.49
C GLN A 122 -5.41 12.88 7.07
N THR A 123 -6.25 13.55 7.87
CA THR A 123 -7.69 13.72 7.61
C THR A 123 -8.11 15.15 8.00
N LYS A 124 -9.44 15.40 8.00
CA LYS A 124 -10.03 16.64 8.53
C LYS A 124 -9.81 16.78 10.07
N ASN A 125 -9.42 15.66 10.72
CA ASN A 125 -9.05 15.64 12.16
C ASN A 125 -7.62 16.15 12.37
N GLY A 126 -6.85 16.31 11.28
CA GLY A 126 -5.47 16.79 11.35
C GLY A 126 -4.49 15.78 10.77
N GLN A 127 -3.39 15.52 11.49
CA GLN A 127 -2.31 14.63 11.00
C GLN A 127 -1.57 13.95 12.17
N GLY A 128 -1.15 12.69 11.96
CA GLY A 128 -0.33 11.96 12.92
C GLY A 128 -0.15 10.49 12.54
N TRP A 129 0.77 9.83 13.24
CA TRP A 129 1.16 8.43 12.99
C TRP A 129 0.19 7.44 13.65
N VAL A 130 -0.48 6.63 12.81
CA VAL A 130 -1.43 5.58 13.22
C VAL A 130 -0.86 4.21 12.81
N PRO A 131 -1.23 3.07 13.48
CA PRO A 131 -0.64 1.75 13.15
C PRO A 131 -1.04 1.30 11.72
N SER A 132 -0.04 0.84 10.94
CA SER A 132 -0.23 0.40 9.53
C SER A 132 -1.19 -0.82 9.42
N ASN A 133 -1.40 -1.51 10.56
CA ASN A 133 -2.28 -2.69 10.65
C ASN A 133 -3.76 -2.28 10.81
N TYR A 134 -4.00 -1.00 11.14
CA TYR A 134 -5.36 -0.44 11.34
C TYR A 134 -5.91 0.22 10.07
N ILE A 135 -5.09 0.28 9.01
CA ILE A 135 -5.41 1.02 7.77
C ILE A 135 -5.30 0.09 6.55
N THR A 136 -5.76 0.58 5.38
CA THR A 136 -5.55 -0.10 4.09
C THR A 136 -5.70 0.91 2.93
N PRO A 137 -4.84 0.81 1.85
CA PRO A 137 -4.99 1.64 0.63
C PRO A 137 -6.11 1.11 -0.29
N VAL A 138 -6.94 2.03 -0.82
CA VAL A 138 -8.05 1.67 -1.73
C VAL A 138 -7.75 2.09 -3.18
N ASN A 139 -7.25 3.33 -3.36
CA ASN A 139 -7.03 3.93 -4.70
C ASN A 139 -5.53 3.86 -5.08
N SER A 140 -4.79 2.96 -4.43
CA SER A 140 -3.38 2.68 -4.75
C SER A 140 -3.27 1.88 -6.07
N LEU A 141 -2.05 1.41 -6.37
CA LEU A 141 -1.75 0.56 -7.54
C LEU A 141 -2.34 -0.85 -7.38
N GLU A 142 -2.76 -1.19 -6.15
CA GLU A 142 -3.43 -2.46 -5.79
C GLU A 142 -4.84 -2.57 -6.45
N LYS A 143 -5.27 -1.47 -7.10
CA LYS A 143 -6.44 -1.43 -8.00
C LYS A 143 -6.28 -2.49 -9.09
N HIS A 144 -5.02 -2.68 -9.54
CA HIS A 144 -4.65 -3.68 -10.54
C HIS A 144 -4.21 -4.96 -9.82
N SER A 145 -4.68 -6.12 -10.31
CA SER A 145 -4.51 -7.42 -9.63
C SER A 145 -3.05 -7.92 -9.59
N TRP A 146 -2.16 -7.27 -10.36
CA TRP A 146 -0.71 -7.60 -10.34
C TRP A 146 -0.02 -7.06 -9.08
N TYR A 147 -0.47 -5.89 -8.58
CA TYR A 147 0.09 -5.30 -7.35
C TYR A 147 -0.75 -5.72 -6.15
N HIS A 148 -0.08 -6.14 -5.06
CA HIS A 148 -0.79 -6.57 -3.82
C HIS A 148 -0.30 -5.79 -2.59
N GLY A 149 0.57 -4.79 -2.80
CA GLY A 149 1.04 -3.92 -1.71
C GLY A 149 2.08 -4.56 -0.79
N PRO A 150 2.26 -4.02 0.47
CA PRO A 150 3.22 -4.55 1.45
C PRO A 150 2.83 -5.96 1.95
N VAL A 151 3.55 -6.99 1.47
CA VAL A 151 3.23 -8.41 1.76
C VAL A 151 4.53 -9.23 1.98
N SER A 152 4.40 -10.32 2.76
CA SER A 152 5.48 -11.31 3.00
C SER A 152 5.78 -12.14 1.72
N ARG A 153 7.06 -12.54 1.58
CA ARG A 153 7.54 -13.37 0.44
C ARG A 153 6.83 -14.74 0.44
N ASN A 154 6.46 -15.21 1.64
CA ASN A 154 5.69 -16.46 1.84
C ASN A 154 4.36 -16.41 1.07
N ALA A 155 3.55 -15.37 1.36
CA ALA A 155 2.21 -15.16 0.77
C ALA A 155 2.31 -14.88 -0.74
N ALA A 156 3.33 -14.09 -1.10
CA ALA A 156 3.68 -13.78 -2.50
C ALA A 156 3.92 -15.08 -3.29
N GLU A 157 4.82 -15.90 -2.75
CA GLU A 157 5.25 -17.17 -3.36
C GLU A 157 4.11 -18.21 -3.33
N TYR A 158 3.21 -18.08 -2.34
CA TYR A 158 2.03 -18.96 -2.19
C TYR A 158 1.03 -18.75 -3.36
N LEU A 159 0.68 -17.47 -3.63
CA LEU A 159 -0.19 -17.13 -4.76
C LEU A 159 0.52 -17.44 -6.10
N LEU A 160 1.84 -17.18 -6.12
CA LEU A 160 2.69 -17.40 -7.31
C LEU A 160 2.78 -18.88 -7.68
N SER A 161 2.76 -19.74 -6.64
CA SER A 161 2.84 -21.21 -6.75
C SER A 161 1.68 -21.78 -7.62
N SER A 162 0.58 -21.03 -7.70
CA SER A 162 -0.65 -21.44 -8.40
C SER A 162 -0.63 -21.04 -9.90
N GLY A 163 0.44 -20.30 -10.31
CA GLY A 163 0.58 -19.80 -11.69
C GLY A 163 1.39 -20.73 -12.60
N ILE A 164 1.49 -20.37 -13.91
CA ILE A 164 2.24 -21.13 -14.94
C ILE A 164 3.39 -20.24 -15.52
N ASN A 165 3.98 -20.66 -16.67
CA ASN A 165 5.11 -19.92 -17.30
C ASN A 165 4.76 -18.45 -17.63
N GLY A 166 5.40 -17.53 -16.87
CA GLY A 166 5.19 -16.09 -17.03
C GLY A 166 4.28 -15.52 -15.95
N SER A 167 4.01 -16.31 -14.89
CA SER A 167 3.15 -15.86 -13.78
C SER A 167 3.95 -14.86 -12.93
N PHE A 168 3.37 -13.67 -12.61
CA PHE A 168 4.11 -12.66 -11.82
C PHE A 168 3.26 -12.00 -10.73
N LEU A 169 3.94 -11.48 -9.70
CA LEU A 169 3.32 -10.69 -8.61
C LEU A 169 4.26 -9.56 -8.21
N VAL A 170 3.70 -8.37 -8.03
CA VAL A 170 4.45 -7.19 -7.58
C VAL A 170 4.01 -6.87 -6.14
N ARG A 171 4.95 -7.00 -5.20
CA ARG A 171 4.72 -6.75 -3.76
C ARG A 171 5.79 -5.74 -3.29
N GLU A 172 5.54 -5.05 -2.17
CA GLU A 172 6.59 -4.28 -1.47
C GLU A 172 6.84 -4.86 -0.08
N SER A 173 7.98 -4.49 0.52
CA SER A 173 8.37 -4.94 1.84
C SER A 173 7.60 -4.14 2.92
N GLU A 174 7.15 -4.85 3.95
CA GLU A 174 6.54 -4.25 5.15
C GLU A 174 7.65 -3.67 6.03
N SER A 175 8.79 -4.39 6.08
CA SER A 175 9.97 -4.04 6.89
C SER A 175 10.87 -3.01 6.18
N SER A 176 10.51 -2.66 4.93
CA SER A 176 11.18 -1.58 4.18
C SER A 176 10.22 -1.06 3.07
N PRO A 177 9.16 -0.25 3.46
CA PRO A 177 8.23 0.39 2.48
C PRO A 177 8.97 1.24 1.45
N GLY A 178 8.48 1.18 0.21
CA GLY A 178 9.09 1.84 -0.94
C GLY A 178 10.00 0.90 -1.74
N GLN A 179 10.53 -0.15 -1.06
CA GLN A 179 11.34 -1.19 -1.71
C GLN A 179 10.42 -2.33 -2.15
N ARG A 180 10.37 -2.57 -3.46
CA ARG A 180 9.43 -3.48 -4.10
C ARG A 180 10.18 -4.66 -4.74
N SER A 181 9.43 -5.67 -5.16
CA SER A 181 9.98 -6.89 -5.77
C SER A 181 8.93 -7.50 -6.70
N ILE A 182 9.39 -8.08 -7.83
CA ILE A 182 8.52 -8.89 -8.71
C ILE A 182 8.98 -10.35 -8.61
N SER A 183 7.99 -11.21 -8.44
CA SER A 183 8.17 -12.65 -8.34
C SER A 183 7.68 -13.28 -9.67
N LEU A 184 8.44 -14.24 -10.22
CA LEU A 184 8.10 -14.96 -11.47
C LEU A 184 8.12 -16.46 -11.24
N ARG A 185 7.10 -17.12 -11.81
CA ARG A 185 7.04 -18.57 -11.90
C ARG A 185 6.96 -18.97 -13.37
N TYR A 186 7.79 -19.96 -13.72
CA TYR A 186 7.71 -20.68 -14.98
C TYR A 186 8.17 -22.13 -14.74
N GLU A 187 7.39 -23.08 -15.28
CA GLU A 187 7.60 -24.54 -15.19
C GLU A 187 8.15 -25.03 -13.82
N GLY A 188 7.38 -24.76 -12.75
CA GLY A 188 7.70 -25.26 -11.40
C GLY A 188 8.78 -24.46 -10.67
N ARG A 189 9.36 -23.44 -11.33
CA ARG A 189 10.46 -22.64 -10.76
C ARG A 189 9.97 -21.21 -10.43
N VAL A 190 10.17 -20.78 -9.17
CA VAL A 190 9.93 -19.40 -8.72
C VAL A 190 11.25 -18.68 -8.39
N TYR A 191 11.30 -17.39 -8.70
CA TYR A 191 12.41 -16.49 -8.32
C TYR A 191 11.88 -15.07 -8.07
N HIS A 192 12.53 -14.33 -7.17
CA HIS A 192 12.08 -13.00 -6.70
C HIS A 192 13.22 -12.00 -6.94
N TYR A 193 13.01 -10.99 -7.80
CA TYR A 193 14.02 -9.96 -8.09
C TYR A 193 13.56 -8.59 -7.61
N ARG A 194 14.53 -7.80 -7.16
CA ARG A 194 14.29 -6.54 -6.45
C ARG A 194 14.07 -5.37 -7.42
N ILE A 195 12.97 -4.64 -7.19
CA ILE A 195 12.75 -3.33 -7.77
C ILE A 195 13.53 -2.31 -6.93
N ASN A 196 14.63 -1.82 -7.50
CA ASN A 196 15.46 -0.80 -6.87
C ASN A 196 14.76 0.56 -7.03
N THR A 197 14.68 1.30 -5.92
CA THR A 197 14.03 2.63 -5.90
C THR A 197 15.12 3.71 -5.80
N ALA A 198 14.91 4.82 -6.52
CA ALA A 198 15.80 5.97 -6.56
C ALA A 198 15.34 7.03 -5.56
N SER A 199 16.14 8.11 -5.40
CA SER A 199 15.85 9.21 -4.47
C SER A 199 14.50 9.90 -4.80
N ASP A 200 14.22 10.04 -6.11
CA ASP A 200 13.01 10.72 -6.62
C ASP A 200 11.79 9.78 -6.67
N GLY A 201 11.91 8.60 -6.02
CA GLY A 201 10.84 7.59 -6.01
C GLY A 201 10.77 6.82 -7.32
N LYS A 202 11.80 6.97 -8.16
CA LYS A 202 11.86 6.30 -9.46
C LYS A 202 12.14 4.82 -9.28
N LEU A 203 11.30 3.98 -9.87
CA LEU A 203 11.40 2.53 -9.75
C LEU A 203 12.18 2.01 -10.95
N TYR A 204 12.97 0.95 -10.74
CA TYR A 204 13.72 0.27 -11.80
C TYR A 204 14.25 -1.07 -11.29
N VAL A 205 14.12 -2.13 -12.09
CA VAL A 205 14.77 -3.42 -11.82
C VAL A 205 16.11 -3.42 -12.57
N SER A 206 16.02 -3.21 -13.89
CA SER A 206 17.15 -3.17 -14.80
C SER A 206 17.78 -1.76 -14.78
N SER A 207 19.11 -1.70 -14.97
CA SER A 207 19.92 -0.50 -14.68
C SER A 207 19.64 0.66 -15.66
N GLU A 208 19.59 0.33 -16.97
CA GLU A 208 19.35 1.32 -18.05
C GLU A 208 17.87 1.74 -18.13
N SER A 209 17.01 1.09 -17.31
CA SER A 209 15.61 1.44 -17.16
C SER A 209 15.43 2.47 -16.03
N ARG A 210 14.54 3.45 -16.25
CA ARG A 210 14.20 4.49 -15.26
C ARG A 210 12.69 4.79 -15.38
N PHE A 211 11.88 4.38 -14.38
CA PHE A 211 10.42 4.58 -14.40
C PHE A 211 10.01 5.51 -13.25
N ASN A 212 9.04 6.38 -13.51
CA ASN A 212 8.36 7.18 -12.47
C ASN A 212 7.12 6.42 -11.94
N THR A 213 6.65 5.44 -12.74
CA THR A 213 5.45 4.65 -12.42
C THR A 213 5.73 3.14 -12.51
N LEU A 214 5.17 2.42 -11.51
CA LEU A 214 5.24 0.96 -11.42
C LEU A 214 4.44 0.30 -12.54
N ALA A 215 3.42 1.01 -13.05
CA ALA A 215 2.62 0.58 -14.21
C ALA A 215 3.51 0.41 -15.44
N GLU A 216 4.39 1.41 -15.68
CA GLU A 216 5.36 1.39 -16.79
C GLU A 216 6.51 0.43 -16.52
N LEU A 217 6.88 0.25 -15.24
CA LEU A 217 7.87 -0.78 -14.85
C LEU A 217 7.38 -2.17 -15.27
N VAL A 218 6.14 -2.48 -14.87
CA VAL A 218 5.51 -3.77 -15.13
C VAL A 218 5.28 -3.98 -16.63
N HIS A 219 4.83 -2.92 -17.33
CA HIS A 219 4.58 -2.94 -18.79
C HIS A 219 5.88 -3.24 -19.58
N HIS A 220 6.93 -2.48 -19.26
CA HIS A 220 8.26 -2.65 -19.83
C HIS A 220 8.74 -4.09 -19.62
N HIS A 221 8.70 -4.55 -18.35
CA HIS A 221 9.14 -5.92 -17.99
C HIS A 221 8.13 -6.99 -18.45
N SER A 222 6.93 -6.58 -18.86
CA SER A 222 5.94 -7.48 -19.49
C SER A 222 6.31 -7.73 -20.96
N THR A 223 7.01 -6.78 -21.60
CA THR A 223 7.39 -6.94 -23.04
C THR A 223 8.90 -7.17 -23.33
N VAL A 224 9.84 -6.79 -22.43
CA VAL A 224 11.28 -6.70 -22.81
C VAL A 224 12.08 -8.03 -22.61
N ALA A 225 13.11 -8.11 -23.44
CA ALA A 225 14.05 -9.24 -23.59
C ALA A 225 15.27 -9.14 -22.65
N ASP A 226 15.31 -8.05 -21.88
CA ASP A 226 16.49 -7.21 -21.51
C ASP A 226 17.38 -7.84 -20.39
N GLY A 227 17.19 -9.13 -20.11
CA GLY A 227 17.76 -9.81 -18.93
C GLY A 227 16.66 -10.36 -18.06
N LEU A 228 15.46 -10.47 -18.67
CA LEU A 228 14.36 -11.25 -18.14
C LEU A 228 14.43 -12.69 -18.68
N ILE A 229 14.43 -13.66 -17.77
CA ILE A 229 14.33 -15.09 -18.10
C ILE A 229 13.00 -15.37 -18.82
N THR A 230 11.92 -14.78 -18.28
CA THR A 230 10.61 -14.72 -18.93
C THR A 230 10.03 -13.31 -18.74
N THR A 231 9.31 -12.82 -19.76
CA THR A 231 8.55 -11.58 -19.68
C THR A 231 7.30 -11.80 -18.81
N LEU A 232 6.82 -10.74 -18.12
CA LEU A 232 5.63 -10.82 -17.25
C LEU A 232 4.39 -11.15 -18.12
N HIS A 233 3.95 -12.43 -18.12
CA HIS A 233 2.86 -12.91 -19.00
C HIS A 233 1.50 -12.54 -18.38
N TYR A 234 1.26 -12.97 -17.13
CA TYR A 234 -0.02 -12.65 -16.44
C TYR A 234 0.19 -12.69 -14.92
N PRO A 235 -0.58 -11.88 -14.12
CA PRO A 235 -0.50 -11.92 -12.64
C PRO A 235 -0.92 -13.28 -12.08
N ALA A 236 -0.24 -13.74 -11.02
CA ALA A 236 -0.55 -15.01 -10.37
C ALA A 236 -1.92 -14.93 -9.68
N PRO A 237 -2.74 -16.03 -9.76
CA PRO A 237 -4.12 -16.03 -9.25
C PRO A 237 -4.24 -15.68 -7.75
N LYS A 238 -4.96 -14.57 -7.48
CA LYS A 238 -5.45 -14.22 -6.14
C LYS A 238 -6.66 -15.12 -5.81
N ARG A 239 -6.94 -15.34 -4.51
CA ARG A 239 -8.00 -16.28 -4.06
C ARG A 239 -9.41 -15.91 -4.61
N ASN A 240 -9.61 -14.61 -4.92
CA ASN A 240 -10.86 -14.12 -5.56
C ASN A 240 -10.55 -13.54 -6.95
N LYS A 241 -11.02 -14.24 -7.99
CA LYS A 241 -11.01 -13.77 -9.40
C LYS A 241 -12.03 -14.57 -10.26
N PRO A 242 -13.36 -14.57 -9.88
CA PRO A 242 -14.41 -15.29 -10.66
C PRO A 242 -14.71 -14.58 -12.00
N THR A 243 -13.95 -14.98 -13.04
CA THR A 243 -14.04 -14.40 -14.39
C THR A 243 -13.39 -15.35 -15.43
N VAL A 244 -13.73 -15.19 -16.72
CA VAL A 244 -13.14 -15.99 -17.82
C VAL A 244 -12.36 -15.08 -18.78
N TYR A 245 -11.24 -15.58 -19.32
CA TYR A 245 -10.37 -14.86 -20.25
C TYR A 245 -9.47 -15.85 -21.01
N GLY A 246 -9.22 -15.57 -22.30
CA GLY A 246 -8.36 -16.39 -23.15
C GLY A 246 -9.09 -16.90 -24.38
N VAL A 247 -8.50 -16.67 -25.58
CA VAL A 247 -9.10 -17.06 -26.87
C VAL A 247 -8.27 -18.19 -27.52
N SER A 248 -7.02 -17.86 -27.87
CA SER A 248 -6.11 -18.75 -28.61
C SER A 248 -4.69 -18.16 -28.62
N PRO A 249 -3.63 -18.93 -28.22
CA PRO A 249 -2.23 -18.51 -28.38
C PRO A 249 -1.67 -18.88 -29.78
N ASN A 250 -0.51 -18.33 -30.13
CA ASN A 250 0.21 -18.70 -31.36
C ASN A 250 1.72 -18.75 -31.05
N TYR A 251 2.18 -19.95 -30.67
CA TYR A 251 3.58 -20.19 -30.28
C TYR A 251 4.35 -20.72 -31.49
N ASP A 252 5.40 -20.00 -31.88
CA ASP A 252 6.28 -20.35 -33.01
C ASP A 252 7.50 -21.16 -32.51
N LYS A 253 8.23 -21.78 -33.45
CA LYS A 253 9.39 -22.63 -33.14
C LYS A 253 10.67 -22.04 -33.78
N TRP A 254 11.66 -21.77 -32.93
CA TRP A 254 13.03 -21.41 -33.31
C TRP A 254 13.97 -22.12 -32.33
N GLU A 255 14.58 -23.24 -32.78
CA GLU A 255 15.52 -24.08 -31.99
C GLU A 255 14.82 -24.70 -30.74
N MET A 1 20.37 4.21 24.61
CA MET A 1 19.15 3.49 25.01
C MET A 1 18.21 3.29 23.80
N GLY A 2 18.08 2.03 23.40
CA GLY A 2 17.24 1.60 22.27
C GLY A 2 17.27 0.08 22.11
N GLN A 3 17.72 -0.62 23.16
CA GLN A 3 17.75 -2.08 23.23
C GLN A 3 16.32 -2.60 23.40
N GLN A 4 15.65 -2.77 22.25
CA GLN A 4 14.28 -3.26 22.17
C GLN A 4 14.31 -4.80 22.15
N PRO A 5 13.58 -5.50 23.08
CA PRO A 5 13.44 -6.98 23.04
C PRO A 5 12.75 -7.47 21.75
N GLY A 6 11.91 -6.60 21.18
CA GLY A 6 11.09 -6.94 20.02
C GLY A 6 9.72 -7.43 20.44
N LYS A 7 8.93 -7.89 19.45
CA LYS A 7 7.57 -8.43 19.67
C LYS A 7 6.99 -8.92 18.34
N VAL A 8 6.37 -10.12 18.38
CA VAL A 8 5.70 -10.71 17.22
C VAL A 8 4.48 -9.87 16.78
N LEU A 9 4.17 -9.91 15.46
CA LEU A 9 2.93 -9.34 14.91
C LEU A 9 1.72 -10.17 15.40
N GLY A 10 0.58 -9.49 15.57
CA GLY A 10 -0.66 -10.14 15.99
C GLY A 10 -1.21 -11.10 14.95
N ASP A 11 -0.93 -10.76 13.65
CA ASP A 11 -1.33 -11.56 12.44
C ASP A 11 -2.85 -11.43 12.16
N GLN A 12 -3.65 -11.90 13.11
CA GLN A 12 -5.10 -11.97 13.02
C GLN A 12 -5.76 -10.59 13.30
N ARG A 13 -7.10 -10.61 13.41
CA ARG A 13 -7.94 -9.45 13.77
C ARG A 13 -7.51 -8.84 15.11
N ARG A 14 -7.50 -7.49 15.17
CA ARG A 14 -6.92 -6.72 16.28
C ARG A 14 -5.46 -7.17 16.57
N PRO A 15 -4.50 -6.86 15.65
CA PRO A 15 -3.07 -7.20 15.83
C PRO A 15 -2.39 -6.28 16.85
N SER A 16 -1.16 -6.66 17.27
CA SER A 16 -0.37 -5.86 18.23
C SER A 16 0.07 -4.52 17.60
N LEU A 17 0.57 -3.63 18.46
CA LEU A 17 0.98 -2.26 18.07
C LEU A 17 2.52 -2.16 18.12
N PRO A 18 3.17 -1.54 17.07
CA PRO A 18 4.63 -1.29 17.08
C PRO A 18 4.99 -0.21 18.13
N ALA A 19 6.28 -0.09 18.46
CA ALA A 19 6.75 0.95 19.40
C ALA A 19 6.99 2.27 18.65
N LEU A 20 6.67 3.39 19.33
CA LEU A 20 6.82 4.76 18.78
C LEU A 20 8.25 5.25 19.08
N HIS A 21 9.15 5.08 18.11
CA HIS A 21 10.55 5.53 18.22
C HIS A 21 10.74 6.86 17.50
N PHE A 22 10.25 6.90 16.25
CA PHE A 22 10.37 8.07 15.37
C PHE A 22 9.05 8.85 15.40
N ILE A 23 9.09 10.09 15.93
CA ILE A 23 7.91 10.93 16.14
C ILE A 23 8.05 12.19 15.26
N LYS A 24 7.10 12.35 14.32
CA LYS A 24 7.08 13.52 13.40
C LYS A 24 6.80 14.81 14.23
N GLY A 25 5.91 14.67 15.24
CA GLY A 25 5.62 15.75 16.19
C GLY A 25 4.63 16.77 15.66
N ALA A 26 4.26 17.72 16.53
CA ALA A 26 3.44 18.87 16.15
C ALA A 26 4.35 20.05 15.77
N GLY A 27 4.41 20.37 14.45
CA GLY A 27 5.27 21.43 13.93
C GLY A 27 5.01 21.64 12.45
N LYS A 28 3.78 22.13 12.14
CA LYS A 28 3.27 22.37 10.76
C LYS A 28 3.02 21.03 10.03
N ARG A 29 1.73 20.73 9.79
CA ARG A 29 1.30 19.47 9.16
C ARG A 29 1.15 19.65 7.65
N GLU A 30 1.46 18.59 6.89
CA GLU A 30 1.59 18.64 5.42
C GLU A 30 0.22 18.52 4.74
N SER A 31 0.22 18.82 3.42
CA SER A 31 -0.95 18.65 2.52
C SER A 31 -2.19 19.43 2.99
N SER A 32 -2.01 20.48 3.78
CA SER A 32 -3.13 21.29 4.30
C SER A 32 -3.54 22.36 3.25
N ARG A 33 -4.63 22.07 2.48
CA ARG A 33 -5.16 22.97 1.43
C ARG A 33 -6.57 23.49 1.81
N HIS A 34 -7.58 22.60 1.77
CA HIS A 34 -9.00 22.96 1.92
C HIS A 34 -9.80 21.84 2.65
N GLY A 35 -9.52 20.58 2.30
CA GLY A 35 -10.12 19.42 2.95
C GLY A 35 -11.53 19.12 2.46
N GLY A 36 -11.64 18.86 1.15
CA GLY A 36 -12.91 18.49 0.53
C GLY A 36 -13.77 19.71 0.16
N PRO A 37 -14.56 19.64 -0.96
CA PRO A 37 -15.38 20.77 -1.46
C PRO A 37 -16.77 20.87 -0.78
N HIS A 38 -16.78 20.70 0.55
CA HIS A 38 -18.00 20.74 1.38
C HIS A 38 -18.67 22.14 1.32
N CYS A 39 -19.77 22.23 0.57
CA CYS A 39 -20.56 23.46 0.40
C CYS A 39 -21.98 23.09 -0.04
N ASN A 40 -22.99 23.83 0.45
CA ASN A 40 -24.42 23.54 0.16
C ASN A 40 -24.77 23.92 -1.29
N VAL A 41 -25.78 23.24 -1.85
CA VAL A 41 -26.37 23.57 -3.16
C VAL A 41 -27.89 23.73 -3.00
N PHE A 42 -28.52 24.16 -4.09
CA PHE A 42 -29.99 24.19 -4.21
C PHE A 42 -30.39 23.24 -5.36
N VAL A 43 -30.95 22.07 -5.00
CA VAL A 43 -31.41 21.09 -5.99
C VAL A 43 -32.72 21.60 -6.66
N GLU A 44 -32.50 22.35 -7.75
CA GLU A 44 -33.55 23.01 -8.54
C GLU A 44 -34.48 21.97 -9.22
N HIS A 45 -35.75 22.34 -9.36
CA HIS A 45 -36.83 21.44 -9.83
C HIS A 45 -36.87 21.39 -11.37
N GLU A 46 -36.97 20.18 -11.92
CA GLU A 46 -37.01 19.96 -13.38
C GLU A 46 -38.37 20.37 -13.94
N ALA A 47 -38.43 21.60 -14.49
CA ALA A 47 -39.67 22.18 -15.02
C ALA A 47 -39.45 22.69 -16.45
N LEU A 48 -40.27 22.21 -17.39
CA LEU A 48 -40.31 22.75 -18.77
C LEU A 48 -41.00 24.13 -18.80
N GLN A 49 -41.72 24.46 -17.70
CA GLN A 49 -42.23 25.80 -17.44
C GLN A 49 -41.08 26.68 -16.90
N ARG A 50 -41.07 27.93 -17.35
CA ARG A 50 -40.12 28.97 -16.91
C ARG A 50 -40.92 30.20 -16.45
N PRO A 51 -40.41 31.00 -15.46
CA PRO A 51 -41.06 32.26 -15.02
C PRO A 51 -41.24 33.29 -16.17
N VAL A 52 -42.37 34.05 -16.12
CA VAL A 52 -42.71 35.07 -17.13
C VAL A 52 -41.80 36.31 -16.97
N ALA A 53 -41.36 36.56 -15.72
CA ALA A 53 -40.48 37.69 -15.37
C ALA A 53 -39.11 37.19 -14.89
N SER A 54 -38.06 37.98 -15.15
CA SER A 54 -36.68 37.70 -14.69
C SER A 54 -36.52 38.19 -13.23
N ASP A 55 -37.03 37.37 -12.29
CA ASP A 55 -36.92 37.62 -10.85
C ASP A 55 -35.60 37.03 -10.31
N PHE A 56 -35.36 37.23 -9.01
CA PHE A 56 -34.13 36.80 -8.33
C PHE A 56 -34.47 36.06 -7.02
N GLU A 57 -33.43 35.47 -6.39
CA GLU A 57 -33.52 34.74 -5.10
C GLU A 57 -34.30 33.42 -5.24
N PRO A 58 -33.67 32.35 -5.84
CA PRO A 58 -34.27 30.99 -5.89
C PRO A 58 -34.34 30.37 -4.49
N GLN A 59 -35.39 30.74 -3.72
CA GLN A 59 -35.57 30.31 -2.33
C GLN A 59 -35.87 28.81 -2.26
N GLY A 60 -35.08 28.11 -1.44
CA GLY A 60 -35.13 26.66 -1.35
C GLY A 60 -33.73 26.08 -1.41
N LEU A 61 -32.96 26.30 -0.33
CA LEU A 61 -31.63 25.70 -0.16
C LEU A 61 -31.78 24.36 0.59
N SER A 62 -32.01 23.27 -0.18
CA SER A 62 -32.09 21.92 0.37
C SER A 62 -30.69 21.44 0.75
N GLU A 63 -30.52 21.08 2.03
CA GLU A 63 -29.26 20.59 2.59
C GLU A 63 -28.97 19.17 2.06
N ALA A 64 -28.29 19.12 0.92
CA ALA A 64 -27.88 17.89 0.24
C ALA A 64 -26.66 18.21 -0.64
N ALA A 65 -25.83 17.19 -0.91
CA ALA A 65 -24.65 17.33 -1.75
C ALA A 65 -24.31 15.98 -2.39
N ARG A 66 -24.35 15.93 -3.74
CA ARG A 66 -23.99 14.73 -4.51
C ARG A 66 -22.53 14.88 -5.00
N TRP A 67 -21.62 15.13 -4.01
CA TRP A 67 -20.15 15.23 -4.19
C TRP A 67 -19.75 16.04 -5.45
N ASN A 68 -20.08 17.34 -5.43
CA ASN A 68 -19.69 18.29 -6.50
C ASN A 68 -18.42 19.03 -6.07
N SER A 69 -17.52 19.30 -7.03
CA SER A 69 -16.22 19.95 -6.78
C SER A 69 -16.39 21.48 -6.67
N LYS A 70 -17.02 21.92 -5.57
CA LYS A 70 -17.13 23.35 -5.22
C LYS A 70 -15.84 23.73 -4.48
N GLU A 71 -14.79 23.98 -5.28
CA GLU A 71 -13.44 24.29 -4.78
C GLU A 71 -13.39 25.67 -4.09
N ASN A 72 -13.79 25.68 -2.81
CA ASN A 72 -13.76 26.88 -1.98
C ASN A 72 -12.28 27.17 -1.62
N LEU A 73 -11.86 28.44 -1.78
CA LEU A 73 -10.47 28.86 -1.48
C LEU A 73 -10.20 28.96 0.04
N LEU A 74 -11.20 28.55 0.85
CA LEU A 74 -11.10 28.46 2.32
C LEU A 74 -10.02 27.44 2.74
N ALA A 75 -9.14 27.84 3.67
CA ALA A 75 -8.04 27.00 4.17
C ALA A 75 -8.57 25.84 5.04
N GLY A 76 -7.95 24.66 4.91
CA GLY A 76 -8.35 23.46 5.67
C GLY A 76 -7.38 22.30 5.47
N PRO A 77 -7.79 21.03 5.82
CA PRO A 77 -6.93 19.81 5.66
C PRO A 77 -6.72 19.41 4.17
N SER A 78 -6.44 18.11 3.91
CA SER A 78 -5.94 17.63 2.61
C SER A 78 -7.03 17.36 1.56
N GLU A 79 -6.71 17.75 0.30
CA GLU A 79 -7.51 17.44 -0.90
C GLU A 79 -7.28 15.98 -1.36
N ASN A 80 -7.96 15.61 -2.46
CA ASN A 80 -7.91 14.26 -3.07
C ASN A 80 -6.46 13.84 -3.41
N ASP A 81 -6.16 12.56 -3.18
CA ASP A 81 -4.80 12.00 -3.32
C ASP A 81 -4.90 10.52 -3.78
N PRO A 82 -3.87 9.98 -4.49
CA PRO A 82 -3.86 8.55 -4.92
C PRO A 82 -3.48 7.59 -3.78
N ASN A 83 -3.07 8.15 -2.62
CA ASN A 83 -2.63 7.36 -1.43
C ASN A 83 -3.79 7.20 -0.44
N LEU A 84 -5.02 7.10 -0.96
CA LEU A 84 -6.21 6.95 -0.14
C LEU A 84 -6.35 5.46 0.27
N PHE A 85 -6.20 5.23 1.56
CA PHE A 85 -6.40 3.94 2.23
C PHE A 85 -7.75 3.98 2.98
N VAL A 86 -8.13 2.86 3.58
CA VAL A 86 -9.26 2.78 4.50
C VAL A 86 -8.85 1.97 5.74
N ALA A 87 -9.37 2.38 6.91
CA ALA A 87 -9.14 1.67 8.17
C ALA A 87 -9.99 0.37 8.21
N LEU A 88 -9.30 -0.79 8.18
CA LEU A 88 -9.93 -2.13 8.35
C LEU A 88 -10.39 -2.34 9.79
N TYR A 89 -9.72 -1.65 10.73
CA TYR A 89 -10.03 -1.73 12.17
C TYR A 89 -10.05 -0.33 12.75
N ASP A 90 -10.79 -0.16 13.86
CA ASP A 90 -10.76 1.07 14.64
C ASP A 90 -9.45 1.12 15.44
N PHE A 91 -8.87 2.31 15.55
CA PHE A 91 -7.64 2.54 16.29
C PHE A 91 -7.72 3.90 16.98
N VAL A 92 -7.79 3.87 18.32
CA VAL A 92 -7.72 5.07 19.15
C VAL A 92 -6.24 5.49 19.26
N ALA A 93 -5.95 6.77 18.99
CA ALA A 93 -4.59 7.32 19.04
C ALA A 93 -4.04 7.32 20.48
N SER A 94 -2.73 7.12 20.60
CA SER A 94 -1.99 7.30 21.86
C SER A 94 -1.90 8.81 22.21
N GLY A 95 -1.99 9.66 21.17
CA GLY A 95 -1.97 11.11 21.33
C GLY A 95 -1.82 11.83 19.99
N ASP A 96 -1.02 12.93 19.97
CA ASP A 96 -0.73 13.71 18.75
C ASP A 96 0.16 12.91 17.78
N ASN A 97 1.07 12.13 18.35
CA ASN A 97 2.07 11.32 17.59
C ASN A 97 1.42 10.15 16.82
N THR A 98 0.12 9.96 17.02
CA THR A 98 -0.68 8.95 16.34
C THR A 98 -2.01 9.58 15.88
N LEU A 99 -2.67 8.95 14.90
CA LEU A 99 -3.97 9.43 14.38
C LEU A 99 -5.09 8.46 14.80
N SER A 100 -6.15 9.00 15.45
CA SER A 100 -7.34 8.22 15.80
C SER A 100 -8.15 7.99 14.52
N ILE A 101 -8.25 6.73 14.11
CA ILE A 101 -9.00 6.32 12.94
C ILE A 101 -10.13 5.39 13.37
N THR A 102 -11.19 5.33 12.58
CA THR A 102 -12.31 4.41 12.81
C THR A 102 -12.45 3.49 11.60
N LYS A 103 -12.86 2.23 11.83
CA LYS A 103 -13.15 1.25 10.78
C LYS A 103 -14.15 1.82 9.76
N GLY A 104 -13.70 2.01 8.50
CA GLY A 104 -14.55 2.56 7.44
C GLY A 104 -14.15 3.98 7.04
N GLU A 105 -13.30 4.63 7.87
CA GLU A 105 -12.79 5.98 7.59
C GLU A 105 -11.68 5.91 6.53
N LYS A 106 -11.77 6.78 5.51
CA LYS A 106 -10.81 6.86 4.42
C LYS A 106 -9.63 7.74 4.84
N LEU A 107 -8.42 7.15 4.84
CA LEU A 107 -7.20 7.73 5.39
C LEU A 107 -6.33 8.21 4.23
N ARG A 108 -5.67 9.37 4.35
CA ARG A 108 -4.67 9.79 3.34
C ARG A 108 -3.27 9.52 3.91
N VAL A 109 -2.58 8.48 3.40
CA VAL A 109 -1.27 8.07 3.94
C VAL A 109 -0.15 8.77 3.16
N LEU A 110 0.52 9.73 3.84
CA LEU A 110 1.62 10.52 3.24
C LEU A 110 2.84 9.63 2.98
N GLY A 111 3.04 8.65 3.87
CA GLY A 111 4.13 7.70 3.76
C GLY A 111 4.26 6.84 5.00
N TYR A 112 5.14 5.84 4.92
CA TYR A 112 5.44 4.93 6.05
C TYR A 112 6.70 5.40 6.77
N ASN A 113 6.96 4.81 7.96
CA ASN A 113 8.20 5.02 8.70
C ASN A 113 9.35 4.32 7.97
N HIS A 114 10.59 4.84 8.12
CA HIS A 114 11.80 4.27 7.46
C HIS A 114 12.01 2.79 7.85
N ASN A 115 11.86 2.50 9.15
CA ASN A 115 11.99 1.11 9.67
C ASN A 115 10.70 0.30 9.39
N GLY A 116 9.67 0.97 8.85
CA GLY A 116 8.41 0.34 8.41
C GLY A 116 7.54 -0.11 9.56
N GLU A 117 7.56 0.67 10.65
CA GLU A 117 6.83 0.35 11.88
C GLU A 117 5.39 0.88 11.77
N TRP A 118 5.29 2.21 11.63
CA TRP A 118 4.01 2.93 11.51
C TRP A 118 3.86 3.51 10.09
N ALA A 119 2.72 4.15 9.84
CA ALA A 119 2.39 4.77 8.55
C ALA A 119 1.59 6.05 8.80
N GLU A 120 2.14 7.22 8.43
CA GLU A 120 1.53 8.52 8.74
C GLU A 120 0.34 8.80 7.81
N ALA A 121 -0.87 8.77 8.39
CA ALA A 121 -2.12 9.07 7.70
C ALA A 121 -2.64 10.45 8.11
N GLN A 122 -3.60 10.97 7.32
CA GLN A 122 -4.21 12.28 7.56
C GLN A 122 -5.71 12.21 7.22
N THR A 123 -6.56 12.60 8.19
CA THR A 123 -8.03 12.62 8.05
C THR A 123 -8.61 13.94 8.64
N LYS A 124 -9.95 13.91 8.86
CA LYS A 124 -10.71 14.97 9.56
C LYS A 124 -10.11 15.28 10.95
N ASN A 125 -9.57 14.22 11.57
CA ASN A 125 -8.97 14.25 12.93
C ASN A 125 -7.56 14.89 12.92
N GLY A 126 -7.07 15.27 11.74
CA GLY A 126 -5.74 15.89 11.61
C GLY A 126 -4.74 14.92 10.98
N GLN A 127 -3.54 14.83 11.53
CA GLN A 127 -2.44 14.05 10.93
C GLN A 127 -1.61 13.32 12.02
N GLY A 128 -1.29 12.04 11.79
CA GLY A 128 -0.51 11.25 12.73
C GLY A 128 -0.26 9.83 12.24
N TRP A 129 0.51 9.07 13.02
CA TRP A 129 0.96 7.71 12.65
C TRP A 129 -0.08 6.65 13.05
N VAL A 130 -0.41 5.76 12.11
CA VAL A 130 -1.32 4.61 12.34
C VAL A 130 -0.59 3.30 12.00
N PRO A 131 -0.95 2.14 12.62
CA PRO A 131 -0.32 0.85 12.29
C PRO A 131 -0.81 0.37 10.91
N SER A 132 0.15 -0.05 10.05
CA SER A 132 -0.13 -0.51 8.67
C SER A 132 -1.02 -1.78 8.64
N ASN A 133 -1.09 -2.48 9.79
CA ASN A 133 -1.90 -3.70 9.98
C ASN A 133 -3.41 -3.37 10.09
N TYR A 134 -3.73 -2.10 10.41
CA TYR A 134 -5.12 -1.61 10.61
C TYR A 134 -5.68 -0.93 9.34
N ILE A 135 -4.89 -0.88 8.24
CA ILE A 135 -5.24 -0.08 7.04
C ILE A 135 -5.03 -0.91 5.76
N THR A 136 -5.70 -0.52 4.64
CA THR A 136 -5.48 -1.15 3.31
C THR A 136 -5.75 -0.12 2.17
N PRO A 137 -4.92 -0.11 1.07
CA PRO A 137 -5.06 0.87 -0.04
C PRO A 137 -6.28 0.61 -0.94
N VAL A 138 -7.07 1.69 -1.22
CA VAL A 138 -8.27 1.60 -2.10
C VAL A 138 -8.07 2.42 -3.41
N ASN A 139 -7.46 3.61 -3.31
CA ASN A 139 -7.25 4.50 -4.49
C ASN A 139 -5.79 4.41 -5.02
N SER A 140 -4.96 3.57 -4.36
CA SER A 140 -3.56 3.36 -4.75
C SER A 140 -3.48 2.48 -6.01
N LEU A 141 -2.23 2.20 -6.45
CA LEU A 141 -1.93 1.39 -7.64
C LEU A 141 -2.55 -0.04 -7.59
N GLU A 142 -2.94 -0.48 -6.36
CA GLU A 142 -3.53 -1.82 -6.12
C GLU A 142 -4.87 -2.02 -6.87
N LYS A 143 -5.51 -0.90 -7.29
CA LYS A 143 -6.74 -0.93 -8.12
C LYS A 143 -6.49 -1.66 -9.46
N HIS A 144 -5.22 -1.71 -9.88
CA HIS A 144 -4.78 -2.48 -11.04
C HIS A 144 -4.38 -3.88 -10.58
N SER A 145 -4.83 -4.92 -11.30
CA SER A 145 -4.67 -6.33 -10.88
C SER A 145 -3.20 -6.76 -10.77
N TRP A 146 -2.28 -6.03 -11.43
CA TRP A 146 -0.84 -6.33 -11.38
C TRP A 146 -0.22 -5.95 -10.02
N TYR A 147 -0.76 -4.91 -9.37
CA TYR A 147 -0.22 -4.42 -8.09
C TYR A 147 -1.11 -4.89 -6.94
N HIS A 148 -0.49 -5.39 -5.85
CA HIS A 148 -1.23 -5.92 -4.68
C HIS A 148 -0.68 -5.32 -3.36
N GLY A 149 -0.46 -3.99 -3.39
CA GLY A 149 -0.26 -3.19 -2.17
C GLY A 149 0.98 -3.53 -1.32
N PRO A 150 0.98 -3.11 -0.01
CA PRO A 150 2.05 -3.38 0.96
C PRO A 150 1.94 -4.77 1.61
N VAL A 151 2.85 -5.68 1.23
CA VAL A 151 2.94 -7.03 1.82
C VAL A 151 4.40 -7.47 1.90
N SER A 152 4.65 -8.61 2.56
CA SER A 152 5.95 -9.28 2.56
C SER A 152 6.00 -10.38 1.47
N ARG A 153 7.22 -10.95 1.26
CA ARG A 153 7.47 -12.05 0.30
C ARG A 153 6.62 -13.30 0.63
N ASN A 154 6.21 -13.44 1.91
CA ASN A 154 5.42 -14.57 2.39
C ASN A 154 4.00 -14.56 1.76
N ALA A 155 3.28 -13.43 1.94
CA ALA A 155 1.92 -13.22 1.38
C ALA A 155 1.97 -13.20 -0.15
N ALA A 156 3.03 -12.55 -0.69
CA ALA A 156 3.29 -12.50 -2.14
C ALA A 156 3.40 -13.93 -2.72
N GLU A 157 4.29 -14.74 -2.14
CA GLU A 157 4.58 -16.11 -2.62
C GLU A 157 3.38 -17.04 -2.36
N TYR A 158 2.59 -16.73 -1.30
CA TYR A 158 1.37 -17.46 -0.96
C TYR A 158 0.34 -17.37 -2.11
N LEU A 159 0.11 -16.14 -2.58
CA LEU A 159 -0.82 -15.90 -3.71
C LEU A 159 -0.20 -16.33 -5.05
N LEU A 160 1.12 -16.19 -5.15
CA LEU A 160 1.90 -16.50 -6.36
C LEU A 160 1.95 -18.01 -6.63
N SER A 161 1.81 -18.81 -5.55
CA SER A 161 1.84 -20.29 -5.60
C SER A 161 0.59 -20.86 -6.32
N SER A 162 -0.40 -20.00 -6.63
CA SER A 162 -1.59 -20.37 -7.41
C SER A 162 -1.40 -19.98 -8.90
N GLY A 163 -0.16 -19.63 -9.28
CA GLY A 163 0.16 -19.20 -10.66
C GLY A 163 0.98 -20.21 -11.46
N ILE A 164 1.18 -19.91 -12.76
CA ILE A 164 1.95 -20.75 -13.70
C ILE A 164 3.10 -19.93 -14.34
N ASN A 165 3.69 -20.46 -15.43
CA ASN A 165 4.77 -19.79 -16.19
C ASN A 165 4.40 -18.34 -16.61
N GLY A 166 5.05 -17.36 -15.94
CA GLY A 166 4.84 -15.94 -16.24
C GLY A 166 3.91 -15.27 -15.24
N SER A 167 3.62 -15.96 -14.12
CA SER A 167 2.73 -15.41 -13.08
C SER A 167 3.52 -14.38 -12.27
N PHE A 168 2.99 -13.17 -12.06
CA PHE A 168 3.72 -12.12 -11.32
C PHE A 168 2.82 -11.36 -10.34
N LEU A 169 3.46 -10.84 -9.29
CA LEU A 169 2.86 -9.88 -8.36
C LEU A 169 3.82 -8.72 -8.19
N VAL A 170 3.31 -7.50 -8.30
CA VAL A 170 4.09 -6.29 -8.00
C VAL A 170 3.61 -5.78 -6.64
N ARG A 171 4.53 -5.68 -5.69
CA ARG A 171 4.23 -5.37 -4.29
C ARG A 171 5.13 -4.21 -3.84
N GLU A 172 4.81 -3.58 -2.70
CA GLU A 172 5.78 -2.79 -1.93
C GLU A 172 6.00 -3.50 -0.58
N SER A 173 7.20 -3.34 -0.01
CA SER A 173 7.54 -3.95 1.27
C SER A 173 7.10 -3.04 2.43
N GLU A 174 6.45 -3.65 3.43
CA GLU A 174 5.91 -2.95 4.61
C GLU A 174 7.05 -2.36 5.47
N SER A 175 8.14 -3.13 5.57
CA SER A 175 9.32 -2.81 6.41
C SER A 175 10.28 -1.80 5.73
N SER A 176 10.06 -1.53 4.41
CA SER A 176 10.89 -0.58 3.64
C SER A 176 10.00 0.29 2.72
N PRO A 177 9.70 1.57 3.12
CA PRO A 177 8.84 2.51 2.33
C PRO A 177 9.49 2.93 0.99
N GLY A 178 8.69 2.96 -0.08
CA GLY A 178 9.16 3.31 -1.43
C GLY A 178 9.84 2.14 -2.15
N GLN A 179 10.36 1.17 -1.38
CA GLN A 179 11.00 -0.04 -1.91
C GLN A 179 9.93 -1.06 -2.29
N ARG A 180 9.92 -1.42 -3.56
CA ARG A 180 8.94 -2.33 -4.14
C ARG A 180 9.66 -3.58 -4.67
N SER A 181 8.93 -4.67 -4.92
CA SER A 181 9.52 -5.94 -5.40
C SER A 181 8.53 -6.67 -6.31
N ILE A 182 9.04 -7.42 -7.30
CA ILE A 182 8.21 -8.30 -8.15
C ILE A 182 8.54 -9.76 -7.83
N SER A 183 7.50 -10.56 -7.75
CA SER A 183 7.57 -11.99 -7.47
C SER A 183 7.08 -12.74 -8.71
N LEU A 184 7.97 -13.52 -9.36
CA LEU A 184 7.63 -14.36 -10.55
C LEU A 184 7.55 -15.84 -10.18
N ARG A 185 6.61 -16.53 -10.85
CA ARG A 185 6.51 -17.98 -10.83
C ARG A 185 6.49 -18.43 -12.30
N TYR A 186 7.21 -19.52 -12.55
CA TYR A 186 7.54 -19.99 -13.88
C TYR A 186 7.67 -21.52 -13.83
N GLU A 187 6.63 -22.22 -14.34
CA GLU A 187 6.56 -23.70 -14.39
C GLU A 187 6.73 -24.35 -12.99
N GLY A 188 6.20 -23.66 -11.97
CA GLY A 188 6.26 -24.13 -10.57
C GLY A 188 7.47 -23.60 -9.81
N ARG A 189 8.37 -22.87 -10.51
CA ARG A 189 9.61 -22.33 -9.91
C ARG A 189 9.38 -20.86 -9.55
N VAL A 190 9.61 -20.55 -8.28
CA VAL A 190 9.32 -19.24 -7.68
C VAL A 190 10.65 -18.53 -7.39
N TYR A 191 10.76 -17.28 -7.86
CA TYR A 191 11.93 -16.41 -7.65
C TYR A 191 11.46 -14.94 -7.52
N HIS A 192 12.12 -14.18 -6.66
CA HIS A 192 11.71 -12.82 -6.24
C HIS A 192 12.87 -11.85 -6.47
N TYR A 193 12.60 -10.62 -6.96
CA TYR A 193 13.63 -9.60 -7.17
C TYR A 193 13.14 -8.21 -6.73
N ARG A 194 14.06 -7.46 -6.11
CA ARG A 194 13.81 -6.10 -5.61
C ARG A 194 13.81 -5.08 -6.77
N ILE A 195 12.77 -4.24 -6.79
CA ILE A 195 12.74 -3.01 -7.59
C ILE A 195 13.57 -1.96 -6.83
N ASN A 196 14.76 -1.68 -7.35
CA ASN A 196 15.66 -0.68 -6.77
C ASN A 196 15.14 0.71 -7.14
N THR A 197 14.93 1.53 -6.11
CA THR A 197 14.42 2.90 -6.24
C THR A 197 15.59 3.90 -6.17
N ALA A 198 15.83 4.61 -7.28
CA ALA A 198 16.73 5.79 -7.30
C ALA A 198 16.11 6.91 -6.46
N SER A 199 16.96 7.74 -5.83
CA SER A 199 16.51 8.82 -4.92
C SER A 199 15.73 9.94 -5.66
N ASP A 200 15.72 9.87 -7.00
CA ASP A 200 14.92 10.77 -7.87
C ASP A 200 13.48 10.25 -8.02
N GLY A 201 13.17 9.11 -7.38
CA GLY A 201 11.87 8.43 -7.50
C GLY A 201 11.82 7.48 -8.69
N LYS A 202 12.94 7.39 -9.45
CA LYS A 202 13.01 6.53 -10.63
C LYS A 202 13.18 5.07 -10.21
N LEU A 203 12.34 4.19 -10.75
CA LEU A 203 12.35 2.76 -10.41
C LEU A 203 13.16 2.00 -11.47
N TYR A 204 13.82 0.91 -11.04
CA TYR A 204 14.62 0.05 -11.93
C TYR A 204 14.92 -1.30 -11.27
N VAL A 205 15.40 -2.25 -12.07
CA VAL A 205 15.78 -3.61 -11.64
C VAL A 205 17.12 -3.96 -12.32
N SER A 206 17.09 -4.03 -13.66
CA SER A 206 18.27 -4.29 -14.50
C SER A 206 19.00 -2.96 -14.79
N SER A 207 20.22 -3.06 -15.33
CA SER A 207 21.05 -1.90 -15.68
C SER A 207 20.42 -1.15 -16.87
N GLU A 208 19.89 -1.93 -17.83
CA GLU A 208 19.18 -1.40 -19.02
C GLU A 208 17.70 -1.06 -18.71
N SER A 209 17.26 -1.34 -17.47
CA SER A 209 15.94 -0.92 -16.95
C SER A 209 16.07 0.44 -16.23
N ARG A 210 15.38 1.49 -16.72
CA ARG A 210 15.29 2.83 -16.06
C ARG A 210 13.88 3.42 -16.30
N PHE A 211 13.09 3.66 -15.23
CA PHE A 211 11.65 4.08 -15.35
C PHE A 211 11.31 5.24 -14.41
N ASN A 212 10.34 6.07 -14.81
CA ASN A 212 9.76 7.13 -13.96
C ASN A 212 8.52 6.60 -13.21
N THR A 213 7.80 5.63 -13.84
CA THR A 213 6.56 5.05 -13.28
C THR A 213 6.66 3.53 -13.17
N LEU A 214 5.98 3.01 -12.13
CA LEU A 214 5.86 1.57 -11.89
C LEU A 214 5.05 0.90 -13.01
N ALA A 215 4.10 1.65 -13.59
CA ALA A 215 3.26 1.19 -14.71
C ALA A 215 4.14 0.86 -15.95
N GLU A 216 5.12 1.75 -16.26
CA GLU A 216 6.09 1.52 -17.36
C GLU A 216 7.12 0.46 -16.98
N LEU A 217 7.45 0.35 -15.68
CA LEU A 217 8.32 -0.75 -15.20
C LEU A 217 7.68 -2.11 -15.50
N VAL A 218 6.38 -2.22 -15.19
CA VAL A 218 5.61 -3.46 -15.35
C VAL A 218 5.35 -3.76 -16.84
N HIS A 219 5.11 -2.70 -17.64
CA HIS A 219 4.92 -2.80 -19.11
C HIS A 219 6.19 -3.36 -19.80
N HIS A 220 7.31 -2.65 -19.56
CA HIS A 220 8.64 -3.02 -20.06
C HIS A 220 8.94 -4.48 -19.68
N HIS A 221 8.81 -4.77 -18.37
CA HIS A 221 9.03 -6.13 -17.83
C HIS A 221 8.03 -7.16 -18.39
N SER A 222 6.82 -6.70 -18.77
CA SER A 222 5.80 -7.57 -19.39
C SER A 222 6.20 -7.96 -20.80
N THR A 223 7.07 -7.14 -21.45
CA THR A 223 7.52 -7.43 -22.85
C THR A 223 9.05 -7.66 -23.04
N VAL A 224 9.94 -7.51 -22.01
CA VAL A 224 11.43 -7.57 -22.26
C VAL A 224 12.15 -8.86 -21.81
N ALA A 225 13.27 -9.05 -22.53
CA ALA A 225 14.23 -10.16 -22.46
C ALA A 225 15.33 -9.96 -21.40
N ASP A 226 15.28 -8.83 -20.71
CA ASP A 226 16.38 -7.94 -20.24
C ASP A 226 17.16 -8.50 -19.00
N GLY A 227 16.96 -9.77 -18.69
CA GLY A 227 17.40 -10.44 -17.45
C GLY A 227 16.23 -10.98 -16.67
N LEU A 228 15.10 -11.07 -17.38
CA LEU A 228 13.92 -11.82 -16.96
C LEU A 228 13.98 -13.24 -17.54
N ILE A 229 13.84 -14.25 -16.66
CA ILE A 229 13.67 -15.67 -17.04
C ILE A 229 12.43 -15.81 -17.95
N THR A 230 11.33 -15.24 -17.46
CA THR A 230 10.09 -15.07 -18.23
C THR A 230 9.60 -13.63 -18.00
N THR A 231 8.95 -13.07 -19.03
CA THR A 231 8.34 -11.73 -18.94
C THR A 231 7.11 -11.79 -18.01
N LEU A 232 6.64 -10.63 -17.54
CA LEU A 232 5.42 -10.54 -16.71
C LEU A 232 4.20 -10.90 -17.61
N HIS A 233 3.71 -12.14 -17.50
CA HIS A 233 2.72 -12.69 -18.46
C HIS A 233 1.29 -12.44 -17.98
N TYR A 234 1.00 -12.72 -16.70
CA TYR A 234 -0.32 -12.39 -16.10
C TYR A 234 -0.18 -12.27 -14.56
N PRO A 235 -0.99 -11.39 -13.89
CA PRO A 235 -0.98 -11.24 -12.42
C PRO A 235 -1.48 -12.50 -11.69
N ALA A 236 -0.74 -12.93 -10.66
CA ALA A 236 -1.12 -14.03 -9.78
C ALA A 236 -2.37 -13.65 -8.94
N PRO A 237 -3.22 -14.66 -8.56
CA PRO A 237 -4.52 -14.41 -7.91
C PRO A 237 -4.45 -13.61 -6.60
N LYS A 238 -5.33 -12.59 -6.47
CA LYS A 238 -5.70 -12.04 -5.15
C LYS A 238 -6.64 -13.07 -4.49
N ARG A 239 -6.76 -13.07 -3.15
CA ARG A 239 -7.48 -14.15 -2.42
C ARG A 239 -8.99 -14.24 -2.80
N ASN A 240 -9.50 -13.20 -3.47
CA ASN A 240 -10.79 -13.25 -4.21
C ASN A 240 -10.53 -12.74 -5.62
N LYS A 241 -9.85 -13.57 -6.44
CA LYS A 241 -9.37 -13.18 -7.76
C LYS A 241 -10.54 -12.87 -8.73
N PRO A 242 -10.37 -11.86 -9.63
CA PRO A 242 -11.26 -11.64 -10.80
C PRO A 242 -10.78 -12.49 -12.02
N THR A 243 -11.29 -12.17 -13.22
CA THR A 243 -10.90 -12.86 -14.46
C THR A 243 -10.28 -11.85 -15.45
N VAL A 244 -9.28 -12.32 -16.22
CA VAL A 244 -8.65 -11.56 -17.32
C VAL A 244 -8.79 -12.39 -18.61
N TYR A 245 -9.20 -11.74 -19.71
CA TYR A 245 -9.27 -12.35 -21.03
C TYR A 245 -7.83 -12.55 -21.56
N GLY A 246 -7.32 -13.78 -21.36
CA GLY A 246 -5.95 -14.12 -21.76
C GLY A 246 -5.86 -14.74 -23.15
N VAL A 247 -6.99 -15.27 -23.66
CA VAL A 247 -7.05 -16.00 -24.96
C VAL A 247 -7.02 -15.00 -26.15
N SER A 248 -5.81 -14.49 -26.43
CA SER A 248 -5.58 -13.51 -27.49
C SER A 248 -4.06 -13.38 -27.78
N PRO A 249 -3.47 -14.31 -28.59
CA PRO A 249 -2.06 -14.20 -29.05
C PRO A 249 -1.93 -13.14 -30.17
N ASN A 250 -0.97 -12.21 -30.01
CA ASN A 250 -0.70 -11.15 -30.98
C ASN A 250 0.13 -11.70 -32.16
N TYR A 251 -0.24 -11.28 -33.38
CA TYR A 251 0.45 -11.68 -34.62
C TYR A 251 1.11 -10.44 -35.22
N ASP A 252 2.45 -10.43 -35.26
CA ASP A 252 3.24 -9.33 -35.82
C ASP A 252 4.69 -9.82 -36.03
N LYS A 253 5.39 -9.23 -37.02
CA LYS A 253 6.74 -9.66 -37.39
C LYS A 253 7.80 -9.03 -36.46
N TRP A 254 8.62 -9.90 -35.83
CA TRP A 254 9.86 -9.53 -35.16
C TRP A 254 11.03 -9.74 -36.13
N GLU A 255 12.26 -9.85 -35.60
CA GLU A 255 13.47 -9.95 -36.42
C GLU A 255 14.53 -10.81 -35.69
N MET A 1 2.67 7.99 36.94
CA MET A 1 3.49 7.27 37.92
C MET A 1 2.60 6.37 38.79
N GLY A 2 3.23 5.52 39.62
CA GLY A 2 2.51 4.53 40.42
C GLY A 2 2.56 3.17 39.77
N GLN A 3 3.69 2.46 39.99
CA GLN A 3 4.01 1.18 39.32
C GLN A 3 3.13 0.05 39.89
N GLN A 4 2.04 -0.27 39.16
CA GLN A 4 1.15 -1.41 39.49
C GLN A 4 1.32 -2.51 38.41
N PRO A 5 2.03 -3.65 38.75
CA PRO A 5 2.26 -4.77 37.79
C PRO A 5 0.97 -5.59 37.55
N GLY A 6 0.16 -5.11 36.59
CA GLY A 6 -1.10 -5.79 36.23
C GLY A 6 -1.73 -5.24 34.96
N LYS A 7 -0.90 -4.64 34.07
CA LYS A 7 -1.36 -4.12 32.77
C LYS A 7 -0.90 -5.05 31.66
N VAL A 8 -1.86 -5.66 30.94
CA VAL A 8 -1.57 -6.58 29.83
C VAL A 8 -2.18 -6.01 28.54
N LEU A 9 -1.73 -6.53 27.38
CA LEU A 9 -2.21 -6.10 26.04
C LEU A 9 -2.68 -7.32 25.24
N GLY A 10 -3.95 -7.32 24.83
CA GLY A 10 -4.48 -8.42 23.99
C GLY A 10 -5.98 -8.44 23.90
N ASP A 11 -6.52 -8.56 22.67
CA ASP A 11 -7.98 -8.62 22.42
C ASP A 11 -8.23 -8.96 20.93
N GLN A 12 -9.44 -9.46 20.63
CA GLN A 12 -9.84 -9.86 19.27
C GLN A 12 -10.25 -8.64 18.42
N ARG A 13 -10.38 -7.48 19.08
CA ARG A 13 -10.58 -6.19 18.44
C ARG A 13 -9.57 -5.21 19.04
N ARG A 14 -9.14 -4.20 18.23
CA ARG A 14 -8.14 -3.20 18.64
C ARG A 14 -6.80 -3.88 18.99
N PRO A 15 -5.95 -4.25 17.97
CA PRO A 15 -4.58 -4.78 18.21
C PRO A 15 -3.73 -3.75 18.97
N SER A 16 -2.66 -4.22 19.63
CA SER A 16 -1.84 -3.37 20.50
C SER A 16 -1.11 -2.28 19.67
N LEU A 17 -0.57 -1.29 20.37
CA LEU A 17 0.11 -0.13 19.75
C LEU A 17 1.62 -0.27 19.99
N PRO A 18 2.46 -0.28 18.91
CA PRO A 18 3.95 -0.29 19.03
C PRO A 18 4.49 1.05 19.55
N ALA A 19 5.80 1.10 19.81
CA ALA A 19 6.48 2.31 20.34
C ALA A 19 6.79 3.30 19.19
N LEU A 20 6.79 4.60 19.54
CA LEU A 20 7.05 5.69 18.57
C LEU A 20 8.57 5.95 18.48
N HIS A 21 9.23 5.33 17.49
CA HIS A 21 10.66 5.55 17.20
C HIS A 21 10.82 6.56 16.07
N PHE A 22 10.08 6.35 14.96
CA PHE A 22 10.17 7.22 13.77
C PHE A 22 8.99 8.19 13.76
N ILE A 23 9.30 9.47 14.04
CA ILE A 23 8.32 10.57 14.07
C ILE A 23 8.76 11.68 13.11
N LYS A 24 7.91 11.99 12.14
CA LYS A 24 8.13 13.11 11.20
C LYS A 24 7.08 14.19 11.47
N GLY A 25 5.80 13.78 11.51
CA GLY A 25 4.68 14.68 11.75
C GLY A 25 4.16 15.30 10.46
N ALA A 26 3.90 16.62 10.48
CA ALA A 26 3.40 17.35 9.29
C ALA A 26 4.58 17.70 8.36
N GLY A 27 5.02 16.71 7.58
CA GLY A 27 6.10 16.89 6.60
C GLY A 27 5.61 17.57 5.34
N LYS A 28 4.34 17.33 4.98
CA LYS A 28 3.68 17.86 3.77
C LYS A 28 2.23 18.28 4.08
N ARG A 29 1.54 18.82 3.06
CA ARG A 29 0.10 19.10 3.09
C ARG A 29 -0.51 18.93 1.68
N GLU A 30 0.33 18.64 0.67
CA GLU A 30 -0.11 18.46 -0.73
C GLU A 30 0.02 16.97 -1.13
N SER A 31 -1.12 16.37 -1.54
CA SER A 31 -1.18 14.98 -2.00
C SER A 31 -2.35 14.81 -2.98
N SER A 32 -3.60 14.87 -2.44
CA SER A 32 -4.85 14.68 -3.22
C SER A 32 -6.04 15.31 -2.46
N ARG A 33 -7.27 14.97 -2.89
CA ARG A 33 -8.52 15.53 -2.32
C ARG A 33 -8.83 14.94 -0.93
N HIS A 34 -9.53 13.77 -0.88
CA HIS A 34 -9.90 13.05 0.38
C HIS A 34 -10.77 11.80 0.09
N GLY A 35 -11.18 11.61 -1.19
CA GLY A 35 -12.05 10.49 -1.60
C GLY A 35 -13.54 10.78 -1.40
N GLY A 36 -14.41 9.88 -1.88
CA GLY A 36 -15.87 10.00 -1.65
C GLY A 36 -16.67 8.89 -2.35
N PRO A 37 -16.56 7.60 -1.88
CA PRO A 37 -17.35 6.47 -2.40
C PRO A 37 -18.61 6.18 -1.56
N HIS A 38 -19.14 4.95 -1.70
CA HIS A 38 -20.24 4.43 -0.89
C HIS A 38 -19.73 3.21 -0.10
N CYS A 39 -19.26 3.44 1.14
CA CYS A 39 -18.67 2.38 1.99
C CYS A 39 -19.79 1.55 2.66
N ASN A 40 -20.40 0.65 1.86
CA ASN A 40 -21.47 -0.25 2.29
C ASN A 40 -21.64 -1.37 1.26
N VAL A 41 -21.90 -2.59 1.76
CA VAL A 41 -22.11 -3.79 0.93
C VAL A 41 -23.04 -4.76 1.69
N PHE A 42 -24.31 -4.80 1.25
CA PHE A 42 -25.36 -5.64 1.85
C PHE A 42 -25.77 -6.72 0.83
N VAL A 43 -25.09 -7.88 0.89
CA VAL A 43 -25.36 -9.03 0.01
C VAL A 43 -26.58 -9.82 0.53
N GLU A 44 -27.62 -9.92 -0.31
CA GLU A 44 -28.81 -10.72 -0.03
C GLU A 44 -28.49 -12.22 -0.20
N HIS A 45 -27.97 -12.83 0.88
CA HIS A 45 -27.68 -14.26 0.94
C HIS A 45 -28.99 -15.05 1.03
N GLU A 46 -29.85 -14.64 1.97
CA GLU A 46 -31.19 -15.22 2.19
C GLU A 46 -32.21 -14.10 2.47
N ALA A 47 -33.47 -14.37 2.11
CA ALA A 47 -34.59 -13.45 2.33
C ALA A 47 -35.88 -14.24 2.54
N LEU A 48 -36.22 -15.07 1.54
CA LEU A 48 -37.48 -15.85 1.50
C LEU A 48 -37.60 -16.76 2.72
N GLN A 49 -36.54 -17.55 2.97
CA GLN A 49 -36.42 -18.35 4.19
C GLN A 49 -36.14 -17.39 5.36
N ARG A 50 -37.14 -17.20 6.21
CA ARG A 50 -37.10 -16.26 7.33
C ARG A 50 -37.69 -16.92 8.59
N PRO A 51 -36.99 -16.87 9.75
CA PRO A 51 -37.53 -17.39 11.02
C PRO A 51 -38.34 -16.32 11.76
N VAL A 52 -39.25 -16.77 12.62
CA VAL A 52 -40.04 -15.90 13.49
C VAL A 52 -39.24 -15.72 14.80
N ALA A 53 -38.77 -14.48 15.06
CA ALA A 53 -37.99 -14.16 16.26
C ALA A 53 -38.88 -14.21 17.53
N SER A 54 -39.01 -15.42 18.09
CA SER A 54 -39.80 -15.69 19.32
C SER A 54 -38.84 -15.97 20.47
N ASP A 55 -39.10 -15.33 21.64
CA ASP A 55 -38.20 -15.37 22.83
C ASP A 55 -36.85 -14.64 22.50
N PHE A 56 -36.94 -13.66 21.57
CA PHE A 56 -35.81 -12.79 21.19
C PHE A 56 -35.54 -11.76 22.30
N GLU A 57 -34.31 -11.22 22.35
CA GLU A 57 -33.86 -10.24 23.36
C GLU A 57 -33.81 -10.88 24.76
N PRO A 58 -32.75 -11.73 25.05
CA PRO A 58 -32.61 -12.50 26.31
C PRO A 58 -32.27 -11.60 27.53
N GLN A 59 -32.35 -12.21 28.72
CA GLN A 59 -32.06 -11.55 30.01
C GLN A 59 -30.57 -11.18 30.09
N GLY A 60 -30.27 -9.90 29.81
CA GLY A 60 -28.90 -9.39 29.81
C GLY A 60 -28.68 -8.36 30.90
N LEU A 61 -27.42 -8.26 31.38
CA LEU A 61 -27.00 -7.26 32.38
C LEU A 61 -27.18 -5.84 31.82
N SER A 62 -27.52 -4.88 32.70
CA SER A 62 -27.92 -3.51 32.33
C SER A 62 -26.93 -2.48 32.89
N GLU A 63 -25.64 -2.85 32.93
CA GLU A 63 -24.55 -2.01 33.48
C GLU A 63 -23.76 -1.32 32.32
N ALA A 64 -22.76 -2.03 31.77
CA ALA A 64 -21.90 -1.52 30.68
C ALA A 64 -21.00 -2.66 30.15
N ALA A 65 -21.08 -2.94 28.84
CA ALA A 65 -20.25 -3.98 28.19
C ALA A 65 -20.21 -3.78 26.67
N ARG A 66 -19.01 -3.90 26.06
CA ARG A 66 -18.87 -3.89 24.59
C ARG A 66 -18.72 -5.33 24.09
N TRP A 67 -19.53 -5.70 23.11
CA TRP A 67 -19.59 -7.07 22.59
C TRP A 67 -18.59 -7.23 21.45
N ASN A 68 -17.83 -8.35 21.47
CA ASN A 68 -16.87 -8.70 20.41
C ASN A 68 -17.61 -9.01 19.10
N SER A 69 -16.95 -8.75 17.97
CA SER A 69 -17.53 -8.96 16.64
C SER A 69 -16.44 -9.35 15.66
N LYS A 70 -15.30 -8.61 15.76
CA LYS A 70 -14.13 -8.73 14.86
C LYS A 70 -14.46 -8.27 13.42
N GLU A 71 -15.60 -7.57 13.26
CA GLU A 71 -16.02 -7.01 11.96
C GLU A 71 -15.29 -5.69 11.73
N ASN A 72 -14.03 -5.85 11.29
CA ASN A 72 -13.05 -4.76 11.21
C ASN A 72 -12.85 -4.33 9.76
N LEU A 73 -12.82 -5.33 8.85
CA LEU A 73 -12.56 -5.12 7.40
C LEU A 73 -13.61 -4.19 6.77
N LEU A 74 -13.14 -3.08 6.21
CA LEU A 74 -13.96 -2.04 5.59
C LEU A 74 -13.36 -1.74 4.21
N ALA A 75 -14.21 -1.28 3.28
CA ALA A 75 -13.81 -0.98 1.90
C ALA A 75 -14.42 0.35 1.46
N GLY A 76 -13.69 1.06 0.59
CA GLY A 76 -14.18 2.32 0.05
C GLY A 76 -13.27 2.88 -1.05
N PRO A 77 -13.22 2.24 -2.26
CA PRO A 77 -12.44 2.76 -3.41
C PRO A 77 -13.21 3.88 -4.15
N SER A 78 -12.51 4.99 -4.47
CA SER A 78 -13.11 6.12 -5.19
C SER A 78 -12.05 6.78 -6.08
N GLU A 79 -12.39 7.05 -7.35
CA GLU A 79 -11.47 7.62 -8.37
C GLU A 79 -11.32 9.14 -8.16
N ASN A 80 -10.65 9.48 -7.06
CA ASN A 80 -10.40 10.86 -6.62
C ASN A 80 -8.99 10.92 -6.03
N ASP A 81 -8.67 9.90 -5.23
CA ASP A 81 -7.38 9.78 -4.51
C ASP A 81 -6.78 8.41 -4.87
N PRO A 82 -5.61 8.36 -5.63
CA PRO A 82 -5.02 7.09 -6.14
C PRO A 82 -4.75 6.03 -5.04
N ASN A 83 -3.76 6.28 -4.15
CA ASN A 83 -3.45 5.36 -3.04
C ASN A 83 -4.32 5.73 -1.83
N LEU A 84 -5.61 5.41 -1.94
CA LEU A 84 -6.58 5.65 -0.87
C LEU A 84 -6.64 4.39 0.02
N PHE A 85 -6.55 4.63 1.34
CA PHE A 85 -6.59 3.61 2.40
C PHE A 85 -7.86 3.83 3.24
N VAL A 86 -8.11 2.93 4.19
CA VAL A 86 -9.19 3.08 5.17
C VAL A 86 -8.70 2.55 6.54
N ALA A 87 -9.24 3.16 7.61
CA ALA A 87 -9.01 2.72 8.99
C ALA A 87 -10.07 1.68 9.37
N LEU A 88 -9.60 0.50 9.81
CA LEU A 88 -10.45 -0.64 10.22
C LEU A 88 -10.91 -0.48 11.69
N TYR A 89 -10.23 0.38 12.45
CA TYR A 89 -10.47 0.58 13.88
C TYR A 89 -10.49 2.08 14.20
N ASP A 90 -10.98 2.40 15.39
CA ASP A 90 -10.85 3.75 15.97
C ASP A 90 -9.43 3.93 16.54
N PHE A 91 -8.90 5.15 16.44
CA PHE A 91 -7.57 5.48 16.96
C PHE A 91 -7.49 6.99 17.27
N VAL A 92 -7.38 7.31 18.55
CA VAL A 92 -7.14 8.69 19.00
C VAL A 92 -5.63 8.99 18.96
N ALA A 93 -5.26 10.20 18.51
CA ALA A 93 -3.87 10.64 18.47
C ALA A 93 -3.34 10.84 19.90
N SER A 94 -2.19 10.21 20.21
CA SER A 94 -1.51 10.35 21.51
C SER A 94 -1.00 11.78 21.72
N GLY A 95 -0.78 12.49 20.60
CA GLY A 95 -0.35 13.87 20.62
C GLY A 95 -0.20 14.41 19.21
N ASP A 96 0.72 15.35 19.02
CA ASP A 96 1.01 15.99 17.72
C ASP A 96 1.67 14.97 16.74
N ASN A 97 2.42 14.03 17.30
CA ASN A 97 3.26 13.08 16.53
C ASN A 97 2.44 12.02 15.76
N THR A 98 1.21 11.76 16.22
CA THR A 98 0.32 10.73 15.66
C THR A 98 -0.90 11.38 15.01
N LEU A 99 -1.59 10.61 14.17
CA LEU A 99 -2.82 11.07 13.48
C LEU A 99 -4.01 10.31 14.05
N SER A 100 -5.03 11.05 14.51
CA SER A 100 -6.29 10.47 14.97
C SER A 100 -7.09 10.02 13.74
N ILE A 101 -7.40 8.72 13.66
CA ILE A 101 -8.17 8.13 12.55
C ILE A 101 -9.40 7.40 13.11
N THR A 102 -10.52 7.57 12.43
CA THR A 102 -11.81 6.99 12.83
C THR A 102 -12.06 5.68 12.06
N LYS A 103 -12.80 4.72 12.66
CA LYS A 103 -13.24 3.52 11.95
C LYS A 103 -14.15 3.91 10.76
N GLY A 104 -13.66 3.66 9.53
CA GLY A 104 -14.37 4.02 8.29
C GLY A 104 -13.79 5.24 7.57
N GLU A 105 -12.87 5.94 8.25
CA GLU A 105 -12.21 7.14 7.72
C GLU A 105 -11.19 6.75 6.64
N LYS A 106 -11.21 7.47 5.52
CA LYS A 106 -10.34 7.23 4.37
C LYS A 106 -9.01 7.95 4.58
N LEU A 107 -7.91 7.19 4.53
CA LEU A 107 -6.57 7.66 4.89
C LEU A 107 -5.72 7.81 3.61
N ARG A 108 -4.66 8.63 3.64
CA ARG A 108 -3.61 8.58 2.59
C ARG A 108 -2.26 8.32 3.26
N VAL A 109 -1.71 7.12 3.06
CA VAL A 109 -0.40 6.75 3.63
C VAL A 109 0.71 7.14 2.63
N LEU A 110 1.47 8.17 3.02
CA LEU A 110 2.56 8.73 2.22
C LEU A 110 3.85 7.89 2.37
N GLY A 111 3.86 7.01 3.37
CA GLY A 111 4.96 6.06 3.58
C GLY A 111 4.78 5.29 4.88
N TYR A 112 5.45 4.14 5.01
CA TYR A 112 5.41 3.29 6.21
C TYR A 112 6.64 3.58 7.11
N ASN A 113 6.63 2.96 8.29
CA ASN A 113 7.74 2.99 9.24
C ASN A 113 8.82 2.00 8.75
N HIS A 114 10.11 2.31 9.01
CA HIS A 114 11.25 1.45 8.59
C HIS A 114 11.22 0.07 9.29
N ASN A 115 10.59 0.02 10.48
CA ASN A 115 10.37 -1.21 11.25
C ASN A 115 9.02 -1.89 10.82
N GLY A 116 8.17 -1.10 10.13
CA GLY A 116 6.91 -1.59 9.53
C GLY A 116 5.71 -1.49 10.48
N GLU A 117 5.95 -0.97 11.69
CA GLU A 117 4.97 -0.95 12.78
C GLU A 117 3.93 0.18 12.60
N TRP A 118 4.42 1.38 12.28
CA TRP A 118 3.59 2.57 12.02
C TRP A 118 3.57 2.86 10.51
N ALA A 119 2.77 3.84 10.11
CA ALA A 119 2.68 4.32 8.73
C ALA A 119 2.22 5.78 8.77
N GLU A 120 2.96 6.68 8.11
CA GLU A 120 2.57 8.10 8.07
C GLU A 120 1.38 8.30 7.13
N ALA A 121 0.21 8.54 7.72
CA ALA A 121 -1.03 8.79 6.99
C ALA A 121 -1.36 10.28 7.02
N GLN A 122 -2.25 10.68 6.12
CA GLN A 122 -2.74 12.06 6.00
C GLN A 122 -4.24 11.99 5.72
N THR A 123 -5.03 12.63 6.59
CA THR A 123 -6.50 12.66 6.47
C THR A 123 -7.02 14.10 6.62
N LYS A 124 -8.36 14.19 6.74
CA LYS A 124 -9.09 15.41 7.10
C LYS A 124 -8.56 16.03 8.43
N ASN A 125 -8.03 15.15 9.29
CA ASN A 125 -7.53 15.51 10.62
C ASN A 125 -6.07 16.02 10.57
N GLY A 126 -5.46 16.03 9.37
CA GLY A 126 -4.09 16.55 9.17
C GLY A 126 -3.15 15.47 8.70
N GLN A 127 -1.97 15.38 9.33
CA GLN A 127 -0.95 14.34 8.99
C GLN A 127 -0.24 13.87 10.27
N GLY A 128 0.09 12.56 10.30
CA GLY A 128 0.80 11.95 11.43
C GLY A 128 0.92 10.45 11.27
N TRP A 129 1.53 9.79 12.26
CA TRP A 129 1.86 8.36 12.19
C TRP A 129 0.76 7.51 12.88
N VAL A 130 0.19 6.57 12.11
CA VAL A 130 -0.86 5.64 12.56
C VAL A 130 -0.34 4.18 12.49
N PRO A 131 -0.81 3.26 13.38
CA PRO A 131 -0.34 1.86 13.37
C PRO A 131 -0.86 1.11 12.12
N SER A 132 0.06 0.39 11.44
CA SER A 132 -0.24 -0.38 10.20
C SER A 132 -1.30 -1.48 10.43
N ASN A 133 -1.45 -1.89 11.69
CA ASN A 133 -2.46 -2.88 12.12
C ASN A 133 -3.90 -2.32 12.00
N TYR A 134 -4.03 -0.98 12.06
CA TYR A 134 -5.34 -0.28 12.02
C TYR A 134 -5.73 0.17 10.60
N ILE A 135 -4.90 -0.12 9.56
CA ILE A 135 -5.12 0.44 8.20
C ILE A 135 -5.12 -0.68 7.13
N THR A 136 -5.70 -0.37 5.95
CA THR A 136 -5.59 -1.27 4.76
C THR A 136 -5.83 -0.47 3.45
N PRO A 137 -5.13 -0.80 2.31
CA PRO A 137 -5.38 -0.16 0.99
C PRO A 137 -6.74 -0.58 0.40
N VAL A 138 -7.48 0.37 -0.22
CA VAL A 138 -8.79 0.10 -0.87
C VAL A 138 -8.79 0.51 -2.36
N ASN A 139 -8.35 1.75 -2.69
CA ASN A 139 -8.37 2.23 -4.10
C ASN A 139 -6.97 2.13 -4.74
N SER A 140 -5.97 1.76 -3.93
CA SER A 140 -4.55 1.68 -4.34
C SER A 140 -4.33 0.68 -5.50
N LEU A 141 -3.07 0.59 -5.97
CA LEU A 141 -2.67 -0.29 -7.09
C LEU A 141 -3.03 -1.78 -6.85
N GLU A 142 -3.28 -2.14 -5.57
CA GLU A 142 -3.71 -3.50 -5.15
C GLU A 142 -5.01 -3.95 -5.87
N LYS A 143 -5.81 -2.96 -6.30
CA LYS A 143 -7.04 -3.17 -7.09
C LYS A 143 -6.75 -3.96 -8.39
N HIS A 144 -5.57 -3.69 -8.97
CA HIS A 144 -5.10 -4.34 -10.20
C HIS A 144 -4.65 -5.77 -9.88
N SER A 145 -4.95 -6.73 -10.78
CA SER A 145 -4.65 -8.16 -10.60
C SER A 145 -3.14 -8.43 -10.47
N TRP A 146 -2.32 -7.50 -10.98
CA TRP A 146 -0.86 -7.62 -10.93
C TRP A 146 -0.28 -7.22 -9.56
N TYR A 147 -0.79 -6.14 -8.94
CA TYR A 147 -0.28 -5.68 -7.63
C TYR A 147 -1.22 -6.15 -6.52
N HIS A 148 -0.64 -6.62 -5.39
CA HIS A 148 -1.44 -7.14 -4.25
C HIS A 148 -1.06 -6.45 -2.93
N GLY A 149 -0.32 -5.33 -2.98
CA GLY A 149 -0.06 -4.51 -1.80
C GLY A 149 1.02 -5.07 -0.86
N PRO A 150 1.07 -4.57 0.43
CA PRO A 150 2.07 -5.02 1.44
C PRO A 150 1.78 -6.45 1.93
N VAL A 151 2.52 -7.44 1.39
CA VAL A 151 2.24 -8.87 1.62
C VAL A 151 3.57 -9.65 1.83
N SER A 152 3.46 -10.75 2.62
CA SER A 152 4.54 -11.74 2.82
C SER A 152 4.95 -12.39 1.47
N ARG A 153 6.27 -12.59 1.29
CA ARG A 153 6.85 -13.25 0.10
C ARG A 153 6.38 -14.72 -0.01
N ASN A 154 6.06 -15.34 1.14
CA ASN A 154 5.45 -16.68 1.20
C ASN A 154 4.09 -16.69 0.50
N ALA A 155 3.22 -15.73 0.88
CA ALA A 155 1.86 -15.57 0.28
C ALA A 155 1.94 -15.18 -1.21
N ALA A 156 2.98 -14.39 -1.55
CA ALA A 156 3.31 -14.03 -2.94
C ALA A 156 3.54 -15.29 -3.78
N GLU A 157 4.44 -16.15 -3.29
CA GLU A 157 4.82 -17.41 -3.96
C GLU A 157 3.65 -18.43 -3.92
N TYR A 158 2.80 -18.31 -2.89
CA TYR A 158 1.61 -19.15 -2.70
C TYR A 158 0.59 -18.94 -3.83
N LEU A 159 0.26 -17.66 -4.13
CA LEU A 159 -0.63 -17.32 -5.26
C LEU A 159 0.08 -17.58 -6.60
N LEU A 160 1.39 -17.27 -6.63
CA LEU A 160 2.24 -17.41 -7.84
C LEU A 160 2.37 -18.88 -8.28
N SER A 161 2.21 -19.79 -7.31
CA SER A 161 2.27 -21.23 -7.52
C SER A 161 1.20 -21.71 -8.53
N SER A 162 0.06 -20.98 -8.60
CA SER A 162 -1.06 -21.28 -9.52
C SER A 162 -0.76 -20.83 -10.98
N GLY A 163 0.29 -20.01 -11.15
CA GLY A 163 0.67 -19.47 -12.46
C GLY A 163 1.62 -20.36 -13.25
N ILE A 164 1.77 -20.07 -14.56
CA ILE A 164 2.62 -20.84 -15.49
C ILE A 164 3.79 -19.95 -15.98
N ASN A 165 4.47 -20.36 -17.07
CA ASN A 165 5.64 -19.64 -17.64
C ASN A 165 5.32 -18.14 -17.92
N GLY A 166 6.03 -17.26 -17.19
CA GLY A 166 5.85 -15.81 -17.32
C GLY A 166 4.84 -15.24 -16.34
N SER A 167 4.44 -16.04 -15.33
CA SER A 167 3.50 -15.56 -14.31
C SER A 167 4.23 -14.64 -13.34
N PHE A 168 3.59 -13.53 -12.94
CA PHE A 168 4.22 -12.59 -11.99
C PHE A 168 3.21 -12.09 -10.96
N LEU A 169 3.75 -11.63 -9.83
CA LEU A 169 3.01 -10.88 -8.81
C LEU A 169 3.91 -9.77 -8.27
N VAL A 170 3.37 -8.56 -8.15
CA VAL A 170 4.10 -7.44 -7.56
C VAL A 170 3.51 -7.17 -6.16
N ARG A 171 4.37 -7.21 -5.13
CA ARG A 171 3.97 -6.94 -3.73
C ARG A 171 4.97 -5.93 -3.16
N GLU A 172 4.61 -5.21 -2.10
CA GLU A 172 5.59 -4.44 -1.31
C GLU A 172 5.80 -5.11 0.04
N SER A 173 6.90 -4.74 0.71
CA SER A 173 7.32 -5.34 1.97
C SER A 173 6.58 -4.72 3.16
N GLU A 174 6.15 -5.60 4.06
CA GLU A 174 5.52 -5.25 5.34
C GLU A 174 6.54 -4.61 6.32
N SER A 175 7.85 -4.87 6.09
CA SER A 175 8.94 -4.45 7.00
C SER A 175 9.83 -3.37 6.35
N SER A 176 9.51 -2.97 5.09
CA SER A 176 10.29 -1.97 4.34
C SER A 176 9.33 -1.03 3.57
N PRO A 177 9.36 0.32 3.85
CA PRO A 177 8.35 1.31 3.36
C PRO A 177 8.38 1.51 1.84
N GLY A 178 7.32 1.07 1.15
CA GLY A 178 7.18 1.28 -0.29
C GLY A 178 8.20 0.52 -1.13
N GLN A 179 8.96 -0.40 -0.50
CA GLN A 179 9.96 -1.21 -1.19
C GLN A 179 9.25 -2.42 -1.77
N ARG A 180 9.21 -2.49 -3.10
CA ARG A 180 8.38 -3.45 -3.82
C ARG A 180 9.25 -4.58 -4.36
N SER A 181 8.62 -5.64 -4.84
CA SER A 181 9.30 -6.87 -5.29
C SER A 181 8.42 -7.57 -6.32
N ILE A 182 9.03 -8.06 -7.42
CA ILE A 182 8.32 -8.89 -8.41
C ILE A 182 8.73 -10.34 -8.21
N SER A 183 7.73 -11.20 -8.25
CA SER A 183 7.88 -12.64 -8.10
C SER A 183 7.52 -13.29 -9.45
N LEU A 184 8.50 -13.88 -10.14
CA LEU A 184 8.31 -14.55 -11.45
C LEU A 184 8.33 -16.08 -11.31
N ARG A 185 7.43 -16.74 -12.05
CA ARG A 185 7.39 -18.19 -12.19
C ARG A 185 7.41 -18.57 -13.67
N TYR A 186 8.32 -19.50 -14.03
CA TYR A 186 8.40 -20.11 -15.35
C TYR A 186 9.01 -21.52 -15.21
N GLU A 187 8.44 -22.51 -15.94
CA GLU A 187 8.91 -23.93 -15.97
C GLU A 187 9.00 -24.58 -14.57
N GLY A 188 8.14 -24.12 -13.65
CA GLY A 188 8.11 -24.61 -12.27
C GLY A 188 9.22 -24.01 -11.39
N ARG A 189 9.86 -22.94 -11.86
CA ARG A 189 10.92 -22.21 -11.14
C ARG A 189 10.36 -20.85 -10.69
N VAL A 190 10.47 -20.57 -9.39
CA VAL A 190 10.08 -19.27 -8.81
C VAL A 190 11.36 -18.52 -8.37
N TYR A 191 11.42 -17.22 -8.68
CA TYR A 191 12.47 -16.32 -8.18
C TYR A 191 11.88 -14.94 -7.93
N HIS A 192 12.51 -14.18 -7.03
CA HIS A 192 12.00 -12.90 -6.53
C HIS A 192 13.12 -11.86 -6.65
N TYR A 193 12.79 -10.65 -7.13
CA TYR A 193 13.78 -9.55 -7.21
C TYR A 193 13.18 -8.23 -6.72
N ARG A 194 14.04 -7.43 -6.06
CA ARG A 194 13.65 -6.16 -5.44
C ARG A 194 13.49 -5.07 -6.51
N ILE A 195 12.38 -4.35 -6.43
CA ILE A 195 12.19 -3.08 -7.14
C ILE A 195 12.87 -1.98 -6.32
N ASN A 196 14.01 -1.50 -6.84
CA ASN A 196 14.81 -0.44 -6.21
C ASN A 196 14.06 0.90 -6.28
N THR A 197 13.84 1.53 -5.12
CA THR A 197 13.12 2.80 -5.01
C THR A 197 14.11 3.96 -4.75
N ALA A 198 14.32 4.80 -5.78
CA ALA A 198 15.10 6.04 -5.69
C ALA A 198 14.43 7.06 -4.75
N SER A 199 15.17 8.14 -4.46
CA SER A 199 14.75 9.20 -3.50
C SER A 199 13.42 9.87 -3.93
N ASP A 200 13.24 10.06 -5.25
CA ASP A 200 12.03 10.72 -5.81
C ASP A 200 10.80 9.78 -5.80
N GLY A 201 11.00 8.52 -5.36
CA GLY A 201 9.97 7.49 -5.48
C GLY A 201 10.00 6.82 -6.84
N LYS A 202 11.03 7.15 -7.65
CA LYS A 202 11.24 6.52 -8.96
C LYS A 202 11.68 5.07 -8.77
N LEU A 203 11.00 4.15 -9.45
CA LEU A 203 11.27 2.72 -9.35
C LEU A 203 12.19 2.28 -10.49
N TYR A 204 13.03 1.29 -10.21
CA TYR A 204 13.97 0.72 -11.20
C TYR A 204 14.49 -0.64 -10.71
N VAL A 205 15.10 -1.41 -11.63
CA VAL A 205 15.63 -2.76 -11.37
C VAL A 205 17.00 -2.91 -12.07
N SER A 206 17.03 -2.62 -13.39
CA SER A 206 18.24 -2.72 -14.22
C SER A 206 18.89 -1.33 -14.43
N SER A 207 19.99 -1.31 -15.21
CA SER A 207 20.81 -0.10 -15.47
C SER A 207 20.01 0.97 -16.23
N GLU A 208 19.30 0.56 -17.29
CA GLU A 208 18.51 1.48 -18.15
C GLU A 208 17.10 1.71 -17.60
N SER A 209 16.67 0.87 -16.64
CA SER A 209 15.37 1.03 -15.96
C SER A 209 15.31 2.33 -15.14
N ARG A 210 14.39 3.25 -15.53
CA ARG A 210 14.01 4.45 -14.72
C ARG A 210 12.52 4.73 -14.96
N PHE A 211 11.68 4.57 -13.90
CA PHE A 211 10.21 4.74 -14.00
C PHE A 211 9.72 5.63 -12.86
N ASN A 212 8.74 6.49 -13.12
CA ASN A 212 8.10 7.31 -12.08
C ASN A 212 7.04 6.49 -11.35
N THR A 213 6.35 5.58 -12.09
CA THR A 213 5.25 4.77 -11.55
C THR A 213 5.51 3.26 -11.76
N LEU A 214 4.92 2.48 -10.86
CA LEU A 214 4.95 1.03 -10.89
C LEU A 214 4.25 0.48 -12.15
N ALA A 215 3.24 1.22 -12.63
CA ALA A 215 2.49 0.88 -13.85
C ALA A 215 3.43 0.91 -15.08
N GLU A 216 4.27 1.96 -15.17
CA GLU A 216 5.33 2.08 -16.19
C GLU A 216 6.33 0.94 -16.06
N LEU A 217 6.74 0.64 -14.81
CA LEU A 217 7.67 -0.47 -14.52
C LEU A 217 7.10 -1.82 -15.00
N VAL A 218 5.81 -2.05 -14.80
CA VAL A 218 5.14 -3.32 -15.12
C VAL A 218 4.94 -3.49 -16.63
N HIS A 219 4.55 -2.40 -17.34
CA HIS A 219 4.44 -2.41 -18.82
C HIS A 219 5.82 -2.74 -19.44
N HIS A 220 6.83 -1.99 -18.99
CA HIS A 220 8.21 -2.15 -19.42
C HIS A 220 8.66 -3.59 -19.24
N HIS A 221 8.58 -4.09 -18.00
CA HIS A 221 8.97 -5.45 -17.64
C HIS A 221 8.14 -6.52 -18.39
N SER A 222 6.91 -6.16 -18.78
CA SER A 222 6.04 -7.03 -19.57
C SER A 222 6.52 -7.14 -21.02
N THR A 223 7.20 -6.09 -21.53
CA THR A 223 7.65 -6.07 -22.93
C THR A 223 9.19 -5.94 -23.14
N VAL A 224 10.05 -5.98 -22.08
CA VAL A 224 11.53 -5.77 -22.28
C VAL A 224 12.42 -6.99 -21.99
N ALA A 225 13.56 -6.91 -22.65
CA ALA A 225 14.71 -7.84 -22.71
C ALA A 225 15.76 -7.60 -21.62
N ASP A 226 15.56 -6.56 -20.79
CA ASP A 226 16.55 -5.59 -20.23
C ASP A 226 17.38 -6.18 -19.03
N GLY A 227 17.34 -7.50 -18.87
CA GLY A 227 17.89 -8.23 -17.71
C GLY A 227 16.82 -9.00 -16.99
N LEU A 228 15.72 -9.22 -17.71
CA LEU A 228 14.69 -10.17 -17.36
C LEU A 228 14.99 -11.53 -18.01
N ILE A 229 14.85 -12.61 -17.20
CA ILE A 229 14.90 -14.00 -17.67
C ILE A 229 13.66 -14.27 -18.55
N THR A 230 12.50 -13.81 -18.04
CA THR A 230 11.23 -13.83 -18.76
C THR A 230 10.54 -12.47 -18.58
N THR A 231 9.88 -11.99 -19.65
CA THR A 231 9.01 -10.81 -19.59
C THR A 231 7.75 -11.17 -18.78
N LEU A 232 7.08 -10.16 -18.19
CA LEU A 232 5.83 -10.38 -17.45
C LEU A 232 4.74 -10.81 -18.45
N HIS A 233 4.47 -12.12 -18.51
CA HIS A 233 3.48 -12.69 -19.45
C HIS A 233 2.06 -12.46 -18.94
N TYR A 234 1.79 -12.80 -17.66
CA TYR A 234 0.48 -12.48 -17.04
C TYR A 234 0.58 -12.55 -15.51
N PRO A 235 -0.27 -11.77 -14.76
CA PRO A 235 -0.33 -11.88 -13.28
C PRO A 235 -0.94 -13.22 -12.83
N ALA A 236 -0.34 -13.84 -11.80
CA ALA A 236 -0.84 -15.09 -11.22
C ALA A 236 -2.28 -14.89 -10.72
N PRO A 237 -3.22 -15.81 -11.09
CA PRO A 237 -4.65 -15.63 -10.81
C PRO A 237 -4.95 -15.61 -9.29
N LYS A 238 -5.94 -14.79 -8.91
CA LYS A 238 -6.49 -14.78 -7.53
C LYS A 238 -7.14 -16.15 -7.25
N ARG A 239 -7.32 -16.50 -5.95
CA ARG A 239 -7.85 -17.83 -5.51
C ARG A 239 -9.18 -18.18 -6.21
N ASN A 240 -10.01 -17.15 -6.44
CA ASN A 240 -11.28 -17.29 -7.18
C ASN A 240 -11.03 -17.69 -8.66
N LYS A 241 -12.12 -17.90 -9.41
CA LYS A 241 -12.05 -18.35 -10.81
C LYS A 241 -11.19 -17.41 -11.71
N PRO A 242 -10.18 -17.97 -12.46
CA PRO A 242 -9.38 -17.20 -13.42
C PRO A 242 -10.21 -16.92 -14.70
N THR A 243 -11.11 -15.93 -14.61
CA THR A 243 -11.95 -15.53 -15.74
C THR A 243 -11.14 -14.64 -16.72
N VAL A 244 -10.91 -15.16 -17.93
CA VAL A 244 -10.09 -14.50 -18.96
C VAL A 244 -10.68 -14.79 -20.35
N TYR A 245 -10.99 -13.72 -21.09
CA TYR A 245 -11.51 -13.78 -22.47
C TYR A 245 -10.80 -12.69 -23.29
N GLY A 246 -10.13 -13.10 -24.37
CA GLY A 246 -9.44 -12.16 -25.25
C GLY A 246 -8.68 -12.86 -26.38
N VAL A 247 -9.11 -12.61 -27.63
CA VAL A 247 -8.45 -13.13 -28.84
C VAL A 247 -7.76 -11.95 -29.55
N SER A 248 -6.43 -12.00 -29.66
CA SER A 248 -5.62 -10.89 -30.23
C SER A 248 -4.54 -11.44 -31.18
N PRO A 249 -4.29 -10.76 -32.35
CA PRO A 249 -3.27 -11.17 -33.33
C PRO A 249 -1.84 -10.74 -32.88
N ASN A 250 -0.87 -11.67 -32.92
CA ASN A 250 0.54 -11.36 -32.63
C ASN A 250 1.20 -10.85 -33.93
N TYR A 251 2.08 -9.84 -33.79
CA TYR A 251 2.85 -9.27 -34.90
C TYR A 251 3.85 -10.32 -35.43
N ASP A 252 3.91 -10.46 -36.77
CA ASP A 252 4.82 -11.40 -37.43
C ASP A 252 6.28 -10.93 -37.23
N LYS A 253 6.99 -11.64 -36.35
CA LYS A 253 8.38 -11.32 -36.01
C LYS A 253 9.09 -12.58 -35.49
N TRP A 254 10.36 -12.74 -35.83
CA TRP A 254 11.21 -13.79 -35.27
C TRP A 254 11.57 -13.40 -33.82
N GLU A 255 10.98 -14.12 -32.87
CA GLU A 255 11.21 -13.92 -31.44
C GLU A 255 12.67 -14.29 -31.08
N MET A 1 17.35 0.73 29.72
CA MET A 1 16.69 0.27 30.96
C MET A 1 15.18 0.10 30.70
N GLY A 2 14.64 -1.05 31.14
CA GLY A 2 13.26 -1.42 30.86
C GLY A 2 13.11 -1.99 29.46
N GLN A 3 13.59 -3.22 29.28
CA GLN A 3 13.56 -3.93 28.00
C GLN A 3 12.10 -4.28 27.63
N GLN A 4 11.66 -3.80 26.46
CA GLN A 4 10.30 -4.05 25.95
C GLN A 4 10.34 -4.36 24.42
N PRO A 5 10.74 -5.61 24.02
CA PRO A 5 10.64 -6.05 22.60
C PRO A 5 9.17 -6.07 22.10
N GLY A 6 8.23 -6.33 23.03
CA GLY A 6 6.79 -6.29 22.73
C GLY A 6 6.27 -7.60 22.16
N LYS A 7 5.05 -8.00 22.59
CA LYS A 7 4.40 -9.24 22.12
C LYS A 7 3.20 -8.89 21.24
N VAL A 8 3.19 -9.44 20.02
CA VAL A 8 2.10 -9.25 19.06
C VAL A 8 0.98 -10.27 19.32
N LEU A 9 -0.26 -9.81 19.17
CA LEU A 9 -1.46 -10.65 19.28
C LEU A 9 -1.72 -11.38 17.94
N GLY A 10 -1.33 -10.72 16.84
CA GLY A 10 -1.57 -11.23 15.49
C GLY A 10 -2.73 -10.53 14.82
N ASP A 11 -2.81 -10.67 13.49
CA ASP A 11 -3.87 -10.05 12.68
C ASP A 11 -5.22 -10.75 12.94
N GLN A 12 -6.03 -10.13 13.81
CA GLN A 12 -7.35 -10.64 14.23
C GLN A 12 -8.40 -9.54 14.06
N ARG A 13 -9.62 -9.78 14.58
CA ARG A 13 -10.58 -8.70 14.84
C ARG A 13 -10.00 -7.93 16.04
N ARG A 14 -9.58 -6.67 15.77
CA ARG A 14 -8.67 -5.92 16.65
C ARG A 14 -7.31 -6.62 16.76
N PRO A 15 -6.41 -6.43 15.74
CA PRO A 15 -5.00 -6.86 15.83
C PRO A 15 -4.21 -5.93 16.77
N SER A 16 -3.01 -6.38 17.16
CA SER A 16 -2.17 -5.64 18.11
C SER A 16 -1.57 -4.37 17.49
N LEU A 17 -1.00 -3.53 18.37
CA LEU A 17 -0.34 -2.28 18.00
C LEU A 17 1.17 -2.45 18.16
N PRO A 18 2.00 -2.02 17.16
CA PRO A 18 3.48 -2.02 17.28
C PRO A 18 3.98 -0.99 18.33
N ALA A 19 5.27 -1.06 18.67
CA ALA A 19 5.90 -0.13 19.63
C ALA A 19 6.33 1.18 18.92
N LEU A 20 6.21 2.30 19.63
CA LEU A 20 6.63 3.63 19.14
C LEU A 20 8.11 3.85 19.45
N HIS A 21 8.97 3.53 18.47
CA HIS A 21 10.43 3.75 18.58
C HIS A 21 10.79 5.08 17.93
N PHE A 22 10.24 5.29 16.71
CA PHE A 22 10.44 6.51 15.92
C PHE A 22 9.23 7.43 16.08
N ILE A 23 9.45 8.59 16.72
CA ILE A 23 8.43 9.62 16.95
C ILE A 23 8.85 10.89 16.21
N LYS A 24 8.06 11.26 15.19
CA LYS A 24 8.37 12.39 14.31
C LYS A 24 7.21 13.39 14.33
N GLY A 25 7.54 14.65 14.62
CA GLY A 25 6.59 15.75 14.62
C GLY A 25 7.19 17.03 14.06
N ALA A 26 8.41 16.95 13.48
CA ALA A 26 9.08 18.07 12.81
C ALA A 26 8.73 18.04 11.31
N GLY A 27 7.55 18.61 10.97
CA GLY A 27 7.05 18.64 9.60
C GLY A 27 7.77 19.67 8.75
N LYS A 28 8.72 19.20 7.94
CA LYS A 28 9.47 20.05 6.99
C LYS A 28 9.35 19.46 5.59
N ARG A 29 10.05 18.33 5.34
CA ARG A 29 10.05 17.61 4.04
C ARG A 29 10.31 16.10 4.24
N GLU A 30 10.37 15.36 3.11
CA GLU A 30 10.69 13.91 3.07
C GLU A 30 9.67 13.10 3.94
N SER A 31 8.37 13.40 3.74
CA SER A 31 7.25 12.82 4.54
C SER A 31 7.51 12.93 6.05
N SER A 32 7.11 14.08 6.63
CA SER A 32 7.32 14.38 8.06
C SER A 32 6.07 15.07 8.62
N ARG A 33 5.66 14.67 9.84
CA ARG A 33 4.42 15.10 10.48
C ARG A 33 4.42 16.61 10.78
N HIS A 34 3.64 17.37 10.00
CA HIS A 34 3.33 18.75 10.30
C HIS A 34 2.32 18.80 11.45
N GLY A 35 2.58 19.65 12.44
CA GLY A 35 1.73 19.78 13.62
C GLY A 35 0.51 20.65 13.39
N GLY A 36 -0.45 20.12 12.60
CA GLY A 36 -1.71 20.79 12.29
C GLY A 36 -2.92 19.94 12.71
N PRO A 37 -3.40 20.06 13.99
CA PRO A 37 -4.62 19.33 14.46
C PRO A 37 -5.93 20.06 14.08
N HIS A 38 -7.06 19.34 14.13
CA HIS A 38 -8.39 19.90 13.82
C HIS A 38 -8.90 20.76 14.98
N CYS A 39 -9.68 21.79 14.65
CA CYS A 39 -10.28 22.70 15.62
C CYS A 39 -11.75 22.29 15.89
N ASN A 40 -12.13 22.21 17.18
CA ASN A 40 -13.51 21.89 17.62
C ASN A 40 -14.12 23.12 18.30
N VAL A 41 -15.36 23.46 17.93
CA VAL A 41 -16.06 24.65 18.45
C VAL A 41 -17.41 24.23 19.08
N PHE A 42 -17.82 24.95 20.14
CA PHE A 42 -19.12 24.78 20.83
C PHE A 42 -19.95 26.06 20.71
N VAL A 43 -21.24 25.98 21.05
CA VAL A 43 -22.19 27.12 20.99
C VAL A 43 -23.21 26.99 22.14
N GLU A 44 -23.71 28.14 22.62
CA GLU A 44 -24.77 28.21 23.65
C GLU A 44 -26.11 27.68 23.11
N HIS A 45 -26.92 27.07 24.01
CA HIS A 45 -28.26 26.55 23.67
C HIS A 45 -29.31 27.69 23.76
N GLU A 46 -30.56 27.37 23.41
CA GLU A 46 -31.67 28.34 23.40
C GLU A 46 -32.91 27.71 24.07
N ALA A 47 -33.63 28.52 24.86
CA ALA A 47 -34.87 28.11 25.53
C ALA A 47 -35.91 29.24 25.34
N LEU A 48 -36.58 29.22 24.16
CA LEU A 48 -37.59 30.23 23.78
C LEU A 48 -38.85 30.15 24.66
N GLN A 49 -39.11 28.96 25.23
CA GLN A 49 -40.26 28.74 26.13
C GLN A 49 -39.99 29.26 27.55
N ARG A 50 -41.06 29.33 28.36
CA ARG A 50 -40.97 29.64 29.79
C ARG A 50 -40.14 28.54 30.54
N PRO A 51 -39.41 28.90 31.64
CA PRO A 51 -38.73 27.91 32.51
C PRO A 51 -39.76 27.05 33.29
N VAL A 52 -40.42 26.15 32.55
CA VAL A 52 -41.42 25.23 33.10
C VAL A 52 -40.74 23.89 33.38
N ALA A 53 -40.37 23.67 34.66
CA ALA A 53 -39.65 22.47 35.09
C ALA A 53 -40.47 21.72 36.15
N SER A 54 -41.53 21.04 35.68
CA SER A 54 -42.30 20.08 36.50
C SER A 54 -41.67 18.69 36.42
N ASP A 55 -40.79 18.49 35.41
CA ASP A 55 -40.06 17.24 35.18
C ASP A 55 -38.88 17.11 36.14
N PHE A 56 -38.30 15.92 36.17
CA PHE A 56 -37.08 15.61 36.91
C PHE A 56 -35.90 15.59 35.93
N GLU A 57 -34.71 15.88 36.47
CA GLU A 57 -33.43 15.94 35.72
C GLU A 57 -33.47 17.04 34.62
N PRO A 58 -33.44 18.35 35.00
CA PRO A 58 -33.47 19.47 34.02
C PRO A 58 -32.15 19.60 33.22
N GLN A 59 -31.03 19.36 33.91
CA GLN A 59 -29.67 19.47 33.34
C GLN A 59 -29.29 18.16 32.66
N GLY A 60 -29.40 18.12 31.33
CA GLY A 60 -29.05 16.93 30.55
C GLY A 60 -28.96 17.26 29.06
N LEU A 61 -28.40 18.45 28.76
CA LEU A 61 -28.30 19.00 27.39
C LEU A 61 -26.99 18.54 26.72
N SER A 62 -26.95 17.24 26.39
CA SER A 62 -25.81 16.63 25.68
C SER A 62 -26.34 15.68 24.60
N GLU A 63 -25.85 15.90 23.36
CA GLU A 63 -26.16 15.08 22.18
C GLU A 63 -25.02 15.25 21.16
N ALA A 64 -24.70 14.19 20.41
CA ALA A 64 -23.66 14.22 19.37
C ALA A 64 -24.24 14.84 18.08
N ALA A 65 -24.52 16.16 18.17
CA ALA A 65 -25.15 16.93 17.10
C ALA A 65 -24.11 17.18 15.98
N ARG A 66 -24.21 16.40 14.91
CA ARG A 66 -23.29 16.48 13.76
C ARG A 66 -24.00 17.20 12.60
N TRP A 67 -23.22 17.94 11.81
CA TRP A 67 -23.69 18.66 10.62
C TRP A 67 -23.91 17.68 9.46
N ASN A 68 -25.00 17.88 8.71
CA ASN A 68 -25.33 17.09 7.52
C ASN A 68 -25.20 17.98 6.28
N SER A 69 -24.35 17.55 5.32
CA SER A 69 -24.18 18.26 4.05
C SER A 69 -25.40 17.97 3.15
N LYS A 70 -26.47 18.76 3.36
CA LYS A 70 -27.68 18.69 2.55
C LYS A 70 -27.46 19.56 1.31
N GLU A 71 -27.40 20.89 1.51
CA GLU A 71 -27.26 21.87 0.41
C GLU A 71 -25.88 21.73 -0.25
N ASN A 72 -24.84 21.73 0.59
CA ASN A 72 -23.43 21.54 0.16
C ASN A 72 -23.28 20.15 -0.46
N LEU A 73 -23.11 20.10 -1.79
CA LEU A 73 -22.97 18.86 -2.55
C LEU A 73 -21.56 18.26 -2.31
N LEU A 74 -21.44 17.57 -1.16
CA LEU A 74 -20.19 16.92 -0.71
C LEU A 74 -20.33 15.39 -0.77
N ALA A 75 -21.31 14.90 -1.53
CA ALA A 75 -21.62 13.47 -1.69
C ALA A 75 -20.64 12.83 -2.70
N GLY A 76 -19.41 12.61 -2.26
CA GLY A 76 -18.36 11.98 -3.06
C GLY A 76 -16.98 12.53 -2.69
N PRO A 77 -16.52 12.39 -1.41
CA PRO A 77 -15.26 12.99 -0.95
C PRO A 77 -14.08 12.06 -1.29
N SER A 78 -13.49 12.26 -2.48
CA SER A 78 -12.34 11.48 -2.96
C SER A 78 -11.09 12.37 -2.98
N GLU A 79 -10.09 12.04 -2.14
CA GLU A 79 -8.88 12.86 -1.94
C GLU A 79 -7.92 12.79 -3.16
N ASN A 80 -7.21 13.91 -3.40
CA ASN A 80 -6.36 14.10 -4.60
C ASN A 80 -4.95 13.54 -4.34
N ASP A 81 -4.85 12.20 -4.39
CA ASP A 81 -3.59 11.45 -4.23
C ASP A 81 -3.88 9.96 -4.46
N PRO A 82 -2.88 9.17 -4.99
CA PRO A 82 -3.04 7.71 -5.19
C PRO A 82 -2.79 6.91 -3.89
N ASN A 83 -2.35 7.61 -2.82
CA ASN A 83 -2.04 7.01 -1.51
C ASN A 83 -3.24 7.12 -0.56
N LEU A 84 -4.45 7.06 -1.13
CA LEU A 84 -5.69 7.11 -0.37
C LEU A 84 -5.97 5.73 0.22
N PHE A 85 -5.88 5.66 1.55
CA PHE A 85 -6.18 4.50 2.38
C PHE A 85 -7.55 4.69 3.08
N VAL A 86 -7.97 3.67 3.83
CA VAL A 86 -9.15 3.75 4.70
C VAL A 86 -8.89 2.93 5.97
N ALA A 87 -9.32 3.48 7.12
CA ALA A 87 -9.20 2.85 8.43
C ALA A 87 -10.29 1.78 8.59
N LEU A 88 -9.89 0.50 8.64
CA LEU A 88 -10.80 -0.64 8.84
C LEU A 88 -11.29 -0.74 10.29
N TYR A 89 -10.51 -0.15 11.20
CA TYR A 89 -10.78 -0.17 12.65
C TYR A 89 -10.69 1.25 13.20
N ASP A 90 -11.42 1.50 14.29
CA ASP A 90 -11.35 2.76 15.02
C ASP A 90 -10.09 2.74 15.88
N PHE A 91 -9.29 3.80 15.80
CA PHE A 91 -8.03 3.92 16.53
C PHE A 91 -7.97 5.29 17.20
N VAL A 92 -7.97 5.29 18.54
CA VAL A 92 -7.74 6.49 19.34
C VAL A 92 -6.22 6.76 19.41
N ALA A 93 -5.84 8.03 19.25
CA ALA A 93 -4.44 8.45 19.30
C ALA A 93 -3.88 8.26 20.72
N SER A 94 -2.64 7.75 20.79
CA SER A 94 -1.89 7.62 22.07
C SER A 94 -1.37 8.99 22.52
N GLY A 95 -1.48 9.99 21.63
CA GLY A 95 -1.11 11.37 21.94
C GLY A 95 -1.03 12.22 20.68
N ASP A 96 -0.24 13.30 20.75
CA ASP A 96 0.00 14.23 19.64
C ASP A 96 0.66 13.53 18.43
N ASN A 97 1.61 12.63 18.72
CA ASN A 97 2.47 11.98 17.70
C ASN A 97 1.68 11.01 16.79
N THR A 98 0.56 10.52 17.32
CA THR A 98 -0.30 9.56 16.62
C THR A 98 -1.58 10.26 16.15
N LEU A 99 -2.24 9.68 15.15
CA LEU A 99 -3.47 10.24 14.56
C LEU A 99 -4.67 9.38 14.93
N SER A 100 -5.68 10.03 15.54
CA SER A 100 -6.98 9.43 15.80
C SER A 100 -7.74 9.25 14.47
N ILE A 101 -7.99 7.99 14.11
CA ILE A 101 -8.69 7.63 12.87
C ILE A 101 -9.95 6.85 13.22
N THR A 102 -10.92 6.88 12.30
CA THR A 102 -12.24 6.27 12.52
C THR A 102 -12.46 5.13 11.52
N LYS A 103 -13.12 4.06 11.95
CA LYS A 103 -13.58 2.99 11.05
C LYS A 103 -14.50 3.56 9.94
N GLY A 104 -14.08 3.38 8.69
CA GLY A 104 -14.80 3.91 7.52
C GLY A 104 -14.25 5.22 7.00
N GLU A 105 -13.38 5.88 7.81
CA GLU A 105 -12.76 7.17 7.47
C GLU A 105 -11.49 6.95 6.64
N LYS A 106 -11.38 7.69 5.52
CA LYS A 106 -10.27 7.58 4.58
C LYS A 106 -9.08 8.42 5.04
N LEU A 107 -7.87 7.89 4.81
CA LEU A 107 -6.60 8.43 5.32
C LEU A 107 -5.71 8.76 4.12
N ARG A 108 -4.82 9.76 4.26
CA ARG A 108 -3.87 10.11 3.18
C ARG A 108 -2.45 9.81 3.69
N VAL A 109 -1.82 8.74 3.16
CA VAL A 109 -0.51 8.28 3.68
C VAL A 109 0.62 8.92 2.86
N LEU A 110 1.52 9.64 3.56
CA LEU A 110 2.69 10.27 2.92
C LEU A 110 3.84 9.24 2.80
N GLY A 111 4.02 8.45 3.85
CA GLY A 111 5.03 7.41 3.88
C GLY A 111 4.88 6.51 5.10
N TYR A 112 5.67 5.43 5.13
CA TYR A 112 5.72 4.49 6.26
C TYR A 112 6.93 4.83 7.14
N ASN A 113 6.98 4.21 8.33
CA ASN A 113 8.14 4.28 9.23
C ASN A 113 9.31 3.56 8.55
N HIS A 114 10.54 4.04 8.78
CA HIS A 114 11.74 3.54 8.10
C HIS A 114 12.09 2.11 8.52
N ASN A 115 11.60 1.69 9.71
CA ASN A 115 11.75 0.31 10.21
C ASN A 115 10.50 -0.54 9.83
N GLY A 116 9.42 0.13 9.38
CA GLY A 116 8.17 -0.54 8.99
C GLY A 116 7.27 -0.84 10.18
N GLU A 117 7.28 0.07 11.17
CA GLU A 117 6.47 -0.07 12.40
C GLU A 117 5.06 0.50 12.17
N TRP A 118 5.00 1.82 11.94
CA TRP A 118 3.76 2.59 11.75
C TRP A 118 3.73 3.17 10.32
N ALA A 119 2.64 3.89 9.99
CA ALA A 119 2.47 4.58 8.70
C ALA A 119 1.92 5.99 8.97
N GLU A 120 2.58 7.01 8.43
CA GLU A 120 2.20 8.41 8.64
C GLU A 120 1.08 8.81 7.66
N ALA A 121 -0.10 9.09 8.23
CA ALA A 121 -1.30 9.46 7.49
C ALA A 121 -1.80 10.85 7.92
N GLN A 122 -2.67 11.43 7.09
CA GLN A 122 -3.31 12.72 7.36
C GLN A 122 -4.81 12.62 7.07
N THR A 123 -5.59 13.29 7.91
CA THR A 123 -7.05 13.44 7.79
C THR A 123 -7.41 14.89 8.10
N LYS A 124 -8.70 15.22 8.05
CA LYS A 124 -9.21 16.53 8.49
C LYS A 124 -9.21 16.63 10.03
N ASN A 125 -8.90 15.49 10.71
CA ASN A 125 -8.65 15.43 12.16
C ASN A 125 -7.24 15.96 12.47
N GLY A 126 -6.35 15.92 11.46
CA GLY A 126 -4.94 16.28 11.60
C GLY A 126 -4.04 15.21 11.02
N GLN A 127 -2.73 15.33 11.25
CA GLN A 127 -1.72 14.39 10.74
C GLN A 127 -1.02 13.67 11.91
N GLY A 128 -0.62 12.39 11.68
CA GLY A 128 0.10 11.60 12.69
C GLY A 128 0.32 10.17 12.24
N TRP A 129 0.92 9.36 13.13
CA TRP A 129 1.26 7.95 12.87
C TRP A 129 0.09 7.02 13.25
N VAL A 130 -0.20 6.04 12.36
CA VAL A 130 -1.33 5.09 12.52
C VAL A 130 -0.83 3.64 12.23
N PRO A 131 -1.52 2.58 12.79
CA PRO A 131 -1.10 1.18 12.58
C PRO A 131 -1.51 0.68 11.18
N SER A 132 -0.55 0.08 10.45
CA SER A 132 -0.77 -0.49 9.11
C SER A 132 -1.79 -1.68 9.15
N ASN A 133 -1.95 -2.28 10.35
CA ASN A 133 -2.94 -3.36 10.60
C ASN A 133 -4.39 -2.83 10.56
N TYR A 134 -4.55 -1.53 10.89
CA TYR A 134 -5.87 -0.88 11.01
C TYR A 134 -6.26 -0.16 9.72
N ILE A 135 -5.43 -0.24 8.66
CA ILE A 135 -5.64 0.53 7.42
C ILE A 135 -5.44 -0.37 6.17
N THR A 136 -6.11 -0.02 5.07
CA THR A 136 -5.90 -0.66 3.75
C THR A 136 -6.03 0.40 2.64
N PRO A 137 -5.17 0.39 1.59
CA PRO A 137 -5.30 1.31 0.44
C PRO A 137 -6.51 0.96 -0.44
N VAL A 138 -7.21 2.02 -0.91
CA VAL A 138 -8.38 1.91 -1.81
C VAL A 138 -8.04 2.44 -3.21
N ASN A 139 -7.38 3.61 -3.28
CA ASN A 139 -7.09 4.29 -4.56
C ASN A 139 -5.63 4.03 -5.02
N SER A 140 -4.93 3.14 -4.30
CA SER A 140 -3.55 2.76 -4.65
C SER A 140 -3.57 1.61 -5.67
N LEU A 141 -2.37 1.22 -6.11
CA LEU A 141 -2.16 0.20 -7.15
C LEU A 141 -2.61 -1.21 -6.68
N GLU A 142 -2.82 -1.39 -5.36
CA GLU A 142 -3.32 -2.66 -4.78
C GLU A 142 -4.66 -3.10 -5.39
N LYS A 143 -5.46 -2.11 -5.84
CA LYS A 143 -6.75 -2.34 -6.50
C LYS A 143 -6.56 -3.09 -7.83
N HIS A 144 -5.36 -2.94 -8.44
CA HIS A 144 -4.96 -3.65 -9.66
C HIS A 144 -4.56 -5.08 -9.29
N SER A 145 -5.03 -6.09 -10.03
CA SER A 145 -4.85 -7.51 -9.66
C SER A 145 -3.37 -7.99 -9.74
N TRP A 146 -2.55 -7.23 -10.48
CA TRP A 146 -1.10 -7.51 -10.60
C TRP A 146 -0.31 -7.03 -9.38
N TYR A 147 -0.85 -6.01 -8.69
CA TYR A 147 -0.21 -5.40 -7.51
C TYR A 147 -1.00 -5.77 -6.25
N HIS A 148 -0.32 -6.35 -5.25
CA HIS A 148 -0.99 -6.90 -4.05
C HIS A 148 -0.64 -6.11 -2.78
N GLY A 149 -0.29 -4.83 -2.98
CA GLY A 149 -0.08 -3.89 -1.88
C GLY A 149 1.11 -4.24 -0.97
N PRO A 150 1.10 -3.75 0.31
CA PRO A 150 2.11 -4.12 1.32
C PRO A 150 1.91 -5.58 1.77
N VAL A 151 2.76 -6.49 1.24
CA VAL A 151 2.65 -7.94 1.53
C VAL A 151 4.05 -8.57 1.63
N SER A 152 4.18 -9.56 2.53
CA SER A 152 5.43 -10.26 2.81
C SER A 152 5.82 -11.25 1.69
N ARG A 153 7.08 -11.71 1.78
CA ARG A 153 7.72 -12.58 0.76
C ARG A 153 7.03 -13.95 0.69
N ASN A 154 6.69 -14.50 1.88
CA ASN A 154 6.06 -15.85 2.03
C ASN A 154 4.60 -15.84 1.50
N ALA A 155 3.86 -14.76 1.83
CA ALA A 155 2.44 -14.58 1.43
C ALA A 155 2.34 -14.40 -0.10
N ALA A 156 3.28 -13.58 -0.63
CA ALA A 156 3.45 -13.38 -2.07
C ALA A 156 3.76 -14.72 -2.76
N GLU A 157 4.76 -15.44 -2.26
CA GLU A 157 5.20 -16.73 -2.81
C GLU A 157 4.07 -17.79 -2.73
N TYR A 158 3.19 -17.64 -1.73
CA TYR A 158 1.97 -18.46 -1.57
C TYR A 158 1.01 -18.24 -2.76
N LEU A 159 0.70 -16.96 -3.03
CA LEU A 159 -0.20 -16.57 -4.15
C LEU A 159 0.41 -16.96 -5.50
N LEU A 160 1.75 -16.89 -5.57
CA LEU A 160 2.51 -17.18 -6.80
C LEU A 160 2.65 -18.70 -7.04
N SER A 161 2.54 -19.48 -5.95
CA SER A 161 2.67 -20.95 -5.98
C SER A 161 1.54 -21.61 -6.83
N SER A 162 0.42 -20.88 -6.98
CA SER A 162 -0.76 -21.31 -7.76
C SER A 162 -0.59 -21.01 -9.28
N GLY A 163 0.48 -20.27 -9.63
CA GLY A 163 0.70 -19.80 -11.01
C GLY A 163 1.47 -20.76 -11.90
N ILE A 164 1.58 -20.41 -13.19
CA ILE A 164 2.33 -21.21 -14.20
C ILE A 164 3.45 -20.34 -14.84
N ASN A 165 3.98 -20.81 -15.99
CA ASN A 165 5.03 -20.10 -16.76
C ASN A 165 4.66 -18.62 -17.01
N GLY A 166 5.50 -17.71 -16.46
CA GLY A 166 5.31 -16.28 -16.63
C GLY A 166 4.36 -15.66 -15.60
N SER A 167 4.05 -16.41 -14.52
CA SER A 167 3.17 -15.87 -13.45
C SER A 167 3.96 -14.85 -12.64
N PHE A 168 3.38 -13.67 -12.36
CA PHE A 168 4.11 -12.59 -11.64
C PHE A 168 3.28 -11.94 -10.54
N LEU A 169 3.99 -11.28 -9.63
CA LEU A 169 3.42 -10.44 -8.56
C LEU A 169 4.25 -9.17 -8.44
N VAL A 170 3.59 -8.03 -8.33
CA VAL A 170 4.24 -6.77 -7.95
C VAL A 170 3.65 -6.36 -6.59
N ARG A 171 4.50 -5.86 -5.69
CA ARG A 171 4.11 -5.58 -4.30
C ARG A 171 5.06 -4.55 -3.67
N GLU A 172 4.70 -4.03 -2.49
CA GLU A 172 5.62 -3.24 -1.64
C GLU A 172 5.87 -3.99 -0.33
N SER A 173 7.03 -3.72 0.26
CA SER A 173 7.47 -4.35 1.51
C SER A 173 6.97 -3.54 2.71
N GLU A 174 6.22 -4.20 3.61
CA GLU A 174 5.67 -3.61 4.85
C GLU A 174 6.78 -3.02 5.74
N SER A 175 7.92 -3.74 5.80
CA SER A 175 9.06 -3.41 6.68
C SER A 175 10.04 -2.43 6.01
N SER A 176 9.81 -2.12 4.72
CA SER A 176 10.70 -1.26 3.92
C SER A 176 9.84 -0.19 3.18
N PRO A 177 9.78 1.09 3.70
CA PRO A 177 8.92 2.17 3.16
C PRO A 177 9.25 2.50 1.69
N GLY A 178 8.30 2.21 0.79
CA GLY A 178 8.44 2.54 -0.63
C GLY A 178 9.21 1.50 -1.44
N GLN A 179 10.00 0.65 -0.77
CA GLN A 179 10.81 -0.39 -1.44
C GLN A 179 9.89 -1.53 -1.92
N ARG A 180 9.83 -1.70 -3.25
CA ARG A 180 8.89 -2.60 -3.92
C ARG A 180 9.63 -3.76 -4.57
N SER A 181 8.91 -4.84 -4.86
CA SER A 181 9.48 -6.10 -5.37
C SER A 181 8.53 -6.76 -6.38
N ILE A 182 9.11 -7.52 -7.33
CA ILE A 182 8.37 -8.40 -8.25
C ILE A 182 8.84 -9.85 -8.02
N SER A 183 7.90 -10.79 -8.18
CA SER A 183 8.14 -12.22 -8.01
C SER A 183 7.69 -12.93 -9.31
N LEU A 184 8.58 -13.76 -9.90
CA LEU A 184 8.26 -14.54 -11.12
C LEU A 184 8.25 -16.05 -10.85
N ARG A 185 7.38 -16.73 -11.60
CA ARG A 185 7.30 -18.19 -11.64
C ARG A 185 7.23 -18.67 -13.09
N TYR A 186 8.08 -19.67 -13.41
CA TYR A 186 8.09 -20.36 -14.70
C TYR A 186 8.58 -21.81 -14.46
N GLU A 187 7.98 -22.79 -15.14
CA GLU A 187 8.38 -24.23 -15.05
C GLU A 187 8.39 -24.78 -13.60
N GLY A 188 7.50 -24.23 -12.74
CA GLY A 188 7.38 -24.65 -11.34
C GLY A 188 8.43 -23.99 -10.43
N ARG A 189 9.23 -23.10 -11.03
CA ARG A 189 10.34 -22.41 -10.34
C ARG A 189 9.93 -20.98 -9.98
N VAL A 190 10.05 -20.66 -8.68
CA VAL A 190 9.74 -19.33 -8.14
C VAL A 190 11.06 -18.62 -7.75
N TYR A 191 11.16 -17.33 -8.12
CA TYR A 191 12.24 -16.43 -7.69
C TYR A 191 11.68 -15.00 -7.51
N HIS A 192 12.46 -14.17 -6.80
CA HIS A 192 12.04 -12.81 -6.39
C HIS A 192 13.20 -11.83 -6.70
N TYR A 193 12.86 -10.62 -7.16
CA TYR A 193 13.83 -9.56 -7.41
C TYR A 193 13.22 -8.20 -7.02
N ARG A 194 14.09 -7.25 -6.67
CA ARG A 194 13.68 -5.98 -6.06
C ARG A 194 13.57 -4.86 -7.12
N ILE A 195 12.51 -4.04 -6.99
CA ILE A 195 12.37 -2.76 -7.68
C ILE A 195 13.10 -1.69 -6.85
N ASN A 196 14.18 -1.14 -7.43
CA ASN A 196 14.94 -0.03 -6.82
C ASN A 196 14.34 1.31 -7.27
N THR A 197 14.17 2.22 -6.30
CA THR A 197 13.64 3.56 -6.51
C THR A 197 14.79 4.58 -6.47
N ALA A 198 14.96 5.31 -7.58
CA ALA A 198 15.94 6.40 -7.70
C ALA A 198 15.51 7.65 -6.91
N SER A 199 16.47 8.58 -6.70
CA SER A 199 16.21 9.89 -6.10
C SER A 199 15.38 10.79 -7.05
N ASP A 200 15.34 10.40 -8.35
CA ASP A 200 14.50 11.03 -9.39
C ASP A 200 12.99 10.82 -9.11
N GLY A 201 12.69 9.81 -8.26
CA GLY A 201 11.32 9.32 -8.06
C GLY A 201 11.00 8.15 -8.98
N LYS A 202 11.93 7.86 -9.91
CA LYS A 202 11.77 6.80 -10.91
C LYS A 202 11.97 5.41 -10.29
N LEU A 203 11.20 4.45 -10.77
CA LEU A 203 11.33 3.04 -10.42
C LEU A 203 12.18 2.35 -11.50
N TYR A 204 12.87 1.27 -11.11
CA TYR A 204 13.65 0.44 -12.05
C TYR A 204 14.05 -0.89 -11.40
N VAL A 205 14.61 -1.78 -12.23
CA VAL A 205 15.18 -3.08 -11.80
C VAL A 205 16.58 -3.24 -12.42
N SER A 206 16.71 -2.86 -13.69
CA SER A 206 18.01 -2.83 -14.40
C SER A 206 18.63 -1.42 -14.25
N SER A 207 19.97 -1.34 -14.33
CA SER A 207 20.70 -0.06 -14.29
C SER A 207 20.39 0.80 -15.55
N GLU A 208 20.10 0.11 -16.67
CA GLU A 208 19.77 0.76 -17.96
C GLU A 208 18.25 0.97 -18.14
N SER A 209 17.44 0.62 -17.11
CA SER A 209 15.98 0.84 -17.13
C SER A 209 15.65 2.01 -16.20
N ARG A 210 14.72 2.90 -16.63
CA ARG A 210 14.20 4.03 -15.82
C ARG A 210 12.72 4.21 -16.16
N PHE A 211 11.84 4.22 -15.14
CA PHE A 211 10.36 4.37 -15.33
C PHE A 211 9.82 5.39 -14.34
N ASN A 212 8.98 6.31 -14.82
CA ASN A 212 8.27 7.27 -13.95
C ASN A 212 7.12 6.57 -13.21
N THR A 213 6.47 5.59 -13.87
CA THR A 213 5.32 4.86 -13.31
C THR A 213 5.57 3.35 -13.30
N LEU A 214 5.00 2.71 -12.26
CA LEU A 214 5.06 1.27 -12.04
C LEU A 214 4.35 0.50 -13.18
N ALA A 215 3.33 1.15 -13.78
CA ALA A 215 2.57 0.56 -14.91
C ALA A 215 3.46 0.36 -16.16
N GLU A 216 4.31 1.37 -16.44
CA GLU A 216 5.29 1.30 -17.56
C GLU A 216 6.41 0.32 -17.22
N LEU A 217 6.78 0.28 -15.92
CA LEU A 217 7.72 -0.74 -15.40
C LEU A 217 7.17 -2.15 -15.70
N VAL A 218 5.88 -2.37 -15.41
CA VAL A 218 5.20 -3.67 -15.58
C VAL A 218 5.14 -4.05 -17.07
N HIS A 219 4.76 -3.10 -17.95
CA HIS A 219 4.65 -3.33 -19.41
C HIS A 219 6.02 -3.71 -19.99
N HIS A 220 7.05 -2.96 -19.58
CA HIS A 220 8.45 -3.23 -19.93
C HIS A 220 8.77 -4.69 -19.59
N HIS A 221 8.67 -5.02 -18.30
CA HIS A 221 8.93 -6.39 -17.79
C HIS A 221 7.99 -7.43 -18.44
N SER A 222 6.83 -6.99 -18.93
CA SER A 222 5.84 -7.86 -19.58
C SER A 222 6.28 -8.26 -20.99
N THR A 223 7.07 -7.41 -21.66
CA THR A 223 7.52 -7.71 -23.05
C THR A 223 9.04 -7.86 -23.24
N VAL A 224 9.89 -7.52 -22.24
CA VAL A 224 11.34 -7.39 -22.49
C VAL A 224 12.17 -8.68 -22.23
N ALA A 225 13.22 -8.75 -23.04
CA ALA A 225 14.32 -9.72 -23.03
C ALA A 225 15.45 -9.28 -22.08
N ASP A 226 15.28 -8.12 -21.41
CA ASP A 226 16.28 -7.07 -21.05
C ASP A 226 17.14 -7.47 -19.81
N GLY A 227 17.12 -8.75 -19.43
CA GLY A 227 17.68 -9.27 -18.18
C GLY A 227 16.63 -9.90 -17.30
N LEU A 228 15.49 -10.23 -17.93
CA LEU A 228 14.50 -11.17 -17.40
C LEU A 228 14.76 -12.59 -17.90
N ILE A 229 14.47 -13.56 -17.02
CA ILE A 229 14.44 -14.99 -17.37
C ILE A 229 13.16 -15.27 -18.18
N THR A 230 12.05 -14.70 -17.70
CA THR A 230 10.74 -14.81 -18.35
C THR A 230 10.02 -13.45 -18.28
N THR A 231 9.27 -13.12 -19.35
CA THR A 231 8.44 -11.91 -19.41
C THR A 231 7.17 -12.10 -18.55
N LEU A 232 6.57 -10.99 -18.08
CA LEU A 232 5.32 -11.05 -17.27
C LEU A 232 4.18 -11.54 -18.18
N HIS A 233 3.83 -12.83 -18.04
CA HIS A 233 2.79 -13.48 -18.86
C HIS A 233 1.41 -13.20 -18.29
N TYR A 234 1.25 -13.37 -16.96
CA TYR A 234 -0.03 -13.00 -16.28
C TYR A 234 0.20 -12.90 -14.75
N PRO A 235 -0.58 -12.06 -14.00
CA PRO A 235 -0.46 -11.99 -12.54
C PRO A 235 -0.95 -13.29 -11.86
N ALA A 236 -0.28 -13.67 -10.76
CA ALA A 236 -0.65 -14.83 -9.96
C ALA A 236 -2.06 -14.65 -9.39
N PRO A 237 -2.92 -15.73 -9.42
CA PRO A 237 -4.34 -15.64 -9.07
C PRO A 237 -4.55 -15.05 -7.66
N LYS A 238 -5.20 -13.88 -7.61
CA LYS A 238 -5.60 -13.23 -6.37
C LYS A 238 -6.89 -13.89 -5.88
N ARG A 239 -7.05 -14.01 -4.56
CA ARG A 239 -8.24 -14.65 -3.95
C ARG A 239 -9.53 -13.91 -4.40
N ASN A 240 -9.43 -12.57 -4.46
CA ASN A 240 -10.39 -11.73 -5.18
C ASN A 240 -9.99 -11.80 -6.68
N LYS A 241 -10.46 -12.84 -7.37
CA LYS A 241 -10.05 -13.14 -8.75
C LYS A 241 -10.86 -12.30 -9.76
N PRO A 242 -10.24 -11.82 -10.87
CA PRO A 242 -10.96 -11.28 -12.04
C PRO A 242 -11.22 -12.39 -13.08
N THR A 243 -11.77 -12.01 -14.25
CA THR A 243 -11.85 -12.88 -15.41
C THR A 243 -10.54 -12.73 -16.22
N VAL A 244 -9.64 -13.72 -16.10
CA VAL A 244 -8.31 -13.67 -16.73
C VAL A 244 -8.45 -13.78 -18.27
N TYR A 245 -8.26 -12.64 -18.95
CA TYR A 245 -8.22 -12.55 -20.41
C TYR A 245 -6.76 -12.39 -20.85
N GLY A 246 -6.13 -13.53 -21.18
CA GLY A 246 -4.74 -13.57 -21.61
C GLY A 246 -4.61 -14.09 -23.04
N VAL A 247 -5.65 -13.82 -23.83
CA VAL A 247 -5.76 -14.26 -25.23
C VAL A 247 -4.82 -13.43 -26.12
N SER A 248 -3.61 -13.97 -26.31
CA SER A 248 -2.54 -13.37 -27.12
C SER A 248 -1.43 -14.42 -27.35
N PRO A 249 -1.59 -15.33 -28.36
CA PRO A 249 -0.60 -16.38 -28.66
C PRO A 249 0.61 -15.80 -29.41
N ASN A 250 0.38 -15.44 -30.70
CA ASN A 250 1.37 -14.87 -31.60
C ASN A 250 0.69 -14.54 -32.94
N TYR A 251 1.39 -13.78 -33.78
CA TYR A 251 1.05 -13.60 -35.20
C TYR A 251 1.75 -14.72 -36.02
N ASP A 252 1.30 -14.94 -37.26
CA ASP A 252 1.90 -15.98 -38.16
C ASP A 252 3.40 -15.75 -38.35
N LYS A 253 3.78 -14.47 -38.54
CA LYS A 253 5.17 -14.06 -38.77
C LYS A 253 5.89 -13.66 -37.47
N TRP A 254 5.19 -13.76 -36.32
CA TRP A 254 5.83 -13.55 -35.00
C TRP A 254 6.71 -14.76 -34.70
N GLU A 255 6.10 -15.96 -34.75
CA GLU A 255 6.79 -17.24 -34.56
C GLU A 255 7.28 -17.76 -35.94
N MET A 1 12.28 6.20 31.27
CA MET A 1 12.97 5.73 30.05
C MET A 1 12.16 4.58 29.43
N GLY A 2 11.64 4.81 28.20
CA GLY A 2 10.75 3.87 27.53
C GLY A 2 11.47 2.66 26.95
N GLN A 3 11.63 1.61 27.78
CA GLN A 3 12.19 0.32 27.35
C GLN A 3 11.04 -0.69 27.17
N GLN A 4 10.73 -1.03 25.90
CA GLN A 4 9.65 -1.97 25.56
C GLN A 4 10.19 -3.01 24.56
N PRO A 5 10.49 -4.28 25.02
CA PRO A 5 10.91 -5.39 24.13
C PRO A 5 9.71 -6.04 23.40
N GLY A 6 8.50 -5.46 23.59
CA GLY A 6 7.26 -6.00 23.07
C GLY A 6 7.20 -6.11 21.55
N LYS A 7 6.40 -7.08 21.08
CA LYS A 7 6.28 -7.42 19.66
C LYS A 7 4.79 -7.59 19.31
N VAL A 8 4.41 -7.17 18.09
CA VAL A 8 3.02 -7.32 17.59
C VAL A 8 2.89 -8.66 16.84
N LEU A 9 1.84 -9.43 17.19
CA LEU A 9 1.59 -10.75 16.60
C LEU A 9 0.62 -10.66 15.41
N GLY A 10 -0.37 -9.76 15.53
CA GLY A 10 -1.54 -9.78 14.66
C GLY A 10 -2.64 -10.58 15.33
N ASP A 11 -3.23 -9.98 16.36
CA ASP A 11 -4.08 -10.67 17.33
C ASP A 11 -5.43 -11.09 16.75
N GLN A 12 -6.29 -10.08 16.46
CA GLN A 12 -7.71 -10.27 16.02
C GLN A 12 -8.31 -8.90 15.70
N ARG A 13 -9.65 -8.75 15.82
CA ARG A 13 -10.28 -7.42 15.77
C ARG A 13 -9.72 -6.53 16.91
N ARG A 14 -9.36 -5.29 16.56
CA ARG A 14 -8.56 -4.38 17.42
C ARG A 14 -7.27 -5.12 17.91
N PRO A 15 -6.26 -5.31 17.00
CA PRO A 15 -4.96 -5.89 17.39
C PRO A 15 -4.18 -4.90 18.28
N SER A 16 -3.10 -5.39 18.89
CA SER A 16 -2.29 -4.57 19.81
C SER A 16 -1.64 -3.39 19.07
N LEU A 17 -1.15 -2.43 19.85
CA LEU A 17 -0.51 -1.23 19.31
C LEU A 17 1.01 -1.38 19.52
N PRO A 18 1.84 -1.09 18.47
CA PRO A 18 3.32 -1.11 18.59
C PRO A 18 3.82 0.01 19.54
N ALA A 19 5.11 -0.05 19.89
CA ALA A 19 5.79 1.03 20.61
C ALA A 19 6.27 2.09 19.59
N LEU A 20 6.27 3.36 19.97
CA LEU A 20 6.67 4.47 19.07
C LEU A 20 8.19 4.68 19.15
N HIS A 21 8.95 4.04 18.24
CA HIS A 21 10.42 4.15 18.19
C HIS A 21 10.84 5.17 17.14
N PHE A 22 10.34 5.00 15.90
CA PHE A 22 10.73 5.83 14.75
C PHE A 22 9.58 6.79 14.38
N ILE A 23 9.79 8.09 14.67
CA ILE A 23 8.78 9.14 14.48
C ILE A 23 9.32 10.26 13.56
N LYS A 24 8.62 10.49 12.44
CA LYS A 24 8.84 11.64 11.56
C LYS A 24 8.15 12.90 12.14
N GLY A 25 8.91 14.01 12.19
CA GLY A 25 8.40 15.33 12.57
C GLY A 25 8.86 16.42 11.61
N ALA A 26 9.87 16.10 10.78
CA ALA A 26 10.46 17.02 9.80
C ALA A 26 10.86 16.25 8.54
N GLY A 27 10.83 16.92 7.38
CA GLY A 27 11.11 16.27 6.09
C GLY A 27 10.08 15.18 5.80
N LYS A 28 8.81 15.54 5.97
CA LYS A 28 7.66 14.61 5.91
C LYS A 28 7.52 13.92 4.53
N ARG A 29 8.08 14.57 3.48
CA ARG A 29 8.22 14.00 2.12
C ARG A 29 6.83 13.56 1.57
N GLU A 30 5.82 14.39 1.87
CA GLU A 30 4.40 14.06 1.65
C GLU A 30 4.00 14.04 0.17
N SER A 31 2.84 13.44 -0.09
CA SER A 31 2.19 13.45 -1.38
C SER A 31 1.52 14.81 -1.58
N SER A 32 2.14 15.66 -2.43
CA SER A 32 1.65 17.01 -2.78
C SER A 32 0.20 16.94 -3.27
N ARG A 33 -0.75 17.24 -2.37
CA ARG A 33 -2.18 17.20 -2.69
C ARG A 33 -2.52 18.33 -3.68
N HIS A 34 -2.74 17.92 -4.93
CA HIS A 34 -2.95 18.85 -6.06
C HIS A 34 -4.13 18.35 -6.90
N GLY A 35 -5.21 19.14 -6.95
CA GLY A 35 -6.39 18.80 -7.75
C GLY A 35 -7.69 19.06 -6.99
N GLY A 36 -8.72 18.25 -7.27
CA GLY A 36 -10.02 18.41 -6.64
C GLY A 36 -10.55 17.10 -6.06
N PRO A 37 -11.40 17.16 -4.98
CA PRO A 37 -12.05 15.95 -4.39
C PRO A 37 -13.23 15.41 -5.23
N HIS A 38 -13.55 16.12 -6.34
CA HIS A 38 -14.60 15.76 -7.32
C HIS A 38 -16.02 15.83 -6.69
N CYS A 39 -16.75 16.91 -7.01
CA CYS A 39 -18.16 17.07 -6.62
C CYS A 39 -18.93 17.71 -7.78
N ASN A 40 -20.24 17.99 -7.58
CA ASN A 40 -21.07 18.73 -8.55
C ASN A 40 -20.54 20.17 -8.73
N VAL A 41 -20.61 20.67 -9.97
CA VAL A 41 -20.20 22.04 -10.30
C VAL A 41 -21.33 23.02 -9.91
N PHE A 42 -21.04 24.34 -9.88
CA PHE A 42 -22.00 25.40 -9.52
C PHE A 42 -23.29 25.31 -10.38
N VAL A 43 -24.46 25.53 -9.75
CA VAL A 43 -25.74 25.58 -10.48
C VAL A 43 -25.86 26.93 -11.22
N GLU A 44 -25.78 26.87 -12.56
CA GLU A 44 -25.83 28.05 -13.43
C GLU A 44 -27.26 28.26 -13.96
N HIS A 45 -27.65 29.53 -14.13
CA HIS A 45 -28.93 29.89 -14.75
C HIS A 45 -28.85 29.62 -16.27
N GLU A 46 -29.19 28.39 -16.65
CA GLU A 46 -29.21 27.96 -18.06
C GLU A 46 -30.64 28.02 -18.61
N ALA A 47 -30.76 28.09 -19.93
CA ALA A 47 -32.05 28.13 -20.63
C ALA A 47 -32.48 26.71 -21.06
N LEU A 48 -33.74 26.60 -21.54
CA LEU A 48 -34.34 25.31 -21.93
C LEU A 48 -33.69 24.77 -23.21
N GLN A 49 -32.66 23.93 -23.04
CA GLN A 49 -32.01 23.23 -24.15
C GLN A 49 -32.90 22.04 -24.59
N ARG A 50 -33.11 21.92 -25.91
CA ARG A 50 -33.99 20.90 -26.53
C ARG A 50 -35.42 20.88 -25.91
N PRO A 51 -36.17 22.04 -25.96
CA PRO A 51 -37.49 22.18 -25.29
C PRO A 51 -38.64 21.49 -26.07
N VAL A 52 -38.35 21.07 -27.32
CA VAL A 52 -39.33 20.38 -28.19
C VAL A 52 -39.64 18.97 -27.66
N ALA A 53 -38.68 18.38 -26.92
CA ALA A 53 -38.85 17.09 -26.23
C ALA A 53 -38.67 17.30 -24.72
N SER A 54 -39.76 17.74 -24.08
CA SER A 54 -39.79 18.03 -22.64
C SER A 54 -40.07 16.75 -21.85
N ASP A 55 -39.08 16.30 -21.06
CA ASP A 55 -39.16 15.11 -20.17
C ASP A 55 -39.37 13.79 -20.95
N PHE A 56 -39.22 13.84 -22.29
CA PHE A 56 -39.34 12.66 -23.16
C PHE A 56 -37.99 11.95 -23.26
N GLU A 57 -38.04 10.63 -23.46
CA GLU A 57 -36.86 9.74 -23.39
C GLU A 57 -36.24 9.81 -21.98
N PRO A 58 -36.95 9.22 -20.95
CA PRO A 58 -36.48 9.25 -19.54
C PRO A 58 -35.07 8.64 -19.37
N GLN A 59 -34.29 9.22 -18.47
CA GLN A 59 -32.95 8.73 -18.12
C GLN A 59 -33.04 7.71 -16.95
N GLY A 60 -34.27 7.51 -16.44
CA GLY A 60 -34.55 6.51 -15.42
C GLY A 60 -35.98 5.98 -15.52
N LEU A 61 -36.12 4.67 -15.67
CA LEU A 61 -37.41 3.95 -15.60
C LEU A 61 -37.24 2.78 -14.62
N SER A 62 -37.91 2.89 -13.46
CA SER A 62 -37.80 1.89 -12.36
C SER A 62 -36.34 1.83 -11.85
N GLU A 63 -35.70 3.00 -11.77
CA GLU A 63 -34.31 3.17 -11.32
C GLU A 63 -34.14 2.98 -9.79
N ALA A 64 -35.28 2.66 -9.11
CA ALA A 64 -35.32 2.29 -7.69
C ALA A 64 -34.22 1.27 -7.34
N ALA A 65 -33.29 1.69 -6.45
CA ALA A 65 -32.08 0.94 -6.10
C ALA A 65 -32.41 -0.39 -5.41
N ARG A 66 -32.58 -1.44 -6.22
CA ARG A 66 -32.81 -2.81 -5.74
C ARG A 66 -31.56 -3.64 -6.09
N TRP A 67 -30.85 -4.17 -5.07
CA TRP A 67 -29.62 -5.01 -5.20
C TRP A 67 -28.57 -4.43 -6.18
N ASN A 68 -28.66 -3.11 -6.45
CA ASN A 68 -27.83 -2.41 -7.45
C ASN A 68 -26.37 -2.33 -6.95
N SER A 69 -25.47 -3.02 -7.67
CA SER A 69 -24.04 -3.14 -7.31
C SER A 69 -23.37 -1.75 -7.17
N LYS A 70 -22.61 -1.58 -6.07
CA LYS A 70 -22.00 -0.29 -5.70
C LYS A 70 -20.90 0.12 -6.68
N GLU A 71 -21.27 0.98 -7.64
CA GLU A 71 -20.34 1.63 -8.55
C GLU A 71 -19.91 2.97 -7.95
N ASN A 72 -18.64 3.35 -8.15
CA ASN A 72 -18.03 4.54 -7.49
C ASN A 72 -18.31 5.84 -8.27
N LEU A 73 -19.61 6.06 -8.63
CA LEU A 73 -20.10 7.30 -9.29
C LEU A 73 -19.48 7.54 -10.69
N LEU A 74 -18.72 6.54 -11.20
CA LEU A 74 -17.92 6.64 -12.44
C LEU A 74 -16.87 7.79 -12.35
N ALA A 75 -16.32 8.00 -11.13
CA ALA A 75 -15.31 9.04 -10.87
C ALA A 75 -13.90 8.57 -11.27
N GLY A 76 -13.00 9.54 -11.50
CA GLY A 76 -11.60 9.26 -11.88
C GLY A 76 -10.61 10.16 -11.12
N PRO A 77 -9.32 10.23 -11.58
CA PRO A 77 -8.27 11.03 -10.91
C PRO A 77 -8.44 12.55 -11.14
N SER A 78 -9.34 13.16 -10.35
CA SER A 78 -9.55 14.63 -10.32
C SER A 78 -8.41 15.32 -9.55
N GLU A 79 -7.72 14.52 -8.71
CA GLU A 79 -6.64 14.98 -7.84
C GLU A 79 -5.33 14.25 -8.27
N ASN A 80 -4.28 14.32 -7.44
CA ASN A 80 -2.95 13.72 -7.70
C ASN A 80 -2.98 12.16 -7.61
N ASP A 81 -1.80 11.54 -7.33
CA ASP A 81 -1.66 10.06 -7.23
C ASP A 81 -2.75 9.42 -6.34
N PRO A 82 -3.34 8.25 -6.76
CA PRO A 82 -4.54 7.67 -6.14
C PRO A 82 -4.25 6.86 -4.86
N ASN A 83 -3.11 7.13 -4.19
CA ASN A 83 -2.76 6.52 -2.90
C ASN A 83 -3.77 6.95 -1.82
N LEU A 84 -4.89 6.23 -1.79
CA LEU A 84 -6.02 6.49 -0.90
C LEU A 84 -6.32 5.20 -0.13
N PHE A 85 -6.20 5.32 1.19
CA PHE A 85 -6.47 4.26 2.16
C PHE A 85 -7.80 4.55 2.87
N VAL A 86 -8.22 3.64 3.73
CA VAL A 86 -9.39 3.83 4.61
C VAL A 86 -9.08 3.20 5.97
N ALA A 87 -9.59 3.84 7.04
CA ALA A 87 -9.49 3.33 8.40
C ALA A 87 -10.54 2.20 8.60
N LEU A 88 -10.05 0.99 8.91
CA LEU A 88 -10.90 -0.18 9.22
C LEU A 88 -11.36 -0.14 10.68
N TYR A 89 -10.63 0.60 11.51
CA TYR A 89 -10.93 0.73 12.95
C TYR A 89 -10.84 2.20 13.37
N ASP A 90 -11.31 2.47 14.60
CA ASP A 90 -11.12 3.76 15.26
C ASP A 90 -9.76 3.79 15.95
N PHE A 91 -9.13 4.96 15.99
CA PHE A 91 -7.86 5.18 16.66
C PHE A 91 -7.79 6.66 17.09
N VAL A 92 -7.99 6.91 18.38
CA VAL A 92 -7.79 8.26 18.95
C VAL A 92 -6.29 8.46 19.19
N ALA A 93 -5.75 9.62 18.77
CA ALA A 93 -4.32 9.92 18.89
C ALA A 93 -3.95 10.16 20.36
N SER A 94 -3.12 9.27 20.91
CA SER A 94 -2.63 9.39 22.30
C SER A 94 -1.51 10.45 22.39
N GLY A 95 -0.86 10.70 21.24
CA GLY A 95 0.14 11.76 21.11
C GLY A 95 -0.14 12.68 19.94
N ASP A 96 0.57 13.81 19.89
CA ASP A 96 0.46 14.79 18.78
C ASP A 96 1.11 14.24 17.49
N ASN A 97 2.12 13.38 17.70
CA ASN A 97 2.89 12.72 16.63
C ASN A 97 2.08 11.64 15.90
N THR A 98 1.02 11.16 16.55
CA THR A 98 0.09 10.18 15.96
C THR A 98 -1.16 10.90 15.42
N LEU A 99 -1.82 10.28 14.43
CA LEU A 99 -3.00 10.87 13.76
C LEU A 99 -4.26 10.13 14.22
N SER A 100 -5.27 10.88 14.69
CA SER A 100 -6.54 10.30 15.11
C SER A 100 -7.44 10.06 13.90
N ILE A 101 -7.78 8.78 13.68
CA ILE A 101 -8.65 8.33 12.59
C ILE A 101 -9.90 7.64 13.14
N THR A 102 -10.91 7.45 12.28
CA THR A 102 -12.17 6.76 12.63
C THR A 102 -12.59 5.84 11.47
N LYS A 103 -13.19 4.68 11.80
CA LYS A 103 -13.64 3.67 10.82
C LYS A 103 -14.56 4.30 9.74
N GLY A 104 -14.12 4.23 8.46
CA GLY A 104 -14.86 4.80 7.33
C GLY A 104 -14.17 6.02 6.72
N GLU A 105 -13.19 6.58 7.45
CA GLU A 105 -12.46 7.78 7.03
C GLU A 105 -11.38 7.42 5.99
N LYS A 106 -11.44 8.07 4.83
CA LYS A 106 -10.45 7.90 3.76
C LYS A 106 -9.15 8.62 4.14
N LEU A 107 -8.08 7.84 4.28
CA LEU A 107 -6.75 8.34 4.68
C LEU A 107 -5.86 8.47 3.44
N ARG A 108 -4.74 9.21 3.51
CA ARG A 108 -3.68 9.09 2.49
C ARG A 108 -2.36 8.81 3.20
N VAL A 109 -1.84 7.58 3.04
CA VAL A 109 -0.60 7.14 3.69
C VAL A 109 0.58 7.45 2.77
N LEU A 110 1.54 8.19 3.33
CA LEU A 110 2.70 8.71 2.61
C LEU A 110 3.78 7.61 2.54
N GLY A 111 3.87 6.86 3.63
CA GLY A 111 4.75 5.71 3.76
C GLY A 111 4.58 5.06 5.13
N TYR A 112 5.27 3.94 5.36
CA TYR A 112 5.24 3.25 6.67
C TYR A 112 6.54 3.53 7.43
N ASN A 113 6.60 3.04 8.67
CA ASN A 113 7.84 3.01 9.47
C ASN A 113 8.80 2.00 8.83
N HIS A 114 10.11 2.25 8.95
CA HIS A 114 11.17 1.45 8.29
C HIS A 114 11.25 0.02 8.84
N ASN A 115 10.66 -0.21 10.04
CA ASN A 115 10.60 -1.54 10.68
C ASN A 115 9.25 -2.24 10.36
N GLY A 116 8.34 -1.53 9.67
CA GLY A 116 6.96 -2.01 9.48
C GLY A 116 6.16 -1.96 10.77
N GLU A 117 6.47 -0.94 11.56
CA GLU A 117 5.99 -0.76 12.94
C GLU A 117 4.66 0.02 12.92
N TRP A 118 4.69 1.22 12.35
CA TRP A 118 3.52 2.12 12.19
C TRP A 118 3.37 2.54 10.72
N ALA A 119 2.37 3.41 10.44
CA ALA A 119 2.07 3.92 9.10
C ALA A 119 1.90 5.45 9.16
N GLU A 120 2.77 6.19 8.47
CA GLU A 120 2.73 7.66 8.46
C GLU A 120 1.66 8.13 7.44
N ALA A 121 0.54 8.64 7.96
CA ALA A 121 -0.66 8.99 7.16
C ALA A 121 -1.02 10.47 7.31
N GLN A 122 -1.88 10.95 6.40
CA GLN A 122 -2.28 12.36 6.29
C GLN A 122 -3.78 12.47 5.90
N THR A 123 -4.53 13.30 6.65
CA THR A 123 -5.97 13.59 6.41
C THR A 123 -6.30 15.08 6.65
N LYS A 124 -7.59 15.42 6.51
CA LYS A 124 -8.15 16.75 6.88
C LYS A 124 -7.95 17.06 8.38
N ASN A 125 -7.76 15.99 9.18
CA ASN A 125 -7.50 16.08 10.63
C ASN A 125 -6.07 16.61 10.89
N GLY A 126 -5.17 16.36 9.93
CA GLY A 126 -3.76 16.72 10.06
C GLY A 126 -2.87 15.64 9.50
N GLN A 127 -1.81 15.28 10.23
CA GLN A 127 -0.83 14.28 9.79
C GLN A 127 -0.17 13.60 11.01
N GLY A 128 0.20 12.31 10.87
CA GLY A 128 0.85 11.57 11.95
C GLY A 128 0.78 10.06 11.77
N TRP A 129 1.31 9.33 12.75
CA TRP A 129 1.43 7.86 12.70
C TRP A 129 0.13 7.17 13.16
N VAL A 130 -0.28 6.16 12.39
CA VAL A 130 -1.45 5.30 12.68
C VAL A 130 -1.01 3.82 12.57
N PRO A 131 -1.71 2.86 13.26
CA PRO A 131 -1.36 1.44 13.16
C PRO A 131 -1.67 0.87 11.76
N SER A 132 -0.69 0.20 11.15
CA SER A 132 -0.81 -0.39 9.79
C SER A 132 -1.95 -1.43 9.69
N ASN A 133 -2.35 -1.98 10.85
CA ASN A 133 -3.43 -2.99 10.96
C ASN A 133 -4.83 -2.32 11.02
N TYR A 134 -4.86 -1.03 11.38
CA TYR A 134 -6.12 -0.25 11.50
C TYR A 134 -6.52 0.42 10.16
N ILE A 135 -5.76 0.15 9.08
CA ILE A 135 -5.95 0.80 7.76
C ILE A 135 -5.92 -0.25 6.62
N THR A 136 -6.35 0.16 5.39
CA THR A 136 -6.15 -0.65 4.16
C THR A 136 -6.28 0.23 2.88
N PRO A 137 -5.43 -0.01 1.81
CA PRO A 137 -5.54 0.72 0.52
C PRO A 137 -6.81 0.32 -0.29
N VAL A 138 -7.54 1.31 -0.80
CA VAL A 138 -8.76 1.09 -1.61
C VAL A 138 -8.57 1.55 -3.07
N ASN A 139 -8.06 2.78 -3.25
CA ASN A 139 -7.90 3.39 -4.59
C ASN A 139 -6.44 3.30 -5.07
N SER A 140 -5.53 2.92 -4.14
CA SER A 140 -4.08 2.77 -4.43
C SER A 140 -3.83 1.61 -5.42
N LEU A 141 -2.55 1.40 -5.81
CA LEU A 141 -2.15 0.46 -6.89
C LEU A 141 -2.64 -0.99 -6.70
N GLU A 142 -2.96 -1.36 -5.43
CA GLU A 142 -3.43 -2.72 -5.06
C GLU A 142 -4.83 -3.04 -5.66
N LYS A 143 -5.51 -2.00 -6.16
CA LYS A 143 -6.79 -2.11 -6.87
C LYS A 143 -6.63 -2.92 -8.18
N HIS A 144 -5.38 -2.98 -8.70
CA HIS A 144 -5.01 -3.85 -9.83
C HIS A 144 -4.66 -5.27 -9.32
N SER A 145 -4.99 -6.28 -10.14
CA SER A 145 -4.80 -7.72 -9.79
C SER A 145 -3.31 -8.10 -9.69
N TRP A 146 -2.42 -7.30 -10.31
CA TRP A 146 -0.98 -7.56 -10.30
C TRP A 146 -0.31 -7.03 -9.02
N TYR A 147 -0.78 -5.88 -8.48
CA TYR A 147 -0.20 -5.30 -7.24
C TYR A 147 -1.00 -5.80 -6.03
N HIS A 148 -0.29 -6.15 -4.95
CA HIS A 148 -0.92 -6.75 -3.76
C HIS A 148 -0.42 -6.11 -2.44
N GLY A 149 0.02 -4.83 -2.50
CA GLY A 149 0.31 -4.05 -1.28
C GLY A 149 1.53 -4.53 -0.46
N PRO A 150 1.66 -4.07 0.83
CA PRO A 150 2.74 -4.52 1.76
C PRO A 150 2.48 -5.91 2.36
N VAL A 151 3.17 -6.94 1.82
CA VAL A 151 2.98 -8.37 2.23
C VAL A 151 4.34 -9.09 2.36
N SER A 152 4.36 -10.17 3.14
CA SER A 152 5.52 -11.05 3.34
C SER A 152 5.77 -11.98 2.11
N ARG A 153 7.06 -12.39 1.94
CA ARG A 153 7.50 -13.27 0.83
C ARG A 153 6.81 -14.65 0.92
N ASN A 154 6.53 -15.10 2.15
CA ASN A 154 5.84 -16.38 2.42
C ASN A 154 4.50 -16.44 1.67
N ALA A 155 3.67 -15.40 1.87
CA ALA A 155 2.36 -15.28 1.22
C ALA A 155 2.53 -15.00 -0.29
N ALA A 156 3.57 -14.23 -0.64
CA ALA A 156 3.91 -13.93 -2.06
C ALA A 156 4.17 -15.21 -2.86
N GLU A 157 5.03 -16.07 -2.31
CA GLU A 157 5.49 -17.29 -2.96
C GLU A 157 4.41 -18.39 -2.84
N TYR A 158 3.55 -18.28 -1.81
CA TYR A 158 2.33 -19.11 -1.68
C TYR A 158 1.40 -18.90 -2.90
N LEU A 159 1.07 -17.63 -3.17
CA LEU A 159 0.19 -17.25 -4.31
C LEU A 159 0.88 -17.58 -5.65
N LEU A 160 2.20 -17.34 -5.71
CA LEU A 160 3.00 -17.54 -6.93
C LEU A 160 3.23 -19.04 -7.23
N SER A 161 3.17 -19.89 -6.18
CA SER A 161 3.37 -21.35 -6.31
C SER A 161 2.25 -22.00 -7.16
N SER A 162 1.07 -21.36 -7.23
CA SER A 162 -0.06 -21.81 -8.05
C SER A 162 -0.02 -21.17 -9.46
N GLY A 163 1.00 -20.32 -9.69
CA GLY A 163 1.22 -19.67 -10.98
C GLY A 163 2.00 -20.55 -11.96
N ILE A 164 1.94 -20.18 -13.25
CA ILE A 164 2.54 -20.95 -14.37
C ILE A 164 3.59 -20.10 -15.12
N ASN A 165 4.01 -20.57 -16.32
CA ASN A 165 5.12 -19.96 -17.09
C ASN A 165 4.87 -18.47 -17.45
N GLY A 166 5.60 -17.57 -16.78
CA GLY A 166 5.45 -16.12 -16.99
C GLY A 166 4.57 -15.46 -15.93
N SER A 167 4.30 -16.20 -14.85
CA SER A 167 3.43 -15.73 -13.76
C SER A 167 4.18 -14.69 -12.92
N PHE A 168 3.53 -13.56 -12.57
CA PHE A 168 4.18 -12.53 -11.72
C PHE A 168 3.25 -12.00 -10.62
N LEU A 169 3.87 -11.54 -9.53
CA LEU A 169 3.21 -10.79 -8.46
C LEU A 169 4.07 -9.59 -8.11
N VAL A 170 3.45 -8.41 -8.00
CA VAL A 170 4.13 -7.19 -7.56
C VAL A 170 3.56 -6.81 -6.19
N ARG A 171 4.42 -6.74 -5.17
CA ARG A 171 4.02 -6.33 -3.81
C ARG A 171 5.25 -5.87 -3.04
N GLU A 172 5.05 -4.91 -2.11
CA GLU A 172 6.16 -4.32 -1.34
C GLU A 172 6.38 -5.06 -0.04
N SER A 173 7.61 -4.92 0.49
CA SER A 173 7.99 -5.46 1.79
C SER A 173 7.39 -4.56 2.89
N GLU A 174 6.47 -5.13 3.69
CA GLU A 174 5.79 -4.43 4.80
C GLU A 174 6.79 -3.87 5.84
N SER A 175 7.92 -4.58 6.01
CA SER A 175 8.97 -4.21 6.99
C SER A 175 10.10 -3.39 6.32
N SER A 176 9.89 -2.97 5.05
CA SER A 176 10.78 -2.05 4.33
C SER A 176 9.93 -1.24 3.33
N PRO A 177 9.26 -0.12 3.80
CA PRO A 177 8.29 0.66 2.98
C PRO A 177 8.96 1.32 1.77
N GLY A 178 8.24 1.32 0.63
CA GLY A 178 8.73 1.91 -0.60
C GLY A 178 9.57 0.95 -1.43
N GLN A 179 10.16 -0.08 -0.79
CA GLN A 179 10.88 -1.14 -1.48
C GLN A 179 9.89 -2.22 -1.91
N ARG A 180 9.75 -2.38 -3.23
CA ARG A 180 8.75 -3.27 -3.84
C ARG A 180 9.48 -4.39 -4.56
N SER A 181 8.83 -5.54 -4.70
CA SER A 181 9.45 -6.72 -5.31
C SER A 181 8.47 -7.36 -6.31
N ILE A 182 9.02 -7.85 -7.42
CA ILE A 182 8.28 -8.69 -8.38
C ILE A 182 8.76 -10.14 -8.23
N SER A 183 7.80 -11.06 -8.22
CA SER A 183 8.02 -12.47 -8.03
C SER A 183 7.59 -13.19 -9.32
N LEU A 184 8.55 -13.80 -10.04
CA LEU A 184 8.29 -14.54 -11.29
C LEU A 184 8.35 -16.05 -11.05
N ARG A 185 7.44 -16.76 -11.72
CA ARG A 185 7.52 -18.20 -11.89
C ARG A 185 7.48 -18.49 -13.39
N TYR A 186 8.53 -19.15 -13.88
CA TYR A 186 8.70 -19.51 -15.30
C TYR A 186 9.20 -20.95 -15.36
N GLU A 187 8.52 -21.81 -16.15
CA GLU A 187 8.85 -23.25 -16.30
C GLU A 187 8.91 -23.99 -14.92
N GLY A 188 8.12 -23.51 -13.95
CA GLY A 188 8.03 -24.11 -12.60
C GLY A 188 9.06 -23.56 -11.62
N ARG A 189 9.88 -22.60 -12.08
CA ARG A 189 11.00 -22.03 -11.31
C ARG A 189 10.59 -20.68 -10.72
N VAL A 190 10.70 -20.58 -9.38
CA VAL A 190 10.35 -19.36 -8.60
C VAL A 190 11.61 -18.55 -8.30
N TYR A 191 11.61 -17.27 -8.70
CA TYR A 191 12.70 -16.32 -8.44
C TYR A 191 12.11 -14.91 -8.23
N HIS A 192 12.79 -14.10 -7.41
CA HIS A 192 12.30 -12.78 -6.96
C HIS A 192 13.35 -11.71 -7.27
N TYR A 193 12.91 -10.46 -7.55
CA TYR A 193 13.83 -9.32 -7.74
C TYR A 193 13.23 -8.02 -7.21
N ARG A 194 14.11 -7.13 -6.74
CA ARG A 194 13.76 -5.91 -6.02
C ARG A 194 13.67 -4.69 -6.97
N ILE A 195 12.51 -4.03 -6.92
CA ILE A 195 12.32 -2.68 -7.43
C ILE A 195 12.93 -1.67 -6.41
N ASN A 196 14.02 -1.04 -6.80
CA ASN A 196 14.63 0.04 -6.02
C ASN A 196 13.98 1.38 -6.39
N THR A 197 13.74 2.20 -5.37
CA THR A 197 13.05 3.49 -5.51
C THR A 197 14.03 4.64 -5.27
N ALA A 198 14.01 5.61 -6.18
CA ALA A 198 14.84 6.82 -6.11
C ALA A 198 14.27 7.83 -5.10
N SER A 199 15.05 8.87 -4.78
CA SER A 199 14.62 9.96 -3.89
C SER A 199 13.65 10.94 -4.62
N ASP A 200 13.51 10.75 -5.95
CA ASP A 200 12.48 11.44 -6.78
C ASP A 200 11.21 10.57 -6.90
N GLY A 201 11.29 9.31 -6.40
CA GLY A 201 10.18 8.36 -6.49
C GLY A 201 10.25 7.48 -7.74
N LYS A 202 11.28 7.68 -8.60
CA LYS A 202 11.46 6.89 -9.83
C LYS A 202 11.89 5.45 -9.50
N LEU A 203 11.16 4.49 -10.08
CA LEU A 203 11.37 3.06 -9.85
C LEU A 203 12.33 2.49 -10.90
N TYR A 204 13.11 1.47 -10.49
CA TYR A 204 14.03 0.78 -11.38
C TYR A 204 14.42 -0.60 -10.84
N VAL A 205 14.67 -1.52 -11.76
CA VAL A 205 15.15 -2.88 -11.47
C VAL A 205 16.58 -3.06 -11.98
N SER A 206 16.84 -2.59 -13.20
CA SER A 206 18.19 -2.66 -13.83
C SER A 206 18.67 -1.24 -14.20
N SER A 207 19.89 -1.15 -14.76
CA SER A 207 20.54 0.15 -15.08
C SER A 207 19.82 0.89 -16.22
N GLU A 208 19.15 0.13 -17.10
CA GLU A 208 18.42 0.67 -18.27
C GLU A 208 16.98 1.08 -17.87
N SER A 209 16.61 0.82 -16.61
CA SER A 209 15.25 1.02 -16.09
C SER A 209 15.12 2.40 -15.41
N ARG A 210 14.20 3.23 -15.88
CA ARG A 210 13.76 4.47 -15.21
C ARG A 210 12.25 4.64 -15.45
N PHE A 211 11.44 4.45 -14.41
CA PHE A 211 9.96 4.54 -14.51
C PHE A 211 9.46 5.58 -13.52
N ASN A 212 8.51 6.43 -13.97
CA ASN A 212 7.87 7.42 -13.09
C ASN A 212 6.59 6.81 -12.45
N THR A 213 6.18 5.61 -12.92
CA THR A 213 5.06 4.84 -12.33
C THR A 213 5.36 3.33 -12.33
N LEU A 214 4.76 2.63 -11.36
CA LEU A 214 4.80 1.17 -11.24
C LEU A 214 3.97 0.52 -12.36
N ALA A 215 2.98 1.27 -12.88
CA ALA A 215 2.15 0.86 -14.02
C ALA A 215 3.04 0.68 -15.29
N GLU A 216 3.87 1.70 -15.56
CA GLU A 216 4.81 1.68 -16.70
C GLU A 216 5.97 0.74 -16.45
N LEU A 217 6.33 0.55 -15.16
CA LEU A 217 7.30 -0.49 -14.77
C LEU A 217 6.81 -1.88 -15.21
N VAL A 218 5.57 -2.20 -14.84
CA VAL A 218 4.98 -3.52 -15.10
C VAL A 218 4.77 -3.75 -16.60
N HIS A 219 4.33 -2.70 -17.33
CA HIS A 219 4.14 -2.77 -18.80
C HIS A 219 5.49 -3.00 -19.52
N HIS A 220 6.49 -2.21 -19.14
CA HIS A 220 7.82 -2.28 -19.76
C HIS A 220 8.43 -3.67 -19.52
N HIS A 221 8.36 -4.14 -18.26
CA HIS A 221 8.80 -5.50 -17.87
C HIS A 221 7.91 -6.60 -18.52
N SER A 222 6.66 -6.25 -18.86
CA SER A 222 5.76 -7.16 -19.61
C SER A 222 6.20 -7.32 -21.05
N THR A 223 6.86 -6.29 -21.63
CA THR A 223 7.29 -6.35 -23.06
C THR A 223 8.81 -6.55 -23.29
N VAL A 224 9.70 -6.31 -22.30
CA VAL A 224 11.15 -6.28 -22.57
C VAL A 224 11.85 -7.68 -22.47
N ALA A 225 12.48 -8.02 -23.59
CA ALA A 225 13.39 -9.16 -23.78
C ALA A 225 14.77 -8.96 -23.12
N ASP A 226 14.98 -7.78 -22.50
CA ASP A 226 16.23 -6.99 -22.43
C ASP A 226 17.24 -7.53 -21.36
N GLY A 227 17.02 -8.77 -20.89
CA GLY A 227 17.71 -9.33 -19.73
C GLY A 227 16.74 -9.75 -18.63
N LEU A 228 15.47 -9.86 -19.02
CA LEU A 228 14.48 -10.65 -18.27
C LEU A 228 14.51 -12.10 -18.78
N ILE A 229 14.58 -13.05 -17.82
CA ILE A 229 14.44 -14.48 -18.08
C ILE A 229 13.07 -14.77 -18.73
N THR A 230 12.04 -14.08 -18.21
CA THR A 230 10.72 -14.03 -18.82
C THR A 230 10.14 -12.62 -18.67
N THR A 231 9.40 -12.18 -19.69
CA THR A 231 8.58 -10.97 -19.62
C THR A 231 7.35 -11.24 -18.71
N LEU A 232 6.82 -10.21 -18.04
CA LEU A 232 5.63 -10.37 -17.18
C LEU A 232 4.44 -10.78 -18.06
N HIS A 233 4.11 -12.09 -18.07
CA HIS A 233 3.16 -12.67 -19.04
C HIS A 233 1.74 -12.52 -18.51
N TYR A 234 1.55 -12.94 -17.25
CA TYR A 234 0.24 -12.86 -16.55
C TYR A 234 0.42 -13.01 -15.03
N PRO A 235 -0.43 -12.37 -14.19
CA PRO A 235 -0.31 -12.47 -12.72
C PRO A 235 -0.65 -13.89 -12.21
N ALA A 236 -0.10 -14.24 -11.03
CA ALA A 236 -0.44 -15.49 -10.34
C ALA A 236 -1.93 -15.50 -9.98
N PRO A 237 -2.66 -16.64 -10.24
CA PRO A 237 -4.12 -16.73 -9.97
C PRO A 237 -4.45 -16.33 -8.52
N LYS A 238 -5.30 -15.30 -8.39
CA LYS A 238 -5.76 -14.79 -7.09
C LYS A 238 -6.37 -15.93 -6.25
N ARG A 239 -5.98 -15.97 -4.97
CA ARG A 239 -6.46 -16.99 -3.99
C ARG A 239 -8.00 -16.97 -3.87
N ASN A 240 -8.60 -15.83 -4.18
CA ASN A 240 -10.06 -15.65 -4.28
C ASN A 240 -10.39 -15.16 -5.70
N LYS A 241 -11.43 -15.80 -6.31
CA LYS A 241 -11.91 -15.55 -7.70
C LYS A 241 -10.75 -15.37 -8.73
N PRO A 242 -9.99 -16.47 -9.03
CA PRO A 242 -8.80 -16.41 -9.92
C PRO A 242 -9.18 -16.04 -11.38
N THR A 243 -8.89 -14.79 -11.76
CA THR A 243 -9.18 -14.28 -13.11
C THR A 243 -8.22 -14.91 -14.14
N VAL A 244 -8.78 -15.80 -14.99
CA VAL A 244 -8.04 -16.45 -16.08
C VAL A 244 -8.23 -15.60 -17.36
N TYR A 245 -7.28 -14.71 -17.62
CA TYR A 245 -7.25 -13.92 -18.86
C TYR A 245 -6.46 -14.71 -19.91
N GLY A 246 -7.14 -15.06 -21.02
CA GLY A 246 -6.47 -15.64 -22.18
C GLY A 246 -5.56 -14.62 -22.85
N VAL A 247 -4.36 -15.08 -23.26
CA VAL A 247 -3.30 -14.20 -23.79
C VAL A 247 -3.73 -13.45 -25.07
N SER A 248 -4.75 -14.01 -25.77
CA SER A 248 -5.32 -13.47 -27.02
C SER A 248 -4.23 -13.50 -28.14
N PRO A 249 -4.06 -14.66 -28.85
CA PRO A 249 -3.02 -14.82 -29.90
C PRO A 249 -3.42 -14.15 -31.24
N ASN A 250 -2.45 -14.10 -32.18
CA ASN A 250 -2.65 -13.54 -33.53
C ASN A 250 -2.01 -14.47 -34.59
N TYR A 251 -2.37 -14.24 -35.88
CA TYR A 251 -1.93 -15.08 -37.02
C TYR A 251 -0.46 -14.78 -37.39
N ASP A 252 -0.16 -13.50 -37.72
CA ASP A 252 1.20 -13.07 -38.07
C ASP A 252 1.39 -11.57 -37.84
N LYS A 253 2.66 -11.13 -37.93
CA LYS A 253 3.06 -9.71 -37.93
C LYS A 253 4.37 -9.57 -38.72
N TRP A 254 4.41 -10.26 -39.88
CA TRP A 254 5.57 -10.28 -40.80
C TRP A 254 6.84 -10.83 -40.12
N GLU A 255 7.07 -12.14 -40.25
CA GLU A 255 8.30 -12.78 -39.73
C GLU A 255 9.44 -12.59 -40.77
N MET A 1 20.75 4.11 22.07
CA MET A 1 20.44 3.26 23.23
C MET A 1 19.36 2.26 22.85
N GLY A 2 19.78 1.10 22.28
CA GLY A 2 18.85 0.06 21.83
C GLY A 2 17.99 0.48 20.63
N GLN A 3 17.16 -0.44 20.14
CA GLN A 3 16.20 -0.18 19.06
C GLN A 3 14.82 -0.66 19.49
N GLN A 4 14.81 -1.80 20.23
CA GLN A 4 13.61 -2.57 20.57
C GLN A 4 12.87 -2.92 19.26
N PRO A 5 13.42 -3.90 18.45
CA PRO A 5 12.84 -4.22 17.12
C PRO A 5 11.39 -4.74 17.24
N GLY A 6 11.22 -5.84 18.00
CA GLY A 6 9.93 -6.50 18.15
C GLY A 6 9.40 -7.11 16.85
N LYS A 7 8.27 -7.80 16.93
CA LYS A 7 7.62 -8.38 15.77
C LYS A 7 6.13 -8.61 16.09
N VAL A 8 5.31 -7.60 15.75
CA VAL A 8 3.85 -7.68 15.87
C VAL A 8 3.23 -8.39 14.65
N LEU A 9 2.00 -8.89 14.83
CA LEU A 9 1.26 -9.60 13.77
C LEU A 9 -0.25 -9.57 14.09
N GLY A 10 -1.09 -9.62 13.05
CA GLY A 10 -2.53 -9.56 13.19
C GLY A 10 -3.22 -10.62 12.35
N ASP A 11 -3.10 -11.87 12.79
CA ASP A 11 -3.83 -13.01 12.18
C ASP A 11 -5.30 -12.97 12.65
N GLN A 12 -5.48 -12.52 13.91
CA GLN A 12 -6.81 -12.28 14.50
C GLN A 12 -7.22 -10.81 14.28
N ARG A 13 -8.55 -10.55 14.25
CA ARG A 13 -9.12 -9.19 14.15
C ARG A 13 -8.63 -8.30 15.31
N ARG A 14 -8.61 -6.97 15.06
CA ARG A 14 -7.96 -5.97 15.95
C ARG A 14 -6.48 -6.36 16.16
N PRO A 15 -5.60 -6.15 15.13
CA PRO A 15 -4.17 -6.52 15.20
C PRO A 15 -3.41 -5.71 16.27
N SER A 16 -2.20 -6.16 16.60
CA SER A 16 -1.34 -5.49 17.58
C SER A 16 -0.76 -4.18 17.02
N LEU A 17 -0.16 -3.39 17.91
CA LEU A 17 0.42 -2.08 17.58
C LEU A 17 1.95 -2.23 17.63
N PRO A 18 2.69 -1.84 16.55
CA PRO A 18 4.18 -1.82 16.57
C PRO A 18 4.72 -0.74 17.54
N ALA A 19 6.04 -0.74 17.77
CA ALA A 19 6.69 0.20 18.68
C ALA A 19 6.90 1.57 18.01
N LEU A 20 6.77 2.64 18.82
CA LEU A 20 6.95 4.02 18.38
C LEU A 20 8.44 4.38 18.49
N HIS A 21 9.15 4.20 17.36
CA HIS A 21 10.58 4.55 17.24
C HIS A 21 10.70 5.92 16.57
N PHE A 22 9.87 6.11 15.53
CA PHE A 22 9.78 7.36 14.76
C PHE A 22 8.63 8.21 15.32
N ILE A 23 8.99 9.34 15.96
CA ILE A 23 8.04 10.29 16.54
C ILE A 23 8.16 11.61 15.79
N LYS A 24 7.05 12.04 15.20
CA LYS A 24 6.97 13.26 14.39
C LYS A 24 5.57 13.87 14.56
N GLY A 25 5.49 15.20 14.46
CA GLY A 25 4.25 15.95 14.60
C GLY A 25 4.38 17.32 13.97
N ALA A 26 4.06 18.39 14.75
CA ALA A 26 4.09 19.79 14.32
C ALA A 26 3.09 20.02 13.15
N GLY A 27 1.87 20.43 13.52
CA GLY A 27 0.75 20.63 12.58
C GLY A 27 0.88 21.93 11.79
N LYS A 28 1.81 21.94 10.84
CA LYS A 28 2.07 23.08 9.95
C LYS A 28 2.15 22.61 8.49
N ARG A 29 1.76 21.34 8.27
CA ARG A 29 1.86 20.66 6.97
C ARG A 29 0.56 19.88 6.74
N GLU A 30 0.30 19.56 5.46
CA GLU A 30 -0.93 18.86 5.05
C GLU A 30 -0.66 17.99 3.81
N SER A 31 -1.72 17.28 3.38
CA SER A 31 -1.72 16.45 2.16
C SER A 31 -1.89 17.34 0.90
N SER A 32 -2.36 16.74 -0.21
CA SER A 32 -2.71 17.49 -1.43
C SER A 32 -3.89 18.47 -1.17
N ARG A 33 -4.23 19.28 -2.21
CA ARG A 33 -5.17 20.42 -2.10
C ARG A 33 -6.63 19.98 -1.76
N HIS A 34 -7.57 20.94 -1.83
CA HIS A 34 -8.98 20.73 -1.42
C HIS A 34 -9.74 19.85 -2.43
N GLY A 35 -10.77 19.15 -1.95
CA GLY A 35 -11.63 18.31 -2.79
C GLY A 35 -13.07 18.28 -2.26
N GLY A 36 -13.71 17.11 -2.36
CA GLY A 36 -15.08 16.90 -1.90
C GLY A 36 -15.12 16.06 -0.64
N PRO A 37 -15.21 16.69 0.58
CA PRO A 37 -15.07 15.99 1.88
C PRO A 37 -16.42 15.40 2.38
N HIS A 38 -17.09 14.66 1.47
CA HIS A 38 -18.46 14.10 1.69
C HIS A 38 -18.58 13.23 2.97
N CYS A 39 -17.44 12.68 3.43
CA CYS A 39 -17.33 12.00 4.74
C CYS A 39 -17.54 13.06 5.83
N ASN A 40 -18.66 12.97 6.57
CA ASN A 40 -19.21 14.08 7.39
C ASN A 40 -18.17 14.69 8.35
N VAL A 41 -17.93 14.01 9.49
CA VAL A 41 -16.99 14.48 10.53
C VAL A 41 -16.93 13.45 11.68
N PHE A 42 -15.85 13.47 12.48
CA PHE A 42 -15.70 12.65 13.69
C PHE A 42 -15.16 13.55 14.81
N VAL A 43 -16.06 14.09 15.64
CA VAL A 43 -15.69 14.97 16.77
C VAL A 43 -16.00 14.27 18.12
N GLU A 44 -15.64 14.94 19.21
CA GLU A 44 -15.96 14.51 20.58
C GLU A 44 -16.14 15.77 21.45
N HIS A 45 -17.20 15.77 22.28
CA HIS A 45 -17.49 16.90 23.19
C HIS A 45 -16.46 16.94 24.33
N GLU A 46 -15.39 17.72 24.10
CA GLU A 46 -14.39 18.01 25.13
C GLU A 46 -14.97 19.06 26.09
N ALA A 47 -14.71 18.87 27.40
CA ALA A 47 -15.07 19.83 28.44
C ALA A 47 -13.79 20.40 29.06
N LEU A 48 -13.54 21.71 28.85
CA LEU A 48 -12.37 22.40 29.42
C LEU A 48 -12.46 22.43 30.96
N GLN A 49 -11.89 21.40 31.58
CA GLN A 49 -11.91 21.21 33.04
C GLN A 49 -10.71 20.34 33.44
N ARG A 50 -10.02 20.73 34.52
CA ARG A 50 -8.93 19.95 35.11
C ARG A 50 -9.46 18.58 35.60
N PRO A 51 -8.72 17.45 35.33
CA PRO A 51 -9.08 16.10 35.82
C PRO A 51 -9.31 16.04 37.35
N VAL A 52 -10.58 16.21 37.76
CA VAL A 52 -11.02 16.02 39.15
C VAL A 52 -11.40 14.54 39.34
N ALA A 53 -12.37 14.09 38.51
CA ALA A 53 -12.88 12.71 38.55
C ALA A 53 -13.65 12.42 37.24
N SER A 54 -12.98 11.77 36.27
CA SER A 54 -13.56 11.48 34.94
C SER A 54 -14.43 10.21 34.96
N ASP A 55 -15.20 10.03 33.87
CA ASP A 55 -16.12 8.88 33.70
C ASP A 55 -15.35 7.59 33.40
N PHE A 56 -15.88 6.46 33.90
CA PHE A 56 -15.31 5.11 33.68
C PHE A 56 -16.45 4.07 33.68
N GLU A 57 -16.13 2.84 33.23
CA GLU A 57 -17.08 1.70 33.15
C GLU A 57 -18.22 1.96 32.12
N PRO A 58 -17.91 1.94 30.78
CA PRO A 58 -18.96 2.00 29.73
C PRO A 58 -19.70 0.66 29.56
N GLN A 59 -20.89 0.72 28.96
CA GLN A 59 -21.73 -0.46 28.65
C GLN A 59 -21.02 -1.37 27.63
N GLY A 60 -20.43 -0.73 26.60
CA GLY A 60 -19.73 -1.43 25.52
C GLY A 60 -19.93 -0.71 24.18
N LEU A 61 -19.00 0.20 23.84
CA LEU A 61 -19.06 1.02 22.62
C LEU A 61 -18.78 0.15 21.37
N SER A 62 -19.86 -0.27 20.71
CA SER A 62 -19.81 -1.08 19.49
C SER A 62 -21.07 -0.81 18.66
N GLU A 63 -20.94 -0.84 17.32
CA GLU A 63 -22.07 -0.61 16.39
C GLU A 63 -22.76 -1.93 16.01
N ALA A 64 -24.00 -1.80 15.54
CA ALA A 64 -24.78 -2.93 14.97
C ALA A 64 -24.73 -2.85 13.42
N ALA A 65 -24.80 -1.61 12.91
CA ALA A 65 -24.83 -1.31 11.47
C ALA A 65 -24.36 0.14 11.23
N ARG A 66 -23.47 0.35 10.24
CA ARG A 66 -22.96 1.69 9.88
C ARG A 66 -23.53 2.11 8.51
N TRP A 67 -24.74 2.69 8.54
CA TRP A 67 -25.31 3.40 7.39
C TRP A 67 -25.30 4.91 7.73
N ASN A 68 -24.15 5.53 7.46
CA ASN A 68 -23.91 6.95 7.75
C ASN A 68 -24.51 7.81 6.64
N SER A 69 -25.22 8.89 7.05
CA SER A 69 -25.88 9.80 6.11
C SER A 69 -24.83 10.65 5.38
N LYS A 70 -24.47 10.21 4.15
CA LYS A 70 -23.50 10.88 3.29
C LYS A 70 -24.04 12.26 2.88
N GLU A 71 -23.41 13.33 3.41
CA GLU A 71 -23.51 14.69 2.84
C GLU A 71 -22.62 15.66 3.61
N ASN A 72 -21.67 16.30 2.90
CA ASN A 72 -20.86 17.40 3.43
C ASN A 72 -20.38 18.28 2.27
N LEU A 73 -21.16 19.34 1.99
CA LEU A 73 -20.83 20.36 0.98
C LEU A 73 -20.83 21.76 1.65
N LEU A 74 -20.57 22.81 0.83
CA LEU A 74 -20.38 24.22 1.27
C LEU A 74 -19.15 24.36 2.20
N ALA A 75 -18.27 23.35 2.14
CA ALA A 75 -17.06 23.21 2.99
C ALA A 75 -16.04 22.32 2.27
N GLY A 76 -14.78 22.36 2.74
CA GLY A 76 -13.71 21.56 2.12
C GLY A 76 -12.34 21.84 2.73
N PRO A 77 -11.85 20.97 3.66
CA PRO A 77 -10.41 20.93 4.05
C PRO A 77 -9.51 20.45 2.89
N SER A 78 -8.17 20.57 3.05
CA SER A 78 -7.21 20.13 2.02
C SER A 78 -7.12 18.59 2.01
N GLU A 79 -8.05 17.97 1.25
CA GLU A 79 -8.10 16.51 1.08
C GLU A 79 -8.59 16.16 -0.34
N ASN A 80 -7.62 16.01 -1.22
CA ASN A 80 -7.79 15.50 -2.58
C ASN A 80 -6.49 14.75 -2.91
N ASP A 81 -6.05 13.95 -1.92
CA ASP A 81 -4.74 13.30 -1.91
C ASP A 81 -4.79 11.98 -2.73
N PRO A 82 -3.78 11.74 -3.65
CA PRO A 82 -3.71 10.50 -4.47
C PRO A 82 -3.62 9.23 -3.60
N ASN A 83 -2.98 9.34 -2.43
CA ASN A 83 -2.78 8.23 -1.50
C ASN A 83 -3.92 8.22 -0.47
N LEU A 84 -5.14 7.93 -0.98
CA LEU A 84 -6.34 7.78 -0.16
C LEU A 84 -6.42 6.33 0.36
N PHE A 85 -6.36 6.21 1.69
CA PHE A 85 -6.47 4.95 2.44
C PHE A 85 -7.82 4.91 3.18
N VAL A 86 -8.09 3.79 3.85
CA VAL A 86 -9.21 3.65 4.77
C VAL A 86 -8.76 2.81 5.99
N ALA A 87 -9.31 3.14 7.16
CA ALA A 87 -9.08 2.38 8.40
C ALA A 87 -10.01 1.14 8.42
N LEU A 88 -9.40 -0.06 8.49
CA LEU A 88 -10.12 -1.34 8.63
C LEU A 88 -10.62 -1.54 10.08
N TYR A 89 -10.00 -0.83 11.04
CA TYR A 89 -10.27 -1.00 12.48
C TYR A 89 -10.23 0.38 13.15
N ASP A 90 -11.02 0.54 14.21
CA ASP A 90 -11.05 1.78 15.00
C ASP A 90 -9.77 1.86 15.82
N PHE A 91 -9.29 3.09 16.03
CA PHE A 91 -8.06 3.36 16.73
C PHE A 91 -8.19 4.75 17.36
N VAL A 92 -8.32 4.78 18.68
CA VAL A 92 -8.32 6.03 19.46
C VAL A 92 -6.85 6.46 19.61
N ALA A 93 -6.58 7.78 19.47
CA ALA A 93 -5.22 8.33 19.55
C ALA A 93 -4.58 8.03 20.92
N SER A 94 -3.38 7.41 20.89
CA SER A 94 -2.59 7.10 22.08
C SER A 94 -1.96 8.39 22.67
N GLY A 95 -1.93 9.44 21.84
CA GLY A 95 -1.46 10.77 22.23
C GLY A 95 -1.47 11.76 21.07
N ASP A 96 -0.80 12.89 21.28
CA ASP A 96 -0.69 14.01 20.30
C ASP A 96 0.09 13.57 19.02
N ASN A 97 1.06 12.67 19.21
CA ASN A 97 1.91 12.14 18.12
C ASN A 97 1.13 11.22 17.16
N THR A 98 0.04 10.61 17.65
CA THR A 98 -0.79 9.67 16.89
C THR A 98 -2.09 10.34 16.43
N LEU A 99 -2.72 9.74 15.41
CA LEU A 99 -4.02 10.21 14.88
C LEU A 99 -5.10 9.20 15.26
N SER A 100 -6.22 9.70 15.82
CA SER A 100 -7.40 8.90 16.08
C SER A 100 -8.15 8.69 14.76
N ILE A 101 -8.26 7.43 14.33
CA ILE A 101 -8.95 7.05 13.09
C ILE A 101 -10.11 6.12 13.43
N THR A 102 -11.25 6.32 12.79
CA THR A 102 -12.43 5.47 12.99
C THR A 102 -12.46 4.36 11.93
N LYS A 103 -12.96 3.17 12.30
CA LYS A 103 -13.20 2.08 11.32
C LYS A 103 -14.17 2.53 10.22
N GLY A 104 -13.64 2.66 8.98
CA GLY A 104 -14.43 3.09 7.83
C GLY A 104 -14.19 4.55 7.47
N GLU A 105 -13.24 5.19 8.15
CA GLU A 105 -12.80 6.58 7.89
C GLU A 105 -11.71 6.60 6.82
N LYS A 106 -11.81 7.56 5.88
CA LYS A 106 -10.86 7.70 4.75
C LYS A 106 -9.67 8.58 5.18
N LEU A 107 -8.45 8.03 5.05
CA LEU A 107 -7.23 8.60 5.62
C LEU A 107 -6.33 9.17 4.51
N ARG A 108 -5.72 10.34 4.76
CA ARG A 108 -4.71 10.91 3.85
C ARG A 108 -3.34 10.46 4.39
N VAL A 109 -2.65 9.53 3.72
CA VAL A 109 -1.37 9.00 4.23
C VAL A 109 -0.21 9.68 3.50
N LEU A 110 0.54 10.50 4.27
CA LEU A 110 1.72 11.23 3.80
C LEU A 110 2.89 10.26 3.52
N GLY A 111 2.86 9.11 4.21
CA GLY A 111 3.80 8.01 3.98
C GLY A 111 3.98 7.13 5.20
N TYR A 112 4.71 6.03 5.03
CA TYR A 112 5.12 5.14 6.13
C TYR A 112 6.53 5.57 6.54
N ASN A 113 6.88 5.42 7.83
CA ASN A 113 8.25 5.67 8.31
C ASN A 113 9.23 4.64 7.71
N HIS A 114 10.55 4.88 7.83
CA HIS A 114 11.59 4.13 7.08
C HIS A 114 11.52 2.59 7.31
N ASN A 115 11.10 2.15 8.51
CA ASN A 115 11.04 0.71 8.86
C ASN A 115 9.60 0.13 8.66
N GLY A 116 8.65 1.00 8.26
CA GLY A 116 7.28 0.59 7.91
C GLY A 116 6.41 0.25 9.13
N GLU A 117 6.85 0.74 10.29
CA GLU A 117 6.18 0.52 11.59
C GLU A 117 4.80 1.21 11.61
N TRP A 118 4.85 2.55 11.54
CA TRP A 118 3.69 3.44 11.62
C TRP A 118 3.66 4.31 10.35
N ALA A 119 2.46 4.74 9.96
CA ALA A 119 2.24 5.59 8.79
C ALA A 119 1.68 6.95 9.24
N GLU A 120 2.31 8.04 8.81
CA GLU A 120 1.87 9.40 9.14
C GLU A 120 0.65 9.75 8.28
N ALA A 121 -0.54 9.66 8.90
CA ALA A 121 -1.81 9.95 8.24
C ALA A 121 -2.35 11.31 8.71
N GLN A 122 -3.39 11.78 8.03
CA GLN A 122 -4.08 13.05 8.33
C GLN A 122 -5.56 12.92 7.96
N THR A 123 -6.44 13.45 8.81
CA THR A 123 -7.89 13.55 8.56
C THR A 123 -8.42 14.85 9.18
N LYS A 124 -9.77 15.01 9.20
CA LYS A 124 -10.43 16.12 9.90
C LYS A 124 -10.20 16.03 11.44
N ASN A 125 -9.77 14.85 11.90
CA ASN A 125 -9.39 14.61 13.32
C ASN A 125 -8.01 15.19 13.65
N GLY A 126 -7.23 15.56 12.61
CA GLY A 126 -5.89 16.15 12.81
C GLY A 126 -4.84 15.45 11.96
N GLN A 127 -3.67 15.19 12.55
CA GLN A 127 -2.54 14.51 11.86
C GLN A 127 -1.72 13.71 12.88
N GLY A 128 -1.19 12.55 12.47
CA GLY A 128 -0.31 11.75 13.33
C GLY A 128 -0.11 10.34 12.83
N TRP A 129 0.70 9.59 13.58
CA TRP A 129 1.08 8.21 13.23
C TRP A 129 -0.02 7.23 13.61
N VAL A 130 -0.36 6.37 12.65
CA VAL A 130 -1.36 5.30 12.79
C VAL A 130 -0.69 3.97 12.43
N PRO A 131 -1.09 2.83 13.08
CA PRO A 131 -0.47 1.52 12.80
C PRO A 131 -0.80 1.05 11.36
N SER A 132 0.23 0.62 10.62
CA SER A 132 0.10 0.12 9.22
C SER A 132 -0.85 -1.11 9.15
N ASN A 133 -1.03 -1.79 10.29
CA ASN A 133 -1.90 -2.97 10.44
C ASN A 133 -3.40 -2.60 10.41
N TYR A 134 -3.72 -1.31 10.66
CA TYR A 134 -5.13 -0.81 10.74
C TYR A 134 -5.56 -0.08 9.45
N ILE A 135 -4.65 0.11 8.47
CA ILE A 135 -4.92 0.93 7.27
C ILE A 135 -4.75 0.12 5.99
N THR A 136 -5.43 0.54 4.89
CA THR A 136 -5.27 -0.09 3.55
C THR A 136 -5.59 0.94 2.42
N PRO A 137 -4.77 1.00 1.32
CA PRO A 137 -4.99 1.97 0.21
C PRO A 137 -6.13 1.55 -0.74
N VAL A 138 -7.03 2.51 -1.06
CA VAL A 138 -8.21 2.28 -1.93
C VAL A 138 -8.05 2.99 -3.29
N ASN A 139 -7.32 4.14 -3.30
CA ASN A 139 -7.17 4.99 -4.51
C ASN A 139 -5.83 4.71 -5.24
N SER A 140 -5.04 3.77 -4.70
CA SER A 140 -3.71 3.44 -5.20
C SER A 140 -3.80 2.51 -6.43
N LEU A 141 -2.62 2.02 -6.85
CA LEU A 141 -2.47 0.97 -7.89
C LEU A 141 -3.11 -0.38 -7.50
N GLU A 142 -3.55 -0.55 -6.23
CA GLU A 142 -4.10 -1.83 -5.71
C GLU A 142 -5.35 -2.34 -6.49
N LYS A 143 -6.03 -1.41 -7.21
CA LYS A 143 -7.19 -1.74 -8.08
C LYS A 143 -6.74 -2.49 -9.37
N HIS A 144 -5.42 -2.57 -9.59
CA HIS A 144 -4.80 -3.42 -10.63
C HIS A 144 -4.55 -4.81 -10.03
N SER A 145 -4.88 -5.86 -10.80
CA SER A 145 -4.73 -7.27 -10.36
C SER A 145 -3.24 -7.65 -10.13
N TRP A 146 -2.32 -6.98 -10.86
CA TRP A 146 -0.87 -7.23 -10.72
C TRP A 146 -0.30 -6.67 -9.41
N TYR A 147 -0.87 -5.56 -8.94
CA TYR A 147 -0.40 -4.86 -7.73
C TYR A 147 -1.16 -5.39 -6.51
N HIS A 148 -0.41 -5.80 -5.46
CA HIS A 148 -1.02 -6.35 -4.21
C HIS A 148 -0.63 -5.53 -2.96
N GLY A 149 0.13 -4.44 -3.16
CA GLY A 149 0.49 -3.53 -2.06
C GLY A 149 1.70 -3.99 -1.22
N PRO A 150 1.81 -3.54 0.08
CA PRO A 150 2.85 -4.03 1.00
C PRO A 150 2.60 -5.49 1.40
N VAL A 151 3.35 -6.43 0.79
CA VAL A 151 3.12 -7.89 0.97
C VAL A 151 4.37 -8.56 1.58
N SER A 152 4.13 -9.54 2.47
CA SER A 152 5.19 -10.39 3.04
C SER A 152 5.68 -11.42 2.00
N ARG A 153 6.87 -12.01 2.24
CA ARG A 153 7.44 -13.09 1.37
C ARG A 153 6.55 -14.34 1.39
N ASN A 154 6.11 -14.72 2.60
CA ASN A 154 5.21 -15.87 2.83
C ASN A 154 3.89 -15.68 2.06
N ALA A 155 3.26 -14.51 2.24
CA ALA A 155 1.98 -14.14 1.57
C ALA A 155 2.12 -14.15 0.03
N ALA A 156 3.21 -13.52 -0.45
CA ALA A 156 3.52 -13.39 -1.89
C ALA A 156 3.64 -14.76 -2.56
N GLU A 157 4.51 -15.59 -1.97
CA GLU A 157 4.83 -16.92 -2.51
C GLU A 157 3.63 -17.87 -2.34
N TYR A 158 2.78 -17.58 -1.33
CA TYR A 158 1.51 -18.31 -1.11
C TYR A 158 0.52 -18.07 -2.26
N LEU A 159 0.41 -16.81 -2.73
CA LEU A 159 -0.45 -16.47 -3.89
C LEU A 159 0.20 -16.96 -5.20
N LEU A 160 1.54 -16.87 -5.26
CA LEU A 160 2.34 -17.16 -6.47
C LEU A 160 2.51 -18.68 -6.68
N SER A 161 2.31 -19.49 -5.63
CA SER A 161 2.33 -20.96 -5.73
C SER A 161 1.15 -21.46 -6.62
N SER A 162 0.08 -20.64 -6.68
CA SER A 162 -1.11 -20.88 -7.53
C SER A 162 -0.86 -20.40 -8.98
N GLY A 163 0.30 -19.74 -9.21
CA GLY A 163 0.67 -19.22 -10.53
C GLY A 163 1.18 -20.30 -11.47
N ILE A 164 1.37 -19.91 -12.75
CA ILE A 164 1.86 -20.79 -13.84
C ILE A 164 2.98 -20.08 -14.64
N ASN A 165 3.38 -20.65 -15.79
CA ASN A 165 4.54 -20.17 -16.58
C ASN A 165 4.37 -18.69 -17.05
N GLY A 166 5.08 -17.76 -16.37
CA GLY A 166 5.00 -16.33 -16.70
C GLY A 166 4.14 -15.54 -15.73
N SER A 167 3.78 -16.18 -14.58
CA SER A 167 2.93 -15.52 -13.56
C SER A 167 3.77 -14.57 -12.72
N PHE A 168 3.23 -13.38 -12.42
CA PHE A 168 3.96 -12.37 -11.61
C PHE A 168 3.07 -11.71 -10.57
N LEU A 169 3.71 -11.19 -9.51
CA LEU A 169 3.09 -10.33 -8.50
C LEU A 169 3.99 -9.12 -8.28
N VAL A 170 3.40 -7.92 -8.24
CA VAL A 170 4.14 -6.66 -8.02
C VAL A 170 3.69 -6.08 -6.67
N ARG A 171 4.68 -5.80 -5.82
CA ARG A 171 4.49 -5.50 -4.39
C ARG A 171 5.46 -4.38 -3.98
N GLU A 172 5.28 -3.85 -2.78
CA GLU A 172 6.35 -3.21 -1.99
C GLU A 172 6.54 -4.01 -0.70
N SER A 173 7.70 -3.78 -0.05
CA SER A 173 8.05 -4.44 1.22
C SER A 173 7.39 -3.70 2.40
N GLU A 174 6.75 -4.49 3.29
CA GLU A 174 6.09 -4.02 4.53
C GLU A 174 7.05 -3.18 5.41
N SER A 175 8.31 -3.63 5.49
CA SER A 175 9.32 -3.04 6.39
C SER A 175 10.25 -2.05 5.63
N SER A 176 9.92 -1.78 4.35
CA SER A 176 10.70 -0.86 3.49
C SER A 176 9.74 -0.14 2.51
N PRO A 177 9.13 1.01 2.93
CA PRO A 177 8.24 1.84 2.07
C PRO A 177 9.00 2.40 0.85
N GLY A 178 8.36 2.34 -0.32
CA GLY A 178 8.94 2.80 -1.59
C GLY A 178 9.84 1.78 -2.26
N GLN A 179 10.41 0.85 -1.46
CA GLN A 179 11.23 -0.26 -1.96
C GLN A 179 10.30 -1.38 -2.38
N ARG A 180 10.31 -1.70 -3.67
CA ARG A 180 9.34 -2.60 -4.30
C ARG A 180 10.00 -3.92 -4.67
N SER A 181 9.20 -4.91 -5.03
CA SER A 181 9.68 -6.26 -5.39
C SER A 181 8.65 -6.97 -6.29
N ILE A 182 9.16 -7.80 -7.24
CA ILE A 182 8.34 -8.67 -8.09
C ILE A 182 8.66 -10.14 -7.78
N SER A 183 7.63 -10.98 -7.92
CA SER A 183 7.69 -12.41 -7.65
C SER A 183 7.19 -13.17 -8.90
N LEU A 184 8.10 -13.93 -9.57
CA LEU A 184 7.81 -14.71 -10.79
C LEU A 184 7.69 -16.20 -10.50
N ARG A 185 6.71 -16.87 -11.13
CA ARG A 185 6.69 -18.32 -11.27
C ARG A 185 6.68 -18.64 -12.77
N TYR A 186 7.56 -19.55 -13.16
CA TYR A 186 7.84 -19.89 -14.53
C TYR A 186 8.31 -21.35 -14.60
N GLU A 187 7.59 -22.15 -15.43
CA GLU A 187 7.85 -23.59 -15.67
C GLU A 187 7.95 -24.39 -14.35
N GLY A 188 7.12 -23.98 -13.36
CA GLY A 188 6.98 -24.70 -12.10
C GLY A 188 7.97 -24.25 -11.02
N ARG A 189 8.79 -23.22 -11.31
CA ARG A 189 9.77 -22.68 -10.33
C ARG A 189 9.42 -21.23 -9.95
N VAL A 190 9.34 -20.98 -8.62
CA VAL A 190 9.20 -19.65 -8.03
C VAL A 190 10.60 -19.03 -7.79
N TYR A 191 10.77 -17.77 -8.20
CA TYR A 191 11.94 -16.94 -7.92
C TYR A 191 11.49 -15.46 -7.76
N HIS A 192 12.26 -14.66 -6.99
CA HIS A 192 11.87 -13.29 -6.57
C HIS A 192 13.04 -12.33 -6.84
N TYR A 193 12.74 -11.05 -7.14
CA TYR A 193 13.78 -10.00 -7.30
C TYR A 193 13.29 -8.63 -6.81
N ARG A 194 14.26 -7.79 -6.43
CA ARG A 194 14.03 -6.43 -5.89
C ARG A 194 13.91 -5.40 -7.04
N ILE A 195 12.91 -4.51 -6.92
CA ILE A 195 12.84 -3.27 -7.69
C ILE A 195 13.65 -2.20 -6.95
N ASN A 196 14.77 -1.82 -7.54
CA ASN A 196 15.65 -0.78 -7.01
C ASN A 196 15.03 0.60 -7.28
N THR A 197 14.74 1.35 -6.21
CA THR A 197 14.19 2.71 -6.31
C THR A 197 15.32 3.75 -6.12
N ALA A 198 15.60 4.52 -7.18
CA ALA A 198 16.57 5.62 -7.17
C ALA A 198 16.12 6.75 -6.22
N SER A 199 17.07 7.64 -5.85
CA SER A 199 16.80 8.81 -4.97
C SER A 199 15.79 9.78 -5.61
N ASP A 200 15.70 9.74 -6.95
CA ASP A 200 14.81 10.60 -7.75
C ASP A 200 13.34 10.10 -7.70
N GLY A 201 13.11 8.93 -7.07
CA GLY A 201 11.79 8.28 -7.01
C GLY A 201 11.54 7.35 -8.20
N LYS A 202 12.51 7.32 -9.15
CA LYS A 202 12.45 6.48 -10.34
C LYS A 202 12.73 5.02 -9.95
N LEU A 203 12.03 4.10 -10.59
CA LEU A 203 12.17 2.67 -10.37
C LEU A 203 13.08 2.06 -11.45
N TYR A 204 13.74 0.95 -11.10
CA TYR A 204 14.54 0.16 -12.06
C TYR A 204 14.91 -1.19 -11.43
N VAL A 205 15.32 -2.14 -12.26
CA VAL A 205 15.83 -3.47 -11.84
C VAL A 205 17.15 -3.73 -12.57
N SER A 206 17.09 -3.69 -13.92
CA SER A 206 18.28 -3.73 -14.78
C SER A 206 18.88 -2.31 -14.91
N SER A 207 20.18 -2.24 -15.21
CA SER A 207 20.89 -0.97 -15.45
C SER A 207 20.40 -0.31 -16.77
N GLU A 208 20.06 -1.18 -17.75
CA GLU A 208 19.57 -0.76 -19.08
C GLU A 208 18.11 -0.27 -19.00
N SER A 209 17.40 -0.65 -17.93
CA SER A 209 15.98 -0.32 -17.71
C SER A 209 15.85 0.80 -16.65
N ARG A 210 15.11 1.89 -16.98
CA ARG A 210 14.82 3.02 -16.06
C ARG A 210 13.36 3.44 -16.24
N PHE A 211 12.63 3.65 -15.13
CA PHE A 211 11.17 3.90 -15.16
C PHE A 211 10.80 5.07 -14.26
N ASN A 212 9.92 5.95 -14.76
CA ASN A 212 9.30 7.02 -13.98
C ASN A 212 8.07 6.46 -13.21
N THR A 213 7.40 5.44 -13.80
CA THR A 213 6.17 4.83 -13.22
C THR A 213 6.29 3.29 -13.13
N LEU A 214 5.60 2.73 -12.13
CA LEU A 214 5.55 1.29 -11.89
C LEU A 214 4.73 0.58 -12.99
N ALA A 215 3.72 1.30 -13.53
CA ALA A 215 2.90 0.80 -14.65
C ALA A 215 3.79 0.49 -15.88
N GLU A 216 4.77 1.39 -16.14
CA GLU A 216 5.71 1.23 -17.26
C GLU A 216 6.84 0.28 -16.90
N LEU A 217 7.13 0.13 -15.59
CA LEU A 217 8.03 -0.94 -15.12
C LEU A 217 7.43 -2.31 -15.49
N VAL A 218 6.15 -2.49 -15.18
CA VAL A 218 5.42 -3.75 -15.40
C VAL A 218 5.25 -4.02 -16.91
N HIS A 219 4.96 -2.96 -17.67
CA HIS A 219 4.79 -3.01 -19.15
C HIS A 219 6.12 -3.42 -19.84
N HIS A 220 7.18 -2.69 -19.51
CA HIS A 220 8.52 -2.91 -20.07
C HIS A 220 8.98 -4.33 -19.72
N HIS A 221 8.82 -4.70 -18.44
CA HIS A 221 9.12 -6.07 -17.95
C HIS A 221 8.21 -7.13 -18.61
N SER A 222 7.00 -6.73 -19.01
CA SER A 222 6.05 -7.61 -19.73
C SER A 222 6.53 -7.89 -21.16
N THR A 223 7.34 -6.96 -21.74
CA THR A 223 7.86 -7.14 -23.12
C THR A 223 9.40 -7.35 -23.25
N VAL A 224 10.22 -7.16 -22.19
CA VAL A 224 11.71 -7.17 -22.36
C VAL A 224 12.37 -8.54 -22.11
N ALA A 225 13.32 -8.80 -22.99
CA ALA A 225 14.19 -9.98 -23.08
C ALA A 225 15.46 -9.83 -22.22
N ASP A 226 15.60 -8.67 -21.56
CA ASP A 226 16.88 -7.93 -21.27
C ASP A 226 17.66 -8.55 -20.06
N GLY A 227 17.31 -9.77 -19.67
CA GLY A 227 17.82 -10.44 -18.47
C GLY A 227 16.72 -10.74 -17.48
N LEU A 228 15.49 -10.75 -18.00
CA LEU A 228 14.36 -11.42 -17.40
C LEU A 228 14.28 -12.85 -17.96
N ILE A 229 14.33 -13.86 -17.06
CA ILE A 229 14.14 -15.28 -17.42
C ILE A 229 12.80 -15.46 -18.19
N THR A 230 11.76 -14.78 -17.69
CA THR A 230 10.46 -14.68 -18.37
C THR A 230 10.00 -13.22 -18.35
N THR A 231 9.38 -12.80 -19.45
CA THR A 231 8.62 -11.55 -19.53
C THR A 231 7.33 -11.69 -18.68
N LEU A 232 6.88 -10.61 -18.02
CA LEU A 232 5.65 -10.64 -17.19
C LEU A 232 4.44 -10.99 -18.08
N HIS A 233 3.97 -12.25 -18.03
CA HIS A 233 2.96 -12.75 -18.97
C HIS A 233 1.57 -12.43 -18.42
N TYR A 234 1.31 -12.85 -17.18
CA TYR A 234 0.00 -12.68 -16.49
C TYR A 234 0.15 -12.74 -14.97
N PRO A 235 -0.72 -12.04 -14.17
CA PRO A 235 -0.61 -12.04 -12.70
C PRO A 235 -1.03 -13.38 -12.07
N ALA A 236 -0.36 -13.77 -10.96
CA ALA A 236 -0.74 -14.95 -10.18
C ALA A 236 -2.02 -14.65 -9.39
N PRO A 237 -3.06 -15.55 -9.42
CA PRO A 237 -4.32 -15.30 -8.71
C PRO A 237 -4.14 -15.42 -7.18
N LYS A 238 -4.92 -14.61 -6.45
CA LYS A 238 -5.02 -14.69 -4.98
C LYS A 238 -5.76 -16.00 -4.58
N ARG A 239 -5.56 -16.47 -3.32
CA ARG A 239 -6.11 -17.75 -2.77
C ARG A 239 -7.54 -18.05 -3.26
N ASN A 240 -8.40 -17.04 -3.17
CA ASN A 240 -9.75 -17.05 -3.77
C ASN A 240 -9.86 -15.80 -4.68
N LYS A 241 -9.92 -16.04 -6.00
CA LYS A 241 -10.01 -14.96 -7.00
C LYS A 241 -10.31 -15.59 -8.39
N PRO A 242 -11.56 -15.38 -8.95
CA PRO A 242 -11.91 -15.90 -10.30
C PRO A 242 -11.28 -15.04 -11.42
N THR A 243 -10.74 -15.72 -12.46
CA THR A 243 -10.08 -15.07 -13.61
C THR A 243 -10.35 -15.86 -14.91
N VAL A 244 -10.18 -15.18 -16.05
CA VAL A 244 -10.36 -15.78 -17.39
C VAL A 244 -9.32 -15.17 -18.35
N TYR A 245 -8.43 -16.02 -18.88
CA TYR A 245 -7.40 -15.67 -19.90
C TYR A 245 -7.15 -16.89 -20.79
N GLY A 246 -7.14 -16.66 -22.11
CA GLY A 246 -6.90 -17.70 -23.11
C GLY A 246 -6.20 -17.14 -24.33
N VAL A 247 -5.36 -17.97 -24.97
CA VAL A 247 -4.53 -17.56 -26.11
C VAL A 247 -4.31 -18.78 -27.04
N SER A 248 -4.21 -18.53 -28.36
CA SER A 248 -3.89 -19.55 -29.37
C SER A 248 -2.61 -19.12 -30.13
N PRO A 249 -1.39 -19.44 -29.57
CA PRO A 249 -0.09 -19.01 -30.14
C PRO A 249 0.31 -19.87 -31.38
N ASN A 250 -0.01 -19.37 -32.58
CA ASN A 250 0.30 -20.05 -33.86
C ASN A 250 1.74 -19.70 -34.31
N TYR A 251 2.62 -20.70 -34.39
CA TYR A 251 4.02 -20.54 -34.86
C TYR A 251 4.36 -21.66 -35.84
N ASP A 252 5.13 -21.33 -36.89
CA ASP A 252 5.64 -22.32 -37.86
C ASP A 252 6.91 -22.98 -37.29
N LYS A 253 7.95 -22.15 -37.05
CA LYS A 253 9.19 -22.54 -36.35
C LYS A 253 10.11 -21.30 -36.23
N TRP A 254 9.80 -20.45 -35.24
CA TRP A 254 10.58 -19.22 -34.96
C TRP A 254 11.94 -19.59 -34.32
N GLU A 255 13.04 -19.17 -34.97
CA GLU A 255 14.40 -19.53 -34.56
C GLU A 255 14.83 -18.64 -33.37
N MET A 1 20.07 5.32 20.51
CA MET A 1 18.67 5.03 20.84
C MET A 1 18.11 4.02 19.83
N GLY A 2 18.02 2.75 20.26
CA GLY A 2 17.58 1.64 19.42
C GLY A 2 17.45 0.37 20.24
N GLN A 3 18.07 -0.74 19.75
CA GLN A 3 18.15 -2.09 20.41
C GLN A 3 16.79 -2.75 20.77
N GLN A 4 15.65 -2.06 20.52
CA GLN A 4 14.31 -2.53 20.91
C GLN A 4 13.61 -3.16 19.69
N PRO A 5 13.30 -4.49 19.70
CA PRO A 5 12.43 -5.10 18.67
C PRO A 5 11.02 -4.49 18.71
N GLY A 6 10.53 -4.26 19.94
CA GLY A 6 9.30 -3.50 20.20
C GLY A 6 8.04 -4.32 20.05
N LYS A 7 7.74 -4.75 18.80
CA LYS A 7 6.46 -5.39 18.45
C LYS A 7 6.66 -6.78 17.82
N VAL A 8 5.59 -7.57 17.87
CA VAL A 8 5.39 -8.80 17.07
C VAL A 8 3.94 -8.76 16.56
N LEU A 9 3.71 -9.30 15.35
CA LEU A 9 2.40 -9.20 14.68
C LEU A 9 2.11 -10.46 13.85
N GLY A 10 1.01 -10.41 13.07
CA GLY A 10 0.50 -11.57 12.33
C GLY A 10 -0.50 -12.37 13.16
N ASP A 11 -1.12 -11.69 14.13
CA ASP A 11 -2.11 -12.28 15.07
C ASP A 11 -3.55 -12.13 14.51
N GLN A 12 -4.55 -12.38 15.36
CA GLN A 12 -5.98 -12.50 14.97
C GLN A 12 -6.66 -11.11 14.79
N ARG A 13 -8.03 -11.10 14.83
CA ARG A 13 -8.88 -9.86 14.71
C ARG A 13 -8.34 -8.73 15.59
N ARG A 14 -8.24 -7.51 15.01
CA ARG A 14 -7.55 -6.36 15.64
C ARG A 14 -6.05 -6.73 15.84
N PRO A 15 -5.20 -6.63 14.76
CA PRO A 15 -3.76 -6.93 14.86
C PRO A 15 -3.04 -5.98 15.85
N SER A 16 -1.81 -6.35 16.24
CA SER A 16 -1.08 -5.63 17.30
C SER A 16 -0.65 -4.22 16.88
N LEU A 17 -0.21 -3.44 17.88
CA LEU A 17 0.23 -2.06 17.68
C LEU A 17 1.76 -2.04 17.70
N PRO A 18 2.42 -1.48 16.63
CA PRO A 18 3.90 -1.40 16.58
C PRO A 18 4.52 -0.42 17.58
N ALA A 19 5.87 -0.45 17.69
CA ALA A 19 6.63 0.43 18.61
C ALA A 19 6.91 1.80 17.98
N LEU A 20 6.80 2.86 18.79
CA LEU A 20 7.11 4.24 18.39
C LEU A 20 8.60 4.48 18.65
N HIS A 21 9.42 4.22 17.62
CA HIS A 21 10.88 4.45 17.67
C HIS A 21 11.22 5.77 16.99
N PHE A 22 10.58 6.00 15.83
CA PHE A 22 10.75 7.24 15.03
C PHE A 22 9.53 8.15 15.23
N ILE A 23 9.74 9.27 15.95
CA ILE A 23 8.76 10.35 16.12
C ILE A 23 9.35 11.62 15.52
N LYS A 24 8.67 12.20 14.54
CA LYS A 24 9.13 13.39 13.81
C LYS A 24 8.02 14.45 13.72
N GLY A 25 8.45 15.68 13.48
CA GLY A 25 7.57 16.82 13.22
C GLY A 25 7.94 17.51 11.92
N ALA A 26 7.29 18.66 11.65
CA ALA A 26 7.56 19.52 10.47
C ALA A 26 7.25 18.82 9.12
N GLY A 27 6.56 17.67 9.17
CA GLY A 27 6.15 16.93 7.98
C GLY A 27 4.64 17.05 7.77
N LYS A 28 4.21 17.52 6.58
CA LYS A 28 2.80 17.89 6.33
C LYS A 28 2.54 18.14 4.84
N ARG A 29 3.47 18.91 4.21
CA ARG A 29 3.40 19.33 2.78
C ARG A 29 2.17 20.26 2.55
N GLU A 30 1.70 20.90 3.65
CA GLU A 30 0.45 21.70 3.68
C GLU A 30 -0.74 20.95 3.08
N SER A 31 -0.71 19.61 3.18
CA SER A 31 -1.79 18.75 2.68
C SER A 31 -3.01 18.81 3.62
N SER A 32 -2.83 19.40 4.83
CA SER A 32 -3.87 19.53 5.86
C SER A 32 -5.01 20.45 5.35
N ARG A 33 -5.94 19.86 4.57
CA ARG A 33 -7.03 20.57 3.96
C ARG A 33 -8.24 20.52 4.90
N HIS A 34 -8.76 21.72 5.27
CA HIS A 34 -9.75 21.89 6.35
C HIS A 34 -10.98 20.96 6.20
N GLY A 35 -11.44 20.40 7.34
CA GLY A 35 -12.54 19.44 7.37
C GLY A 35 -13.88 20.04 6.98
N GLY A 36 -14.57 20.60 7.98
CA GLY A 36 -15.90 21.18 7.78
C GLY A 36 -16.76 21.10 9.06
N PRO A 37 -18.00 21.68 9.05
CA PRO A 37 -18.92 21.68 10.21
C PRO A 37 -19.43 20.27 10.58
N HIS A 38 -18.76 19.66 11.57
CA HIS A 38 -19.10 18.34 12.16
C HIS A 38 -18.27 18.14 13.44
N CYS A 39 -17.79 19.25 14.00
CA CYS A 39 -16.76 19.28 15.05
C CYS A 39 -17.31 18.81 16.40
N ASN A 40 -16.85 17.63 16.85
CA ASN A 40 -17.15 17.09 18.18
C ASN A 40 -16.23 17.77 19.23
N VAL A 41 -16.59 19.02 19.56
CA VAL A 41 -15.80 19.84 20.50
C VAL A 41 -16.09 19.42 21.96
N PHE A 42 -15.01 19.16 22.70
CA PHE A 42 -15.07 18.80 24.13
C PHE A 42 -14.06 19.66 24.90
N VAL A 43 -14.52 20.82 25.38
CA VAL A 43 -13.74 21.69 26.28
C VAL A 43 -14.19 21.46 27.73
N GLU A 44 -13.25 21.10 28.60
CA GLU A 44 -13.51 20.87 30.03
C GLU A 44 -13.04 22.12 30.81
N HIS A 45 -13.81 22.50 31.85
CA HIS A 45 -13.59 23.77 32.59
C HIS A 45 -12.66 23.59 33.81
N GLU A 46 -12.06 22.39 33.93
CA GLU A 46 -11.11 22.08 35.01
C GLU A 46 -9.76 22.74 34.71
N ALA A 47 -9.65 24.04 35.08
CA ALA A 47 -8.47 24.88 34.81
C ALA A 47 -8.35 25.95 35.90
N LEU A 48 -7.52 25.68 36.91
CA LEU A 48 -7.30 26.59 38.05
C LEU A 48 -6.01 27.38 37.83
N GLN A 49 -6.17 28.70 37.55
CA GLN A 49 -5.04 29.59 37.19
C GLN A 49 -4.17 29.93 38.41
N ARG A 50 -3.16 29.08 38.65
CA ARG A 50 -2.15 29.31 39.68
C ARG A 50 -1.16 30.44 39.25
N PRO A 51 -0.55 30.42 38.00
CA PRO A 51 0.31 31.52 37.53
C PRO A 51 -0.50 32.73 37.01
N VAL A 52 -1.12 33.44 37.95
CA VAL A 52 -1.89 34.67 37.67
C VAL A 52 -0.96 35.89 37.88
N ALA A 53 -1.03 36.86 36.95
CA ALA A 53 -0.20 38.09 37.00
C ALA A 53 -1.10 39.33 36.94
N SER A 54 -0.68 40.40 37.64
CA SER A 54 -1.40 41.68 37.67
C SER A 54 -0.68 42.69 36.77
N ASP A 55 -1.10 42.72 35.50
CA ASP A 55 -0.53 43.58 34.47
C ASP A 55 -1.07 45.01 34.58
N PHE A 56 -0.19 45.96 34.99
CA PHE A 56 -0.49 47.40 35.03
C PHE A 56 -0.66 47.94 33.59
N GLU A 57 -1.56 48.92 33.42
CA GLU A 57 -1.91 49.51 32.11
C GLU A 57 -2.46 48.40 31.15
N PRO A 58 -3.69 47.86 31.42
CA PRO A 58 -4.30 46.76 30.64
C PRO A 58 -5.07 47.27 29.40
N GLN A 59 -4.41 48.13 28.61
CA GLN A 59 -4.99 48.74 27.39
C GLN A 59 -5.36 47.67 26.34
N GLY A 60 -6.56 47.81 25.76
CA GLY A 60 -7.14 46.81 24.87
C GLY A 60 -8.37 46.17 25.49
N LEU A 61 -9.40 45.90 24.67
CA LEU A 61 -10.68 45.35 25.13
C LEU A 61 -10.68 43.82 24.92
N SER A 62 -9.90 43.13 25.77
CA SER A 62 -9.65 41.68 25.69
C SER A 62 -10.89 40.89 26.15
N GLU A 63 -11.17 39.77 25.44
CA GLU A 63 -12.34 38.91 25.70
C GLU A 63 -12.07 37.47 25.23
N ALA A 64 -12.77 36.50 25.85
CA ALA A 64 -12.69 35.06 25.51
C ALA A 64 -14.07 34.41 25.65
N ALA A 65 -14.43 33.50 24.72
CA ALA A 65 -15.76 32.85 24.69
C ALA A 65 -15.63 31.33 24.88
N ARG A 66 -16.15 30.83 26.00
CA ARG A 66 -16.20 29.38 26.33
C ARG A 66 -17.60 28.85 25.95
N TRP A 67 -17.82 28.69 24.62
CA TRP A 67 -19.10 28.25 24.05
C TRP A 67 -19.12 26.72 23.91
N ASN A 68 -20.03 26.07 24.65
CA ASN A 68 -20.20 24.61 24.67
C ASN A 68 -21.37 24.24 23.74
N SER A 69 -21.08 24.01 22.46
CA SER A 69 -22.06 23.54 21.47
C SER A 69 -21.37 22.54 20.50
N LYS A 70 -21.52 21.25 20.82
CA LYS A 70 -20.94 20.14 20.05
C LYS A 70 -21.79 19.85 18.80
N GLU A 71 -21.14 19.55 17.66
CA GLU A 71 -21.81 19.09 16.45
C GLU A 71 -21.74 17.56 16.35
N ASN A 72 -22.75 16.97 15.69
CA ASN A 72 -22.80 15.52 15.40
C ASN A 72 -21.79 15.20 14.29
N LEU A 73 -21.16 14.01 14.37
CA LEU A 73 -20.18 13.55 13.38
C LEU A 73 -20.86 13.29 12.03
N LEU A 74 -20.92 14.34 11.19
CA LEU A 74 -21.47 14.27 9.84
C LEU A 74 -20.41 13.70 8.87
N ALA A 75 -20.87 12.81 7.97
CA ALA A 75 -20.04 12.25 6.90
C ALA A 75 -19.75 13.31 5.82
N GLY A 76 -18.79 13.00 4.94
CA GLY A 76 -18.41 13.89 3.84
C GLY A 76 -17.75 13.09 2.72
N PRO A 77 -18.30 13.09 1.45
CA PRO A 77 -17.70 12.36 0.29
C PRO A 77 -16.23 12.82 0.03
N SER A 78 -15.26 11.93 0.29
CA SER A 78 -13.82 12.26 0.28
C SER A 78 -13.02 11.30 -0.63
N GLU A 79 -12.47 11.84 -1.75
CA GLU A 79 -11.58 11.11 -2.67
C GLU A 79 -10.85 12.12 -3.56
N ASN A 80 -9.57 12.38 -3.25
CA ASN A 80 -8.72 13.37 -3.96
C ASN A 80 -7.41 12.73 -4.42
N ASP A 81 -6.73 12.09 -3.46
CA ASP A 81 -5.35 11.58 -3.61
C ASP A 81 -5.37 10.20 -4.29
N PRO A 82 -4.38 9.89 -5.18
CA PRO A 82 -4.26 8.56 -5.83
C PRO A 82 -4.01 7.45 -4.78
N ASN A 83 -3.06 7.70 -3.86
CA ASN A 83 -2.76 6.78 -2.74
C ASN A 83 -3.67 7.10 -1.56
N LEU A 84 -4.97 6.85 -1.76
CA LEU A 84 -5.99 7.00 -0.72
C LEU A 84 -6.15 5.65 -0.01
N PHE A 85 -6.01 5.68 1.31
CA PHE A 85 -6.11 4.50 2.18
C PHE A 85 -7.45 4.52 2.91
N VAL A 86 -7.74 3.47 3.68
CA VAL A 86 -8.90 3.41 4.57
C VAL A 86 -8.52 2.63 5.83
N ALA A 87 -9.01 3.09 6.98
CA ALA A 87 -8.89 2.39 8.24
C ALA A 87 -9.92 1.26 8.30
N LEU A 88 -9.44 0.01 8.20
CA LEU A 88 -10.26 -1.21 8.33
C LEU A 88 -10.80 -1.37 9.75
N TYR A 89 -10.07 -0.81 10.72
CA TYR A 89 -10.39 -0.90 12.14
C TYR A 89 -10.43 0.49 12.74
N ASP A 90 -11.17 0.62 13.84
CA ASP A 90 -11.15 1.82 14.67
C ASP A 90 -9.80 1.92 15.38
N PHE A 91 -9.33 3.15 15.57
CA PHE A 91 -8.10 3.44 16.29
C PHE A 91 -8.19 4.86 16.87
N VAL A 92 -8.34 4.92 18.20
CA VAL A 92 -8.30 6.19 18.94
C VAL A 92 -6.83 6.55 19.16
N ALA A 93 -6.46 7.82 18.86
CA ALA A 93 -5.09 8.30 19.00
C ALA A 93 -4.63 8.25 20.47
N SER A 94 -3.40 7.79 20.68
CA SER A 94 -2.74 7.81 21.99
C SER A 94 -2.57 9.27 22.48
N GLY A 95 -2.53 10.21 21.50
CA GLY A 95 -2.54 11.64 21.77
C GLY A 95 -1.91 12.44 20.65
N ASP A 96 -1.03 13.40 21.02
CA ASP A 96 -0.37 14.34 20.10
C ASP A 96 0.62 13.62 19.14
N ASN A 97 1.12 12.47 19.58
CA ASN A 97 2.13 11.65 18.85
C ASN A 97 1.49 10.79 17.74
N THR A 98 0.14 10.70 17.73
CA THR A 98 -0.61 9.78 16.85
C THR A 98 -1.85 10.46 16.24
N LEU A 99 -2.47 9.77 15.27
CA LEU A 99 -3.72 10.24 14.60
C LEU A 99 -4.86 9.26 14.90
N SER A 100 -6.04 9.81 15.24
CA SER A 100 -7.25 9.02 15.49
C SER A 100 -7.95 8.78 14.16
N ILE A 101 -8.06 7.50 13.78
CA ILE A 101 -8.70 7.07 12.53
C ILE A 101 -9.89 6.15 12.86
N THR A 102 -11.03 6.43 12.24
CA THR A 102 -12.25 5.64 12.41
C THR A 102 -12.30 4.51 11.37
N LYS A 103 -12.89 3.36 11.74
CA LYS A 103 -13.30 2.32 10.78
C LYS A 103 -14.21 2.93 9.67
N GLY A 104 -13.70 2.97 8.43
CA GLY A 104 -14.44 3.52 7.28
C GLY A 104 -13.91 4.88 6.83
N GLU A 105 -13.06 5.48 7.68
CA GLU A 105 -12.42 6.78 7.42
C GLU A 105 -11.26 6.59 6.42
N LYS A 106 -11.28 7.38 5.33
CA LYS A 106 -10.24 7.31 4.28
C LYS A 106 -9.09 8.28 4.59
N LEU A 107 -7.85 7.76 4.46
CA LEU A 107 -6.65 8.35 5.06
C LEU A 107 -5.66 8.81 3.98
N ARG A 108 -4.88 9.85 4.28
CA ARG A 108 -3.73 10.28 3.45
C ARG A 108 -2.45 9.81 4.12
N VAL A 109 -1.77 8.81 3.54
CA VAL A 109 -0.46 8.35 4.02
C VAL A 109 0.63 9.19 3.35
N LEU A 110 1.23 10.09 4.14
CA LEU A 110 2.35 10.95 3.71
C LEU A 110 3.62 10.09 3.59
N GLY A 111 3.70 9.05 4.44
CA GLY A 111 4.75 8.03 4.38
C GLY A 111 4.53 6.95 5.42
N TYR A 112 5.47 6.01 5.55
CA TYR A 112 5.52 5.06 6.67
C TYR A 112 6.76 5.34 7.53
N ASN A 113 6.87 4.62 8.66
CA ASN A 113 8.09 4.53 9.46
C ASN A 113 9.17 3.83 8.62
N HIS A 114 10.44 4.23 8.79
CA HIS A 114 11.57 3.71 8.00
C HIS A 114 11.81 2.22 8.25
N ASN A 115 11.47 1.77 9.48
CA ASN A 115 11.56 0.36 9.88
C ASN A 115 10.26 -0.42 9.50
N GLY A 116 9.27 0.32 8.99
CA GLY A 116 8.00 -0.25 8.51
C GLY A 116 7.05 -0.61 9.62
N GLU A 117 7.08 0.18 10.71
CA GLU A 117 6.27 -0.07 11.91
C GLU A 117 4.91 0.65 11.78
N TRP A 118 4.94 1.98 11.91
CA TRP A 118 3.75 2.84 11.88
C TRP A 118 3.61 3.49 10.49
N ALA A 119 2.58 4.30 10.33
CA ALA A 119 2.25 4.98 9.08
C ALA A 119 2.09 6.47 9.35
N GLU A 120 2.94 7.30 8.73
CA GLU A 120 2.86 8.76 8.83
C GLU A 120 1.63 9.22 8.04
N ALA A 121 0.51 9.34 8.75
CA ALA A 121 -0.80 9.59 8.14
C ALA A 121 -1.31 10.98 8.49
N GLN A 122 -2.31 11.40 7.73
CA GLN A 122 -2.95 12.69 7.87
C GLN A 122 -4.39 12.55 7.38
N THR A 123 -5.35 13.15 8.08
CA THR A 123 -6.74 13.27 7.63
C THR A 123 -7.22 14.70 7.81
N LYS A 124 -8.45 14.97 7.37
CA LYS A 124 -9.10 16.28 7.57
C LYS A 124 -9.47 16.47 9.07
N ASN A 125 -9.27 15.38 9.86
CA ASN A 125 -9.44 15.37 11.32
C ASN A 125 -8.13 15.76 12.05
N GLY A 126 -6.97 15.67 11.35
CA GLY A 126 -5.68 16.01 11.96
C GLY A 126 -4.50 15.31 11.30
N GLN A 127 -3.45 15.00 12.08
CA GLN A 127 -2.24 14.31 11.57
C GLN A 127 -1.58 13.47 12.69
N GLY A 128 -0.79 12.46 12.29
CA GLY A 128 0.01 11.66 13.24
C GLY A 128 0.28 10.26 12.72
N TRP A 129 0.84 9.41 13.59
CA TRP A 129 1.20 8.03 13.25
C TRP A 129 0.04 7.08 13.58
N VAL A 130 -0.28 6.18 12.62
CA VAL A 130 -1.33 5.16 12.75
C VAL A 130 -0.73 3.76 12.45
N PRO A 131 -1.33 2.65 12.96
CA PRO A 131 -0.83 1.28 12.67
C PRO A 131 -1.06 0.93 11.19
N SER A 132 0.03 0.56 10.48
CA SER A 132 -0.01 0.07 9.08
C SER A 132 -0.89 -1.20 8.94
N ASN A 133 -1.06 -1.90 10.08
CA ASN A 133 -1.87 -3.12 10.19
C ASN A 133 -3.39 -2.80 10.15
N TYR A 134 -3.75 -1.55 10.50
CA TYR A 134 -5.16 -1.08 10.55
C TYR A 134 -5.59 -0.39 9.25
N ILE A 135 -4.66 -0.21 8.28
CA ILE A 135 -4.94 0.59 7.07
C ILE A 135 -4.71 -0.24 5.80
N THR A 136 -5.43 0.09 4.72
CA THR A 136 -5.23 -0.54 3.40
C THR A 136 -5.47 0.51 2.29
N PRO A 137 -4.60 0.58 1.23
CA PRO A 137 -4.79 1.51 0.10
C PRO A 137 -5.91 1.04 -0.85
N VAL A 138 -7.00 1.82 -0.92
CA VAL A 138 -8.18 1.49 -1.76
C VAL A 138 -8.00 2.03 -3.19
N ASN A 139 -7.73 3.35 -3.31
CA ASN A 139 -7.71 4.06 -4.60
C ASN A 139 -6.38 3.84 -5.35
N SER A 140 -5.35 3.40 -4.60
CA SER A 140 -4.00 3.16 -5.13
C SER A 140 -3.97 1.89 -6.03
N LEU A 141 -2.77 1.59 -6.56
CA LEU A 141 -2.55 0.50 -7.53
C LEU A 141 -2.88 -0.90 -6.95
N GLU A 142 -3.03 -1.02 -5.62
CA GLU A 142 -3.37 -2.30 -4.95
C GLU A 142 -4.74 -2.85 -5.41
N LYS A 143 -5.62 -1.92 -5.86
CA LYS A 143 -6.95 -2.24 -6.43
C LYS A 143 -6.83 -3.17 -7.66
N HIS A 144 -5.67 -3.11 -8.34
CA HIS A 144 -5.39 -3.89 -9.55
C HIS A 144 -4.99 -5.35 -9.22
N SER A 145 -4.93 -6.19 -10.26
CA SER A 145 -4.62 -7.63 -10.13
C SER A 145 -3.10 -7.89 -10.08
N TRP A 146 -2.33 -6.98 -10.68
CA TRP A 146 -0.87 -7.11 -10.77
C TRP A 146 -0.18 -6.59 -9.50
N TYR A 147 -0.64 -5.43 -8.96
CA TYR A 147 -0.09 -4.87 -7.72
C TYR A 147 -0.94 -5.31 -6.54
N HIS A 148 -0.29 -5.91 -5.54
CA HIS A 148 -0.96 -6.48 -4.36
C HIS A 148 -0.67 -5.66 -3.10
N GLY A 149 0.03 -4.52 -3.26
CA GLY A 149 0.32 -3.60 -2.16
C GLY A 149 1.50 -4.04 -1.29
N PRO A 150 1.54 -3.61 0.01
CA PRO A 150 2.53 -4.10 1.00
C PRO A 150 2.23 -5.56 1.39
N VAL A 151 3.04 -6.50 0.88
CA VAL A 151 2.86 -7.96 1.11
C VAL A 151 4.20 -8.56 1.62
N SER A 152 4.11 -9.63 2.44
CA SER A 152 5.28 -10.41 2.90
C SER A 152 5.64 -11.49 1.86
N ARG A 153 6.83 -12.10 2.02
CA ARG A 153 7.33 -13.15 1.11
C ARG A 153 6.44 -14.42 1.15
N ASN A 154 5.86 -14.72 2.33
CA ASN A 154 5.00 -15.91 2.53
C ASN A 154 3.68 -15.76 1.73
N ALA A 155 2.97 -14.64 1.98
CA ALA A 155 1.71 -14.32 1.27
C ALA A 155 1.95 -14.18 -0.26
N ALA A 156 3.11 -13.61 -0.62
CA ALA A 156 3.55 -13.48 -2.03
C ALA A 156 3.63 -14.86 -2.70
N GLU A 157 4.42 -15.74 -2.11
CA GLU A 157 4.68 -17.09 -2.64
C GLU A 157 3.42 -17.99 -2.53
N TYR A 158 2.49 -17.60 -1.63
CA TYR A 158 1.18 -18.26 -1.47
C TYR A 158 0.30 -18.00 -2.71
N LEU A 159 0.14 -16.71 -3.05
CA LEU A 159 -0.68 -16.27 -4.21
C LEU A 159 -0.03 -16.72 -5.54
N LEU A 160 1.30 -16.65 -5.57
CA LEU A 160 2.11 -16.94 -6.77
C LEU A 160 2.15 -18.45 -7.07
N SER A 161 1.91 -19.28 -6.02
CA SER A 161 1.85 -20.76 -6.15
C SER A 161 0.77 -21.21 -7.14
N SER A 162 -0.28 -20.37 -7.28
CA SER A 162 -1.40 -20.58 -8.23
C SER A 162 -1.01 -20.20 -9.68
N GLY A 163 0.28 -19.92 -9.92
CA GLY A 163 0.77 -19.46 -11.21
C GLY A 163 1.57 -20.51 -11.97
N ILE A 164 1.67 -20.32 -13.30
CA ILE A 164 2.45 -21.20 -14.22
C ILE A 164 3.62 -20.40 -14.84
N ASN A 165 4.21 -20.95 -15.92
CA ASN A 165 5.36 -20.34 -16.66
C ASN A 165 5.10 -18.87 -17.08
N GLY A 166 5.65 -17.91 -16.28
CA GLY A 166 5.51 -16.48 -16.56
C GLY A 166 4.56 -15.76 -15.59
N SER A 167 4.21 -16.40 -14.48
CA SER A 167 3.32 -15.77 -13.48
C SER A 167 4.10 -14.78 -12.63
N PHE A 168 3.53 -13.58 -12.35
CA PHE A 168 4.22 -12.56 -11.54
C PHE A 168 3.31 -11.95 -10.47
N LEU A 169 3.95 -11.33 -9.47
CA LEU A 169 3.30 -10.44 -8.51
C LEU A 169 4.17 -9.20 -8.34
N VAL A 170 3.55 -8.01 -8.37
CA VAL A 170 4.24 -6.75 -8.04
C VAL A 170 3.75 -6.32 -6.66
N ARG A 171 4.69 -6.03 -5.76
CA ARG A 171 4.38 -5.72 -4.34
C ARG A 171 5.52 -4.93 -3.71
N GLU A 172 5.24 -4.25 -2.59
CA GLU A 172 6.29 -3.64 -1.76
C GLU A 172 6.43 -4.41 -0.45
N SER A 173 7.57 -4.21 0.22
CA SER A 173 7.85 -4.82 1.52
C SER A 173 7.20 -3.97 2.63
N GLU A 174 6.54 -4.64 3.59
CA GLU A 174 5.87 -3.97 4.73
C GLU A 174 6.90 -3.40 5.70
N SER A 175 7.96 -4.20 5.95
CA SER A 175 9.08 -3.83 6.85
C SER A 175 10.07 -2.87 6.15
N SER A 176 10.01 -2.78 4.81
CA SER A 176 10.87 -1.89 4.01
C SER A 176 9.97 -1.09 3.04
N PRO A 177 9.31 0.01 3.54
CA PRO A 177 8.31 0.80 2.76
C PRO A 177 8.89 1.43 1.50
N GLY A 178 8.10 1.44 0.42
CA GLY A 178 8.51 2.01 -0.87
C GLY A 178 9.46 1.12 -1.68
N GLN A 179 10.18 0.21 -0.99
CA GLN A 179 11.09 -0.75 -1.64
C GLN A 179 10.27 -1.95 -2.11
N ARG A 180 10.25 -2.13 -3.42
CA ARG A 180 9.35 -3.06 -4.09
C ARG A 180 10.10 -4.24 -4.67
N SER A 181 9.33 -5.23 -5.10
CA SER A 181 9.82 -6.50 -5.62
C SER A 181 8.77 -7.08 -6.57
N ILE A 182 9.25 -7.74 -7.63
CA ILE A 182 8.42 -8.60 -8.48
C ILE A 182 8.85 -10.05 -8.21
N SER A 183 7.86 -10.91 -8.06
CA SER A 183 8.05 -12.32 -7.80
C SER A 183 7.57 -13.10 -9.03
N LEU A 184 8.50 -13.78 -9.73
CA LEU A 184 8.21 -14.59 -10.93
C LEU A 184 8.26 -16.09 -10.61
N ARG A 185 7.37 -16.82 -11.26
CA ARG A 185 7.29 -18.27 -11.20
C ARG A 185 7.17 -18.82 -12.64
N TYR A 186 7.98 -19.86 -12.91
CA TYR A 186 7.91 -20.64 -14.14
C TYR A 186 8.33 -22.09 -13.83
N GLU A 187 7.62 -23.06 -14.41
CA GLU A 187 7.84 -24.52 -14.21
C GLU A 187 7.72 -24.97 -12.73
N GLY A 188 7.07 -24.14 -11.90
CA GLY A 188 6.96 -24.39 -10.46
C GLY A 188 8.24 -24.02 -9.70
N ARG A 189 9.05 -23.14 -10.31
CA ARG A 189 10.28 -22.60 -9.72
C ARG A 189 10.13 -21.08 -9.60
N VAL A 190 10.36 -20.57 -8.39
CA VAL A 190 10.05 -19.19 -7.99
C VAL A 190 11.32 -18.43 -7.58
N TYR A 191 11.37 -17.16 -7.95
CA TYR A 191 12.42 -16.21 -7.55
C TYR A 191 11.80 -14.81 -7.38
N HIS A 192 12.42 -14.02 -6.49
CA HIS A 192 11.92 -12.69 -6.08
C HIS A 192 13.05 -11.68 -6.28
N TYR A 193 12.86 -10.71 -7.18
CA TYR A 193 13.89 -9.70 -7.50
C TYR A 193 13.36 -8.31 -7.15
N ARG A 194 14.19 -7.54 -6.45
CA ARG A 194 13.85 -6.20 -5.96
C ARG A 194 13.80 -5.16 -7.10
N ILE A 195 12.70 -4.39 -7.11
CA ILE A 195 12.58 -3.15 -7.86
C ILE A 195 13.47 -2.09 -7.17
N ASN A 196 14.56 -1.72 -7.86
CA ASN A 196 15.47 -0.67 -7.42
C ASN A 196 14.74 0.68 -7.55
N THR A 197 14.61 1.40 -6.42
CA THR A 197 13.94 2.70 -6.36
C THR A 197 14.99 3.83 -6.28
N ALA A 198 15.08 4.59 -7.37
CA ALA A 198 15.90 5.82 -7.44
C ALA A 198 15.42 6.88 -6.42
N SER A 199 16.33 7.79 -6.05
CA SER A 199 16.07 8.86 -5.07
C SER A 199 15.13 9.95 -5.64
N ASP A 200 14.92 9.92 -6.96
CA ASP A 200 13.92 10.77 -7.65
C ASP A 200 12.52 10.10 -7.63
N GLY A 201 12.36 9.03 -6.81
CA GLY A 201 11.10 8.28 -6.71
C GLY A 201 10.84 7.37 -7.91
N LYS A 202 11.83 7.30 -8.82
CA LYS A 202 11.72 6.55 -10.08
C LYS A 202 12.01 5.07 -9.83
N LEU A 203 11.25 4.21 -10.48
CA LEU A 203 11.31 2.76 -10.29
C LEU A 203 12.06 2.12 -11.45
N TYR A 204 12.80 1.03 -11.16
CA TYR A 204 13.49 0.19 -12.16
C TYR A 204 13.96 -1.14 -11.55
N VAL A 205 14.56 -2.01 -12.38
CA VAL A 205 15.18 -3.28 -11.93
C VAL A 205 16.58 -3.35 -12.57
N SER A 206 16.60 -3.22 -13.90
CA SER A 206 17.83 -3.09 -14.70
C SER A 206 18.25 -1.61 -14.74
N SER A 207 19.54 -1.34 -14.91
CA SER A 207 20.08 0.05 -14.96
C SER A 207 19.61 0.75 -16.26
N GLU A 208 19.31 -0.06 -17.29
CA GLU A 208 18.73 0.42 -18.55
C GLU A 208 17.24 0.76 -18.37
N SER A 209 16.55 -0.02 -17.50
CA SER A 209 15.17 0.26 -17.06
C SER A 209 15.14 1.60 -16.29
N ARG A 210 14.26 2.54 -16.71
CA ARG A 210 14.02 3.83 -16.02
C ARG A 210 12.54 4.20 -16.14
N PHE A 211 11.78 4.20 -15.02
CA PHE A 211 10.30 4.47 -15.07
C PHE A 211 9.90 5.53 -14.05
N ASN A 212 8.95 6.39 -14.44
CA ASN A 212 8.32 7.37 -13.54
C ASN A 212 7.07 6.75 -12.88
N THR A 213 6.50 5.69 -13.52
CA THR A 213 5.32 4.97 -12.99
C THR A 213 5.54 3.44 -12.98
N LEU A 214 4.94 2.81 -11.96
CA LEU A 214 4.98 1.35 -11.77
C LEU A 214 4.19 0.63 -12.91
N ALA A 215 3.18 1.32 -13.46
CA ALA A 215 2.40 0.82 -14.61
C ALA A 215 3.30 0.59 -15.85
N GLU A 216 4.15 1.60 -16.13
CA GLU A 216 5.16 1.53 -17.23
C GLU A 216 6.22 0.47 -16.91
N LEU A 217 6.62 0.37 -15.63
CA LEU A 217 7.54 -0.69 -15.17
C LEU A 217 7.01 -2.10 -15.52
N VAL A 218 5.74 -2.33 -15.22
CA VAL A 218 5.09 -3.64 -15.41
C VAL A 218 4.90 -3.96 -16.91
N HIS A 219 4.44 -2.97 -17.71
CA HIS A 219 4.27 -3.14 -19.19
C HIS A 219 5.61 -3.50 -19.86
N HIS A 220 6.64 -2.69 -19.52
CA HIS A 220 8.00 -2.86 -20.05
C HIS A 220 8.50 -4.27 -19.73
N HIS A 221 8.50 -4.63 -18.44
CA HIS A 221 8.95 -5.95 -17.97
C HIS A 221 8.02 -7.09 -18.45
N SER A 222 6.80 -6.74 -18.87
CA SER A 222 5.88 -7.71 -19.49
C SER A 222 6.32 -8.06 -20.91
N THR A 223 6.96 -7.10 -21.62
CA THR A 223 7.40 -7.34 -23.03
C THR A 223 8.94 -7.40 -23.27
N VAL A 224 9.81 -7.11 -22.28
CA VAL A 224 11.28 -6.98 -22.55
C VAL A 224 12.16 -8.18 -22.11
N ALA A 225 13.32 -8.21 -22.78
CA ALA A 225 14.40 -9.20 -22.74
C ALA A 225 15.49 -8.89 -21.69
N ASP A 226 15.34 -7.77 -20.97
CA ASP A 226 16.38 -6.80 -20.52
C ASP A 226 17.21 -7.29 -19.28
N GLY A 227 17.13 -8.59 -18.96
CA GLY A 227 17.64 -9.18 -17.72
C GLY A 227 16.55 -9.87 -16.92
N LEU A 228 15.45 -10.16 -17.63
CA LEU A 228 14.38 -11.03 -17.15
C LEU A 228 14.65 -12.49 -17.57
N ILE A 229 14.46 -13.44 -16.62
CA ILE A 229 14.51 -14.89 -16.91
C ILE A 229 13.23 -15.30 -17.68
N THR A 230 12.11 -14.64 -17.35
CA THR A 230 10.86 -14.70 -18.13
C THR A 230 10.19 -13.31 -18.11
N THR A 231 9.59 -12.92 -19.25
CA THR A 231 8.77 -11.70 -19.32
C THR A 231 7.49 -11.92 -18.49
N LEU A 232 6.96 -10.84 -17.88
CA LEU A 232 5.75 -10.92 -17.06
C LEU A 232 4.55 -11.36 -17.96
N HIS A 233 4.19 -12.65 -17.91
CA HIS A 233 3.17 -13.24 -18.80
C HIS A 233 1.77 -12.95 -18.26
N TYR A 234 1.53 -13.25 -16.97
CA TYR A 234 0.23 -12.89 -16.32
C TYR A 234 0.40 -12.80 -14.79
N PRO A 235 -0.37 -11.90 -14.10
CA PRO A 235 -0.31 -11.81 -12.63
C PRO A 235 -1.06 -12.97 -11.96
N ALA A 236 -0.47 -13.51 -10.89
CA ALA A 236 -1.13 -14.50 -10.02
C ALA A 236 -2.31 -13.80 -9.27
N PRO A 237 -3.47 -14.49 -9.11
CA PRO A 237 -4.75 -13.84 -8.72
C PRO A 237 -4.75 -13.23 -7.30
N LYS A 238 -5.64 -12.24 -7.11
CA LYS A 238 -5.97 -11.66 -5.79
C LYS A 238 -6.78 -12.66 -4.95
N ARG A 239 -6.80 -12.47 -3.61
CA ARG A 239 -7.60 -13.31 -2.68
C ARG A 239 -9.08 -13.35 -3.12
N ASN A 240 -9.59 -12.20 -3.57
CA ASN A 240 -10.90 -12.09 -4.24
C ASN A 240 -10.66 -11.52 -5.64
N LYS A 241 -11.06 -12.28 -6.67
CA LYS A 241 -11.07 -11.81 -8.06
C LYS A 241 -12.42 -11.11 -8.34
N PRO A 242 -12.46 -9.76 -8.46
CA PRO A 242 -13.70 -9.01 -8.80
C PRO A 242 -13.90 -8.86 -10.32
N THR A 243 -13.15 -9.65 -11.11
CA THR A 243 -13.16 -9.59 -12.58
C THR A 243 -12.75 -10.95 -13.18
N VAL A 244 -13.27 -11.23 -14.38
CA VAL A 244 -12.94 -12.40 -15.21
C VAL A 244 -13.37 -12.10 -16.66
N TYR A 245 -12.38 -11.82 -17.53
CA TYR A 245 -12.62 -11.41 -18.92
C TYR A 245 -11.36 -11.65 -19.77
N GLY A 246 -11.56 -12.03 -21.05
CA GLY A 246 -10.46 -12.32 -21.96
C GLY A 246 -10.92 -12.47 -23.41
N VAL A 247 -10.45 -11.57 -24.28
CA VAL A 247 -10.70 -11.59 -25.73
C VAL A 247 -9.35 -11.76 -26.46
N SER A 248 -9.28 -12.70 -27.42
CA SER A 248 -8.08 -12.93 -28.25
C SER A 248 -8.28 -12.32 -29.65
N PRO A 249 -7.80 -11.06 -29.92
CA PRO A 249 -7.92 -10.41 -31.24
C PRO A 249 -6.75 -10.80 -32.17
N ASN A 250 -7.10 -11.37 -33.33
CA ASN A 250 -6.11 -11.81 -34.35
C ASN A 250 -5.98 -10.74 -35.44
N TYR A 251 -4.74 -10.48 -35.88
CA TYR A 251 -4.44 -9.48 -36.92
C TYR A 251 -3.40 -10.05 -37.90
N ASP A 252 -3.87 -10.48 -39.08
CA ASP A 252 -2.99 -10.87 -40.21
C ASP A 252 -2.53 -9.60 -40.96
N LYS A 253 -1.50 -9.74 -41.83
CA LYS A 253 -0.97 -8.62 -42.63
C LYS A 253 -0.26 -9.15 -43.89
N TRP A 254 -0.44 -8.44 -45.02
CA TRP A 254 0.10 -8.83 -46.33
C TRP A 254 1.57 -8.39 -46.51
N GLU A 255 2.21 -8.93 -47.56
CA GLU A 255 3.59 -8.61 -47.93
C GLU A 255 3.78 -9.01 -49.41
N MET A 1 18.54 -8.79 -8.63
CA MET A 1 18.64 -7.82 -7.52
C MET A 1 17.84 -8.33 -6.32
N GLY A 2 18.49 -9.19 -5.51
CA GLY A 2 17.82 -9.87 -4.38
C GLY A 2 18.23 -9.27 -3.03
N GLN A 3 17.23 -8.75 -2.28
CA GLN A 3 17.45 -8.15 -0.94
C GLN A 3 16.41 -8.73 0.04
N GLN A 4 16.74 -8.77 1.34
CA GLN A 4 15.80 -9.16 2.41
C GLN A 4 15.89 -8.13 3.55
N PRO A 5 15.02 -7.05 3.51
CA PRO A 5 15.02 -5.98 4.54
C PRO A 5 14.72 -6.53 5.96
N GLY A 6 13.82 -7.52 6.01
CA GLY A 6 13.44 -8.17 7.25
C GLY A 6 12.21 -9.05 7.06
N LYS A 7 12.21 -10.25 7.67
CA LYS A 7 11.04 -11.14 7.66
C LYS A 7 9.92 -10.51 8.54
N VAL A 8 8.78 -10.23 7.90
CA VAL A 8 7.66 -9.50 8.52
C VAL A 8 6.34 -10.18 8.10
N LEU A 9 5.25 -9.92 8.85
CA LEU A 9 3.90 -10.45 8.54
C LEU A 9 2.90 -9.63 9.35
N GLY A 10 2.21 -8.68 8.68
CA GLY A 10 1.26 -7.76 9.34
C GLY A 10 -0.19 -7.98 8.91
N ASP A 11 -0.41 -8.92 7.98
CA ASP A 11 -1.75 -9.30 7.51
C ASP A 11 -2.40 -10.30 8.49
N GLN A 12 -3.15 -9.77 9.47
CA GLN A 12 -3.92 -10.56 10.46
C GLN A 12 -5.26 -9.86 10.72
N ARG A 13 -6.22 -10.59 11.31
CA ARG A 13 -7.44 -9.98 11.86
C ARG A 13 -7.09 -9.39 13.23
N ARG A 14 -7.03 -8.04 13.32
CA ARG A 14 -6.46 -7.33 14.48
C ARG A 14 -5.02 -7.82 14.80
N PRO A 15 -4.01 -7.35 14.02
CA PRO A 15 -2.59 -7.61 14.32
C PRO A 15 -2.12 -6.73 15.48
N SER A 16 -0.96 -7.06 16.07
CA SER A 16 -0.41 -6.29 17.19
C SER A 16 0.10 -4.91 16.72
N LEU A 17 0.43 -4.05 17.68
CA LEU A 17 0.86 -2.67 17.41
C LEU A 17 2.38 -2.57 17.65
N PRO A 18 3.14 -1.96 16.68
CA PRO A 18 4.61 -1.75 16.82
C PRO A 18 4.96 -0.71 17.90
N ALA A 19 6.25 -0.57 18.22
CA ALA A 19 6.74 0.50 19.09
C ALA A 19 7.02 1.78 18.26
N LEU A 20 6.85 2.95 18.89
CA LEU A 20 7.07 4.24 18.22
C LEU A 20 8.56 4.60 18.33
N HIS A 21 9.36 4.24 17.28
CA HIS A 21 10.82 4.45 17.28
C HIS A 21 11.20 5.74 16.56
N PHE A 22 10.70 5.87 15.31
CA PHE A 22 10.97 7.06 14.47
C PHE A 22 9.68 7.90 14.44
N ILE A 23 9.68 8.98 15.22
CA ILE A 23 8.54 9.93 15.29
C ILE A 23 9.04 11.33 15.02
N LYS A 24 8.62 11.86 13.86
CA LYS A 24 8.87 13.25 13.46
C LYS A 24 8.11 13.53 12.17
N GLY A 25 8.36 12.68 11.14
CA GLY A 25 7.82 12.88 9.79
C GLY A 25 8.13 14.25 9.22
N ALA A 26 7.34 14.68 8.21
CA ALA A 26 7.35 16.05 7.64
C ALA A 26 8.77 16.63 7.46
N GLY A 27 9.43 16.24 6.35
CA GLY A 27 10.83 16.63 6.12
C GLY A 27 11.28 16.36 4.70
N LYS A 28 10.78 15.25 4.13
CA LYS A 28 11.07 14.87 2.73
C LYS A 28 10.19 15.69 1.74
N ARG A 29 10.45 15.49 0.43
CA ARG A 29 9.74 16.22 -0.66
C ARG A 29 8.20 16.12 -0.52
N GLU A 30 7.55 17.29 -0.43
CA GLU A 30 6.11 17.40 -0.18
C GLU A 30 5.31 16.97 -1.41
N SER A 31 4.34 16.05 -1.20
CA SER A 31 3.54 15.41 -2.28
C SER A 31 2.82 16.46 -3.15
N SER A 32 2.07 17.35 -2.49
CA SER A 32 1.40 18.49 -3.11
C SER A 32 1.93 19.77 -2.44
N ARG A 33 2.73 20.56 -3.18
CA ARG A 33 3.36 21.79 -2.66
C ARG A 33 2.85 23.02 -3.45
N HIS A 34 3.35 24.21 -3.09
CA HIS A 34 3.04 25.47 -3.81
C HIS A 34 4.04 25.73 -4.95
N GLY A 35 3.67 26.62 -5.88
CA GLY A 35 4.52 26.97 -7.03
C GLY A 35 3.70 27.58 -8.15
N GLY A 36 4.32 28.42 -9.00
CA GLY A 36 3.61 29.15 -10.06
C GLY A 36 4.27 30.49 -10.45
N PRO A 37 4.50 31.44 -9.47
CA PRO A 37 5.15 32.77 -9.74
C PRO A 37 6.48 32.65 -10.54
N HIS A 38 6.39 32.97 -11.86
CA HIS A 38 7.54 32.98 -12.79
C HIS A 38 7.43 34.19 -13.74
N CYS A 39 8.54 34.49 -14.43
CA CYS A 39 8.65 35.63 -15.35
C CYS A 39 9.03 35.14 -16.75
N ASN A 40 8.01 34.92 -17.60
CA ASN A 40 8.19 34.48 -19.00
C ASN A 40 6.89 34.68 -19.80
N VAL A 41 7.02 34.71 -21.13
CA VAL A 41 5.88 34.83 -22.07
C VAL A 41 6.22 34.06 -23.37
N PHE A 42 5.23 33.32 -23.89
CA PHE A 42 5.31 32.63 -25.20
C PHE A 42 4.22 33.20 -26.12
N VAL A 43 4.64 34.12 -27.02
CA VAL A 43 3.73 34.81 -27.95
C VAL A 43 3.08 33.81 -28.95
N GLU A 44 1.77 33.97 -29.15
CA GLU A 44 0.99 33.11 -30.05
C GLU A 44 1.20 33.54 -31.51
N HIS A 45 1.46 32.56 -32.39
CA HIS A 45 1.51 32.76 -33.84
C HIS A 45 0.54 31.76 -34.49
N GLU A 46 -0.77 32.09 -34.42
CA GLU A 46 -1.83 31.20 -34.93
C GLU A 46 -1.88 31.18 -36.46
N ALA A 47 -2.17 30.00 -37.03
CA ALA A 47 -2.36 29.83 -38.48
C ALA A 47 -3.78 30.23 -38.87
N LEU A 48 -4.77 29.69 -38.12
CA LEU A 48 -6.23 29.91 -38.29
C LEU A 48 -6.72 29.49 -39.69
N GLN A 49 -6.35 30.29 -40.70
CA GLN A 49 -6.65 30.04 -42.12
C GLN A 49 -5.89 28.78 -42.63
N ARG A 50 -6.23 28.32 -43.85
CA ARG A 50 -5.58 27.17 -44.49
C ARG A 50 -4.92 27.58 -45.83
N PRO A 51 -3.61 27.99 -45.81
CA PRO A 51 -2.82 28.17 -47.04
C PRO A 51 -2.14 26.86 -47.48
N VAL A 52 -2.29 26.50 -48.77
CA VAL A 52 -1.57 25.36 -49.36
C VAL A 52 -0.04 25.59 -49.23
N ALA A 53 0.36 26.85 -49.46
CA ALA A 53 1.73 27.33 -49.23
C ALA A 53 2.02 27.38 -47.72
N SER A 54 2.53 26.26 -47.22
CA SER A 54 2.99 26.08 -45.83
C SER A 54 4.36 25.36 -45.85
N ASP A 55 4.78 25.00 -47.06
CA ASP A 55 6.01 24.23 -47.35
C ASP A 55 7.24 25.14 -47.47
N PHE A 56 7.01 26.46 -47.50
CA PHE A 56 8.07 27.47 -47.71
C PHE A 56 8.98 27.62 -46.47
N GLU A 57 9.86 26.61 -46.30
CA GLU A 57 10.80 26.49 -45.17
C GLU A 57 10.04 26.48 -43.81
N PRO A 58 9.26 25.40 -43.49
CA PRO A 58 8.42 25.36 -42.26
C PRO A 58 9.25 25.18 -40.96
N GLN A 59 10.53 24.79 -41.11
CA GLN A 59 11.49 24.59 -40.01
C GLN A 59 12.63 25.60 -40.15
N GLY A 60 12.64 26.64 -39.28
CA GLY A 60 13.69 27.66 -39.29
C GLY A 60 13.70 28.54 -38.04
N LEU A 61 12.97 28.12 -36.99
CA LEU A 61 12.88 28.83 -35.69
C LEU A 61 13.15 27.84 -34.54
N SER A 62 13.94 28.30 -33.56
CA SER A 62 14.32 27.51 -32.37
C SER A 62 14.46 28.46 -31.18
N GLU A 63 14.58 27.87 -29.97
CA GLU A 63 14.70 28.64 -28.72
C GLU A 63 15.46 27.81 -27.65
N ALA A 64 15.79 28.48 -26.52
CA ALA A 64 16.51 27.86 -25.40
C ALA A 64 16.40 28.72 -24.14
N ALA A 65 15.88 28.10 -23.06
CA ALA A 65 15.82 28.69 -21.72
C ALA A 65 15.48 27.60 -20.70
N ARG A 66 16.02 27.75 -19.49
CA ARG A 66 15.75 26.83 -18.38
C ARG A 66 15.59 27.65 -17.10
N TRP A 67 14.42 27.55 -16.48
CA TRP A 67 14.16 28.11 -15.15
C TRP A 67 13.46 27.04 -14.33
N ASN A 68 14.25 26.26 -13.59
CA ASN A 68 13.75 25.18 -12.72
C ASN A 68 13.24 25.75 -11.39
N SER A 69 12.30 25.03 -10.76
CA SER A 69 11.85 25.32 -9.40
C SER A 69 12.99 25.02 -8.41
N LYS A 70 13.23 25.93 -7.46
CA LYS A 70 14.32 25.83 -6.47
C LYS A 70 14.18 24.52 -5.65
N GLU A 71 13.08 24.43 -4.89
CA GLU A 71 12.77 23.26 -4.03
C GLU A 71 11.36 23.45 -3.43
N ASN A 72 10.88 22.44 -2.67
CA ASN A 72 9.63 22.52 -1.91
C ASN A 72 9.74 23.60 -0.81
N LEU A 73 8.63 24.29 -0.52
CA LEU A 73 8.58 25.37 0.47
C LEU A 73 7.53 25.00 1.53
N LEU A 74 6.25 24.96 1.11
CA LEU A 74 5.10 24.59 1.98
C LEU A 74 4.12 23.70 1.19
N ALA A 75 3.58 22.69 1.89
CA ALA A 75 2.63 21.71 1.32
C ALA A 75 1.20 22.29 1.25
N GLY A 76 0.26 21.46 0.77
CA GLY A 76 -1.15 21.78 0.71
C GLY A 76 -2.03 20.59 1.10
N PRO A 77 -3.21 20.80 1.78
CA PRO A 77 -4.12 19.70 2.19
C PRO A 77 -4.83 19.04 0.98
N SER A 78 -4.10 18.13 0.32
CA SER A 78 -4.56 17.39 -0.86
C SER A 78 -5.72 16.45 -0.47
N GLU A 79 -6.96 16.76 -0.91
CA GLU A 79 -8.18 15.99 -0.56
C GLU A 79 -8.13 14.54 -1.09
N ASN A 80 -7.94 14.40 -2.42
CA ASN A 80 -8.05 13.12 -3.12
C ASN A 80 -6.97 13.05 -4.20
N ASP A 81 -6.26 11.93 -4.22
CA ASP A 81 -5.09 11.71 -5.09
C ASP A 81 -4.80 10.19 -5.12
N PRO A 82 -4.32 9.60 -6.27
CA PRO A 82 -3.90 8.16 -6.35
C PRO A 82 -2.80 7.76 -5.33
N ASN A 83 -3.24 7.62 -4.07
CA ASN A 83 -2.44 7.18 -2.92
C ASN A 83 -3.34 7.18 -1.65
N LEU A 84 -4.67 7.09 -1.84
CA LEU A 84 -5.64 7.11 -0.73
C LEU A 84 -5.81 5.69 -0.16
N PHE A 85 -5.75 5.61 1.16
CA PHE A 85 -5.94 4.38 1.94
C PHE A 85 -7.30 4.41 2.66
N VAL A 86 -7.63 3.29 3.30
CA VAL A 86 -8.80 3.18 4.17
C VAL A 86 -8.41 2.31 5.38
N ALA A 87 -8.98 2.63 6.56
CA ALA A 87 -8.71 1.85 7.78
C ALA A 87 -9.48 0.51 7.73
N LEU A 88 -8.72 -0.61 7.75
CA LEU A 88 -9.26 -1.97 7.89
C LEU A 88 -9.91 -2.18 9.26
N TYR A 89 -9.35 -1.53 10.28
CA TYR A 89 -9.78 -1.68 11.68
C TYR A 89 -9.76 -0.32 12.38
N ASP A 90 -10.53 -0.22 13.47
CA ASP A 90 -10.55 1.00 14.31
C ASP A 90 -9.26 1.07 15.13
N PHE A 91 -8.85 2.28 15.47
CA PHE A 91 -7.61 2.55 16.18
C PHE A 91 -7.72 3.89 16.91
N VAL A 92 -7.67 3.85 18.25
CA VAL A 92 -7.58 5.06 19.07
C VAL A 92 -6.10 5.50 19.13
N ALA A 93 -5.84 6.79 18.92
CA ALA A 93 -4.48 7.35 18.96
C ALA A 93 -3.90 7.29 20.38
N SER A 94 -2.65 6.83 20.49
CA SER A 94 -1.91 6.75 21.75
C SER A 94 -1.61 8.16 22.32
N GLY A 95 -1.64 9.17 21.44
CA GLY A 95 -1.43 10.56 21.81
C GLY A 95 -1.35 11.47 20.61
N ASP A 96 -0.86 12.70 20.84
CA ASP A 96 -0.69 13.76 19.81
C ASP A 96 0.09 13.28 18.56
N ASN A 97 1.13 12.46 18.82
CA ASN A 97 2.07 11.97 17.78
C ASN A 97 1.43 10.91 16.86
N THR A 98 0.40 10.22 17.35
CA THR A 98 -0.34 9.20 16.59
C THR A 98 -1.69 9.75 16.13
N LEU A 99 -2.26 9.15 15.08
CA LEU A 99 -3.55 9.57 14.51
C LEU A 99 -4.60 8.49 14.78
N SER A 100 -5.78 8.92 15.26
CA SER A 100 -6.93 8.04 15.45
C SER A 100 -7.62 7.83 14.10
N ILE A 101 -8.01 6.58 13.82
CA ILE A 101 -8.70 6.20 12.57
C ILE A 101 -9.83 5.21 12.88
N THR A 102 -10.93 5.31 12.14
CA THR A 102 -12.11 4.43 12.31
C THR A 102 -12.15 3.42 11.14
N LYS A 103 -12.58 2.17 11.39
CA LYS A 103 -12.77 1.17 10.30
C LYS A 103 -13.74 1.70 9.22
N GLY A 104 -13.22 1.97 8.01
CA GLY A 104 -14.02 2.52 6.90
C GLY A 104 -13.72 3.99 6.61
N GLU A 105 -12.76 4.57 7.37
CA GLU A 105 -12.34 5.99 7.24
C GLU A 105 -11.27 6.13 6.14
N LYS A 106 -11.41 7.19 5.31
CA LYS A 106 -10.44 7.52 4.24
C LYS A 106 -9.18 8.15 4.82
N LEU A 107 -8.02 7.51 4.62
CA LEU A 107 -6.75 7.92 5.23
C LEU A 107 -5.82 8.42 4.13
N ARG A 108 -5.31 9.64 4.20
CA ARG A 108 -4.35 10.14 3.19
C ARG A 108 -2.94 9.92 3.74
N VAL A 109 -2.21 8.94 3.20
CA VAL A 109 -0.87 8.60 3.71
C VAL A 109 0.20 9.25 2.81
N LEU A 110 0.95 10.20 3.40
CA LEU A 110 2.04 10.92 2.71
C LEU A 110 3.24 9.97 2.52
N GLY A 111 3.43 9.09 3.51
CA GLY A 111 4.48 8.09 3.48
C GLY A 111 4.48 7.26 4.76
N TYR A 112 5.21 6.14 4.73
CA TYR A 112 5.38 5.26 5.90
C TYR A 112 6.71 5.57 6.61
N ASN A 113 6.90 4.88 7.74
CA ASN A 113 8.16 4.86 8.47
C ASN A 113 9.13 3.94 7.70
N HIS A 114 10.43 4.28 7.77
CA HIS A 114 11.49 3.61 7.01
C HIS A 114 11.59 2.10 7.36
N ASN A 115 11.39 1.77 8.65
CA ASN A 115 11.48 0.37 9.14
C ASN A 115 10.10 -0.33 9.11
N GLY A 116 9.10 0.36 8.52
CA GLY A 116 7.74 -0.18 8.37
C GLY A 116 6.97 -0.26 9.67
N GLU A 117 7.33 0.62 10.61
CA GLU A 117 6.68 0.72 11.92
C GLU A 117 5.24 1.24 11.78
N TRP A 118 5.13 2.53 11.42
CA TRP A 118 3.87 3.29 11.38
C TRP A 118 3.77 4.03 10.03
N ALA A 119 2.71 4.80 9.81
CA ALA A 119 2.45 5.49 8.53
C ALA A 119 1.94 6.91 8.80
N GLU A 120 2.65 7.93 8.27
CA GLU A 120 2.26 9.34 8.40
C GLU A 120 1.02 9.62 7.51
N ALA A 121 -0.15 9.56 8.15
CA ALA A 121 -1.44 9.76 7.50
C ALA A 121 -2.09 11.09 7.92
N GLN A 122 -3.11 11.50 7.17
CA GLN A 122 -3.86 12.74 7.38
C GLN A 122 -5.35 12.44 7.10
N THR A 123 -6.20 12.60 8.12
CA THR A 123 -7.64 12.29 8.04
C THR A 123 -8.49 13.44 8.58
N LYS A 124 -9.81 13.15 8.68
CA LYS A 124 -10.80 14.02 9.35
C LYS A 124 -10.40 14.28 10.82
N ASN A 125 -9.71 13.28 11.43
CA ASN A 125 -9.26 13.31 12.82
C ASN A 125 -7.90 14.02 12.97
N GLY A 126 -7.35 14.57 11.86
CA GLY A 126 -6.13 15.39 11.91
C GLY A 126 -4.99 14.80 11.10
N GLN A 127 -3.82 14.63 11.73
CA GLN A 127 -2.60 14.06 11.09
C GLN A 127 -1.72 13.38 12.15
N GLY A 128 -1.12 12.22 11.80
CA GLY A 128 -0.19 11.51 12.68
C GLY A 128 0.12 10.10 12.19
N TRP A 129 0.83 9.34 13.03
CA TRP A 129 1.31 8.00 12.68
C TRP A 129 0.26 6.92 13.03
N VAL A 130 -0.12 6.10 12.01
CA VAL A 130 -1.08 4.99 12.14
C VAL A 130 -0.41 3.65 11.76
N PRO A 131 -0.87 2.48 12.31
CA PRO A 131 -0.23 1.19 12.01
C PRO A 131 -0.56 0.71 10.59
N SER A 132 0.49 0.33 9.83
CA SER A 132 0.34 -0.20 8.44
C SER A 132 -0.54 -1.46 8.40
N ASN A 133 -0.56 -2.18 9.53
CA ASN A 133 -1.33 -3.42 9.71
C ASN A 133 -2.86 -3.15 9.72
N TYR A 134 -3.27 -1.90 10.01
CA TYR A 134 -4.69 -1.49 10.12
C TYR A 134 -5.14 -0.65 8.91
N ILE A 135 -4.31 -0.53 7.85
CA ILE A 135 -4.63 0.33 6.67
C ILE A 135 -4.47 -0.49 5.36
N THR A 136 -5.19 -0.08 4.29
CA THR A 136 -5.08 -0.70 2.94
C THR A 136 -5.37 0.34 1.83
N PRO A 137 -4.54 0.40 0.73
CA PRO A 137 -4.69 1.41 -0.34
C PRO A 137 -5.86 1.13 -1.33
N VAL A 138 -6.85 2.05 -1.36
CA VAL A 138 -8.02 1.93 -2.25
C VAL A 138 -7.77 2.62 -3.61
N ASN A 139 -7.29 3.87 -3.59
CA ASN A 139 -7.13 4.69 -4.82
C ASN A 139 -5.70 4.58 -5.39
N SER A 140 -4.88 3.70 -4.79
CA SER A 140 -3.53 3.37 -5.31
C SER A 140 -3.65 2.31 -6.43
N LEU A 141 -2.49 1.91 -6.96
CA LEU A 141 -2.36 0.90 -8.03
C LEU A 141 -2.87 -0.51 -7.58
N GLU A 142 -3.08 -0.72 -6.26
CA GLU A 142 -3.58 -2.00 -5.69
C GLU A 142 -4.97 -2.39 -6.25
N LYS A 143 -5.73 -1.39 -6.72
CA LYS A 143 -7.02 -1.58 -7.39
C LYS A 143 -6.86 -2.44 -8.68
N HIS A 144 -5.64 -2.40 -9.27
CA HIS A 144 -5.25 -3.30 -10.39
C HIS A 144 -4.86 -4.69 -9.86
N SER A 145 -5.11 -5.73 -10.67
CA SER A 145 -4.89 -7.14 -10.29
C SER A 145 -3.40 -7.47 -10.07
N TRP A 146 -2.50 -6.68 -10.67
CA TRP A 146 -1.04 -6.89 -10.59
C TRP A 146 -0.44 -6.32 -9.27
N TYR A 147 -0.80 -5.07 -8.89
CA TYR A 147 -0.23 -4.43 -7.68
C TYR A 147 -1.08 -4.80 -6.47
N HIS A 148 -0.42 -5.13 -5.35
CA HIS A 148 -1.13 -5.52 -4.09
C HIS A 148 -0.62 -4.72 -2.87
N GLY A 149 -0.08 -3.52 -3.11
CA GLY A 149 0.28 -2.59 -2.02
C GLY A 149 1.40 -3.07 -1.08
N PRO A 150 1.45 -2.59 0.19
CA PRO A 150 2.40 -3.08 1.22
C PRO A 150 2.00 -4.46 1.77
N VAL A 151 2.77 -5.48 1.39
CA VAL A 151 2.52 -6.88 1.77
C VAL A 151 3.83 -7.67 1.72
N SER A 152 4.01 -8.54 2.74
CA SER A 152 5.25 -9.30 2.94
C SER A 152 5.34 -10.55 2.04
N ARG A 153 6.55 -11.16 2.04
CA ARG A 153 6.92 -12.23 1.09
C ARG A 153 6.05 -13.50 1.25
N ASN A 154 5.52 -13.74 2.45
CA ASN A 154 4.70 -14.93 2.78
C ASN A 154 3.36 -14.87 2.03
N ALA A 155 2.58 -13.79 2.25
CA ALA A 155 1.26 -13.58 1.59
C ALA A 155 1.44 -13.39 0.08
N ALA A 156 2.54 -12.71 -0.29
CA ALA A 156 3.00 -12.59 -1.69
C ALA A 156 3.13 -13.96 -2.37
N GLU A 157 3.87 -14.84 -1.70
CA GLU A 157 4.21 -16.17 -2.21
C GLU A 157 3.00 -17.12 -2.08
N TYR A 158 2.04 -16.79 -1.19
CA TYR A 158 0.76 -17.51 -1.08
C TYR A 158 -0.08 -17.31 -2.36
N LEU A 159 -0.25 -16.04 -2.74
CA LEU A 159 -0.99 -15.69 -3.97
C LEU A 159 -0.27 -16.21 -5.22
N LEU A 160 1.06 -16.05 -5.22
CA LEU A 160 1.92 -16.42 -6.35
C LEU A 160 2.05 -17.96 -6.49
N SER A 161 1.93 -18.68 -5.35
CA SER A 161 1.98 -20.18 -5.31
C SER A 161 0.91 -20.77 -6.23
N SER A 162 -0.27 -20.13 -6.19
CA SER A 162 -1.45 -20.56 -6.94
C SER A 162 -1.40 -20.07 -8.42
N GLY A 163 -0.32 -19.35 -8.78
CA GLY A 163 -0.13 -18.83 -10.15
C GLY A 163 0.69 -19.78 -11.04
N ILE A 164 0.49 -19.70 -12.36
CA ILE A 164 1.10 -20.62 -13.36
C ILE A 164 2.29 -19.97 -14.12
N ASN A 165 2.75 -20.61 -15.22
CA ASN A 165 3.99 -20.23 -15.95
C ASN A 165 3.97 -18.77 -16.50
N GLY A 166 4.70 -17.86 -15.81
CA GLY A 166 4.74 -16.44 -16.18
C GLY A 166 3.91 -15.56 -15.26
N SER A 167 3.48 -16.13 -14.11
CA SER A 167 2.64 -15.43 -13.13
C SER A 167 3.47 -14.35 -12.41
N PHE A 168 2.90 -13.15 -12.22
CA PHE A 168 3.61 -12.06 -11.52
C PHE A 168 2.73 -11.33 -10.50
N LEU A 169 3.41 -10.71 -9.53
CA LEU A 169 2.81 -9.80 -8.54
C LEU A 169 3.76 -8.64 -8.32
N VAL A 170 3.26 -7.41 -8.35
CA VAL A 170 4.05 -6.22 -8.00
C VAL A 170 3.52 -5.68 -6.66
N ARG A 171 4.43 -5.42 -5.72
CA ARG A 171 4.08 -5.02 -4.35
C ARG A 171 5.28 -4.40 -3.65
N GLU A 172 5.06 -3.71 -2.53
CA GLU A 172 6.16 -3.14 -1.71
C GLU A 172 6.26 -3.87 -0.37
N SER A 173 7.46 -3.81 0.24
CA SER A 173 7.72 -4.50 1.52
C SER A 173 7.06 -3.76 2.69
N GLU A 174 6.47 -4.51 3.65
CA GLU A 174 5.93 -3.96 4.90
C GLU A 174 7.08 -3.39 5.76
N SER A 175 8.21 -4.15 5.82
CA SER A 175 9.39 -3.80 6.64
C SER A 175 10.25 -2.70 5.98
N SER A 176 10.11 -2.54 4.65
CA SER A 176 10.82 -1.49 3.90
C SER A 176 9.87 -0.90 2.84
N PRO A 177 8.96 0.03 3.27
CA PRO A 177 8.03 0.72 2.35
C PRO A 177 8.76 1.74 1.45
N GLY A 178 8.24 1.91 0.24
CA GLY A 178 8.91 2.67 -0.81
C GLY A 178 9.85 1.78 -1.64
N GLN A 179 10.32 0.68 -1.03
CA GLN A 179 11.04 -0.39 -1.74
C GLN A 179 10.02 -1.43 -2.21
N ARG A 180 9.95 -1.58 -3.53
CA ARG A 180 9.00 -2.47 -4.19
C ARG A 180 9.71 -3.75 -4.65
N SER A 181 8.91 -4.70 -5.13
CA SER A 181 9.33 -6.07 -5.42
C SER A 181 8.37 -6.65 -6.46
N ILE A 182 8.91 -7.42 -7.43
CA ILE A 182 8.08 -8.25 -8.31
C ILE A 182 8.39 -9.71 -8.00
N SER A 183 7.32 -10.49 -7.96
CA SER A 183 7.31 -11.89 -7.60
C SER A 183 6.85 -12.69 -8.82
N LEU A 184 7.76 -13.49 -9.41
CA LEU A 184 7.47 -14.33 -10.60
C LEU A 184 7.47 -15.83 -10.26
N ARG A 185 6.50 -16.56 -10.85
CA ARG A 185 6.44 -18.03 -10.78
C ARG A 185 6.29 -18.60 -12.19
N TYR A 186 7.09 -19.65 -12.47
CA TYR A 186 7.05 -20.41 -13.72
C TYR A 186 7.56 -21.83 -13.42
N GLU A 187 6.93 -22.86 -14.01
CA GLU A 187 7.33 -24.31 -13.90
C GLU A 187 7.46 -24.82 -12.44
N GLY A 188 6.77 -24.15 -11.48
CA GLY A 188 6.83 -24.53 -10.06
C GLY A 188 7.97 -23.84 -9.30
N ARG A 189 8.66 -22.92 -9.98
CA ARG A 189 9.75 -22.11 -9.39
C ARG A 189 9.21 -20.72 -9.06
N VAL A 190 9.37 -20.34 -7.79
CA VAL A 190 9.04 -19.02 -7.26
C VAL A 190 10.35 -18.25 -6.99
N TYR A 191 10.41 -16.99 -7.44
CA TYR A 191 11.48 -16.05 -7.07
C TYR A 191 10.93 -14.63 -6.97
N HIS A 192 11.62 -13.78 -6.19
CA HIS A 192 11.20 -12.41 -5.87
C HIS A 192 12.42 -11.50 -6.02
N TYR A 193 12.35 -10.48 -6.88
CA TYR A 193 13.43 -9.49 -7.05
C TYR A 193 12.94 -8.09 -6.69
N ARG A 194 13.85 -7.21 -6.30
CA ARG A 194 13.51 -5.90 -5.72
C ARG A 194 13.60 -4.78 -6.77
N ILE A 195 12.59 -3.92 -6.76
CA ILE A 195 12.59 -2.64 -7.46
C ILE A 195 13.31 -1.60 -6.58
N ASN A 196 14.48 -1.17 -7.04
CA ASN A 196 15.27 -0.13 -6.39
C ASN A 196 14.71 1.26 -6.78
N THR A 197 14.47 2.11 -5.78
CA THR A 197 13.97 3.47 -5.98
C THR A 197 15.13 4.49 -5.99
N ALA A 198 15.20 5.29 -7.07
CA ALA A 198 16.19 6.35 -7.24
C ALA A 198 15.86 7.61 -6.39
N SER A 199 16.74 8.64 -6.46
CA SER A 199 16.61 9.89 -5.68
C SER A 199 15.30 10.65 -6.01
N ASP A 200 14.91 10.59 -7.29
CA ASP A 200 13.72 11.31 -7.81
C ASP A 200 12.40 10.67 -7.35
N GLY A 201 12.47 9.43 -6.83
CA GLY A 201 11.28 8.61 -6.56
C GLY A 201 10.95 7.70 -7.72
N LYS A 202 11.82 7.74 -8.75
CA LYS A 202 11.75 6.87 -9.93
C LYS A 202 12.14 5.44 -9.56
N LEU A 203 11.74 4.51 -10.42
CA LEU A 203 11.88 3.07 -10.18
C LEU A 203 12.86 2.47 -11.19
N TYR A 204 13.61 1.43 -10.75
CA TYR A 204 14.53 0.67 -11.61
C TYR A 204 14.89 -0.66 -10.94
N VAL A 205 15.24 -1.65 -11.77
CA VAL A 205 15.67 -2.98 -11.31
C VAL A 205 17.04 -3.28 -11.93
N SER A 206 17.06 -3.33 -13.27
CA SER A 206 18.26 -3.69 -14.07
C SER A 206 18.91 -2.42 -14.69
N SER A 207 19.99 -2.63 -15.47
CA SER A 207 20.77 -1.56 -16.11
C SER A 207 19.91 -0.73 -17.10
N GLU A 208 19.15 -1.43 -17.98
CA GLU A 208 18.28 -0.79 -19.01
C GLU A 208 16.85 -0.54 -18.46
N SER A 209 16.69 -0.68 -17.13
CA SER A 209 15.43 -0.34 -16.44
C SER A 209 15.55 1.07 -15.81
N ARG A 210 14.78 2.05 -16.34
CA ARG A 210 14.63 3.42 -15.74
C ARG A 210 13.21 3.93 -16.02
N PHE A 211 12.39 4.13 -14.96
CA PHE A 211 10.94 4.46 -15.10
C PHE A 211 10.52 5.58 -14.16
N ASN A 212 9.65 6.46 -14.64
CA ASN A 212 8.98 7.47 -13.81
C ASN A 212 7.75 6.84 -13.13
N THR A 213 7.08 5.91 -13.87
CA THR A 213 5.86 5.23 -13.41
C THR A 213 6.03 3.70 -13.35
N LEU A 214 5.36 3.09 -12.35
CA LEU A 214 5.34 1.65 -12.13
C LEU A 214 4.58 0.93 -13.25
N ALA A 215 3.66 1.66 -13.91
CA ALA A 215 2.93 1.18 -15.10
C ALA A 215 3.93 0.88 -16.25
N GLU A 216 4.86 1.82 -16.50
CA GLU A 216 5.93 1.63 -17.50
C GLU A 216 6.92 0.57 -17.07
N LEU A 217 7.16 0.47 -15.74
CA LEU A 217 7.98 -0.63 -15.20
C LEU A 217 7.36 -2.01 -15.53
N VAL A 218 6.04 -2.14 -15.34
CA VAL A 218 5.31 -3.40 -15.58
C VAL A 218 5.28 -3.74 -17.08
N HIS A 219 5.11 -2.72 -17.95
CA HIS A 219 5.13 -2.91 -19.42
C HIS A 219 6.50 -3.44 -19.91
N HIS A 220 7.55 -2.70 -19.54
CA HIS A 220 8.94 -3.05 -19.83
C HIS A 220 9.22 -4.48 -19.40
N HIS A 221 8.93 -4.76 -18.13
CA HIS A 221 9.12 -6.08 -17.53
C HIS A 221 8.21 -7.16 -18.14
N SER A 222 7.06 -6.75 -18.71
CA SER A 222 6.14 -7.66 -19.41
C SER A 222 6.72 -8.10 -20.75
N THR A 223 7.62 -7.27 -21.35
CA THR A 223 8.17 -7.57 -22.69
C THR A 223 9.72 -7.68 -22.79
N VAL A 224 10.52 -7.45 -21.71
CA VAL A 224 12.01 -7.39 -21.84
C VAL A 224 12.77 -8.65 -21.40
N ALA A 225 13.94 -8.76 -22.03
CA ALA A 225 14.98 -9.79 -21.91
C ALA A 225 16.01 -9.50 -20.78
N ASP A 226 15.83 -8.35 -20.10
CA ASP A 226 16.85 -7.44 -19.52
C ASP A 226 17.49 -7.95 -18.21
N GLY A 227 17.28 -9.24 -17.91
CA GLY A 227 17.62 -9.86 -16.62
C GLY A 227 16.41 -10.45 -15.95
N LEU A 228 15.37 -10.62 -16.75
CA LEU A 228 14.18 -11.37 -16.40
C LEU A 228 14.30 -12.84 -16.84
N ILE A 229 14.23 -13.75 -15.86
CA ILE A 229 14.16 -15.19 -16.10
C ILE A 229 12.92 -15.53 -16.95
N THR A 230 11.80 -14.89 -16.61
CA THR A 230 10.61 -14.84 -17.49
C THR A 230 10.06 -13.40 -17.46
N THR A 231 9.46 -12.97 -18.58
CA THR A 231 8.74 -11.70 -18.65
C THR A 231 7.41 -11.82 -17.87
N LEU A 232 6.82 -10.66 -17.47
CA LEU A 232 5.53 -10.63 -16.77
C LEU A 232 4.42 -11.05 -17.76
N HIS A 233 3.94 -12.31 -17.67
CA HIS A 233 2.97 -12.86 -18.64
C HIS A 233 1.54 -12.52 -18.17
N TYR A 234 1.24 -12.83 -16.90
CA TYR A 234 -0.11 -12.60 -16.31
C TYR A 234 -0.09 -12.60 -14.77
N PRO A 235 -0.96 -11.79 -14.09
CA PRO A 235 -0.95 -11.68 -12.61
C PRO A 235 -1.40 -12.97 -11.90
N ALA A 236 -0.89 -13.18 -10.68
CA ALA A 236 -1.28 -14.31 -9.82
C ALA A 236 -2.69 -14.09 -9.24
N PRO A 237 -3.42 -15.20 -8.86
CA PRO A 237 -4.76 -15.09 -8.24
C PRO A 237 -4.77 -14.24 -6.95
N LYS A 238 -5.83 -13.46 -6.81
CA LYS A 238 -6.16 -12.75 -5.58
C LYS A 238 -6.79 -13.74 -4.59
N ARG A 239 -6.76 -13.41 -3.28
CA ARG A 239 -7.39 -14.25 -2.22
C ARG A 239 -8.88 -14.53 -2.53
N ASN A 240 -9.51 -13.60 -3.25
CA ASN A 240 -10.86 -13.77 -3.79
C ASN A 240 -10.85 -14.86 -4.90
N LYS A 241 -10.18 -14.55 -6.05
CA LYS A 241 -10.03 -15.49 -7.19
C LYS A 241 -9.10 -14.89 -8.29
N PRO A 242 -8.54 -15.74 -9.22
CA PRO A 242 -7.81 -15.25 -10.42
C PRO A 242 -8.74 -14.60 -11.46
N THR A 243 -8.18 -13.73 -12.31
CA THR A 243 -8.92 -13.07 -13.40
C THR A 243 -7.96 -12.80 -14.59
N VAL A 244 -7.87 -13.78 -15.51
CA VAL A 244 -7.02 -13.69 -16.73
C VAL A 244 -7.31 -14.89 -17.67
N TYR A 245 -7.41 -14.61 -18.98
CA TYR A 245 -7.53 -15.64 -20.04
C TYR A 245 -7.16 -15.04 -21.41
N GLY A 246 -5.95 -14.50 -21.48
CA GLY A 246 -5.45 -13.85 -22.71
C GLY A 246 -5.17 -14.84 -23.85
N VAL A 247 -5.94 -14.74 -24.94
CA VAL A 247 -5.75 -15.53 -26.16
C VAL A 247 -5.50 -14.59 -27.37
N SER A 248 -4.40 -14.84 -28.09
CA SER A 248 -4.00 -14.10 -29.30
C SER A 248 -3.22 -15.07 -30.22
N PRO A 249 -3.42 -15.05 -31.58
CA PRO A 249 -2.67 -15.92 -32.51
C PRO A 249 -1.13 -15.74 -32.41
N ASN A 250 -0.71 -14.49 -32.09
CA ASN A 250 0.71 -14.14 -31.82
C ASN A 250 1.65 -14.47 -33.00
N TYR A 251 1.90 -13.47 -33.84
CA TYR A 251 2.80 -13.59 -35.01
C TYR A 251 3.42 -12.23 -35.34
N ASP A 252 4.45 -12.28 -36.19
CA ASP A 252 5.22 -11.11 -36.62
C ASP A 252 6.00 -11.47 -37.90
N LYS A 253 6.20 -10.49 -38.79
CA LYS A 253 6.78 -10.74 -40.12
C LYS A 253 8.32 -10.77 -40.07
N TRP A 254 8.94 -10.12 -39.07
CA TRP A 254 10.40 -10.19 -38.87
C TRP A 254 10.77 -11.57 -38.30
N GLU A 255 11.93 -12.10 -38.74
CA GLU A 255 12.43 -13.41 -38.30
C GLU A 255 12.73 -13.35 -36.78
#